data_8QYI
#
_entry.id   8QYI
#
_cell.length_a   249.373
_cell.length_b   109.269
_cell.length_c   160.658
_cell.angle_alpha   90.00
_cell.angle_beta   129.60
_cell.angle_gamma   90.00
#
_symmetry.space_group_name_H-M   'C 1 2 1'
#
loop_
_entity.id
_entity.type
_entity.pdbx_description
1 polymer 'Cytochrome P-450'
2 non-polymer 'PROTOPORPHYRIN IX CONTAINING FE'
3 non-polymer '(3beta,5beta,14beta,17alpha)-3-hydroxycholan-24-oic acid'
4 non-polymer 'FORMIC ACID'
5 non-polymer 'SODIUM ION'
6 water water
#
_entity_poly.entity_id   1
_entity_poly.type   'polypeptide(L)'
_entity_poly.pdbx_seq_one_letter_code
;PADAVPAYPFSLPHALDLDPHYAELRRDEPVSRVRLPYGEGTAWLVTRMSDARIVLGDSRFSTAAATDPATPRMFPTPPE
PDGVLAQDPPDHTRLRRLVGKAFTARRVEEMRPRVRSLVDSLLDDMVAHGSPADLVEFLAVPFPVAVICELLGVPLEDRD
LFRTFSDAMLSSTRLTAAEIQRVQQDFMVYMDGLVAQRRDAPTEDLLGALALATDNDDHLTKGEIVNMGVSLLIAGHETS
VNQITNLVHLLLTERKRYESLVADPALVPAAVEEMLRYTPLVSAGSFVRVATEDVELSTVTVRAGEPCVVHFASANRDEE
VFDHADELDFHRERNPHIAFGHGAHHCIGAQLGRLELQEALSALVRRFPTLDLAEPVAGLKWKQGMLIRGLERQIVSW
;
_entity_poly.pdbx_strand_id   A,B,C,D,E,F
#
loop_
_chem_comp.id
_chem_comp.type
_chem_comp.name
_chem_comp.formula
4OA non-polymer '(3beta,5beta,14beta,17alpha)-3-hydroxycholan-24-oic acid' 'C24 H40 O3'
FMT non-polymer 'FORMIC ACID' 'C H2 O2'
HEM non-polymer 'PROTOPORPHYRIN IX CONTAINING FE' 'C34 H32 Fe N4 O4'
NA non-polymer 'SODIUM ION' 'Na 1'
#
# COMPACT_ATOMS: atom_id res chain seq x y z
N ASP A 3 16.67 49.58 74.13
CA ASP A 3 16.57 49.04 72.71
C ASP A 3 15.97 50.10 71.76
N ALA A 4 16.31 49.95 70.49
CA ALA A 4 16.06 50.93 69.43
C ALA A 4 15.24 50.24 68.39
N VAL A 5 14.32 49.37 68.79
CA VAL A 5 13.35 48.87 67.78
C VAL A 5 12.22 49.90 67.78
N PRO A 6 11.65 50.20 66.62
CA PRO A 6 10.63 51.24 66.59
C PRO A 6 9.39 50.74 67.36
N ALA A 7 8.69 51.68 67.96
CA ALA A 7 7.32 51.52 68.47
C ALA A 7 6.43 51.20 67.30
N TYR A 8 5.49 50.28 67.50
CA TYR A 8 4.43 49.91 66.52
C TYR A 8 3.06 49.88 67.21
N PRO A 9 1.98 50.52 66.71
CA PRO A 9 1.95 51.27 65.46
C PRO A 9 2.95 52.42 65.37
N PHE A 10 3.36 52.74 64.15
CA PHE A 10 4.42 53.72 63.86
C PHE A 10 3.84 55.10 64.12
N SER A 11 2.56 55.23 63.80
CA SER A 11 1.88 56.55 63.74
C SER A 11 0.38 56.37 64.00
N LEU A 12 -0.27 57.47 64.41
CA LEU A 12 -1.73 57.48 64.57
C LEU A 12 -2.30 57.42 63.16
N PRO A 13 -3.39 56.68 62.92
CA PRO A 13 -3.89 56.50 61.55
C PRO A 13 -4.49 57.75 60.91
N HIS A 14 -4.56 57.78 59.58
CA HIS A 14 -5.26 58.90 58.90
C HIS A 14 -6.33 58.37 57.96
N ALA A 15 -7.60 58.72 58.22
CA ALA A 15 -8.74 58.28 57.38
C ALA A 15 -8.64 56.78 57.15
N LEU A 16 -8.63 56.35 55.89
CA LEU A 16 -8.38 54.92 55.51
C LEU A 16 -7.02 54.73 54.83
N ASP A 17 -6.04 55.60 55.12
CA ASP A 17 -4.67 55.60 54.53
C ASP A 17 -3.80 54.58 55.22
N LEU A 18 -2.90 53.94 54.47
CA LEU A 18 -1.85 53.05 55.04
C LEU A 18 -0.67 53.94 55.43
N ASP A 19 -0.08 53.73 56.60
CA ASP A 19 1.23 54.35 56.90
C ASP A 19 2.13 53.95 55.73
N PRO A 20 2.82 54.91 55.07
CA PRO A 20 3.66 54.61 53.91
C PRO A 20 4.90 53.75 54.28
N HIS A 21 5.20 53.61 55.58
CA HIS A 21 6.30 52.74 56.03
C HIS A 21 6.03 51.27 55.65
N TYR A 22 4.79 50.85 55.38
CA TYR A 22 4.49 49.40 55.09
C TYR A 22 5.02 49.01 53.70
N ALA A 23 4.84 49.88 52.71
CA ALA A 23 5.37 49.70 51.34
C ALA A 23 6.91 49.64 51.42
N GLU A 24 7.55 50.53 52.19
CA GLU A 24 9.02 50.54 52.42
C GLU A 24 9.41 49.19 53.04
N LEU A 25 8.72 48.75 54.11
CA LEU A 25 9.07 47.49 54.80
C LEU A 25 8.91 46.31 53.84
N ARG A 26 7.87 46.29 53.03
CA ARG A 26 7.58 45.14 52.15
C ARG A 26 8.70 45.04 51.11
N ARG A 27 9.13 46.16 50.54
CA ARG A 27 10.28 46.19 49.58
C ARG A 27 11.60 45.76 50.26
N ASP A 28 12.01 46.37 51.39
CA ASP A 28 13.42 46.35 51.88
C ASP A 28 13.55 45.56 53.20
N GLU A 29 12.52 45.45 54.05
CA GLU A 29 12.64 44.74 55.36
C GLU A 29 11.28 44.14 55.71
N PRO A 30 10.84 43.12 54.97
CA PRO A 30 9.48 42.59 55.12
C PRO A 30 9.23 42.08 56.55
N VAL A 31 10.29 41.62 57.23
CA VAL A 31 10.21 41.11 58.63
C VAL A 31 11.18 41.93 59.50
N SER A 32 10.64 42.74 60.43
CA SER A 32 11.35 43.74 61.27
C SER A 32 10.89 43.65 62.74
N ARG A 33 11.81 43.97 63.63
CA ARG A 33 11.48 44.02 65.08
CA ARG A 33 11.50 43.97 65.12
C ARG A 33 10.81 45.37 65.48
N VAL A 34 9.82 45.23 66.34
CA VAL A 34 9.03 46.40 66.82
C VAL A 34 8.71 46.13 68.30
N ARG A 35 8.38 47.21 69.02
CA ARG A 35 7.86 47.25 70.40
C ARG A 35 6.37 47.53 70.26
N LEU A 36 5.55 46.54 70.62
CA LEU A 36 4.09 46.67 70.76
C LEU A 36 3.77 47.56 71.97
N PRO A 37 2.59 48.19 72.05
CA PRO A 37 2.34 49.17 73.09
C PRO A 37 2.13 48.53 74.46
N TYR A 38 1.81 47.24 74.54
CA TYR A 38 1.63 46.56 75.85
C TYR A 38 2.46 45.27 75.84
N GLY A 39 2.58 44.66 77.01
CA GLY A 39 3.52 43.57 77.31
C GLY A 39 4.95 44.07 77.35
N GLU A 40 5.91 43.17 77.48
CA GLU A 40 7.37 43.46 77.53
C GLU A 40 8.05 42.84 76.31
N GLY A 41 9.09 43.47 75.82
CA GLY A 41 9.99 42.88 74.83
C GLY A 41 9.62 43.35 73.45
N THR A 42 10.07 42.60 72.46
CA THR A 42 9.94 42.95 71.03
C THR A 42 9.16 41.84 70.33
N ALA A 43 8.70 42.13 69.13
CA ALA A 43 7.94 41.20 68.26
C ALA A 43 8.46 41.38 66.83
N TRP A 44 8.34 40.35 66.02
CA TRP A 44 8.51 40.49 64.56
C TRP A 44 7.19 40.99 63.93
N LEU A 45 7.24 42.08 63.17
CA LEU A 45 6.15 42.55 62.29
C LEU A 45 6.33 41.97 60.91
N VAL A 46 5.30 41.28 60.45
CA VAL A 46 5.21 40.57 59.15
C VAL A 46 4.29 41.42 58.27
N THR A 47 4.83 41.95 57.17
CA THR A 47 4.12 42.87 56.24
C THR A 47 3.80 42.23 54.87
N ARG A 48 4.36 41.07 54.50
CA ARG A 48 4.21 40.43 53.16
C ARG A 48 3.24 39.24 53.25
N MET A 49 2.53 38.91 52.17
CA MET A 49 1.45 37.88 52.20
C MET A 49 2.02 36.48 52.48
N SER A 50 3.11 36.10 51.82
CA SER A 50 3.69 34.73 52.01
C SER A 50 4.03 34.51 53.48
N ASP A 51 4.67 35.48 54.09
CA ASP A 51 5.04 35.39 55.53
C ASP A 51 3.73 35.35 56.35
N ALA A 52 2.75 36.21 56.09
CA ALA A 52 1.51 36.22 56.88
C ALA A 52 0.88 34.84 56.84
N ARG A 53 0.91 34.13 55.70
CA ARG A 53 0.25 32.80 55.61
C ARG A 53 1.00 31.79 56.49
N ILE A 54 2.31 31.96 56.62
CA ILE A 54 3.09 31.06 57.52
C ILE A 54 2.70 31.38 58.96
N VAL A 55 2.72 32.64 59.37
CA VAL A 55 2.53 32.98 60.81
C VAL A 55 1.12 32.54 61.20
N LEU A 56 0.14 32.85 60.36
CA LEU A 56 -1.27 32.53 60.66
C LEU A 56 -1.57 31.04 60.42
N GLY A 57 -0.77 30.35 59.60
CA GLY A 57 -1.17 29.05 59.03
C GLY A 57 -0.47 27.83 59.63
N ASP A 58 0.45 27.93 60.57
CA ASP A 58 1.40 26.84 60.91
C ASP A 58 1.27 26.50 62.40
N SER A 59 1.19 25.22 62.76
CA SER A 59 1.14 24.74 64.18
C SER A 59 2.38 25.17 64.95
N ARG A 60 3.45 25.61 64.28
CA ARG A 60 4.69 26.01 65.00
C ARG A 60 4.51 27.41 65.56
N PHE A 61 3.42 28.10 65.26
CA PHE A 61 3.08 29.40 65.84
C PHE A 61 1.87 29.17 66.73
N SER A 62 1.96 29.50 68.02
CA SER A 62 0.90 29.31 69.04
C SER A 62 0.39 30.69 69.49
N THR A 63 -0.92 30.84 69.59
CA THR A 63 -1.56 32.00 70.24
C THR A 63 -1.80 31.71 71.75
N ALA A 64 -1.97 30.45 72.17
CA ALA A 64 -2.14 30.08 73.59
C ALA A 64 -0.93 30.60 74.39
N ALA A 65 0.25 30.41 73.80
CA ALA A 65 1.58 30.85 74.29
C ALA A 65 1.58 32.38 74.44
N ALA A 66 0.65 33.12 73.86
CA ALA A 66 0.76 34.58 73.86
C ALA A 66 -0.05 35.18 75.02
N THR A 67 -0.61 34.32 75.88
CA THR A 67 -1.60 34.79 76.93
C THR A 67 -0.88 35.30 78.18
N ASP A 68 0.42 35.08 78.32
CA ASP A 68 1.23 35.56 79.46
C ASP A 68 1.19 37.09 79.44
N PRO A 69 0.85 37.77 80.58
CA PRO A 69 0.83 39.24 80.64
C PRO A 69 2.10 39.96 80.14
N ALA A 70 3.25 39.26 80.13
CA ALA A 70 4.55 39.78 79.67
C ALA A 70 4.68 39.78 78.13
N THR A 71 3.96 38.93 77.42
CA THR A 71 4.03 38.83 75.95
C THR A 71 3.57 40.14 75.37
N PRO A 72 4.31 40.73 74.39
CA PRO A 72 3.84 41.88 73.62
C PRO A 72 2.40 41.66 73.16
N ARG A 73 1.61 42.73 73.05
CA ARG A 73 0.22 42.65 72.56
C ARG A 73 -0.20 44.06 72.14
N MET A 74 -1.28 44.15 71.36
CA MET A 74 -1.74 45.41 70.72
C MET A 74 -2.74 46.13 71.62
N PHE A 75 -3.20 45.48 72.68
CA PHE A 75 -4.34 45.98 73.49
C PHE A 75 -3.98 45.93 74.96
N PRO A 76 -4.57 46.81 75.79
CA PRO A 76 -4.06 47.10 77.12
C PRO A 76 -4.18 45.92 78.07
N THR A 77 -5.25 45.14 78.04
CA THR A 77 -5.39 44.00 78.99
C THR A 77 -4.64 42.81 78.42
N PRO A 78 -4.07 41.96 79.28
CA PRO A 78 -3.56 40.65 78.85
C PRO A 78 -4.68 39.92 78.15
N PRO A 79 -4.40 38.99 77.20
CA PRO A 79 -5.45 38.24 76.53
C PRO A 79 -6.26 37.36 77.49
N GLU A 80 -7.53 37.20 77.21
CA GLU A 80 -8.43 36.22 77.85
C GLU A 80 -7.99 34.81 77.43
N PRO A 81 -7.41 34.00 78.34
CA PRO A 81 -7.02 32.63 78.01
C PRO A 81 -8.13 31.71 77.49
N ASP A 82 -9.39 31.98 77.83
CA ASP A 82 -10.58 31.19 77.39
C ASP A 82 -11.15 31.64 76.04
N GLY A 83 -10.56 32.65 75.43
CA GLY A 83 -11.05 33.16 74.14
C GLY A 83 -10.62 32.28 72.99
N VAL A 84 -11.43 32.25 71.96
CA VAL A 84 -11.18 31.40 70.77
C VAL A 84 -9.83 31.79 70.16
N LEU A 85 -9.47 33.07 70.10
CA LEU A 85 -8.19 33.50 69.47
C LEU A 85 -7.01 32.92 70.24
N ALA A 86 -7.14 32.64 71.53
CA ALA A 86 -6.00 32.22 72.38
C ALA A 86 -5.94 30.70 72.50
N GLN A 87 -6.73 29.99 71.70
CA GLN A 87 -6.67 28.51 71.62
C GLN A 87 -5.84 28.06 70.40
N ASP A 88 -5.04 27.02 70.58
CA ASP A 88 -4.33 26.34 69.50
C ASP A 88 -5.12 25.08 69.20
N PRO A 89 -5.13 24.60 67.94
CA PRO A 89 -5.67 23.28 67.62
C PRO A 89 -4.87 22.22 68.35
N PRO A 90 -5.41 21.07 68.75
CA PRO A 90 -6.82 20.73 68.48
C PRO A 90 -7.86 21.27 69.48
N ASP A 91 -7.45 21.98 70.55
CA ASP A 91 -8.43 22.56 71.53
C ASP A 91 -9.30 23.54 70.75
N HIS A 92 -8.68 24.35 69.89
CA HIS A 92 -9.36 25.40 69.11
C HIS A 92 -10.42 24.79 68.19
N THR A 93 -10.12 23.63 67.63
CA THR A 93 -10.99 22.98 66.61
C THR A 93 -12.28 22.53 67.29
N ARG A 94 -12.14 21.95 68.50
CA ARG A 94 -13.27 21.51 69.38
C ARG A 94 -14.04 22.74 69.82
N LEU A 95 -13.39 23.83 70.17
CA LEU A 95 -14.10 25.09 70.55
C LEU A 95 -14.89 25.65 69.37
N ARG A 96 -14.35 25.60 68.15
CA ARG A 96 -15.04 26.19 66.97
C ARG A 96 -16.32 25.41 66.67
N ARG A 97 -16.32 24.10 66.90
CA ARG A 97 -17.48 23.20 66.61
C ARG A 97 -18.67 23.57 67.50
N LEU A 98 -18.46 24.28 68.58
CA LEU A 98 -19.57 24.70 69.48
C LEU A 98 -20.63 25.46 68.66
N VAL A 99 -20.19 26.26 67.68
CA VAL A 99 -21.12 27.17 66.96
C VAL A 99 -20.89 27.20 65.44
N GLY A 100 -19.94 26.44 64.92
CA GLY A 100 -19.59 26.49 63.48
C GLY A 100 -20.72 26.20 62.52
N LYS A 101 -21.53 25.17 62.79
CA LYS A 101 -22.70 24.86 61.92
C LYS A 101 -23.42 26.14 61.44
N ALA A 102 -23.70 27.08 62.33
CA ALA A 102 -24.41 28.35 62.03
C ALA A 102 -23.68 29.27 61.05
N PHE A 103 -22.36 29.12 60.83
CA PHE A 103 -21.57 30.15 60.10
C PHE A 103 -21.06 29.62 58.74
N THR A 104 -21.43 28.38 58.39
CA THR A 104 -21.11 27.77 57.07
C THR A 104 -21.74 28.64 55.98
N ALA A 105 -21.09 28.71 54.83
CA ALA A 105 -21.51 29.55 53.68
C ALA A 105 -22.96 29.24 53.36
N ARG A 106 -23.35 27.99 53.62
CA ARG A 106 -24.61 27.38 53.19
C ARG A 106 -25.70 27.91 54.11
N ARG A 107 -25.49 27.86 55.42
CA ARG A 107 -26.48 28.36 56.42
C ARG A 107 -26.54 29.88 56.40
N VAL A 108 -25.44 30.58 56.14
CA VAL A 108 -25.47 32.07 56.02
C VAL A 108 -26.25 32.47 54.77
N GLU A 109 -26.04 31.76 53.66
CA GLU A 109 -26.78 32.10 52.44
C GLU A 109 -28.29 32.03 52.73
N GLU A 110 -28.74 31.09 53.56
CA GLU A 110 -30.18 30.92 53.92
C GLU A 110 -30.74 32.13 54.67
N MET A 111 -29.88 32.95 55.27
CA MET A 111 -30.25 34.22 55.96
C MET A 111 -30.53 35.36 54.98
N ARG A 112 -30.13 35.24 53.72
CA ARG A 112 -30.22 36.38 52.79
C ARG A 112 -31.65 36.93 52.77
N PRO A 113 -32.73 36.15 52.63
CA PRO A 113 -34.06 36.73 52.58
C PRO A 113 -34.36 37.59 53.83
N ARG A 114 -34.11 37.11 55.05
CA ARG A 114 -34.40 37.92 56.27
C ARG A 114 -33.47 39.12 56.31
N VAL A 115 -32.23 39.01 55.87
CA VAL A 115 -31.26 40.13 55.98
C VAL A 115 -31.64 41.24 54.99
N ARG A 116 -31.93 40.89 53.73
CA ARG A 116 -32.44 41.85 52.71
C ARG A 116 -33.62 42.62 53.29
N SER A 117 -34.53 41.90 53.93
CA SER A 117 -35.80 42.45 54.45
C SER A 117 -35.50 43.43 55.61
N LEU A 118 -34.55 43.08 56.50
CA LEU A 118 -34.01 43.99 57.54
C LEU A 118 -33.47 45.27 56.87
N VAL A 119 -32.55 45.15 55.95
CA VAL A 119 -31.99 46.32 55.23
C VAL A 119 -33.12 47.23 54.72
N ASP A 120 -34.10 46.68 54.00
CA ASP A 120 -35.14 47.49 53.31
C ASP A 120 -35.90 48.29 54.39
N SER A 121 -36.22 47.63 55.50
CA SER A 121 -36.98 48.24 56.59
C SER A 121 -36.22 49.49 57.11
N LEU A 122 -34.93 49.37 57.30
CA LEU A 122 -34.10 50.47 57.85
C LEU A 122 -33.93 51.55 56.79
N LEU A 123 -33.79 51.19 55.51
CA LEU A 123 -33.72 52.22 54.44
C LEU A 123 -35.11 52.88 54.30
N ASP A 124 -36.22 52.16 54.49
CA ASP A 124 -37.59 52.79 54.54
C ASP A 124 -37.60 53.88 55.60
N ASP A 125 -37.13 53.55 56.81
CA ASP A 125 -37.03 54.49 57.95
C ASP A 125 -36.13 55.68 57.62
N MET A 126 -35.08 55.49 56.81
CA MET A 126 -34.16 56.61 56.49
CA MET A 126 -34.15 56.61 56.49
C MET A 126 -34.85 57.57 55.52
N VAL A 127 -35.56 57.03 54.52
CA VAL A 127 -36.29 57.94 53.57
C VAL A 127 -37.40 58.63 54.33
N ALA A 128 -38.03 58.02 55.35
CA ALA A 128 -38.97 58.72 56.27
C ALA A 128 -38.23 59.92 56.88
N HIS A 129 -37.12 59.77 57.61
CA HIS A 129 -36.41 60.95 58.13
C HIS A 129 -36.22 61.98 57.00
N GLY A 130 -35.90 61.53 55.78
CA GLY A 130 -35.59 62.41 54.63
C GLY A 130 -34.13 62.81 54.62
N SER A 131 -33.68 63.46 53.55
CA SER A 131 -32.25 63.76 53.22
C SER A 131 -31.88 65.18 53.66
N PRO A 132 -30.66 65.46 54.19
CA PRO A 132 -29.61 64.47 54.43
C PRO A 132 -29.81 63.77 55.78
N ALA A 133 -29.27 62.57 55.95
CA ALA A 133 -29.34 61.79 57.20
C ALA A 133 -28.00 61.13 57.46
N ASP A 134 -27.78 60.75 58.70
CA ASP A 134 -26.50 60.16 59.16
C ASP A 134 -26.61 58.68 58.87
N LEU A 135 -25.81 58.15 57.96
CA LEU A 135 -25.90 56.72 57.56
C LEU A 135 -25.45 55.78 58.69
N VAL A 136 -24.76 56.31 59.71
CA VAL A 136 -24.35 55.48 60.87
C VAL A 136 -25.59 55.10 61.65
N GLU A 137 -26.39 56.10 62.04
CA GLU A 137 -27.57 55.96 62.90
C GLU A 137 -28.64 55.20 62.11
N PHE A 138 -28.77 55.36 60.80
CA PHE A 138 -29.90 54.76 60.03
C PHE A 138 -29.56 53.39 59.45
N LEU A 139 -28.30 53.02 59.23
CA LEU A 139 -27.94 51.74 58.58
C LEU A 139 -26.77 51.05 59.28
N ALA A 140 -25.59 51.69 59.32
CA ALA A 140 -24.33 50.99 59.69
C ALA A 140 -24.45 50.33 61.08
N VAL A 141 -25.02 51.00 62.07
CA VAL A 141 -25.27 50.44 63.44
C VAL A 141 -26.49 49.53 63.43
N PRO A 142 -27.73 50.01 63.09
CA PRO A 142 -28.93 49.19 63.33
C PRO A 142 -28.97 47.85 62.55
N PHE A 143 -28.37 47.80 61.38
CA PHE A 143 -28.46 46.57 60.53
C PHE A 143 -27.63 45.40 61.10
N PRO A 144 -26.29 45.50 61.28
CA PRO A 144 -25.49 44.43 61.88
C PRO A 144 -25.93 44.01 63.27
N VAL A 145 -26.33 45.00 64.06
CA VAL A 145 -26.86 44.82 65.42
C VAL A 145 -28.11 43.93 65.34
N ALA A 146 -29.02 44.25 64.42
CA ALA A 146 -30.26 43.45 64.31
C ALA A 146 -29.86 42.03 63.91
N VAL A 147 -28.91 41.87 63.01
CA VAL A 147 -28.55 40.52 62.52
C VAL A 147 -27.89 39.73 63.65
N ILE A 148 -26.93 40.28 64.35
CA ILE A 148 -26.23 39.46 65.39
C ILE A 148 -27.21 39.22 66.57
N CYS A 149 -28.09 40.16 66.92
CA CYS A 149 -29.12 39.92 67.96
C CYS A 149 -30.07 38.77 67.58
N GLU A 150 -30.56 38.65 66.35
CA GLU A 150 -31.49 37.54 66.00
CA GLU A 150 -31.48 37.56 65.88
C GLU A 150 -30.68 36.24 65.87
N LEU A 151 -29.44 36.27 65.43
CA LEU A 151 -28.65 35.00 65.26
C LEU A 151 -28.29 34.42 66.62
N LEU A 152 -27.76 35.25 67.52
CA LEU A 152 -27.39 34.79 68.87
C LEU A 152 -28.63 34.61 69.72
N GLY A 153 -29.65 35.47 69.58
CA GLY A 153 -30.78 35.51 70.51
C GLY A 153 -30.51 36.47 71.66
N VAL A 154 -29.79 37.57 71.38
CA VAL A 154 -29.65 38.74 72.29
C VAL A 154 -30.81 39.67 72.00
N PRO A 155 -31.50 40.20 73.05
CA PRO A 155 -32.58 41.14 72.85
C PRO A 155 -32.10 42.45 72.19
N LEU A 156 -32.85 42.93 71.21
CA LEU A 156 -32.49 44.14 70.43
C LEU A 156 -32.45 45.38 71.37
N GLU A 157 -33.36 45.44 72.34
CA GLU A 157 -33.44 46.63 73.24
C GLU A 157 -32.27 46.62 74.24
N ASP A 158 -31.34 45.66 74.12
CA ASP A 158 -30.16 45.57 75.02
C ASP A 158 -28.93 46.11 74.30
N ARG A 159 -29.13 46.86 73.23
CA ARG A 159 -27.97 47.31 72.40
C ARG A 159 -27.11 48.35 73.14
N ASP A 160 -27.70 49.46 73.58
CA ASP A 160 -26.87 50.54 74.17
C ASP A 160 -25.97 49.88 75.22
N LEU A 161 -26.53 48.91 75.94
CA LEU A 161 -25.86 48.16 77.02
C LEU A 161 -24.65 47.43 76.44
N PHE A 162 -24.80 46.56 75.44
CA PHE A 162 -23.63 45.79 74.93
C PHE A 162 -22.76 46.58 73.98
N ARG A 163 -23.27 47.64 73.37
CA ARG A 163 -22.41 48.53 72.55
C ARG A 163 -21.49 49.31 73.50
N THR A 164 -22.00 49.81 74.63
CA THR A 164 -21.05 50.41 75.61
C THR A 164 -19.92 49.42 75.90
N PHE A 165 -20.22 48.12 76.10
CA PHE A 165 -19.22 47.12 76.54
C PHE A 165 -18.18 46.88 75.43
N SER A 166 -18.64 46.64 74.22
CA SER A 166 -17.89 46.42 72.94
C SER A 166 -16.97 47.58 72.62
N ASP A 167 -17.49 48.77 72.67
CA ASP A 167 -16.73 50.01 72.45
C ASP A 167 -15.47 50.00 73.37
N ALA A 168 -15.59 49.78 74.67
CA ALA A 168 -14.45 49.71 75.64
C ALA A 168 -13.51 48.54 75.28
N MET A 169 -14.04 47.37 74.95
CA MET A 169 -13.16 46.18 74.78
C MET A 169 -12.46 46.22 73.42
N LEU A 170 -12.79 47.19 72.56
CA LEU A 170 -12.14 47.39 71.24
C LEU A 170 -11.05 48.46 71.35
N SER A 171 -10.85 49.03 72.52
CA SER A 171 -9.74 49.97 72.82
C SER A 171 -8.40 49.37 72.39
N SER A 172 -7.64 50.18 71.69
CA SER A 172 -6.17 50.06 71.49
C SER A 172 -5.53 50.94 72.57
N THR A 173 -5.80 52.24 72.54
CA THR A 173 -5.20 53.23 73.48
C THR A 173 -6.26 54.16 74.13
N ARG A 174 -7.53 54.14 73.73
CA ARG A 174 -8.52 55.08 74.30
C ARG A 174 -8.70 54.83 75.81
N LEU A 175 -8.85 53.60 76.26
CA LEU A 175 -9.09 53.33 77.68
C LEU A 175 -7.88 52.59 78.26
N THR A 176 -7.75 52.65 79.57
CA THR A 176 -6.66 52.03 80.36
C THR A 176 -7.03 50.57 80.63
N ALA A 177 -6.05 49.77 80.98
CA ALA A 177 -6.21 48.34 81.30
C ALA A 177 -7.32 48.17 82.37
N ALA A 178 -7.18 48.88 83.47
CA ALA A 178 -8.12 48.79 84.61
C ALA A 178 -9.54 49.05 84.11
N GLU A 179 -9.79 50.09 83.33
CA GLU A 179 -11.17 50.40 82.85
C GLU A 179 -11.72 49.20 82.05
N ILE A 180 -10.93 48.69 81.11
CA ILE A 180 -11.32 47.59 80.20
C ILE A 180 -11.52 46.31 81.02
N GLN A 181 -10.66 46.01 81.99
CA GLN A 181 -10.74 44.81 82.87
CA GLN A 181 -10.82 44.72 82.72
C GLN A 181 -12.15 44.77 83.50
N ARG A 182 -12.61 45.94 83.97
CA ARG A 182 -13.91 46.07 84.67
C ARG A 182 -15.01 45.78 83.64
N VAL A 183 -14.95 46.40 82.48
CA VAL A 183 -15.98 46.15 81.43
C VAL A 183 -16.00 44.66 81.04
N GLN A 184 -14.84 44.00 80.90
CA GLN A 184 -14.74 42.54 80.53
C GLN A 184 -15.50 41.68 81.56
N GLN A 185 -15.35 41.97 82.85
CA GLN A 185 -16.04 41.27 83.96
CA GLN A 185 -16.04 41.24 83.93
C GLN A 185 -17.55 41.51 83.83
N ASP A 186 -17.95 42.76 83.56
CA ASP A 186 -19.38 43.12 83.41
C ASP A 186 -19.95 42.35 82.22
N PHE A 187 -19.25 42.26 81.11
CA PHE A 187 -19.78 41.61 79.88
C PHE A 187 -19.86 40.08 80.12
N MET A 188 -18.84 39.53 80.77
CA MET A 188 -18.80 38.13 81.25
C MET A 188 -20.10 37.77 82.00
N VAL A 189 -20.45 38.45 83.10
CA VAL A 189 -21.66 38.12 83.90
C VAL A 189 -22.92 38.39 83.07
N TYR A 190 -22.90 39.39 82.20
CA TYR A 190 -24.06 39.69 81.35
C TYR A 190 -24.26 38.47 80.45
N MET A 191 -23.25 38.05 79.68
CA MET A 191 -23.36 36.88 78.78
C MET A 191 -23.66 35.60 79.59
N ASP A 192 -23.05 35.40 80.74
CA ASP A 192 -23.36 34.21 81.55
C ASP A 192 -24.84 34.19 81.94
N GLY A 193 -25.46 35.34 82.22
CA GLY A 193 -26.88 35.41 82.58
C GLY A 193 -27.77 35.13 81.39
N LEU A 194 -27.34 35.55 80.22
CA LEU A 194 -28.09 35.29 78.97
C LEU A 194 -28.07 33.76 78.72
N VAL A 195 -26.93 33.07 78.78
CA VAL A 195 -26.96 31.61 78.55
C VAL A 195 -27.72 30.95 79.71
N ALA A 196 -27.54 31.34 80.98
CA ALA A 196 -28.26 30.73 82.14
C ALA A 196 -29.80 30.89 82.03
N GLN A 197 -30.34 31.83 81.29
CA GLN A 197 -31.82 31.88 81.11
C GLN A 197 -32.31 30.71 80.26
N ARG A 198 -31.44 30.04 79.53
CA ARG A 198 -31.88 28.90 78.68
C ARG A 198 -32.00 27.63 79.52
N ARG A 199 -31.72 27.69 80.84
CA ARG A 199 -31.68 26.54 81.78
C ARG A 199 -32.95 25.68 81.67
N ASP A 200 -34.13 26.18 82.04
CA ASP A 200 -35.39 25.41 81.82
C ASP A 200 -36.20 26.11 80.72
N ALA A 201 -35.54 26.49 79.61
CA ALA A 201 -36.15 27.26 78.49
C ALA A 201 -35.22 27.27 77.29
N PRO A 202 -35.03 26.13 76.58
CA PRO A 202 -34.10 26.05 75.45
C PRO A 202 -34.60 26.87 74.27
N THR A 203 -33.71 27.64 73.62
CA THR A 203 -33.99 28.52 72.44
C THR A 203 -33.35 27.93 71.17
N GLU A 204 -33.89 28.30 70.02
CA GLU A 204 -33.39 27.94 68.66
C GLU A 204 -32.59 29.14 68.13
N ASP A 205 -31.40 29.34 68.70
CA ASP A 205 -30.43 30.43 68.44
C ASP A 205 -29.08 29.98 69.00
N LEU A 206 -28.02 30.74 68.78
CA LEU A 206 -26.67 30.29 69.14
CA LEU A 206 -26.66 30.33 69.15
C LEU A 206 -26.52 30.23 70.66
N LEU A 207 -27.20 31.13 71.42
CA LEU A 207 -27.11 31.13 72.90
C LEU A 207 -27.75 29.84 73.40
N GLY A 208 -28.85 29.39 72.75
CA GLY A 208 -29.43 28.04 72.93
C GLY A 208 -28.40 26.95 72.85
N ALA A 209 -27.62 26.90 71.75
CA ALA A 209 -26.54 25.91 71.58
C ALA A 209 -25.51 26.07 72.69
N LEU A 210 -25.17 27.30 73.09
CA LEU A 210 -24.15 27.51 74.16
C LEU A 210 -24.69 26.97 75.49
N ALA A 211 -26.01 27.07 75.73
CA ALA A 211 -26.59 26.59 77.01
C ALA A 211 -26.59 25.04 77.03
N LEU A 212 -26.89 24.38 75.91
CA LEU A 212 -26.84 22.88 75.85
C LEU A 212 -25.40 22.39 76.03
N ALA A 213 -24.40 23.14 75.58
CA ALA A 213 -22.98 22.74 75.71
C ALA A 213 -22.52 22.84 77.17
N THR A 214 -23.09 23.81 77.91
CA THR A 214 -22.76 24.09 79.34
C THR A 214 -22.97 22.82 80.17
N ASP A 215 -23.89 21.93 79.81
CA ASP A 215 -24.01 20.64 80.56
C ASP A 215 -24.25 19.42 79.66
N ASN A 216 -23.68 19.38 78.44
CA ASN A 216 -23.65 18.16 77.56
C ASN A 216 -22.23 17.91 77.03
N ASP A 217 -21.47 18.98 76.74
CA ASP A 217 -19.99 18.89 76.68
C ASP A 217 -19.50 18.64 78.10
N ASP A 218 -18.37 17.94 78.21
CA ASP A 218 -17.54 17.79 79.45
C ASP A 218 -16.11 18.16 79.06
N HIS A 219 -15.88 18.51 77.80
CA HIS A 219 -14.54 18.78 77.20
C HIS A 219 -14.41 20.28 76.94
N LEU A 220 -15.48 21.04 77.05
CA LEU A 220 -15.46 22.53 76.94
C LEU A 220 -15.76 23.16 78.32
N THR A 221 -14.97 24.13 78.78
CA THR A 221 -15.27 24.80 80.08
C THR A 221 -16.37 25.86 79.90
N LYS A 222 -17.02 26.17 81.00
CA LYS A 222 -18.09 27.19 81.02
C LYS A 222 -17.45 28.53 80.61
N GLY A 223 -16.24 28.83 81.07
CA GLY A 223 -15.52 30.08 80.70
C GLY A 223 -15.36 30.20 79.21
N GLU A 224 -14.96 29.13 78.54
CA GLU A 224 -14.77 29.08 77.08
C GLU A 224 -16.12 29.29 76.39
N ILE A 225 -17.15 28.64 76.91
CA ILE A 225 -18.49 28.71 76.27
C ILE A 225 -19.04 30.14 76.37
N VAL A 226 -19.10 30.71 77.57
CA VAL A 226 -19.65 32.06 77.79
C VAL A 226 -18.77 33.03 77.01
N ASN A 227 -17.46 32.87 77.06
CA ASN A 227 -16.56 33.78 76.33
C ASN A 227 -16.76 33.69 74.81
N MET A 228 -17.27 32.60 74.27
CA MET A 228 -17.60 32.57 72.81
C MET A 228 -18.78 33.52 72.53
N GLY A 229 -19.84 33.48 73.34
CA GLY A 229 -20.94 34.45 73.27
C GLY A 229 -20.42 35.88 73.24
N VAL A 230 -19.51 36.25 74.13
CA VAL A 230 -18.99 37.64 74.20
C VAL A 230 -18.26 37.92 72.90
N SER A 231 -17.39 37.00 72.43
CA SER A 231 -16.61 37.19 71.19
C SER A 231 -17.53 37.45 70.00
N LEU A 232 -18.54 36.61 69.82
CA LEU A 232 -19.44 36.70 68.65
C LEU A 232 -20.27 37.98 68.73
N LEU A 233 -20.69 38.39 69.93
CA LEU A 233 -21.54 39.58 70.05
C LEU A 233 -20.70 40.81 69.68
N ILE A 234 -19.44 40.90 70.12
CA ILE A 234 -18.58 42.06 69.75
C ILE A 234 -18.22 41.96 68.28
N ALA A 235 -17.45 40.98 67.85
CA ALA A 235 -16.98 40.98 66.45
C ALA A 235 -18.16 40.94 65.46
N GLY A 236 -19.23 40.21 65.80
CA GLY A 236 -20.42 39.94 64.98
C GLY A 236 -21.17 41.20 64.57
N HIS A 237 -21.02 42.31 65.28
CA HIS A 237 -21.53 43.62 64.82
C HIS A 237 -20.40 44.64 64.58
N GLU A 238 -19.33 44.73 65.38
CA GLU A 238 -18.47 45.92 65.30
C GLU A 238 -17.69 45.92 64.00
N THR A 239 -17.24 44.77 63.50
CA THR A 239 -16.53 44.70 62.21
C THR A 239 -17.43 45.31 61.11
N SER A 240 -18.64 44.81 61.01
CA SER A 240 -19.63 45.10 59.95
C SER A 240 -20.00 46.57 60.03
N VAL A 241 -20.25 47.08 61.24
CA VAL A 241 -20.66 48.50 61.44
C VAL A 241 -19.64 49.41 60.72
N ASN A 242 -18.39 49.28 61.12
CA ASN A 242 -17.23 50.01 60.63
C ASN A 242 -17.09 49.75 59.11
N GLN A 243 -17.30 48.51 58.70
CA GLN A 243 -16.98 48.12 57.31
C GLN A 243 -18.03 48.74 56.39
N ILE A 244 -19.26 48.91 56.84
CA ILE A 244 -20.28 49.58 56.00
C ILE A 244 -19.83 51.03 55.77
N THR A 245 -19.41 51.77 56.79
CA THR A 245 -19.02 53.19 56.66
C THR A 245 -17.72 53.26 55.84
N ASN A 246 -16.83 52.29 56.01
CA ASN A 246 -15.56 52.24 55.25
C ASN A 246 -15.86 52.05 53.75
N LEU A 247 -16.67 51.08 53.35
CA LEU A 247 -16.94 50.82 51.90
C LEU A 247 -17.67 52.04 51.35
N VAL A 248 -18.64 52.60 52.06
CA VAL A 248 -19.34 53.81 51.54
C VAL A 248 -18.36 54.99 51.35
N HIS A 249 -17.46 55.23 52.27
CA HIS A 249 -16.43 56.29 52.16
C HIS A 249 -15.60 56.07 50.89
N LEU A 250 -15.14 54.84 50.64
CA LEU A 250 -14.33 54.55 49.42
C LEU A 250 -15.21 54.81 48.20
N LEU A 251 -16.52 54.54 48.25
CA LEU A 251 -17.39 54.68 47.06
C LEU A 251 -17.72 56.13 46.76
N LEU A 252 -17.85 57.00 47.78
CA LEU A 252 -18.34 58.38 47.55
C LEU A 252 -17.18 59.38 47.40
N THR A 253 -15.95 59.04 47.79
CA THR A 253 -14.80 59.96 47.70
C THR A 253 -14.12 59.90 46.31
N GLU A 254 -14.13 58.75 45.62
CA GLU A 254 -14.08 58.72 44.13
C GLU A 254 -15.45 58.23 43.58
N ARG A 255 -16.41 59.14 43.40
CA ARG A 255 -17.78 58.71 42.99
C ARG A 255 -17.72 57.75 41.80
N LYS A 256 -16.61 57.72 41.07
CA LYS A 256 -16.52 56.80 39.89
C LYS A 256 -16.92 55.39 40.34
N ARG A 257 -16.40 54.94 41.48
CA ARG A 257 -16.69 53.58 41.98
C ARG A 257 -18.20 53.42 42.20
N TYR A 258 -18.81 54.35 42.94
CA TYR A 258 -20.26 54.26 43.27
C TYR A 258 -21.06 54.15 41.97
N GLU A 259 -20.82 55.07 41.04
CA GLU A 259 -21.47 55.13 39.69
C GLU A 259 -21.28 53.77 39.00
N SER A 260 -20.12 53.13 39.10
CA SER A 260 -19.89 51.82 38.44
C SER A 260 -20.86 50.76 39.00
N LEU A 261 -21.14 50.75 40.31
CA LEU A 261 -22.06 49.76 40.95
C LEU A 261 -23.52 50.12 40.67
N VAL A 262 -23.88 51.41 40.65
CA VAL A 262 -25.24 51.90 40.26
C VAL A 262 -25.58 51.33 38.88
N ALA A 263 -24.59 51.33 37.98
CA ALA A 263 -24.72 50.95 36.57
C ALA A 263 -24.88 49.42 36.45
N ASP A 264 -24.26 48.65 37.32
CA ASP A 264 -24.26 47.15 37.26
C ASP A 264 -24.19 46.62 38.69
N PRO A 265 -25.33 46.60 39.41
CA PRO A 265 -25.37 46.13 40.79
C PRO A 265 -24.89 44.69 41.04
N ALA A 266 -24.85 43.85 40.00
CA ALA A 266 -24.23 42.50 39.99
C ALA A 266 -22.73 42.53 40.29
N LEU A 267 -22.05 43.69 40.13
CA LEU A 267 -20.60 43.87 40.44
C LEU A 267 -20.35 44.13 41.95
N VAL A 268 -21.41 44.22 42.76
CA VAL A 268 -21.29 44.47 44.22
C VAL A 268 -20.48 43.34 44.91
N PRO A 269 -20.70 42.02 44.70
CA PRO A 269 -19.94 41.01 45.44
C PRO A 269 -18.43 41.11 45.23
N ALA A 270 -17.99 41.28 43.98
CA ALA A 270 -16.58 41.50 43.60
C ALA A 270 -16.09 42.79 44.23
N ALA A 271 -16.88 43.86 44.21
CA ALA A 271 -16.50 45.15 44.79
C ALA A 271 -16.23 44.98 46.28
N VAL A 272 -17.05 44.16 46.93
CA VAL A 272 -16.95 43.96 48.39
C VAL A 272 -15.63 43.26 48.66
N GLU A 273 -15.29 42.23 47.89
CA GLU A 273 -14.01 41.50 48.08
C GLU A 273 -12.85 42.48 47.83
N GLU A 274 -12.96 43.38 46.85
CA GLU A 274 -11.86 44.32 46.53
C GLU A 274 -11.67 45.34 47.67
N MET A 275 -12.75 45.85 48.21
CA MET A 275 -12.68 46.86 49.29
CA MET A 275 -12.69 46.86 49.30
C MET A 275 -12.36 46.18 50.63
N LEU A 276 -12.68 44.91 50.76
CA LEU A 276 -12.19 44.14 51.94
C LEU A 276 -10.65 44.13 51.91
N ARG A 277 -10.09 43.85 50.75
CA ARG A 277 -8.63 43.80 50.49
C ARG A 277 -8.06 45.18 50.79
N TYR A 278 -8.70 46.22 50.28
CA TYR A 278 -8.16 47.60 50.22
C TYR A 278 -8.27 48.28 51.60
N THR A 279 -9.29 47.97 52.39
CA THR A 279 -9.66 48.76 53.59
C THR A 279 -8.85 48.28 54.79
N PRO A 280 -8.07 49.17 55.44
CA PRO A 280 -7.35 48.80 56.65
C PRO A 280 -8.29 48.81 57.85
N LEU A 281 -9.28 47.91 57.86
CA LEU A 281 -10.24 47.84 59.00
C LEU A 281 -9.43 47.65 60.29
N VAL A 282 -8.45 46.75 60.24
CA VAL A 282 -7.69 46.44 61.46
C VAL A 282 -6.60 47.51 61.61
N SER A 283 -6.65 48.28 62.70
CA SER A 283 -5.74 49.43 62.92
C SER A 283 -4.28 48.97 62.83
N ALA A 284 -3.86 47.97 63.61
CA ALA A 284 -2.45 47.56 63.57
C ALA A 284 -2.25 46.19 64.18
N GLY A 285 -1.33 45.45 63.58
CA GLY A 285 -0.90 44.15 64.13
C GLY A 285 -2.06 43.19 64.25
N SER A 286 -2.02 42.33 65.25
CA SER A 286 -2.91 41.14 65.26
C SER A 286 -2.72 40.46 66.58
N PHE A 287 -3.56 39.52 66.96
CA PHE A 287 -3.26 38.67 68.11
C PHE A 287 -1.88 38.11 67.79
N VAL A 288 -1.03 38.07 68.79
CA VAL A 288 0.38 37.60 68.69
C VAL A 288 0.42 36.08 68.52
N ARG A 289 1.28 35.61 67.65
CA ARG A 289 1.66 34.18 67.47
C ARG A 289 3.10 34.03 67.98
N VAL A 290 3.39 33.05 68.84
CA VAL A 290 4.73 32.78 69.39
C VAL A 290 5.21 31.50 68.72
N ALA A 291 6.33 31.56 68.01
CA ALA A 291 7.00 30.36 67.48
C ALA A 291 7.20 29.38 68.64
N THR A 292 6.79 28.12 68.47
CA THR A 292 7.14 27.02 69.41
C THR A 292 8.37 26.26 68.91
N GLU A 293 8.75 26.43 67.64
CA GLU A 293 10.04 25.97 67.05
C GLU A 293 10.58 27.04 66.11
N ASP A 294 11.81 26.93 65.70
CA ASP A 294 12.32 27.83 64.65
C ASP A 294 11.47 27.63 63.38
N VAL A 295 11.01 28.73 62.78
CA VAL A 295 10.20 28.76 61.53
C VAL A 295 10.89 29.67 60.51
N GLU A 296 11.12 29.19 59.30
CA GLU A 296 11.76 29.97 58.22
C GLU A 296 10.73 30.90 57.63
N LEU A 297 10.90 32.21 57.75
CA LEU A 297 10.09 33.18 56.97
C LEU A 297 10.95 33.65 55.78
N SER A 298 10.51 34.59 54.95
CA SER A 298 11.23 34.99 53.71
C SER A 298 12.67 35.43 54.02
N THR A 299 12.92 36.23 55.05
CA THR A 299 14.25 36.87 55.24
C THR A 299 14.89 36.48 56.57
N VAL A 300 14.21 35.69 57.37
CA VAL A 300 14.66 35.40 58.76
C VAL A 300 14.05 34.10 59.25
N THR A 301 14.88 33.37 60.00
CA THR A 301 14.46 32.31 60.93
C THR A 301 14.02 32.93 62.27
N VAL A 302 12.72 32.97 62.51
CA VAL A 302 12.11 33.19 63.84
C VAL A 302 12.45 32.01 64.78
N ARG A 303 12.90 32.37 65.98
CA ARG A 303 13.33 31.35 66.93
C ARG A 303 12.21 31.02 67.90
N ALA A 304 12.12 29.76 68.27
CA ALA A 304 11.20 29.29 69.33
C ALA A 304 11.15 30.36 70.42
N GLY A 305 9.99 30.88 70.78
CA GLY A 305 9.83 31.83 71.89
C GLY A 305 9.73 33.26 71.42
N GLU A 306 10.00 33.53 70.13
CA GLU A 306 9.93 34.90 69.54
C GLU A 306 8.50 35.15 69.09
N PRO A 307 7.88 36.24 69.58
CA PRO A 307 6.55 36.62 69.14
C PRO A 307 6.57 37.30 67.77
N CYS A 308 5.45 37.20 67.06
CA CYS A 308 5.22 37.73 65.69
C CYS A 308 3.85 38.36 65.63
N VAL A 309 3.72 39.32 64.73
CA VAL A 309 2.44 40.01 64.51
C VAL A 309 2.36 40.24 63.01
N VAL A 310 1.17 40.15 62.47
CA VAL A 310 0.89 40.37 61.04
C VAL A 310 0.18 41.71 60.90
N HIS A 311 0.48 42.50 59.86
CA HIS A 311 -0.44 43.59 59.48
C HIS A 311 -1.30 43.15 58.28
N PHE A 312 -2.55 42.79 58.53
CA PHE A 312 -3.43 42.25 57.46
C PHE A 312 -3.46 43.22 56.26
N ALA A 313 -3.73 44.50 56.47
CA ALA A 313 -3.82 45.47 55.36
C ALA A 313 -2.56 45.46 54.50
N SER A 314 -1.38 45.26 55.08
CA SER A 314 -0.11 45.33 54.31
C SER A 314 0.00 44.11 53.40
N ALA A 315 -0.22 42.90 53.93
CA ALA A 315 -0.38 41.66 53.12
C ALA A 315 -1.37 41.93 51.99
N ASN A 316 -2.50 42.57 52.25
CA ASN A 316 -3.48 42.88 51.19
C ASN A 316 -2.97 43.95 50.20
N ARG A 317 -1.81 44.55 50.39
CA ARG A 317 -1.23 45.47 49.34
C ARG A 317 0.07 44.89 48.74
N ASP A 318 0.36 43.60 48.91
CA ASP A 318 1.64 42.95 48.50
C ASP A 318 1.69 42.99 46.98
N GLU A 319 2.70 43.60 46.37
CA GLU A 319 2.77 43.82 44.90
C GLU A 319 3.19 42.53 44.19
N GLU A 320 3.68 41.55 44.92
CA GLU A 320 3.98 40.19 44.41
C GLU A 320 2.71 39.33 44.33
N VAL A 321 1.59 39.72 44.93
CA VAL A 321 0.33 38.90 44.93
C VAL A 321 -0.73 39.58 44.06
N PHE A 322 -0.79 40.90 44.07
CA PHE A 322 -1.87 41.68 43.42
C PHE A 322 -1.23 42.70 42.50
N ASP A 323 -1.60 42.72 41.22
CA ASP A 323 -1.17 43.78 40.27
C ASP A 323 -1.75 45.12 40.72
N HIS A 324 -1.02 46.22 40.52
CA HIS A 324 -1.47 47.59 40.91
C HIS A 324 -2.25 47.49 42.24
N ALA A 325 -1.58 46.92 43.24
CA ALA A 325 -2.05 46.65 44.62
C ALA A 325 -2.63 47.90 45.29
N ASP A 326 -2.05 49.07 45.04
CA ASP A 326 -2.42 50.35 45.69
C ASP A 326 -3.60 50.97 44.95
N GLU A 327 -4.18 50.25 43.98
CA GLU A 327 -5.37 50.72 43.23
C GLU A 327 -6.58 49.85 43.50
N LEU A 328 -7.76 50.50 43.52
CA LEU A 328 -9.07 49.84 43.77
C LEU A 328 -9.63 49.37 42.43
N ASP A 329 -9.81 48.06 42.26
CA ASP A 329 -10.18 47.41 40.98
C ASP A 329 -11.25 46.32 41.21
N PHE A 330 -12.51 46.59 40.86
CA PHE A 330 -13.65 45.65 40.99
C PHE A 330 -13.69 44.61 39.85
N HIS A 331 -12.77 44.73 38.89
CA HIS A 331 -12.67 43.81 37.73
C HIS A 331 -11.38 42.99 37.83
N ARG A 332 -10.71 43.02 38.96
CA ARG A 332 -9.53 42.18 39.28
C ARG A 332 -9.92 40.71 39.11
N GLU A 333 -9.03 39.87 38.59
CA GLU A 333 -9.37 38.47 38.20
C GLU A 333 -9.12 37.54 39.37
N ARG A 334 -8.05 37.74 40.13
CA ARG A 334 -7.72 36.90 41.31
C ARG A 334 -7.65 37.84 42.54
N ASN A 335 -8.08 37.38 43.69
CA ASN A 335 -8.10 38.25 44.89
C ASN A 335 -7.96 37.42 46.15
N PRO A 336 -6.83 36.76 46.37
CA PRO A 336 -6.66 35.95 47.57
C PRO A 336 -6.28 36.80 48.79
N HIS A 337 -7.06 37.81 49.09
CA HIS A 337 -6.90 38.66 50.28
C HIS A 337 -7.07 37.84 51.59
N ILE A 338 -6.52 38.41 52.70
CA ILE A 338 -6.65 37.93 54.09
C ILE A 338 -7.32 39.02 54.94
N ALA A 339 -8.33 39.70 54.41
CA ALA A 339 -9.11 40.65 55.22
C ALA A 339 -9.70 39.90 56.43
N PHE A 340 -9.98 38.61 56.25
CA PHE A 340 -10.62 37.70 57.24
C PHE A 340 -9.57 36.81 57.89
N GLY A 341 -8.30 37.11 57.76
CA GLY A 341 -7.22 36.26 58.26
C GLY A 341 -7.02 35.00 57.40
N HIS A 342 -6.51 33.93 58.00
CA HIS A 342 -5.92 32.75 57.33
C HIS A 342 -5.63 31.67 58.38
N GLY A 343 -5.61 30.39 58.03
CA GLY A 343 -5.31 29.33 59.01
C GLY A 343 -6.42 29.09 60.04
N ALA A 344 -6.08 28.54 61.19
CA ALA A 344 -7.06 28.11 62.22
C ALA A 344 -8.01 29.25 62.54
N HIS A 345 -7.50 30.45 62.82
CA HIS A 345 -8.31 31.58 63.32
C HIS A 345 -8.97 32.34 62.16
N HIS A 346 -8.97 31.83 60.90
CA HIS A 346 -9.73 32.47 59.79
C HIS A 346 -11.09 32.89 60.35
N CYS A 347 -11.51 34.14 60.17
CA CYS A 347 -12.78 34.66 60.74
C CYS A 347 -13.92 33.62 60.67
N ILE A 348 -14.59 33.37 61.79
CA ILE A 348 -15.73 32.43 61.82
C ILE A 348 -16.93 33.04 61.08
N GLY A 349 -17.03 34.37 61.11
CA GLY A 349 -18.15 35.16 60.58
C GLY A 349 -17.93 35.64 59.16
N ALA A 350 -16.96 35.11 58.42
CA ALA A 350 -16.53 35.67 57.12
C ALA A 350 -17.70 35.66 56.14
N GLN A 351 -18.50 34.61 56.11
CA GLN A 351 -19.62 34.52 55.15
C GLN A 351 -20.71 35.53 55.58
N LEU A 352 -20.91 35.71 56.90
CA LEU A 352 -21.94 36.67 57.40
C LEU A 352 -21.52 38.13 57.13
N GLY A 353 -20.23 38.46 57.24
CA GLY A 353 -19.70 39.81 56.91
C GLY A 353 -19.87 40.12 55.44
N ARG A 354 -19.54 39.16 54.58
CA ARG A 354 -19.75 39.20 53.13
C ARG A 354 -21.24 39.46 52.83
N LEU A 355 -22.15 38.64 53.35
CA LEU A 355 -23.60 38.77 53.07
C LEU A 355 -24.09 40.15 53.50
N GLU A 356 -23.64 40.62 54.66
CA GLU A 356 -24.17 41.88 55.26
C GLU A 356 -23.64 43.03 54.41
N LEU A 357 -22.39 42.94 53.96
CA LEU A 357 -21.80 44.02 53.13
C LEU A 357 -22.45 43.99 51.73
N GLN A 358 -22.69 42.80 51.15
CA GLN A 358 -23.38 42.62 49.84
C GLN A 358 -24.79 43.22 49.92
N GLU A 359 -25.55 42.87 50.94
CA GLU A 359 -26.96 43.31 51.01
C GLU A 359 -27.05 44.81 51.32
N ALA A 360 -26.16 45.38 52.11
CA ALA A 360 -26.13 46.83 52.44
C ALA A 360 -25.77 47.64 51.20
N LEU A 361 -24.74 47.29 50.44
CA LEU A 361 -24.35 48.15 49.28
C LEU A 361 -25.34 47.95 48.16
N SER A 362 -25.78 46.71 47.97
CA SER A 362 -26.67 46.40 46.84
C SER A 362 -27.91 47.26 47.01
N ALA A 363 -28.52 47.26 48.19
CA ALA A 363 -29.72 48.10 48.46
C ALA A 363 -29.47 49.59 48.16
N LEU A 364 -28.32 50.10 48.57
CA LEU A 364 -27.94 51.54 48.43
C LEU A 364 -27.85 51.96 46.97
N VAL A 365 -27.06 51.17 46.26
CA VAL A 365 -26.70 51.31 44.83
C VAL A 365 -27.95 51.18 43.97
N ARG A 366 -28.94 50.40 44.40
CA ARG A 366 -30.22 50.22 43.66
C ARG A 366 -31.20 51.37 43.95
N ARG A 367 -31.27 51.84 45.20
CA ARG A 367 -32.39 52.67 45.68
C ARG A 367 -32.00 54.14 45.66
N PHE A 368 -30.69 54.42 45.75
CA PHE A 368 -30.11 55.77 45.99
C PHE A 368 -28.94 55.98 45.02
N PRO A 369 -29.19 56.04 43.69
CA PRO A 369 -28.14 56.34 42.73
C PRO A 369 -27.52 57.73 42.91
N THR A 370 -28.26 58.62 43.57
CA THR A 370 -27.94 60.07 43.78
C THR A 370 -27.12 60.29 45.07
N LEU A 371 -26.90 59.24 45.88
CA LEU A 371 -26.19 59.28 47.20
C LEU A 371 -24.88 60.06 47.06
N ASP A 372 -24.64 61.01 47.94
CA ASP A 372 -23.33 61.69 48.06
C ASP A 372 -23.09 61.98 49.53
N LEU A 373 -21.81 62.04 49.91
CA LEU A 373 -21.33 62.62 51.19
C LEU A 373 -21.86 64.06 51.31
N ALA A 374 -22.53 64.40 52.41
CA ALA A 374 -23.05 65.77 52.68
C ALA A 374 -22.42 66.36 53.96
N GLU A 375 -21.16 66.01 54.23
CA GLU A 375 -20.37 66.63 55.32
C GLU A 375 -18.93 66.69 54.83
N PRO A 376 -18.20 67.80 55.03
CA PRO A 376 -16.83 67.90 54.52
C PRO A 376 -16.02 66.68 54.96
N VAL A 377 -15.19 66.19 54.04
CA VAL A 377 -14.17 65.11 54.21
C VAL A 377 -13.17 65.46 55.33
N ALA A 378 -12.70 66.71 55.42
CA ALA A 378 -11.78 67.23 56.48
C ALA A 378 -12.36 67.04 57.89
N GLY A 379 -13.69 67.16 58.05
CA GLY A 379 -14.43 67.09 59.34
C GLY A 379 -14.88 65.67 59.72
N LEU A 380 -14.61 64.67 58.90
CA LEU A 380 -15.11 63.30 59.11
C LEU A 380 -14.58 62.82 60.46
N LYS A 381 -15.44 62.26 61.32
CA LYS A 381 -15.05 61.84 62.68
C LYS A 381 -14.53 60.41 62.66
N TRP A 382 -13.28 60.17 62.25
CA TRP A 382 -12.69 58.81 62.30
C TRP A 382 -12.55 58.41 63.77
N LYS A 383 -12.81 57.16 64.08
CA LYS A 383 -12.67 56.66 65.45
C LYS A 383 -11.19 56.65 65.77
N GLN A 384 -10.84 57.09 66.97
CA GLN A 384 -9.45 57.19 67.49
CA GLN A 384 -9.43 57.12 67.43
C GLN A 384 -9.29 56.14 68.59
N GLY A 385 -8.11 55.50 68.69
CA GLY A 385 -7.72 54.72 69.87
C GLY A 385 -8.42 53.37 69.95
N MET A 386 -8.86 52.85 68.81
CA MET A 386 -9.53 51.53 68.77
C MET A 386 -8.75 50.57 67.88
N LEU A 387 -8.93 49.27 68.05
CA LEU A 387 -8.26 48.20 67.27
C LEU A 387 -8.81 48.15 65.84
N ILE A 388 -9.90 48.84 65.54
CA ILE A 388 -10.42 48.93 64.15
C ILE A 388 -10.64 50.41 63.78
N ARG A 389 -10.76 50.66 62.48
CA ARG A 389 -11.00 52.03 61.99
C ARG A 389 -12.40 52.11 61.40
N GLY A 390 -13.00 53.30 61.39
CA GLY A 390 -14.36 53.50 60.86
C GLY A 390 -14.90 54.86 61.28
N LEU A 391 -16.08 55.26 60.80
CA LEU A 391 -16.61 56.62 61.04
C LEU A 391 -17.60 56.62 62.19
N GLU A 392 -17.49 57.60 63.08
CA GLU A 392 -18.50 57.84 64.14
C GLU A 392 -19.79 58.27 63.44
N ARG A 393 -19.65 59.01 62.36
CA ARG A 393 -20.84 59.57 61.67
C ARG A 393 -20.52 59.78 60.21
N GLN A 394 -21.52 59.62 59.35
CA GLN A 394 -21.39 59.76 57.88
C GLN A 394 -22.72 60.32 57.33
N ILE A 395 -22.86 61.64 57.35
CA ILE A 395 -24.06 62.33 56.84
C ILE A 395 -24.02 62.25 55.32
N VAL A 396 -25.07 61.67 54.72
CA VAL A 396 -25.25 61.46 53.26
C VAL A 396 -26.51 62.18 52.79
N SER A 397 -26.52 62.64 51.55
CA SER A 397 -27.72 63.19 50.87
C SER A 397 -28.05 62.27 49.68
N TRP A 398 -29.29 62.34 49.22
CA TRP A 398 -29.76 61.61 48.01
C TRP A 398 -30.88 62.43 47.40
N ASP B 3 30.24 -28.02 -13.77
CA ASP B 3 28.86 -27.74 -13.25
C ASP B 3 28.15 -29.06 -12.85
N ALA B 4 27.47 -28.96 -11.71
CA ALA B 4 26.69 -30.04 -11.11
C ALA B 4 25.20 -29.85 -11.41
N VAL B 5 24.79 -29.26 -12.54
CA VAL B 5 23.40 -29.54 -12.97
C VAL B 5 23.38 -30.97 -13.54
N PRO B 6 22.38 -31.79 -13.20
CA PRO B 6 22.35 -33.17 -13.66
C PRO B 6 22.05 -33.29 -15.15
N ALA B 7 22.57 -34.35 -15.74
CA ALA B 7 22.26 -34.74 -17.12
C ALA B 7 20.75 -35.01 -17.22
N TYR B 8 20.05 -34.52 -18.25
CA TYR B 8 18.64 -34.90 -18.53
C TYR B 8 18.54 -35.45 -19.96
N PRO B 9 17.90 -36.62 -20.21
CA PRO B 9 17.25 -37.42 -19.18
C PRO B 9 18.22 -38.05 -18.17
N PHE B 10 17.71 -38.38 -16.99
CA PHE B 10 18.40 -38.81 -15.77
C PHE B 10 18.82 -40.24 -15.95
N SER B 11 18.07 -40.96 -16.73
CA SER B 11 18.31 -42.41 -16.88
C SER B 11 17.53 -42.95 -18.08
N LEU B 12 18.00 -44.11 -18.52
CA LEU B 12 17.52 -44.91 -19.68
C LEU B 12 16.12 -45.41 -19.39
N PRO B 13 15.22 -45.38 -20.38
CA PRO B 13 13.83 -45.76 -20.14
C PRO B 13 13.75 -47.27 -19.91
N HIS B 14 12.94 -47.74 -18.97
CA HIS B 14 12.62 -49.18 -18.82
C HIS B 14 11.15 -49.41 -19.15
N ALA B 15 10.87 -50.24 -20.15
CA ALA B 15 9.52 -50.68 -20.57
C ALA B 15 8.60 -49.46 -20.66
N LEU B 16 7.53 -49.40 -19.87
CA LEU B 16 6.62 -48.20 -19.80
C LEU B 16 6.68 -47.56 -18.41
N ASP B 17 7.79 -47.76 -17.66
CA ASP B 17 7.98 -47.19 -16.30
C ASP B 17 8.40 -45.73 -16.42
N LEU B 18 7.92 -44.90 -15.48
CA LEU B 18 8.45 -43.53 -15.32
C LEU B 18 9.66 -43.65 -14.38
N ASP B 19 10.77 -43.00 -14.70
CA ASP B 19 11.85 -42.75 -13.73
C ASP B 19 11.25 -42.33 -12.39
N PRO B 20 11.55 -43.04 -11.28
CA PRO B 20 11.15 -42.61 -9.95
C PRO B 20 11.51 -41.16 -9.59
N HIS B 21 12.57 -40.64 -10.18
CA HIS B 21 13.03 -39.28 -9.84
C HIS B 21 11.94 -38.24 -10.16
N TYR B 22 10.99 -38.50 -11.07
CA TYR B 22 9.95 -37.50 -11.42
C TYR B 22 8.97 -37.30 -10.24
N ALA B 23 8.54 -38.37 -9.54
CA ALA B 23 7.74 -38.19 -8.30
C ALA B 23 8.54 -37.35 -7.27
N GLU B 24 9.82 -37.63 -7.05
CA GLU B 24 10.68 -36.87 -6.09
C GLU B 24 10.69 -35.38 -6.48
N LEU B 25 10.89 -35.10 -7.78
CA LEU B 25 11.00 -33.72 -8.30
C LEU B 25 9.65 -33.02 -8.12
N ARG B 26 8.56 -33.70 -8.46
CA ARG B 26 7.20 -33.10 -8.37
C ARG B 26 6.95 -32.68 -6.92
N ARG B 27 7.26 -33.53 -5.96
CA ARG B 27 7.06 -33.27 -4.51
C ARG B 27 8.08 -32.21 -3.99
N ASP B 28 9.38 -32.28 -4.31
CA ASP B 28 10.39 -31.44 -3.58
C ASP B 28 11.04 -30.38 -4.46
N GLU B 29 11.12 -30.57 -5.76
CA GLU B 29 11.87 -29.59 -6.61
C GLU B 29 11.19 -29.54 -7.98
N PRO B 30 9.96 -29.00 -8.06
CA PRO B 30 9.17 -29.08 -9.27
C PRO B 30 9.77 -28.44 -10.54
N VAL B 31 10.64 -27.45 -10.38
CA VAL B 31 11.38 -26.77 -11.48
C VAL B 31 12.88 -26.86 -11.13
N SER B 32 13.70 -27.54 -11.94
CA SER B 32 15.14 -27.80 -11.62
C SER B 32 15.98 -27.54 -12.87
N ARG B 33 17.21 -27.09 -12.65
CA ARG B 33 18.13 -26.83 -13.79
C ARG B 33 18.72 -28.17 -14.23
N VAL B 34 18.78 -28.37 -15.54
CA VAL B 34 19.34 -29.61 -16.14
C VAL B 34 20.12 -29.23 -17.39
N ARG B 35 20.98 -30.15 -17.79
CA ARG B 35 21.74 -30.09 -19.06
C ARG B 35 21.10 -31.07 -20.04
N LEU B 36 20.65 -30.61 -21.20
CA LEU B 36 19.94 -31.48 -22.18
C LEU B 36 21.03 -32.13 -23.05
N PRO B 37 20.72 -33.18 -23.84
CA PRO B 37 21.81 -33.89 -24.47
C PRO B 37 22.52 -33.09 -25.57
N TYR B 38 21.94 -32.04 -26.14
CA TYR B 38 22.58 -31.28 -27.25
C TYR B 38 22.40 -29.80 -27.02
N GLY B 39 23.09 -28.98 -27.79
CA GLY B 39 23.18 -27.54 -27.55
C GLY B 39 24.06 -27.24 -26.34
N GLU B 40 24.09 -25.99 -25.91
CA GLU B 40 25.01 -25.50 -24.86
C GLU B 40 24.20 -24.86 -23.73
N GLY B 41 24.75 -24.83 -22.53
CA GLY B 41 24.07 -24.23 -21.36
C GLY B 41 23.05 -25.15 -20.74
N THR B 42 22.14 -24.57 -20.00
CA THR B 42 21.16 -25.31 -19.18
C THR B 42 19.74 -24.83 -19.49
N ALA B 43 18.78 -25.61 -19.05
CA ALA B 43 17.33 -25.46 -19.21
C ALA B 43 16.65 -25.80 -17.88
N TRP B 44 15.45 -25.25 -17.63
CA TRP B 44 14.59 -25.57 -16.49
C TRP B 44 13.75 -26.78 -16.90
N LEU B 45 13.75 -27.85 -16.10
CA LEU B 45 12.83 -29.00 -16.31
C LEU B 45 11.56 -28.72 -15.50
N VAL B 46 10.42 -28.77 -16.18
CA VAL B 46 9.08 -28.61 -15.56
C VAL B 46 8.40 -29.97 -15.45
N THR B 47 7.99 -30.35 -14.24
CA THR B 47 7.49 -31.70 -13.90
C THR B 47 6.01 -31.71 -13.50
N ARG B 48 5.47 -30.59 -13.00
CA ARG B 48 4.08 -30.46 -12.48
C ARG B 48 3.13 -29.94 -13.59
N MET B 49 1.83 -30.27 -13.48
CA MET B 49 0.83 -29.87 -14.53
C MET B 49 0.69 -28.34 -14.55
N SER B 50 0.61 -27.68 -13.38
CA SER B 50 0.31 -26.24 -13.36
C SER B 50 1.41 -25.49 -14.12
N ASP B 51 2.64 -25.87 -13.85
CA ASP B 51 3.82 -25.22 -14.50
C ASP B 51 3.87 -25.58 -16.01
N ALA B 52 3.56 -26.81 -16.38
CA ALA B 52 3.58 -27.26 -17.80
C ALA B 52 2.59 -26.43 -18.60
N ARG B 53 1.42 -26.17 -18.00
CA ARG B 53 0.35 -25.38 -18.66
C ARG B 53 0.86 -23.98 -18.90
N ILE B 54 1.69 -23.44 -18.01
CA ILE B 54 2.23 -22.06 -18.20
C ILE B 54 3.24 -22.08 -19.35
N VAL B 55 4.21 -23.00 -19.30
CA VAL B 55 5.32 -23.06 -20.30
C VAL B 55 4.71 -23.29 -21.70
N LEU B 56 3.76 -24.22 -21.84
CA LEU B 56 3.13 -24.56 -23.15
C LEU B 56 2.06 -23.54 -23.55
N GLY B 57 1.55 -22.73 -22.63
CA GLY B 57 0.33 -21.94 -22.81
C GLY B 57 0.53 -20.45 -22.89
N ASP B 58 1.66 -19.92 -22.55
CA ASP B 58 1.81 -18.45 -22.42
C ASP B 58 2.55 -17.94 -23.65
N SER B 59 2.14 -16.81 -24.21
CA SER B 59 2.93 -16.11 -25.26
C SER B 59 4.22 -15.52 -24.72
N ARG B 60 4.53 -15.62 -23.43
CA ARG B 60 5.85 -15.13 -22.92
C ARG B 60 6.90 -16.23 -23.12
N PHE B 61 6.53 -17.40 -23.64
CA PHE B 61 7.47 -18.43 -24.09
C PHE B 61 7.44 -18.55 -25.62
N SER B 62 8.59 -18.57 -26.26
CA SER B 62 8.83 -18.61 -27.71
C SER B 62 9.56 -19.90 -28.03
N THR B 63 9.02 -20.68 -28.94
CA THR B 63 9.73 -21.79 -29.58
C THR B 63 10.62 -21.23 -30.68
N ALA B 64 10.26 -20.16 -31.35
CA ALA B 64 11.09 -19.66 -32.47
C ALA B 64 12.46 -19.23 -31.94
N ALA B 65 12.54 -18.75 -30.72
CA ALA B 65 13.79 -18.35 -30.06
C ALA B 65 14.65 -19.60 -29.74
N ALA B 66 14.17 -20.82 -29.94
CA ALA B 66 14.94 -22.03 -29.55
C ALA B 66 15.64 -22.67 -30.76
N THR B 67 15.60 -22.04 -31.91
CA THR B 67 16.14 -22.59 -33.20
C THR B 67 17.65 -22.39 -33.27
N ASP B 68 18.20 -21.42 -32.53
CA ASP B 68 19.67 -21.18 -32.45
C ASP B 68 20.34 -22.52 -32.18
N PRO B 69 21.28 -22.99 -33.02
CA PRO B 69 22.03 -24.21 -32.73
C PRO B 69 22.74 -24.27 -31.35
N ALA B 70 23.08 -23.15 -30.72
CA ALA B 70 23.59 -23.15 -29.32
C ALA B 70 22.50 -23.50 -28.28
N THR B 71 21.21 -23.34 -28.57
CA THR B 71 20.10 -23.58 -27.61
C THR B 71 20.05 -25.06 -27.24
N PRO B 72 19.88 -25.38 -25.94
CA PRO B 72 19.65 -26.75 -25.50
C PRO B 72 18.52 -27.39 -26.30
N ARG B 73 18.59 -28.68 -26.55
CA ARG B 73 17.51 -29.43 -27.20
C ARG B 73 17.66 -30.92 -26.87
N MET B 74 16.61 -31.72 -27.11
CA MET B 74 16.56 -33.16 -26.76
C MET B 74 17.12 -33.99 -27.90
N PHE B 75 17.41 -33.38 -29.06
CA PHE B 75 17.66 -34.16 -30.31
C PHE B 75 18.88 -33.58 -30.99
N PRO B 76 19.59 -34.41 -31.83
CA PRO B 76 20.95 -34.11 -32.27
C PRO B 76 21.10 -32.89 -33.18
N THR B 77 20.18 -32.66 -34.11
CA THR B 77 20.32 -31.62 -35.18
C THR B 77 19.69 -30.33 -34.69
N PRO B 78 20.25 -29.16 -35.02
CA PRO B 78 19.61 -27.91 -34.65
C PRO B 78 18.16 -27.91 -35.16
N PRO B 79 17.16 -27.34 -34.47
CA PRO B 79 15.79 -27.45 -34.95
C PRO B 79 15.63 -26.85 -36.37
N GLU B 80 14.68 -27.35 -37.16
CA GLU B 80 14.27 -26.73 -38.46
C GLU B 80 13.49 -25.41 -38.17
N PRO B 81 14.02 -24.21 -38.51
CA PRO B 81 13.31 -22.95 -38.29
C PRO B 81 11.97 -22.86 -39.02
N ASP B 82 11.77 -23.62 -40.09
CA ASP B 82 10.54 -23.58 -40.92
C ASP B 82 9.50 -24.56 -40.37
N GLY B 83 9.87 -25.34 -39.36
CA GLY B 83 8.97 -26.33 -38.77
C GLY B 83 7.89 -25.65 -37.95
N VAL B 84 6.75 -26.34 -37.85
CA VAL B 84 5.54 -25.82 -37.16
CA VAL B 84 5.55 -25.81 -37.16
C VAL B 84 5.88 -25.61 -35.68
N LEU B 85 6.63 -26.54 -35.10
CA LEU B 85 6.99 -26.47 -33.67
C LEU B 85 7.79 -25.19 -33.43
N ALA B 86 8.57 -24.80 -34.43
CA ALA B 86 9.51 -23.69 -34.20
C ALA B 86 8.80 -22.37 -34.45
N GLN B 87 7.48 -22.35 -34.63
CA GLN B 87 6.77 -21.09 -34.99
C GLN B 87 6.00 -20.57 -33.78
N ASP B 88 6.03 -19.25 -33.61
CA ASP B 88 5.24 -18.53 -32.60
C ASP B 88 4.03 -17.91 -33.29
N PRO B 89 2.89 -17.76 -32.58
CA PRO B 89 1.78 -16.95 -33.10
C PRO B 89 2.21 -15.51 -33.32
N PRO B 90 1.67 -14.78 -34.33
CA PRO B 90 0.65 -15.28 -35.26
C PRO B 90 1.09 -16.13 -36.47
N ASP B 91 2.39 -16.24 -36.73
CA ASP B 91 2.93 -17.07 -37.85
C ASP B 91 2.46 -18.51 -37.66
N HIS B 92 2.51 -19.01 -36.43
CA HIS B 92 2.12 -20.40 -36.10
C HIS B 92 0.67 -20.66 -36.54
N THR B 93 -0.23 -19.76 -36.18
CA THR B 93 -1.67 -19.76 -36.51
C THR B 93 -1.88 -19.77 -38.04
N ARG B 94 -1.16 -18.94 -38.78
CA ARG B 94 -1.34 -18.85 -40.24
C ARG B 94 -0.85 -20.16 -40.88
N LEU B 95 0.18 -20.77 -40.30
CA LEU B 95 0.73 -22.03 -40.81
C LEU B 95 -0.21 -23.19 -40.46
N ARG B 96 -0.76 -23.20 -39.24
CA ARG B 96 -1.71 -24.26 -38.83
C ARG B 96 -2.99 -24.21 -39.66
N ARG B 97 -3.38 -23.02 -40.14
CA ARG B 97 -4.64 -22.85 -40.90
C ARG B 97 -4.55 -23.55 -42.26
N LEU B 98 -3.35 -23.76 -42.81
CA LEU B 98 -3.14 -24.54 -44.06
C LEU B 98 -3.94 -25.84 -44.01
N VAL B 99 -4.04 -26.49 -42.88
CA VAL B 99 -4.45 -27.92 -42.82
C VAL B 99 -5.40 -28.17 -41.68
N GLY B 100 -5.61 -27.21 -40.79
CA GLY B 100 -6.44 -27.49 -39.61
C GLY B 100 -7.80 -28.04 -39.98
N LYS B 101 -8.43 -27.50 -41.02
CA LYS B 101 -9.79 -27.94 -41.45
C LYS B 101 -9.90 -29.47 -41.43
N ALA B 102 -8.91 -30.19 -41.95
CA ALA B 102 -8.96 -31.67 -42.05
C ALA B 102 -8.72 -32.37 -40.71
N PHE B 103 -8.30 -31.65 -39.67
CA PHE B 103 -7.92 -32.30 -38.40
C PHE B 103 -8.93 -31.93 -37.31
N THR B 104 -9.95 -31.11 -37.59
CA THR B 104 -11.05 -30.81 -36.64
C THR B 104 -11.77 -32.10 -36.26
N ALA B 105 -12.35 -32.10 -35.05
CA ALA B 105 -13.01 -33.29 -34.48
C ALA B 105 -14.10 -33.78 -35.45
N ARG B 106 -14.84 -32.86 -36.11
CA ARG B 106 -15.97 -33.15 -37.03
C ARG B 106 -15.44 -33.81 -38.32
N ARG B 107 -14.35 -33.31 -38.91
CA ARG B 107 -13.76 -33.89 -40.14
C ARG B 107 -13.15 -35.24 -39.81
N VAL B 108 -12.52 -35.39 -38.65
CA VAL B 108 -11.87 -36.67 -38.31
C VAL B 108 -12.96 -37.72 -38.06
N GLU B 109 -14.04 -37.33 -37.39
CA GLU B 109 -15.17 -38.25 -37.17
C GLU B 109 -15.67 -38.81 -38.52
N GLU B 110 -15.68 -38.03 -39.61
CA GLU B 110 -16.09 -38.48 -40.97
C GLU B 110 -15.16 -39.59 -41.55
N MET B 111 -13.95 -39.73 -41.01
CA MET B 111 -12.97 -40.76 -41.42
CA MET B 111 -12.96 -40.76 -41.40
C MET B 111 -13.32 -42.09 -40.73
N ARG B 112 -14.19 -42.10 -39.71
CA ARG B 112 -14.34 -43.33 -38.89
C ARG B 112 -14.78 -44.51 -39.75
N PRO B 113 -15.73 -44.39 -40.71
CA PRO B 113 -16.10 -45.56 -41.53
C PRO B 113 -14.94 -46.19 -42.30
N ARG B 114 -14.08 -45.37 -42.92
CA ARG B 114 -12.96 -45.84 -43.77
C ARG B 114 -11.88 -46.41 -42.82
N VAL B 115 -11.67 -45.78 -41.69
CA VAL B 115 -10.68 -46.26 -40.70
C VAL B 115 -11.12 -47.61 -40.15
N ARG B 116 -12.44 -47.78 -39.95
CA ARG B 116 -12.97 -49.07 -39.44
C ARG B 116 -12.72 -50.18 -40.47
N SER B 117 -13.05 -49.96 -41.75
CA SER B 117 -12.92 -51.06 -42.74
C SER B 117 -11.43 -51.41 -42.90
N LEU B 118 -10.55 -50.42 -42.86
CA LEU B 118 -9.07 -50.64 -42.85
C LEU B 118 -8.64 -51.53 -41.68
N VAL B 119 -9.05 -51.19 -40.47
CA VAL B 119 -8.75 -52.03 -39.27
C VAL B 119 -9.24 -53.47 -39.48
N ASP B 120 -10.49 -53.64 -39.95
CA ASP B 120 -11.15 -54.96 -40.09
C ASP B 120 -10.35 -55.80 -41.11
N SER B 121 -9.94 -55.18 -42.21
CA SER B 121 -9.21 -55.82 -43.34
C SER B 121 -7.86 -56.35 -42.83
N LEU B 122 -7.16 -55.50 -42.06
CA LEU B 122 -5.86 -55.88 -41.45
C LEU B 122 -6.08 -57.04 -40.47
N LEU B 123 -7.14 -57.02 -39.66
CA LEU B 123 -7.36 -58.06 -38.63
C LEU B 123 -7.72 -59.35 -39.35
N ASP B 124 -8.42 -59.28 -40.50
CA ASP B 124 -8.73 -60.46 -41.35
C ASP B 124 -7.42 -61.10 -41.85
N ASP B 125 -6.52 -60.29 -42.39
CA ASP B 125 -5.16 -60.74 -42.76
C ASP B 125 -4.51 -61.41 -41.55
N MET B 126 -4.75 -60.95 -40.35
CA MET B 126 -4.05 -61.49 -39.15
C MET B 126 -4.71 -62.82 -38.79
N VAL B 127 -6.03 -62.97 -38.93
CA VAL B 127 -6.65 -64.26 -38.51
C VAL B 127 -6.30 -65.32 -39.57
N ALA B 128 -6.17 -64.89 -40.84
CA ALA B 128 -5.77 -65.72 -42.00
C ALA B 128 -4.38 -66.27 -41.72
N HIS B 129 -3.43 -65.42 -41.35
CA HIS B 129 -2.05 -65.85 -40.94
C HIS B 129 -2.17 -66.92 -39.86
N GLY B 130 -2.96 -66.65 -38.80
CA GLY B 130 -3.25 -67.59 -37.70
C GLY B 130 -2.45 -67.25 -36.46
N SER B 131 -2.83 -67.86 -35.33
CA SER B 131 -2.28 -67.57 -33.98
C SER B 131 -1.14 -68.52 -33.63
N PRO B 132 0.00 -68.04 -33.09
CA PRO B 132 0.20 -66.62 -32.72
C PRO B 132 0.87 -65.76 -33.82
N ALA B 133 0.74 -64.43 -33.69
CA ALA B 133 1.30 -63.47 -34.68
C ALA B 133 1.76 -62.20 -33.98
N ASP B 134 2.58 -61.44 -34.70
CA ASP B 134 3.11 -60.13 -34.27
C ASP B 134 2.11 -59.00 -34.55
N LEU B 135 1.53 -58.44 -33.52
CA LEU B 135 0.52 -57.36 -33.65
C LEU B 135 1.18 -56.15 -34.30
N VAL B 136 2.48 -55.99 -34.19
CA VAL B 136 3.18 -54.85 -34.83
C VAL B 136 3.16 -54.99 -36.35
N GLU B 137 3.66 -56.09 -36.91
CA GLU B 137 3.63 -56.28 -38.38
C GLU B 137 2.19 -56.25 -38.96
N PHE B 138 1.23 -56.82 -38.27
CA PHE B 138 -0.16 -57.03 -38.76
C PHE B 138 -1.12 -55.85 -38.52
N LEU B 139 -0.95 -55.04 -37.46
CA LEU B 139 -1.88 -53.93 -37.11
C LEU B 139 -1.11 -52.66 -36.82
N ALA B 140 -0.27 -52.65 -35.78
CA ALA B 140 0.35 -51.38 -35.29
C ALA B 140 1.08 -50.59 -36.39
N VAL B 141 1.82 -51.25 -37.25
CA VAL B 141 2.55 -50.54 -38.33
C VAL B 141 1.60 -50.28 -39.50
N PRO B 142 0.96 -51.28 -40.16
CA PRO B 142 0.27 -50.99 -41.43
C PRO B 142 -0.90 -49.98 -41.29
N PHE B 143 -1.61 -50.01 -40.17
CA PHE B 143 -2.90 -49.30 -39.97
C PHE B 143 -2.65 -47.79 -39.97
N PRO B 144 -1.78 -47.25 -39.11
CA PRO B 144 -1.53 -45.81 -39.09
C PRO B 144 -0.78 -45.36 -40.33
N VAL B 145 0.07 -46.19 -40.93
CA VAL B 145 0.76 -45.67 -42.17
C VAL B 145 -0.27 -45.63 -43.31
N ALA B 146 -1.24 -46.55 -43.36
CA ALA B 146 -2.29 -46.53 -44.40
C ALA B 146 -3.17 -45.28 -44.20
N VAL B 147 -3.54 -44.94 -42.96
CA VAL B 147 -4.45 -43.78 -42.73
C VAL B 147 -3.71 -42.50 -43.18
N ILE B 148 -2.47 -42.31 -42.72
CA ILE B 148 -1.85 -40.98 -42.92
C ILE B 148 -1.51 -40.86 -44.39
N CYS B 149 -1.15 -41.95 -45.07
CA CYS B 149 -0.92 -41.95 -46.54
C CYS B 149 -2.16 -41.61 -47.35
N GLU B 150 -3.34 -42.21 -47.08
CA GLU B 150 -4.64 -41.79 -47.72
C GLU B 150 -4.88 -40.29 -47.42
N LEU B 151 -4.71 -39.84 -46.19
CA LEU B 151 -5.14 -38.46 -45.86
C LEU B 151 -4.24 -37.46 -46.61
N LEU B 152 -2.92 -37.70 -46.72
CA LEU B 152 -1.97 -36.71 -47.33
C LEU B 152 -1.92 -36.93 -48.83
N GLY B 153 -2.01 -38.18 -49.25
CA GLY B 153 -1.84 -38.60 -50.64
C GLY B 153 -0.40 -38.98 -50.92
N VAL B 154 0.23 -39.64 -49.96
CA VAL B 154 1.59 -40.24 -50.11
C VAL B 154 1.43 -41.63 -50.69
N PRO B 155 2.10 -41.99 -51.80
CA PRO B 155 2.10 -43.37 -52.31
C PRO B 155 2.61 -44.40 -51.29
N LEU B 156 1.82 -45.44 -51.03
CA LEU B 156 2.14 -46.47 -50.00
C LEU B 156 3.42 -47.20 -50.45
N GLU B 157 3.64 -47.32 -51.77
CA GLU B 157 4.87 -47.93 -52.36
C GLU B 157 6.15 -47.19 -51.90
N ASP B 158 6.07 -45.99 -51.31
CA ASP B 158 7.25 -45.19 -50.88
C ASP B 158 7.52 -45.42 -49.38
N ARG B 159 6.79 -46.33 -48.74
CA ARG B 159 7.03 -46.81 -47.34
C ARG B 159 8.52 -47.02 -47.05
N ASP B 160 9.21 -47.79 -47.88
CA ASP B 160 10.65 -48.07 -47.77
C ASP B 160 11.51 -46.86 -47.49
N LEU B 161 11.14 -45.76 -48.11
CA LEU B 161 11.87 -44.48 -48.12
C LEU B 161 11.35 -43.75 -46.88
N PHE B 162 10.06 -43.55 -46.74
CA PHE B 162 9.66 -42.53 -45.74
C PHE B 162 9.68 -43.13 -44.33
N ARG B 163 9.47 -44.45 -44.18
CA ARG B 163 9.62 -45.05 -42.81
CA ARG B 163 9.63 -45.08 -42.83
C ARG B 163 11.10 -44.93 -42.38
N THR B 164 12.02 -45.27 -43.29
CA THR B 164 13.45 -45.09 -42.99
C THR B 164 13.71 -43.65 -42.55
N PHE B 165 13.26 -42.65 -43.31
CA PHE B 165 13.46 -41.21 -42.98
C PHE B 165 12.86 -40.94 -41.61
N SER B 166 11.64 -41.35 -41.40
CA SER B 166 10.87 -41.07 -40.18
C SER B 166 11.64 -41.59 -38.96
N ASP B 167 12.04 -42.86 -38.97
CA ASP B 167 12.72 -43.49 -37.81
C ASP B 167 14.01 -42.70 -37.52
N ALA B 168 14.84 -42.40 -38.52
CA ALA B 168 16.11 -41.63 -38.41
C ALA B 168 15.85 -40.27 -37.77
N MET B 169 14.77 -39.61 -38.13
CA MET B 169 14.49 -38.25 -37.63
C MET B 169 13.90 -38.27 -36.23
N LEU B 170 13.38 -39.40 -35.76
CA LEU B 170 13.00 -39.55 -34.35
C LEU B 170 14.16 -40.02 -33.46
N SER B 171 15.41 -40.07 -33.94
CA SER B 171 16.57 -40.49 -33.09
C SER B 171 16.85 -39.43 -32.04
N SER B 172 16.96 -39.87 -30.78
CA SER B 172 17.52 -39.06 -29.65
C SER B 172 19.04 -39.20 -29.66
N THR B 173 19.58 -40.42 -29.49
CA THR B 173 21.03 -40.72 -29.35
C THR B 173 21.50 -41.69 -30.43
N ARG B 174 20.58 -42.27 -31.19
CA ARG B 174 20.73 -43.45 -32.10
C ARG B 174 21.66 -43.11 -33.26
N LEU B 175 21.60 -41.90 -33.84
CA LEU B 175 22.44 -41.53 -35.02
C LEU B 175 23.08 -40.16 -34.79
N THR B 176 24.13 -39.89 -35.56
CA THR B 176 24.86 -38.60 -35.60
C THR B 176 23.97 -37.50 -36.18
N ALA B 177 24.19 -36.26 -35.78
CA ALA B 177 23.60 -35.06 -36.40
C ALA B 177 23.83 -35.06 -37.91
N ALA B 178 25.03 -35.33 -38.40
CA ALA B 178 25.37 -35.38 -39.85
C ALA B 178 24.48 -36.40 -40.60
N GLU B 179 24.31 -37.61 -40.06
CA GLU B 179 23.41 -38.66 -40.62
C GLU B 179 21.96 -38.15 -40.63
N ILE B 180 21.47 -37.55 -39.55
CA ILE B 180 20.08 -37.07 -39.50
C ILE B 180 19.91 -35.87 -40.46
N GLN B 181 20.85 -34.94 -40.52
CA GLN B 181 20.75 -33.82 -41.48
C GLN B 181 20.51 -34.32 -42.92
N ARG B 182 21.26 -35.30 -43.40
CA ARG B 182 21.13 -35.77 -44.78
C ARG B 182 19.75 -36.43 -45.00
N VAL B 183 19.21 -37.11 -44.00
CA VAL B 183 17.84 -37.69 -44.06
C VAL B 183 16.86 -36.52 -44.19
N GLN B 184 17.01 -35.48 -43.40
CA GLN B 184 16.07 -34.33 -43.46
C GLN B 184 16.07 -33.77 -44.86
N GLN B 185 17.24 -33.51 -45.42
CA GLN B 185 17.40 -32.95 -46.77
C GLN B 185 16.70 -33.86 -47.81
N ASP B 186 16.89 -35.17 -47.73
CA ASP B 186 16.27 -36.16 -48.65
C ASP B 186 14.75 -36.11 -48.43
N PHE B 187 14.29 -35.89 -47.20
CA PHE B 187 12.84 -35.83 -46.92
C PHE B 187 12.24 -34.56 -47.52
N MET B 188 12.96 -33.44 -47.41
CA MET B 188 12.42 -32.17 -47.93
C MET B 188 12.31 -32.27 -49.46
N VAL B 189 13.26 -32.91 -50.10
CA VAL B 189 13.30 -33.05 -51.58
C VAL B 189 12.15 -33.96 -52.02
N TYR B 190 11.97 -35.09 -51.33
CA TYR B 190 10.86 -36.05 -51.54
C TYR B 190 9.51 -35.34 -51.40
N MET B 191 9.25 -34.74 -50.23
CA MET B 191 7.98 -34.01 -49.93
C MET B 191 7.77 -32.90 -50.96
N ASP B 192 8.80 -32.12 -51.35
CA ASP B 192 8.64 -30.94 -52.25
C ASP B 192 8.13 -31.46 -53.57
N GLY B 193 8.66 -32.62 -54.02
CA GLY B 193 8.27 -33.26 -55.27
C GLY B 193 6.79 -33.58 -55.20
N LEU B 194 6.35 -34.19 -54.10
CA LEU B 194 4.93 -34.61 -53.95
C LEU B 194 4.04 -33.38 -54.03
N VAL B 195 4.37 -32.30 -53.35
CA VAL B 195 3.49 -31.10 -53.42
C VAL B 195 3.56 -30.55 -54.84
N ALA B 196 4.76 -30.38 -55.41
CA ALA B 196 4.96 -29.71 -56.71
C ALA B 196 4.13 -30.37 -57.82
N GLN B 197 3.83 -31.67 -57.73
CA GLN B 197 2.97 -32.39 -58.72
C GLN B 197 1.55 -31.80 -58.82
N ARG B 198 1.04 -31.18 -57.76
CA ARG B 198 -0.41 -30.90 -57.55
C ARG B 198 -0.76 -29.43 -57.88
N ARG B 199 0.13 -28.67 -58.50
CA ARG B 199 -0.18 -27.29 -58.97
C ARG B 199 -0.88 -27.38 -60.34
N ASP B 200 -0.49 -28.34 -61.20
CA ASP B 200 -1.11 -28.63 -62.53
C ASP B 200 -2.15 -29.77 -62.41
N ALA B 201 -2.21 -30.47 -61.27
CA ALA B 201 -3.03 -31.70 -61.06
C ALA B 201 -3.71 -31.68 -59.69
N PRO B 202 -4.52 -30.63 -59.38
CA PRO B 202 -5.01 -30.39 -58.01
C PRO B 202 -5.91 -31.51 -57.45
N THR B 203 -5.72 -31.87 -56.18
CA THR B 203 -6.19 -33.17 -55.59
C THR B 203 -7.18 -32.92 -54.44
N GLU B 204 -7.81 -34.00 -53.94
CA GLU B 204 -8.69 -33.86 -52.74
C GLU B 204 -7.85 -34.24 -51.52
N ASP B 205 -6.55 -34.44 -51.72
CA ASP B 205 -5.65 -34.86 -50.61
C ASP B 205 -5.14 -33.63 -49.87
N LEU B 206 -4.54 -33.82 -48.69
CA LEU B 206 -4.01 -32.68 -47.89
C LEU B 206 -2.88 -32.01 -48.68
N LEU B 207 -2.03 -32.79 -49.34
CA LEU B 207 -0.90 -32.23 -50.12
C LEU B 207 -1.49 -31.32 -51.19
N GLY B 208 -2.66 -31.65 -51.72
CA GLY B 208 -3.42 -30.74 -52.62
C GLY B 208 -3.61 -29.37 -52.00
N ALA B 209 -4.07 -29.33 -50.76
CA ALA B 209 -4.19 -28.08 -49.99
C ALA B 209 -2.83 -27.36 -49.91
N LEU B 210 -1.76 -28.10 -49.59
CA LEU B 210 -0.40 -27.52 -49.40
C LEU B 210 0.04 -26.93 -50.74
N ALA B 211 -0.30 -27.58 -51.84
CA ALA B 211 0.13 -27.13 -53.17
C ALA B 211 -0.54 -25.80 -53.49
N LEU B 212 -1.86 -25.77 -53.38
CA LEU B 212 -2.72 -24.57 -53.55
C LEU B 212 -2.10 -23.34 -52.87
N ALA B 213 -1.44 -23.53 -51.72
CA ALA B 213 -0.94 -22.43 -50.85
C ALA B 213 0.45 -21.93 -51.28
N THR B 214 1.21 -22.76 -52.00
CA THR B 214 2.56 -22.38 -52.52
C THR B 214 2.38 -21.28 -53.58
N ASP B 215 1.17 -21.20 -54.17
CA ASP B 215 0.79 -20.27 -55.28
C ASP B 215 0.10 -19.00 -54.75
N ASN B 216 -0.90 -19.15 -53.86
CA ASN B 216 -1.63 -18.00 -53.24
C ASN B 216 -1.36 -17.97 -51.72
N ASP B 217 -0.37 -17.21 -51.24
CA ASP B 217 -0.28 -16.86 -49.78
C ASP B 217 0.71 -15.71 -49.57
N ASP B 218 0.40 -14.86 -48.57
CA ASP B 218 1.13 -13.61 -48.21
C ASP B 218 2.38 -13.95 -47.40
N HIS B 219 2.23 -14.72 -46.30
CA HIS B 219 3.26 -14.87 -45.23
C HIS B 219 3.98 -16.22 -45.34
N LEU B 220 3.53 -17.12 -46.23
CA LEU B 220 3.99 -18.54 -46.16
C LEU B 220 5.03 -18.80 -47.25
N THR B 221 6.24 -19.20 -46.82
CA THR B 221 7.37 -19.71 -47.66
C THR B 221 7.06 -21.16 -48.07
N LYS B 222 7.64 -21.59 -49.19
CA LYS B 222 7.56 -22.98 -49.71
C LYS B 222 8.22 -23.93 -48.70
N GLY B 223 9.28 -23.52 -48.03
CA GLY B 223 9.91 -24.38 -47.01
C GLY B 223 8.98 -24.67 -45.83
N GLU B 224 8.26 -23.64 -45.36
CA GLU B 224 7.21 -23.74 -44.30
C GLU B 224 6.13 -24.70 -44.80
N ILE B 225 5.63 -24.48 -46.00
CA ILE B 225 4.52 -25.32 -46.53
C ILE B 225 5.00 -26.76 -46.64
N VAL B 226 6.13 -27.00 -47.29
CA VAL B 226 6.59 -28.39 -47.60
C VAL B 226 6.89 -29.12 -46.28
N ASN B 227 7.50 -28.41 -45.34
CA ASN B 227 7.94 -28.95 -44.04
C ASN B 227 6.72 -29.42 -43.21
N MET B 228 5.54 -28.86 -43.45
CA MET B 228 4.30 -29.32 -42.81
C MET B 228 3.97 -30.74 -43.28
N GLY B 229 4.08 -30.99 -44.56
CA GLY B 229 3.99 -32.33 -45.15
C GLY B 229 4.87 -33.31 -44.45
N VAL B 230 6.15 -32.97 -44.28
CA VAL B 230 7.12 -33.85 -43.59
C VAL B 230 6.67 -34.11 -42.16
N SER B 231 6.25 -33.07 -41.45
CA SER B 231 5.86 -33.10 -40.02
C SER B 231 4.63 -34.01 -39.83
N LEU B 232 3.59 -33.83 -40.66
CA LEU B 232 2.33 -34.60 -40.54
C LEU B 232 2.63 -36.04 -40.91
N LEU B 233 3.43 -36.30 -41.94
CA LEU B 233 3.73 -37.70 -42.35
C LEU B 233 4.50 -38.43 -41.22
N ILE B 234 5.50 -37.83 -40.57
CA ILE B 234 6.33 -38.49 -39.53
C ILE B 234 5.51 -38.68 -38.26
N ALA B 235 4.97 -37.59 -37.68
CA ALA B 235 4.18 -37.68 -36.45
C ALA B 235 2.93 -38.54 -36.69
N GLY B 236 2.26 -38.32 -37.81
CA GLY B 236 1.00 -38.97 -38.19
C GLY B 236 1.06 -40.48 -38.03
N HIS B 237 2.19 -41.12 -38.31
CA HIS B 237 2.25 -42.59 -38.10
C HIS B 237 3.09 -42.96 -36.89
N GLU B 238 4.20 -42.26 -36.59
CA GLU B 238 5.15 -42.74 -35.56
C GLU B 238 4.48 -42.76 -34.18
N THR B 239 3.72 -41.72 -33.80
CA THR B 239 3.01 -41.70 -32.51
C THR B 239 2.06 -42.90 -32.42
N SER B 240 1.18 -43.02 -33.41
CA SER B 240 0.09 -44.00 -33.40
C SER B 240 0.66 -45.41 -33.38
N VAL B 241 1.62 -45.71 -34.26
CA VAL B 241 2.27 -47.05 -34.36
C VAL B 241 2.70 -47.45 -32.96
N ASN B 242 3.45 -46.59 -32.28
CA ASN B 242 4.03 -46.94 -30.95
C ASN B 242 2.91 -47.04 -29.93
N GLN B 243 1.94 -46.15 -30.06
CA GLN B 243 0.90 -45.97 -29.05
C GLN B 243 -0.08 -47.15 -29.15
N ILE B 244 -0.25 -47.77 -30.31
CA ILE B 244 -1.14 -48.96 -30.37
C ILE B 244 -0.52 -50.07 -29.53
N THR B 245 0.80 -50.25 -29.62
CA THR B 245 1.56 -51.31 -28.91
C THR B 245 1.57 -50.97 -27.41
N ASN B 246 1.77 -49.72 -27.07
CA ASN B 246 1.83 -49.30 -25.64
C ASN B 246 0.51 -49.62 -24.90
N LEU B 247 -0.65 -49.27 -25.48
CA LEU B 247 -2.00 -49.56 -24.94
C LEU B 247 -2.25 -51.06 -24.84
N VAL B 248 -1.91 -51.88 -25.85
CA VAL B 248 -2.08 -53.37 -25.79
C VAL B 248 -1.19 -53.92 -24.67
N HIS B 249 0.04 -53.45 -24.56
CA HIS B 249 0.96 -53.83 -23.45
C HIS B 249 0.27 -53.60 -22.10
N LEU B 250 -0.20 -52.36 -21.83
CA LEU B 250 -0.91 -52.04 -20.56
C LEU B 250 -2.10 -53.00 -20.38
N LEU B 251 -2.93 -53.21 -21.40
CA LEU B 251 -4.19 -54.00 -21.25
C LEU B 251 -3.86 -55.47 -20.95
N LEU B 252 -2.76 -56.00 -21.50
CA LEU B 252 -2.47 -57.47 -21.41
C LEU B 252 -1.50 -57.80 -20.27
N THR B 253 -0.68 -56.88 -19.78
CA THR B 253 0.23 -57.18 -18.64
C THR B 253 -0.57 -57.32 -17.35
N GLU B 254 -1.72 -56.64 -17.23
CA GLU B 254 -2.73 -56.89 -16.16
C GLU B 254 -4.06 -57.14 -16.84
N ARG B 255 -4.32 -58.38 -17.28
CA ARG B 255 -5.54 -58.67 -18.11
C ARG B 255 -6.83 -58.04 -17.56
N LYS B 256 -6.98 -57.93 -16.24
CA LYS B 256 -8.23 -57.34 -15.68
C LYS B 256 -8.63 -56.13 -16.52
N ARG B 257 -7.65 -55.38 -17.04
CA ARG B 257 -7.92 -54.18 -17.84
C ARG B 257 -8.48 -54.59 -19.20
N TYR B 258 -7.85 -55.55 -19.89
CA TYR B 258 -8.35 -56.04 -21.19
C TYR B 258 -9.76 -56.59 -21.00
N GLU B 259 -9.93 -57.51 -20.06
CA GLU B 259 -11.26 -58.12 -19.74
C GLU B 259 -12.32 -57.03 -19.49
N SER B 260 -11.98 -55.87 -18.91
CA SER B 260 -13.03 -54.87 -18.59
C SER B 260 -13.51 -54.28 -19.91
N LEU B 261 -12.64 -54.14 -20.93
CA LEU B 261 -13.03 -53.57 -22.25
C LEU B 261 -13.81 -54.64 -23.01
N VAL B 262 -13.42 -55.91 -22.88
CA VAL B 262 -14.15 -57.05 -23.52
C VAL B 262 -15.61 -57.07 -23.05
N ALA B 263 -15.86 -56.92 -21.74
CA ALA B 263 -17.20 -56.97 -21.07
C ALA B 263 -18.07 -55.80 -21.54
N ASP B 264 -17.45 -54.65 -21.81
CA ASP B 264 -18.12 -53.35 -22.09
C ASP B 264 -17.32 -52.56 -23.11
N PRO B 265 -17.44 -52.81 -24.42
CA PRO B 265 -16.65 -52.07 -25.40
C PRO B 265 -16.93 -50.57 -25.53
N ALA B 266 -18.02 -50.03 -24.94
CA ALA B 266 -18.33 -48.57 -24.92
C ALA B 266 -17.37 -47.81 -24.01
N LEU B 267 -16.66 -48.50 -23.10
CA LEU B 267 -15.63 -47.99 -22.15
C LEU B 267 -14.30 -47.70 -22.86
N VAL B 268 -14.15 -48.13 -24.12
CA VAL B 268 -12.87 -47.97 -24.87
C VAL B 268 -12.45 -46.50 -24.90
N PRO B 269 -13.29 -45.56 -25.39
CA PRO B 269 -12.87 -44.16 -25.50
C PRO B 269 -12.28 -43.61 -24.18
N ALA B 270 -12.94 -43.86 -23.04
CA ALA B 270 -12.48 -43.39 -21.72
C ALA B 270 -11.16 -44.12 -21.39
N ALA B 271 -11.10 -45.41 -21.64
CA ALA B 271 -9.85 -46.21 -21.47
C ALA B 271 -8.73 -45.61 -22.34
N VAL B 272 -9.06 -45.14 -23.54
CA VAL B 272 -7.99 -44.54 -24.40
C VAL B 272 -7.46 -43.24 -23.79
N GLU B 273 -8.30 -42.36 -23.22
CA GLU B 273 -7.90 -41.11 -22.58
C GLU B 273 -6.98 -41.45 -21.40
N GLU B 274 -7.38 -42.43 -20.61
CA GLU B 274 -6.65 -42.83 -19.39
C GLU B 274 -5.29 -43.40 -19.75
N MET B 275 -5.19 -44.24 -20.78
CA MET B 275 -3.88 -44.81 -21.20
CA MET B 275 -3.87 -44.81 -21.16
C MET B 275 -3.06 -43.73 -21.91
N LEU B 276 -3.69 -42.79 -22.59
CA LEU B 276 -2.86 -41.67 -23.15
C LEU B 276 -2.17 -40.94 -21.99
N ARG B 277 -2.88 -40.61 -20.92
CA ARG B 277 -2.32 -39.94 -19.72
C ARG B 277 -1.18 -40.77 -19.15
N TYR B 278 -1.40 -42.06 -18.97
CA TYR B 278 -0.57 -42.93 -18.11
C TYR B 278 0.68 -43.44 -18.84
N THR B 279 0.65 -43.45 -20.18
CA THR B 279 1.77 -43.98 -21.02
C THR B 279 2.78 -42.88 -21.30
N PRO B 280 4.06 -43.10 -20.90
CA PRO B 280 5.14 -42.18 -21.22
C PRO B 280 5.65 -42.34 -22.66
N LEU B 281 4.80 -41.96 -23.59
CA LEU B 281 5.12 -42.09 -25.03
C LEU B 281 6.37 -41.25 -25.29
N VAL B 282 6.40 -40.04 -24.80
CA VAL B 282 7.52 -39.12 -25.13
C VAL B 282 8.65 -39.46 -24.14
N SER B 283 9.80 -39.85 -24.65
CA SER B 283 10.92 -40.39 -23.86
C SER B 283 11.35 -39.34 -22.83
N ALA B 284 11.68 -38.11 -23.26
CA ALA B 284 12.15 -37.07 -22.33
C ALA B 284 11.95 -35.68 -22.90
N GLY B 285 11.49 -34.76 -22.06
CA GLY B 285 11.41 -33.35 -22.40
C GLY B 285 10.49 -33.14 -23.58
N SER B 286 10.73 -32.02 -24.24
CA SER B 286 9.87 -31.38 -25.25
C SER B 286 10.75 -30.49 -26.07
N PHE B 287 10.22 -29.98 -27.15
CA PHE B 287 10.79 -28.82 -27.84
C PHE B 287 10.88 -27.76 -26.77
N VAL B 288 11.95 -26.98 -26.84
CA VAL B 288 12.33 -25.95 -25.83
C VAL B 288 11.53 -24.69 -26.07
N ARG B 289 11.08 -24.10 -24.97
CA ARG B 289 10.38 -22.82 -24.90
C ARG B 289 11.35 -21.88 -24.20
N VAL B 290 11.69 -20.74 -24.79
CA VAL B 290 12.53 -19.68 -24.18
C VAL B 290 11.62 -18.56 -23.75
N ALA B 291 11.67 -18.16 -22.49
CA ALA B 291 10.93 -16.98 -21.97
C ALA B 291 11.38 -15.75 -22.75
N THR B 292 10.44 -14.91 -23.13
CA THR B 292 10.72 -13.63 -23.81
C THR B 292 10.64 -12.49 -22.79
N GLU B 293 10.01 -12.78 -21.66
CA GLU B 293 10.03 -11.98 -20.41
C GLU B 293 9.87 -12.88 -19.17
N ASP B 294 10.04 -12.29 -18.01
CA ASP B 294 10.00 -13.05 -16.74
C ASP B 294 8.63 -13.71 -16.59
N VAL B 295 8.59 -14.99 -16.32
CA VAL B 295 7.37 -15.76 -16.04
C VAL B 295 7.53 -16.40 -14.66
N GLU B 296 6.52 -16.25 -13.82
CA GLU B 296 6.45 -16.91 -12.52
C GLU B 296 5.96 -18.36 -12.67
N LEU B 297 6.77 -19.32 -12.25
CA LEU B 297 6.31 -20.73 -12.13
C LEU B 297 6.06 -21.00 -10.63
N SER B 298 5.52 -22.15 -10.24
CA SER B 298 5.25 -22.50 -8.82
C SER B 298 6.44 -22.09 -7.93
N THR B 299 7.68 -22.46 -8.28
CA THR B 299 8.80 -22.27 -7.32
C THR B 299 9.87 -21.33 -7.79
N VAL B 300 9.78 -20.80 -8.99
CA VAL B 300 10.86 -19.94 -9.51
C VAL B 300 10.28 -18.98 -10.54
N THR B 301 10.92 -17.84 -10.66
CA THR B 301 10.69 -16.85 -11.75
C THR B 301 11.69 -17.14 -12.85
N VAL B 302 11.23 -17.66 -13.99
CA VAL B 302 12.09 -17.83 -15.18
C VAL B 302 12.38 -16.46 -15.78
N ARG B 303 13.65 -16.20 -16.05
CA ARG B 303 14.08 -14.93 -16.67
C ARG B 303 13.95 -15.04 -18.19
N ALA B 304 13.72 -13.91 -18.84
CA ALA B 304 13.81 -13.70 -20.30
C ALA B 304 15.12 -14.31 -20.76
N GLY B 305 15.09 -15.16 -21.78
CA GLY B 305 16.32 -15.74 -22.38
C GLY B 305 16.61 -17.12 -21.80
N GLU B 306 15.88 -17.54 -20.76
CA GLU B 306 16.12 -18.83 -20.09
C GLU B 306 15.25 -19.87 -20.77
N PRO B 307 15.88 -20.98 -21.26
CA PRO B 307 15.14 -22.08 -21.84
C PRO B 307 14.46 -23.02 -20.86
N CYS B 308 13.31 -23.54 -21.21
CA CYS B 308 12.58 -24.52 -20.40
C CYS B 308 12.19 -25.70 -21.27
N VAL B 309 11.86 -26.78 -20.62
CA VAL B 309 11.45 -28.03 -21.27
C VAL B 309 10.44 -28.69 -20.33
N VAL B 310 9.42 -29.33 -20.89
CA VAL B 310 8.35 -29.97 -20.10
C VAL B 310 8.50 -31.47 -20.25
N HIS B 311 8.26 -32.27 -19.22
CA HIS B 311 8.14 -33.72 -19.37
C HIS B 311 6.67 -34.09 -19.24
N PHE B 312 6.04 -34.35 -20.37
CA PHE B 312 4.57 -34.50 -20.48
C PHE B 312 4.08 -35.58 -19.50
N ALA B 313 4.77 -36.69 -19.46
CA ALA B 313 4.38 -37.88 -18.71
C ALA B 313 4.41 -37.52 -17.23
N SER B 314 5.31 -36.63 -16.80
CA SER B 314 5.39 -36.29 -15.36
C SER B 314 4.15 -35.45 -15.01
N ALA B 315 3.83 -34.43 -15.79
CA ALA B 315 2.62 -33.62 -15.62
C ALA B 315 1.37 -34.51 -15.57
N ASN B 316 1.34 -35.56 -16.38
CA ASN B 316 0.21 -36.53 -16.37
C ASN B 316 0.15 -37.42 -15.12
N ARG B 317 1.17 -37.35 -14.26
CA ARG B 317 1.19 -38.13 -12.99
C ARG B 317 1.22 -37.16 -11.81
N ASP B 318 0.64 -35.97 -11.99
CA ASP B 318 0.63 -34.92 -10.94
C ASP B 318 -0.49 -35.20 -9.93
N GLU B 319 -0.15 -35.50 -8.66
CA GLU B 319 -1.12 -35.96 -7.63
C GLU B 319 -2.03 -34.79 -7.21
N GLU B 320 -1.65 -33.56 -7.55
CA GLU B 320 -2.47 -32.38 -7.20
C GLU B 320 -3.67 -32.38 -8.14
N VAL B 321 -3.57 -33.03 -9.30
CA VAL B 321 -4.56 -32.99 -10.41
C VAL B 321 -5.34 -34.30 -10.50
N PHE B 322 -4.67 -35.44 -10.52
CA PHE B 322 -5.34 -36.76 -10.67
C PHE B 322 -5.30 -37.49 -9.33
N ASP B 323 -6.44 -37.98 -8.85
CA ASP B 323 -6.52 -38.85 -7.66
C ASP B 323 -5.93 -40.19 -8.06
N HIS B 324 -5.25 -40.87 -7.14
CA HIS B 324 -4.49 -42.12 -7.38
C HIS B 324 -3.81 -42.06 -8.75
N ALA B 325 -2.89 -41.11 -8.95
CA ALA B 325 -2.34 -40.74 -10.27
C ALA B 325 -1.48 -41.85 -10.86
N ASP B 326 -0.76 -42.56 -10.01
CA ASP B 326 0.14 -43.70 -10.35
C ASP B 326 -0.70 -44.96 -10.64
N GLU B 327 -2.04 -44.86 -10.70
CA GLU B 327 -2.93 -46.01 -11.02
C GLU B 327 -3.78 -45.74 -12.28
N LEU B 328 -3.99 -46.80 -13.06
CA LEU B 328 -4.75 -46.79 -14.33
C LEU B 328 -6.21 -47.10 -14.00
N ASP B 329 -7.10 -46.13 -14.22
CA ASP B 329 -8.51 -46.23 -13.80
C ASP B 329 -9.37 -45.72 -14.96
N PHE B 330 -10.15 -46.61 -15.57
CA PHE B 330 -10.93 -46.33 -16.80
C PHE B 330 -12.20 -45.54 -16.44
N HIS B 331 -12.43 -45.35 -15.15
CA HIS B 331 -13.70 -44.81 -14.60
C HIS B 331 -13.48 -43.45 -13.92
N ARG B 332 -12.36 -42.77 -14.15
CA ARG B 332 -12.12 -41.39 -13.65
C ARG B 332 -13.17 -40.44 -14.22
N GLU B 333 -13.68 -39.49 -13.43
CA GLU B 333 -14.62 -38.45 -13.95
C GLU B 333 -13.85 -37.41 -14.77
N ARG B 334 -12.75 -36.90 -14.24
CA ARG B 334 -11.97 -35.78 -14.80
C ARG B 334 -10.60 -36.34 -15.23
N ASN B 335 -10.33 -36.26 -16.53
CA ASN B 335 -9.00 -36.61 -17.12
C ASN B 335 -8.39 -35.48 -17.93
N PRO B 336 -8.02 -34.33 -17.36
CA PRO B 336 -7.39 -33.27 -18.15
C PRO B 336 -5.90 -33.49 -18.42
N HIS B 337 -5.54 -34.58 -19.09
CA HIS B 337 -4.13 -34.92 -19.38
C HIS B 337 -3.56 -33.97 -20.44
N ILE B 338 -2.25 -33.99 -20.62
CA ILE B 338 -1.59 -33.22 -21.69
C ILE B 338 -0.71 -34.20 -22.48
N ALA B 339 -1.22 -35.41 -22.75
CA ALA B 339 -0.54 -36.38 -23.64
C ALA B 339 -0.32 -35.79 -25.03
N PHE B 340 -1.18 -34.85 -25.42
CA PHE B 340 -1.17 -34.15 -26.72
C PHE B 340 -0.61 -32.74 -26.58
N GLY B 341 0.05 -32.42 -25.48
CA GLY B 341 0.54 -31.05 -25.27
C GLY B 341 -0.60 -30.13 -24.87
N HIS B 342 -0.42 -28.84 -25.12
CA HIS B 342 -1.22 -27.74 -24.53
C HIS B 342 -0.85 -26.42 -25.21
N GLY B 343 -1.78 -25.47 -25.20
CA GLY B 343 -1.56 -24.16 -25.82
C GLY B 343 -1.34 -24.27 -27.33
N ALA B 344 -0.59 -23.37 -27.91
CA ALA B 344 -0.57 -23.15 -29.34
C ALA B 344 -0.18 -24.45 -30.04
N HIS B 345 0.77 -25.21 -29.53
CA HIS B 345 1.32 -26.37 -30.27
C HIS B 345 0.60 -27.64 -29.86
N HIS B 346 -0.53 -27.54 -29.15
CA HIS B 346 -1.43 -28.71 -28.89
C HIS B 346 -1.49 -29.54 -30.18
N CYS B 347 -1.36 -30.83 -30.06
CA CYS B 347 -1.22 -31.76 -31.19
C CYS B 347 -2.34 -31.52 -32.20
N ILE B 348 -1.94 -31.21 -33.43
CA ILE B 348 -2.88 -30.99 -34.57
C ILE B 348 -3.59 -32.31 -34.92
N GLY B 349 -2.95 -33.45 -34.67
CA GLY B 349 -3.51 -34.76 -35.01
C GLY B 349 -4.23 -35.41 -33.84
N ALA B 350 -4.51 -34.71 -32.75
CA ALA B 350 -5.01 -35.36 -31.51
C ALA B 350 -6.31 -36.16 -31.80
N GLN B 351 -7.20 -35.63 -32.63
CA GLN B 351 -8.52 -36.29 -32.86
C GLN B 351 -8.26 -37.51 -33.75
N LEU B 352 -7.36 -37.38 -34.73
CA LEU B 352 -7.01 -38.53 -35.58
C LEU B 352 -6.37 -39.63 -34.73
N GLY B 353 -5.42 -39.28 -33.86
CA GLY B 353 -4.82 -40.25 -32.94
C GLY B 353 -5.87 -40.97 -32.10
N ARG B 354 -6.81 -40.24 -31.50
CA ARG B 354 -7.86 -40.83 -30.65
C ARG B 354 -8.73 -41.78 -31.48
N LEU B 355 -9.07 -41.35 -32.71
CA LEU B 355 -9.88 -42.21 -33.63
C LEU B 355 -9.13 -43.52 -33.85
N GLU B 356 -7.85 -43.49 -34.21
CA GLU B 356 -7.09 -44.72 -34.56
C GLU B 356 -7.01 -45.66 -33.34
N LEU B 357 -6.62 -45.14 -32.18
CA LEU B 357 -6.56 -45.95 -30.93
C LEU B 357 -7.98 -46.49 -30.62
N GLN B 358 -9.01 -45.66 -30.74
CA GLN B 358 -10.38 -46.10 -30.43
C GLN B 358 -10.78 -47.27 -31.35
N GLU B 359 -10.60 -47.13 -32.66
CA GLU B 359 -11.04 -48.19 -33.62
C GLU B 359 -10.15 -49.45 -33.50
N ALA B 360 -8.86 -49.29 -33.20
CA ALA B 360 -7.91 -50.43 -33.06
C ALA B 360 -8.38 -51.24 -31.86
N LEU B 361 -8.56 -50.61 -30.69
CA LEU B 361 -8.81 -51.34 -29.44
C LEU B 361 -10.21 -51.95 -29.53
N SER B 362 -11.19 -51.13 -29.90
CA SER B 362 -12.60 -51.56 -29.96
C SER B 362 -12.71 -52.82 -30.85
N ALA B 363 -12.05 -52.85 -32.01
CA ALA B 363 -11.99 -54.02 -32.90
C ALA B 363 -11.35 -55.23 -32.21
N LEU B 364 -10.21 -55.07 -31.51
CA LEU B 364 -9.49 -56.20 -30.84
C LEU B 364 -10.38 -56.80 -29.76
N VAL B 365 -11.01 -55.94 -29.01
CA VAL B 365 -11.76 -56.30 -27.79
C VAL B 365 -13.08 -56.96 -28.19
N ARG B 366 -13.60 -56.69 -29.38
CA ARG B 366 -14.89 -57.29 -29.82
C ARG B 366 -14.57 -58.64 -30.47
N ARG B 367 -13.51 -58.73 -31.24
CA ARG B 367 -13.21 -59.89 -32.12
C ARG B 367 -12.25 -60.89 -31.45
N PHE B 368 -11.43 -60.46 -30.51
CA PHE B 368 -10.42 -61.32 -29.83
C PHE B 368 -10.57 -61.20 -28.33
N PRO B 369 -11.72 -61.64 -27.77
CA PRO B 369 -11.89 -61.69 -26.32
C PRO B 369 -10.80 -62.56 -25.70
N THR B 370 -10.18 -63.50 -26.43
CA THR B 370 -9.13 -64.43 -25.88
C THR B 370 -7.70 -63.91 -26.07
N LEU B 371 -7.52 -62.69 -26.57
CA LEU B 371 -6.21 -62.12 -26.97
C LEU B 371 -5.28 -62.13 -25.74
N ASP B 372 -4.04 -62.54 -25.88
CA ASP B 372 -3.05 -62.56 -24.77
C ASP B 372 -1.64 -62.37 -25.35
N LEU B 373 -0.70 -61.87 -24.52
CA LEU B 373 0.73 -61.77 -24.85
C LEU B 373 1.30 -63.18 -24.97
N ALA B 374 1.98 -63.48 -26.07
CA ALA B 374 2.55 -64.81 -26.41
C ALA B 374 4.08 -64.75 -26.60
N GLU B 375 4.75 -63.73 -26.06
CA GLU B 375 6.23 -63.73 -25.85
C GLU B 375 6.49 -63.27 -24.42
N PRO B 376 7.60 -63.74 -23.82
CA PRO B 376 7.90 -63.37 -22.43
C PRO B 376 8.05 -61.85 -22.29
N VAL B 377 7.49 -61.31 -21.20
CA VAL B 377 7.59 -59.87 -20.82
C VAL B 377 9.05 -59.42 -20.76
N ALA B 378 9.87 -60.26 -20.12
CA ALA B 378 11.32 -60.07 -19.85
C ALA B 378 12.08 -59.77 -21.14
N GLY B 379 11.64 -60.34 -22.26
CA GLY B 379 12.34 -60.30 -23.57
C GLY B 379 11.67 -59.37 -24.57
N LEU B 380 10.75 -58.52 -24.13
CA LEU B 380 10.11 -57.52 -25.01
C LEU B 380 11.16 -56.52 -25.51
N LYS B 381 11.08 -56.28 -26.80
CA LYS B 381 12.05 -55.44 -27.53
C LYS B 381 11.57 -54.00 -27.54
N TRP B 382 11.81 -53.29 -26.47
CA TRP B 382 11.50 -51.84 -26.39
C TRP B 382 12.48 -51.06 -27.27
N LYS B 383 11.98 -50.09 -27.99
CA LYS B 383 12.84 -49.27 -28.88
C LYS B 383 13.84 -48.47 -28.04
N GLN B 384 15.09 -48.43 -28.47
CA GLN B 384 16.21 -47.72 -27.77
C GLN B 384 16.57 -46.47 -28.58
N GLY B 385 16.86 -45.38 -27.91
CA GLY B 385 17.52 -44.20 -28.50
C GLY B 385 16.64 -43.38 -29.44
N MET B 386 15.33 -43.30 -29.19
CA MET B 386 14.37 -42.48 -30.00
C MET B 386 13.65 -41.51 -29.07
N LEU B 387 13.10 -40.41 -29.63
CA LEU B 387 12.30 -39.40 -28.91
C LEU B 387 11.02 -40.00 -28.37
N ILE B 388 10.64 -41.23 -28.77
CA ILE B 388 9.43 -41.92 -28.26
C ILE B 388 9.75 -43.36 -27.85
N ARG B 389 8.86 -43.89 -27.01
CA ARG B 389 9.01 -45.30 -26.61
C ARG B 389 8.01 -46.11 -27.41
N GLY B 390 8.09 -47.43 -27.32
CA GLY B 390 7.18 -48.37 -27.99
C GLY B 390 7.87 -49.69 -28.28
N LEU B 391 7.12 -50.71 -28.70
CA LEU B 391 7.64 -52.08 -28.92
C LEU B 391 8.02 -52.25 -30.39
N GLU B 392 9.14 -52.91 -30.68
CA GLU B 392 9.53 -53.17 -32.10
C GLU B 392 8.83 -54.45 -32.54
N ARG B 393 8.25 -55.17 -31.60
CA ARG B 393 7.52 -56.43 -31.85
C ARG B 393 6.62 -56.80 -30.66
N GLN B 394 5.45 -57.36 -30.94
CA GLN B 394 4.49 -57.74 -29.88
C GLN B 394 3.72 -58.99 -30.32
N ILE B 395 4.22 -60.18 -29.99
CA ILE B 395 3.59 -61.44 -30.43
C ILE B 395 2.45 -61.75 -29.45
N VAL B 396 1.27 -62.02 -30.03
CA VAL B 396 0.00 -62.24 -29.28
C VAL B 396 -0.59 -63.56 -29.79
N SER B 397 -1.35 -64.22 -28.94
CA SER B 397 -2.25 -65.36 -29.30
C SER B 397 -3.70 -64.96 -29.07
N TRP B 398 -4.61 -65.80 -29.54
CA TRP B 398 -6.08 -65.65 -29.43
C TRP B 398 -6.68 -67.00 -29.75
N PRO C 1 65.84 -9.82 16.62
CA PRO C 1 67.22 -9.69 16.17
C PRO C 1 67.40 -8.34 15.48
N ALA C 2 67.67 -8.35 14.18
CA ALA C 2 67.71 -7.07 13.43
C ALA C 2 66.47 -7.06 12.53
N ASP C 3 66.30 -8.07 11.67
CA ASP C 3 65.10 -8.20 10.79
C ASP C 3 64.94 -6.94 9.94
N ALA C 4 65.95 -6.62 9.13
CA ALA C 4 65.91 -5.42 8.27
C ALA C 4 65.05 -5.69 7.04
N VAL C 5 63.73 -5.71 7.22
CA VAL C 5 62.80 -6.02 6.11
C VAL C 5 61.72 -4.92 6.09
N PRO C 6 61.08 -4.61 4.96
CA PRO C 6 60.00 -3.63 4.98
C PRO C 6 58.73 -4.14 5.66
N ALA C 7 57.98 -3.19 6.22
CA ALA C 7 56.61 -3.33 6.75
C ALA C 7 55.67 -3.74 5.63
N TYR C 8 54.81 -4.75 5.86
CA TYR C 8 53.66 -5.15 4.99
C TYR C 8 52.38 -5.11 5.84
N PRO C 9 51.31 -4.45 5.35
CA PRO C 9 51.26 -3.87 4.01
C PRO C 9 52.08 -2.60 3.78
N PHE C 10 52.27 -2.20 2.55
CA PHE C 10 53.18 -1.10 2.15
C PHE C 10 52.44 0.24 2.23
N SER C 11 51.14 0.24 1.96
CA SER C 11 50.41 1.48 1.57
C SER C 11 48.97 1.41 2.09
N LEU C 12 48.40 2.60 2.29
CA LEU C 12 46.94 2.77 2.52
C LEU C 12 46.26 2.28 1.23
N PRO C 13 45.39 1.26 1.27
CA PRO C 13 44.59 0.91 0.09
C PRO C 13 43.81 2.13 -0.44
N HIS C 14 43.75 2.36 -1.74
CA HIS C 14 42.84 3.38 -2.31
C HIS C 14 41.77 2.72 -3.21
N ALA C 15 40.48 3.00 -2.95
CA ALA C 15 39.30 2.52 -3.74
C ALA C 15 39.43 1.01 -3.96
N LEU C 16 39.48 0.56 -5.23
CA LEU C 16 39.83 -0.85 -5.62
C LEU C 16 41.13 -0.92 -6.42
N ASP C 17 42.01 0.05 -6.27
CA ASP C 17 43.37 0.00 -6.87
C ASP C 17 44.25 -1.05 -6.19
N LEU C 18 45.10 -1.73 -6.97
CA LEU C 18 46.29 -2.45 -6.48
C LEU C 18 47.42 -1.45 -6.32
N ASP C 19 48.14 -1.55 -5.24
CA ASP C 19 49.44 -0.86 -5.05
C ASP C 19 50.36 -1.28 -6.21
N PRO C 20 51.01 -0.33 -6.92
CA PRO C 20 51.94 -0.66 -7.99
C PRO C 20 53.13 -1.50 -7.51
N HIS C 21 53.44 -1.52 -6.21
CA HIS C 21 54.62 -2.26 -5.71
C HIS C 21 54.44 -3.76 -5.99
N TYR C 22 53.22 -4.27 -6.15
CA TYR C 22 53.03 -5.73 -6.31
C TYR C 22 53.45 -6.20 -7.72
N ALA C 23 53.16 -5.41 -8.76
CA ALA C 23 53.70 -5.62 -10.13
C ALA C 23 55.26 -5.67 -10.11
N GLU C 24 55.92 -4.81 -9.36
CA GLU C 24 57.41 -4.77 -9.29
C GLU C 24 57.92 -6.02 -8.60
N LEU C 25 57.30 -6.38 -7.48
CA LEU C 25 57.65 -7.61 -6.73
C LEU C 25 57.51 -8.78 -7.68
N ARG C 26 56.40 -8.85 -8.41
CA ARG C 26 56.11 -10.04 -9.26
C ARG C 26 57.22 -10.17 -10.31
N ARG C 27 57.67 -9.08 -10.90
CA ARG C 27 58.74 -9.10 -11.93
C ARG C 27 60.10 -9.34 -11.26
N ASP C 28 60.48 -8.60 -10.20
CA ASP C 28 61.90 -8.52 -9.74
C ASP C 28 62.15 -9.30 -8.44
N GLU C 29 61.14 -9.59 -7.60
CA GLU C 29 61.30 -10.05 -6.19
C GLU C 29 60.01 -10.75 -5.75
N PRO C 30 59.61 -11.83 -6.41
CA PRO C 30 58.30 -12.41 -6.18
C PRO C 30 58.06 -12.98 -4.78
N VAL C 31 59.13 -13.46 -4.12
CA VAL C 31 59.10 -13.94 -2.72
C VAL C 31 60.07 -13.06 -1.94
N SER C 32 59.57 -12.33 -0.95
CA SER C 32 60.33 -11.29 -0.22
C SER C 32 59.99 -11.37 1.25
N ARG C 33 60.98 -11.13 2.11
CA ARG C 33 60.78 -11.15 3.58
C ARG C 33 60.20 -9.81 4.02
N VAL C 34 59.17 -9.85 4.85
CA VAL C 34 58.46 -8.58 5.28
C VAL C 34 58.08 -8.67 6.76
N ARG C 35 57.83 -7.53 7.40
CA ARG C 35 57.33 -7.55 8.80
C ARG C 35 55.81 -7.36 8.76
N LEU C 36 55.06 -8.31 9.34
CA LEU C 36 53.59 -8.22 9.38
C LEU C 36 53.16 -7.27 10.51
N PRO C 37 51.94 -6.71 10.46
CA PRO C 37 51.51 -5.71 11.42
C PRO C 37 51.47 -6.18 12.89
N TYR C 38 51.27 -7.48 13.16
CA TYR C 38 51.12 -8.06 14.53
C TYR C 38 51.91 -9.37 14.60
N GLY C 39 52.15 -9.86 15.81
CA GLY C 39 53.11 -10.92 16.10
C GLY C 39 54.53 -10.40 16.03
N GLU C 40 55.49 -11.30 15.98
CA GLU C 40 56.95 -11.03 16.02
C GLU C 40 57.66 -11.72 14.85
N GLY C 41 58.76 -11.14 14.38
CA GLY C 41 59.63 -11.76 13.36
C GLY C 41 59.15 -11.43 11.97
N THR C 42 59.29 -12.34 11.03
CA THR C 42 59.19 -11.99 9.58
C THR C 42 58.37 -13.06 8.94
N ALA C 43 57.79 -12.74 7.81
CA ALA C 43 57.12 -13.70 6.92
C ALA C 43 57.56 -13.49 5.47
N TRP C 44 57.56 -14.58 4.71
CA TRP C 44 57.75 -14.60 3.25
C TRP C 44 56.43 -14.16 2.59
N LEU C 45 56.46 -13.04 1.86
CA LEU C 45 55.30 -12.51 1.08
C LEU C 45 55.41 -13.10 -0.32
N VAL C 46 54.38 -13.81 -0.71
CA VAL C 46 54.23 -14.48 -2.04
C VAL C 46 53.27 -13.67 -2.92
N THR C 47 53.69 -13.28 -4.15
CA THR C 47 52.91 -12.38 -5.05
C THR C 47 52.49 -13.03 -6.39
N ARG C 48 53.14 -14.14 -6.76
CA ARG C 48 52.95 -14.89 -8.05
C ARG C 48 52.01 -16.07 -7.83
N MET C 49 51.27 -16.42 -8.87
CA MET C 49 50.24 -17.47 -8.79
C MET C 49 50.93 -18.80 -8.51
N SER C 50 52.05 -19.06 -9.16
CA SER C 50 52.76 -20.35 -9.05
C SER C 50 53.14 -20.62 -7.59
N ASP C 51 53.67 -19.61 -6.91
CA ASP C 51 54.04 -19.67 -5.48
C ASP C 51 52.76 -19.65 -4.63
N ALA C 52 51.77 -18.81 -4.96
CA ALA C 52 50.51 -18.83 -4.21
C ALA C 52 49.98 -20.27 -4.17
N ARG C 53 50.04 -21.03 -5.28
CA ARG C 53 49.34 -22.33 -5.32
C ARG C 53 50.12 -23.33 -4.44
N ILE C 54 51.42 -23.21 -4.36
CA ILE C 54 52.28 -24.12 -3.50
C ILE C 54 52.00 -23.80 -2.04
N VAL C 55 52.05 -22.52 -1.67
CA VAL C 55 51.83 -22.14 -0.25
C VAL C 55 50.44 -22.60 0.17
N LEU C 56 49.42 -22.34 -0.63
CA LEU C 56 48.04 -22.69 -0.25
C LEU C 56 47.73 -24.18 -0.49
N GLY C 57 48.43 -24.83 -1.40
CA GLY C 57 48.08 -26.19 -1.87
C GLY C 57 48.90 -27.31 -1.23
N ASP C 58 50.08 -27.04 -0.73
CA ASP C 58 51.02 -28.11 -0.35
C ASP C 58 50.76 -28.46 1.12
N SER C 59 50.72 -29.76 1.42
CA SER C 59 50.52 -30.37 2.76
C SER C 59 51.70 -30.05 3.67
N ARG C 60 52.79 -29.49 3.13
CA ARG C 60 54.01 -29.15 3.90
C ARG C 60 53.84 -27.76 4.56
N PHE C 61 52.74 -27.09 4.34
CA PHE C 61 52.38 -25.88 5.09
C PHE C 61 51.23 -26.20 6.04
N SER C 62 51.25 -25.60 7.21
CA SER C 62 50.32 -25.81 8.33
C SER C 62 49.80 -24.45 8.77
N THR C 63 48.47 -24.30 8.90
CA THR C 63 47.88 -23.09 9.49
C THR C 63 47.81 -23.25 11.01
N ALA C 64 47.74 -24.51 11.49
CA ALA C 64 47.68 -24.84 12.94
C ALA C 64 48.96 -24.34 13.66
N ALA C 65 50.10 -24.41 13.00
CA ALA C 65 51.39 -23.88 13.54
C ALA C 65 51.40 -22.35 13.59
N ALA C 66 50.39 -21.65 13.08
CA ALA C 66 50.43 -20.17 13.06
C ALA C 66 49.58 -19.60 14.20
N THR C 67 49.14 -20.46 15.13
CA THR C 67 48.25 -20.05 16.24
C THR C 67 49.06 -19.44 17.37
N ASP C 68 50.36 -19.68 17.39
CA ASP C 68 51.24 -19.12 18.41
C ASP C 68 51.07 -17.60 18.37
N PRO C 69 50.80 -16.88 19.50
CA PRO C 69 50.69 -15.42 19.49
C PRO C 69 51.93 -14.66 18.99
N ALA C 70 53.11 -15.29 19.09
CA ALA C 70 54.37 -14.71 18.54
C ALA C 70 54.39 -14.81 17.00
N THR C 71 53.64 -15.71 16.40
CA THR C 71 53.67 -15.86 14.94
C THR C 71 53.13 -14.56 14.31
N PRO C 72 53.81 -14.06 13.26
CA PRO C 72 53.32 -12.98 12.41
C PRO C 72 51.86 -13.22 11.95
N ARG C 73 51.07 -12.14 11.89
CA ARG C 73 49.67 -12.22 11.45
C ARG C 73 49.24 -10.87 10.89
N MET C 74 48.12 -10.83 10.17
CA MET C 74 47.66 -9.58 9.54
C MET C 74 46.74 -8.87 10.51
N PHE C 75 46.35 -9.55 11.60
CA PHE C 75 45.23 -9.05 12.45
C PHE C 75 45.64 -9.01 13.91
N PRO C 76 44.96 -8.18 14.72
CA PRO C 76 45.47 -7.88 16.08
C PRO C 76 45.51 -9.07 17.07
N THR C 77 44.46 -9.88 17.17
CA THR C 77 44.39 -10.95 18.20
C THR C 77 45.06 -12.22 17.69
N PRO C 78 45.78 -12.98 18.53
CA PRO C 78 46.20 -14.30 18.13
C PRO C 78 44.99 -15.05 17.59
N PRO C 79 45.17 -15.86 16.52
CA PRO C 79 44.08 -16.58 15.92
C PRO C 79 43.49 -17.64 16.86
N GLU C 80 42.17 -17.78 16.83
CA GLU C 80 41.42 -18.85 17.50
C GLU C 80 41.93 -20.20 17.03
N PRO C 81 42.59 -21.02 17.88
CA PRO C 81 43.00 -22.38 17.50
C PRO C 81 41.86 -23.27 16.98
N ASP C 82 40.67 -23.06 17.48
CA ASP C 82 39.46 -23.89 17.18
C ASP C 82 38.89 -23.53 15.81
N GLY C 83 39.36 -22.43 15.21
CA GLY C 83 38.84 -21.92 13.94
C GLY C 83 39.18 -22.84 12.78
N VAL C 84 38.28 -23.03 11.84
CA VAL C 84 38.53 -23.97 10.73
C VAL C 84 39.78 -23.56 9.95
N LEU C 85 40.01 -22.27 9.79
CA LEU C 85 41.11 -21.75 8.97
C LEU C 85 42.42 -22.02 9.69
N ALA C 86 42.40 -22.28 11.00
CA ALA C 86 43.60 -22.64 11.79
C ALA C 86 43.72 -24.16 12.03
N GLN C 87 42.91 -24.97 11.35
CA GLN C 87 43.01 -26.45 11.45
C GLN C 87 43.77 -27.01 10.24
N ASP C 88 44.51 -28.08 10.47
CA ASP C 88 45.17 -28.95 9.47
C ASP C 88 44.37 -30.25 9.38
N PRO C 89 44.38 -30.89 8.18
CA PRO C 89 43.83 -32.23 7.99
C PRO C 89 44.56 -33.11 8.97
N PRO C 90 43.98 -34.18 9.56
CA PRO C 90 42.60 -34.57 9.32
C PRO C 90 41.46 -33.87 10.09
N ASP C 91 41.74 -33.19 11.21
CA ASP C 91 40.64 -32.48 11.94
C ASP C 91 40.00 -31.47 11.00
N HIS C 92 40.79 -30.83 10.15
CA HIS C 92 40.23 -29.86 9.18
C HIS C 92 39.29 -30.61 8.23
N THR C 93 39.64 -31.84 7.88
CA THR C 93 38.80 -32.59 6.93
C THR C 93 37.50 -32.92 7.64
N ARG C 94 37.56 -33.24 8.93
CA ARG C 94 36.35 -33.61 9.71
C ARG C 94 35.46 -32.38 9.91
N LEU C 95 36.06 -31.21 10.18
CA LEU C 95 35.25 -29.98 10.28
C LEU C 95 34.53 -29.69 8.95
N ARG C 96 35.22 -29.83 7.83
CA ARG C 96 34.61 -29.57 6.51
C ARG C 96 33.47 -30.57 6.26
N ARG C 97 33.69 -31.85 6.55
CA ARG C 97 32.64 -32.89 6.35
C ARG C 97 31.42 -32.59 7.23
N LEU C 98 31.55 -31.88 8.35
CA LEU C 98 30.38 -31.61 9.23
C LEU C 98 29.29 -30.85 8.46
N VAL C 99 29.70 -29.92 7.61
CA VAL C 99 28.79 -28.94 6.94
C VAL C 99 28.89 -29.04 5.42
N GLY C 100 29.89 -29.70 4.88
CA GLY C 100 30.21 -29.67 3.44
C GLY C 100 29.02 -30.00 2.54
N LYS C 101 28.10 -30.89 2.94
CA LYS C 101 26.96 -31.37 2.12
C LYS C 101 26.13 -30.20 1.60
N ALA C 102 25.91 -29.20 2.43
CA ALA C 102 25.09 -28.03 2.14
C ALA C 102 25.80 -27.07 1.15
N PHE C 103 27.11 -27.24 0.90
CA PHE C 103 27.91 -26.31 0.07
C PHE C 103 28.43 -26.93 -1.24
N THR C 104 28.06 -28.17 -1.57
CA THR C 104 28.37 -28.82 -2.87
C THR C 104 27.75 -27.98 -3.98
N ALA C 105 28.34 -28.04 -5.16
CA ALA C 105 27.85 -27.27 -6.31
C ALA C 105 26.38 -27.64 -6.57
N ARG C 106 25.98 -28.90 -6.37
N ARG C 106 25.99 -28.89 -6.29
CA ARG C 106 24.59 -29.34 -6.65
CA ARG C 106 24.66 -29.43 -6.62
C ARG C 106 23.69 -28.63 -5.63
C ARG C 106 23.62 -28.88 -5.64
N ARG C 107 23.95 -28.81 -4.35
CA ARG C 107 23.04 -28.30 -3.31
C ARG C 107 22.95 -26.80 -3.45
N VAL C 108 24.01 -26.12 -3.84
CA VAL C 108 23.93 -24.63 -3.98
C VAL C 108 23.05 -24.30 -5.20
N GLU C 109 23.25 -25.02 -6.29
CA GLU C 109 22.41 -24.86 -7.50
C GLU C 109 20.93 -24.99 -7.13
N GLU C 110 20.54 -25.90 -6.21
CA GLU C 110 19.14 -26.10 -5.75
C GLU C 110 18.57 -24.89 -4.99
N MET C 111 19.44 -24.04 -4.47
CA MET C 111 19.05 -22.81 -3.73
CA MET C 111 19.10 -22.78 -3.74
C MET C 111 18.67 -21.69 -4.72
N ARG C 112 18.90 -21.85 -6.03
CA ARG C 112 18.77 -20.72 -6.99
C ARG C 112 17.34 -20.16 -7.01
N PRO C 113 16.27 -20.96 -7.06
CA PRO C 113 14.93 -20.39 -7.04
C PRO C 113 14.64 -19.49 -5.81
N ARG C 114 14.88 -19.97 -4.58
CA ARG C 114 14.71 -19.19 -3.32
CA ARG C 114 14.65 -19.13 -3.37
C ARG C 114 15.59 -17.93 -3.40
N VAL C 115 16.80 -18.09 -3.90
CA VAL C 115 17.76 -16.95 -3.89
C VAL C 115 17.26 -15.90 -4.88
N ARG C 116 16.77 -16.35 -6.03
CA ARG C 116 16.24 -15.44 -7.07
C ARG C 116 15.05 -14.69 -6.48
N SER C 117 14.22 -15.40 -5.73
CA SER C 117 12.98 -14.83 -5.13
C SER C 117 13.31 -13.73 -4.14
N LEU C 118 14.32 -13.98 -3.33
CA LEU C 118 14.84 -13.03 -2.34
C LEU C 118 15.41 -11.75 -2.99
N VAL C 119 16.21 -11.87 -4.03
CA VAL C 119 16.75 -10.70 -4.77
C VAL C 119 15.56 -9.89 -5.30
N ASP C 120 14.54 -10.56 -5.86
CA ASP C 120 13.42 -9.85 -6.51
C ASP C 120 12.65 -9.07 -5.44
N SER C 121 12.38 -9.71 -4.30
CA SER C 121 11.64 -9.09 -3.18
C SER C 121 12.42 -7.86 -2.70
N LEU C 122 13.73 -7.95 -2.56
CA LEU C 122 14.49 -6.78 -2.06
C LEU C 122 14.53 -5.69 -3.13
N LEU C 123 14.73 -6.05 -4.40
CA LEU C 123 14.68 -5.02 -5.47
C LEU C 123 13.25 -4.43 -5.59
N ASP C 124 12.18 -5.18 -5.26
CA ASP C 124 10.82 -4.57 -5.21
C ASP C 124 10.86 -3.42 -4.18
N ASP C 125 11.45 -3.69 -3.02
CA ASP C 125 11.48 -2.76 -1.86
C ASP C 125 12.22 -1.50 -2.33
N MET C 126 13.27 -1.70 -3.11
CA MET C 126 14.12 -0.58 -3.54
C MET C 126 13.31 0.26 -4.52
N VAL C 127 12.50 -0.33 -5.41
CA VAL C 127 11.77 0.53 -6.40
C VAL C 127 10.64 1.23 -5.64
N ALA C 128 10.05 0.57 -4.64
CA ALA C 128 8.99 1.20 -3.82
C ALA C 128 9.53 2.45 -3.11
N HIS C 129 10.76 2.41 -2.59
CA HIS C 129 11.46 3.60 -2.01
C HIS C 129 11.59 4.65 -3.12
N GLY C 130 12.05 4.23 -4.29
CA GLY C 130 12.26 5.13 -5.42
C GLY C 130 13.70 5.58 -5.50
N SER C 131 14.07 6.12 -6.66
CA SER C 131 15.42 6.57 -7.05
C SER C 131 15.62 7.97 -6.49
N PRO C 132 16.82 8.39 -6.05
CA PRO C 132 17.95 7.48 -5.88
C PRO C 132 17.89 6.74 -4.54
N ALA C 133 18.61 5.65 -4.38
CA ALA C 133 18.58 4.82 -3.14
C ALA C 133 19.97 4.25 -2.90
N ASP C 134 20.25 3.89 -1.64
CA ASP C 134 21.56 3.33 -1.24
C ASP C 134 21.51 1.83 -1.47
N LEU C 135 22.30 1.35 -2.42
CA LEU C 135 22.31 -0.08 -2.83
C LEU C 135 22.84 -0.94 -1.69
N VAL C 136 23.64 -0.39 -0.79
CA VAL C 136 24.15 -1.16 0.39
C VAL C 136 22.96 -1.48 1.31
N GLU C 137 22.11 -0.52 1.58
CA GLU C 137 20.99 -0.72 2.52
C GLU C 137 19.97 -1.63 1.83
N PHE C 138 19.68 -1.45 0.54
CA PHE C 138 18.54 -2.16 -0.09
C PHE C 138 18.94 -3.55 -0.63
N LEU C 139 20.22 -3.83 -0.92
CA LEU C 139 20.60 -5.12 -1.55
C LEU C 139 21.86 -5.72 -0.92
N ALA C 140 22.99 -5.01 -0.93
CA ALA C 140 24.29 -5.62 -0.64
C ALA C 140 24.27 -6.17 0.77
N VAL C 141 23.65 -5.49 1.74
CA VAL C 141 23.55 -6.06 3.10
C VAL C 141 22.42 -7.09 3.17
N PRO C 142 21.12 -6.75 2.98
CA PRO C 142 20.06 -7.67 3.37
C PRO C 142 20.10 -8.99 2.64
N PHE C 143 20.59 -9.02 1.42
CA PHE C 143 20.50 -10.23 0.58
C PHE C 143 21.43 -11.33 1.10
N PRO C 144 22.76 -11.12 1.25
CA PRO C 144 23.63 -12.16 1.80
C PRO C 144 23.24 -12.51 3.24
N VAL C 145 22.83 -11.50 4.01
CA VAL C 145 22.39 -11.73 5.40
C VAL C 145 21.18 -12.69 5.42
N ALA C 146 20.20 -12.54 4.54
CA ALA C 146 19.00 -13.44 4.56
C ALA C 146 19.40 -14.84 4.12
N VAL C 147 20.23 -14.95 3.07
CA VAL C 147 20.71 -16.30 2.66
C VAL C 147 21.41 -17.02 3.81
N ILE C 148 22.44 -16.44 4.43
CA ILE C 148 23.26 -17.15 5.48
C ILE C 148 22.41 -17.45 6.70
N CYS C 149 21.50 -16.53 7.11
CA CYS C 149 20.53 -16.77 8.21
C CYS C 149 19.60 -17.93 7.91
N GLU C 150 19.05 -18.08 6.69
CA GLU C 150 18.15 -19.19 6.26
CA GLU C 150 18.14 -19.22 6.41
C GLU C 150 18.99 -20.49 6.34
N LEU C 151 20.17 -20.46 5.75
CA LEU C 151 21.02 -21.68 5.63
C LEU C 151 21.51 -22.12 7.01
N LEU C 152 22.01 -21.22 7.87
CA LEU C 152 22.50 -21.66 9.21
C LEU C 152 21.32 -21.92 10.12
N GLY C 153 20.27 -21.11 10.04
CA GLY C 153 19.22 -21.02 11.08
C GLY C 153 19.53 -20.02 12.20
N VAL C 154 20.18 -18.89 11.88
CA VAL C 154 20.41 -17.77 12.83
C VAL C 154 19.23 -16.80 12.71
N PRO C 155 18.67 -16.25 13.81
CA PRO C 155 17.55 -15.33 13.68
C PRO C 155 17.91 -14.07 12.90
N LEU C 156 17.09 -13.77 11.91
CA LEU C 156 17.26 -12.57 11.07
C LEU C 156 17.17 -11.30 11.94
N GLU C 157 16.45 -11.35 13.07
CA GLU C 157 16.35 -10.18 13.98
C GLU C 157 17.71 -9.87 14.63
N ASP C 158 18.61 -10.86 14.69
CA ASP C 158 19.93 -10.69 15.36
C ASP C 158 20.96 -10.03 14.41
N ARG C 159 20.55 -9.51 13.25
CA ARG C 159 21.45 -8.88 12.27
C ARG C 159 22.34 -7.80 12.93
N ASP C 160 21.81 -6.82 13.68
CA ASP C 160 22.61 -5.72 14.20
C ASP C 160 23.54 -6.33 15.24
N LEU C 161 23.08 -7.30 16.02
CA LEU C 161 23.94 -8.00 16.99
C LEU C 161 25.12 -8.70 16.26
N PHE C 162 24.90 -9.61 15.31
CA PHE C 162 26.07 -10.37 14.80
C PHE C 162 26.88 -9.49 13.81
N ARG C 163 26.26 -8.51 13.17
CA ARG C 163 27.03 -7.72 12.19
C ARG C 163 27.97 -6.79 12.96
N THR C 164 27.62 -6.46 14.20
CA THR C 164 28.50 -5.64 15.06
C THR C 164 29.69 -6.50 15.50
N PHE C 165 29.46 -7.80 15.70
CA PHE C 165 30.54 -8.68 16.17
C PHE C 165 31.50 -8.84 15.01
N SER C 166 30.94 -9.18 13.86
CA SER C 166 31.65 -9.35 12.56
C SER C 166 32.52 -8.12 12.27
N ASP C 167 31.95 -6.93 12.33
CA ASP C 167 32.68 -5.68 12.07
C ASP C 167 33.98 -5.68 12.88
N ALA C 168 33.90 -5.90 14.20
CA ALA C 168 35.09 -5.91 15.10
C ALA C 168 36.06 -7.02 14.69
N MET C 169 35.56 -8.23 14.43
CA MET C 169 36.44 -9.38 14.14
C MET C 169 37.08 -9.23 12.77
N LEU C 170 36.57 -8.38 11.88
CA LEU C 170 37.20 -8.13 10.56
C LEU C 170 38.13 -6.92 10.65
N SER C 171 38.28 -6.34 11.81
CA SER C 171 39.14 -5.15 11.94
C SER C 171 40.62 -5.55 11.74
N SER C 172 41.37 -4.70 11.07
CA SER C 172 42.80 -4.96 10.85
C SER C 172 43.61 -4.01 11.72
N THR C 173 43.20 -2.77 11.79
CA THR C 173 44.04 -1.74 12.46
C THR C 173 43.18 -0.88 13.34
N ARG C 174 41.87 -1.05 13.37
CA ARG C 174 41.00 0.05 13.91
C ARG C 174 40.71 -0.17 15.41
N LEU C 175 40.70 -1.41 15.91
CA LEU C 175 40.48 -1.75 17.35
C LEU C 175 41.74 -2.41 17.93
N THR C 176 41.86 -2.49 19.24
CA THR C 176 42.91 -3.26 19.96
C THR C 176 42.66 -4.77 19.91
N ALA C 177 43.70 -5.56 20.06
CA ALA C 177 43.60 -7.02 20.35
C ALA C 177 42.56 -7.28 21.46
N ALA C 178 42.52 -6.47 22.49
CA ALA C 178 41.74 -6.73 23.72
C ALA C 178 40.25 -6.53 23.44
N GLU C 179 39.84 -5.47 22.73
CA GLU C 179 38.42 -5.26 22.40
C GLU C 179 37.99 -6.40 21.47
N ILE C 180 38.81 -6.83 20.50
CA ILE C 180 38.45 -7.90 19.52
C ILE C 180 38.35 -9.25 20.26
N GLN C 181 39.26 -9.58 21.16
CA GLN C 181 39.21 -10.85 21.93
C GLN C 181 37.89 -10.90 22.71
N ARG C 182 37.45 -9.78 23.25
CA ARG C 182 36.22 -9.73 24.06
C ARG C 182 35.05 -10.05 23.12
N VAL C 183 35.02 -9.50 21.92
CA VAL C 183 33.95 -9.74 20.93
C VAL C 183 34.01 -11.21 20.49
N GLN C 184 35.20 -11.77 20.27
CA GLN C 184 35.33 -13.20 19.93
C GLN C 184 34.65 -14.04 21.00
N GLN C 185 34.87 -13.75 22.27
CA GLN C 185 34.30 -14.55 23.37
C GLN C 185 32.77 -14.37 23.42
N ASP C 186 32.30 -13.16 23.16
CA ASP C 186 30.85 -12.93 23.16
C ASP C 186 30.23 -13.68 21.98
N PHE C 187 30.87 -13.72 20.81
CA PHE C 187 30.27 -14.40 19.63
C PHE C 187 30.18 -15.91 19.89
N MET C 188 31.20 -16.47 20.56
CA MET C 188 31.26 -17.92 20.87
C MET C 188 30.15 -18.29 21.83
N VAL C 189 29.90 -17.45 22.84
CA VAL C 189 28.84 -17.60 23.88
C VAL C 189 27.45 -17.56 23.21
N TYR C 190 27.24 -16.61 22.32
CA TYR C 190 25.98 -16.40 21.58
C TYR C 190 25.74 -17.62 20.66
N MET C 191 26.77 -18.04 19.90
CA MET C 191 26.64 -19.14 18.94
C MET C 191 26.43 -20.43 19.72
N ASP C 192 27.13 -20.59 20.81
CA ASP C 192 26.92 -21.74 21.71
C ASP C 192 25.43 -21.73 22.10
N GLY C 193 24.88 -20.54 22.35
CA GLY C 193 23.50 -20.40 22.81
C GLY C 193 22.56 -20.81 21.69
N LEU C 194 22.81 -20.35 20.46
CA LEU C 194 21.93 -20.74 19.32
C LEU C 194 22.00 -22.29 19.15
N VAL C 195 23.17 -22.93 19.23
CA VAL C 195 23.16 -24.38 18.91
C VAL C 195 22.51 -25.13 20.05
N ALA C 196 22.45 -24.56 21.26
CA ALA C 196 21.85 -25.23 22.44
C ALA C 196 20.31 -25.14 22.42
N GLN C 197 19.71 -24.24 21.63
CA GLN C 197 18.25 -24.28 21.31
C GLN C 197 17.85 -25.60 20.62
N ARG C 198 18.73 -26.26 19.87
CA ARG C 198 18.44 -27.54 19.14
C ARG C 198 18.45 -28.74 20.10
N ARG C 199 18.73 -28.55 21.39
CA ARG C 199 19.01 -29.63 22.37
C ARG C 199 17.77 -30.50 22.43
N ASP C 200 16.57 -29.93 22.47
CA ASP C 200 15.36 -30.80 22.50
C ASP C 200 14.46 -30.47 21.32
N ALA C 201 15.03 -29.86 20.28
CA ALA C 201 14.31 -29.15 19.20
C ALA C 201 15.22 -29.12 17.99
N PRO C 202 15.52 -30.30 17.42
CA PRO C 202 16.30 -30.43 16.20
C PRO C 202 15.80 -29.51 15.07
N THR C 203 16.69 -28.88 14.31
CA THR C 203 16.30 -28.10 13.12
C THR C 203 17.02 -28.71 11.93
N GLU C 204 16.43 -28.56 10.74
CA GLU C 204 16.97 -28.90 9.39
C GLU C 204 17.75 -27.69 8.87
N ASP C 205 18.95 -27.49 9.38
CA ASP C 205 19.79 -26.34 8.99
C ASP C 205 21.19 -26.65 9.53
N LEU C 206 22.16 -25.81 9.24
CA LEU C 206 23.55 -26.10 9.62
C LEU C 206 23.69 -26.09 11.13
N LEU C 207 23.05 -25.18 11.87
CA LEU C 207 23.20 -25.21 13.35
C LEU C 207 22.57 -26.50 13.86
N GLY C 208 21.53 -27.00 13.19
CA GLY C 208 21.00 -28.33 13.47
C GLY C 208 22.08 -29.37 13.38
N ALA C 209 22.86 -29.37 12.30
CA ALA C 209 23.87 -30.41 12.12
C ALA C 209 24.98 -30.23 13.17
N LEU C 210 25.38 -28.99 13.49
CA LEU C 210 26.46 -28.74 14.49
C LEU C 210 26.02 -29.24 15.86
N ALA C 211 24.76 -29.08 16.23
CA ALA C 211 24.24 -29.58 17.53
C ALA C 211 24.32 -31.11 17.55
N LEU C 212 23.99 -31.79 16.44
CA LEU C 212 23.99 -33.30 16.45
C LEU C 212 25.43 -33.79 16.60
N ALA C 213 26.39 -33.03 16.09
CA ALA C 213 27.82 -33.35 16.21
C ALA C 213 28.33 -33.07 17.63
N THR C 214 27.86 -32.05 18.33
CA THR C 214 28.28 -31.82 19.75
C THR C 214 27.83 -32.98 20.63
N ASP C 215 26.67 -33.60 20.36
CA ASP C 215 26.06 -34.67 21.23
C ASP C 215 26.77 -36.00 21.00
N ASN C 216 27.19 -36.25 19.76
CA ASN C 216 27.81 -37.53 19.32
C ASN C 216 28.96 -37.20 18.36
N ASP C 217 30.14 -36.84 18.87
CA ASP C 217 31.36 -36.79 18.03
C ASP C 217 32.56 -37.01 18.92
N ASP C 218 33.33 -38.07 18.66
CA ASP C 218 34.43 -38.50 19.54
C ASP C 218 35.77 -37.92 19.05
N HIS C 219 35.80 -37.11 17.98
CA HIS C 219 37.07 -36.62 17.38
C HIS C 219 37.20 -35.09 17.50
N LEU C 220 36.12 -34.34 17.35
CA LEU C 220 36.16 -32.86 17.43
C LEU C 220 35.67 -32.42 18.82
N THR C 221 36.26 -31.34 19.32
CA THR C 221 35.79 -30.65 20.55
C THR C 221 34.51 -29.88 20.16
N LYS C 222 33.61 -29.74 21.13
CA LYS C 222 32.50 -28.75 21.17
C LYS C 222 32.96 -27.36 20.67
N GLY C 223 34.08 -26.84 21.15
CA GLY C 223 34.57 -25.52 20.67
C GLY C 223 34.85 -25.51 19.18
N GLU C 224 35.46 -26.57 18.63
CA GLU C 224 35.75 -26.65 17.17
C GLU C 224 34.41 -26.69 16.43
N ILE C 225 33.45 -27.47 16.93
CA ILE C 225 32.15 -27.63 16.24
C ILE C 225 31.40 -26.29 16.28
N VAL C 226 31.25 -25.72 17.48
CA VAL C 226 30.48 -24.46 17.63
C VAL C 226 31.15 -23.34 16.85
N ASN C 227 32.45 -23.37 16.73
CA ASN C 227 33.19 -22.27 16.07
C ASN C 227 32.88 -22.27 14.57
N MET C 228 32.36 -23.37 14.02
CA MET C 228 31.92 -23.40 12.59
C MET C 228 30.75 -22.43 12.37
N GLY C 229 29.81 -22.34 13.30
CA GLY C 229 28.70 -21.38 13.22
C GLY C 229 29.20 -19.95 13.09
N VAL C 230 30.22 -19.56 13.90
CA VAL C 230 30.87 -18.21 13.84
C VAL C 230 31.59 -17.99 12.51
N SER C 231 32.46 -18.89 12.10
CA SER C 231 33.19 -18.74 10.81
CA SER C 231 33.18 -18.82 10.77
C SER C 231 32.20 -18.63 9.65
N LEU C 232 31.15 -19.46 9.65
CA LEU C 232 30.22 -19.53 8.50
C LEU C 232 29.39 -18.25 8.52
N LEU C 233 29.02 -17.80 9.72
CA LEU C 233 28.11 -16.63 9.83
C LEU C 233 28.88 -15.38 9.39
N ILE C 234 30.14 -15.22 9.79
CA ILE C 234 30.97 -14.04 9.40
C ILE C 234 31.34 -14.15 7.92
N ALA C 235 32.13 -15.14 7.53
CA ALA C 235 32.62 -15.24 6.14
C ALA C 235 31.43 -15.38 5.19
N GLY C 236 30.34 -16.00 5.65
CA GLY C 236 29.16 -16.30 4.83
C GLY C 236 28.34 -15.09 4.45
N HIS C 237 28.55 -13.90 5.03
CA HIS C 237 27.91 -12.66 4.54
C HIS C 237 28.92 -11.55 4.24
N GLU C 238 30.00 -11.37 5.02
CA GLU C 238 30.78 -10.10 4.96
C GLU C 238 31.45 -10.00 3.58
N THR C 239 32.06 -11.08 3.12
CA THR C 239 32.61 -11.22 1.75
C THR C 239 31.55 -10.86 0.67
N SER C 240 30.40 -11.52 0.65
CA SER C 240 29.31 -11.26 -0.35
C SER C 240 28.87 -9.82 -0.29
N VAL C 241 28.71 -9.25 0.91
CA VAL C 241 28.24 -7.83 1.06
C VAL C 241 29.21 -6.93 0.33
N ASN C 242 30.51 -7.12 0.56
CA ASN C 242 31.54 -6.24 -0.06
C ASN C 242 31.60 -6.55 -1.55
N GLN C 243 31.53 -7.81 -1.96
CA GLN C 243 31.70 -8.09 -3.41
C GLN C 243 30.53 -7.55 -4.23
N ILE C 244 29.30 -7.48 -3.71
CA ILE C 244 28.15 -6.92 -4.49
C ILE C 244 28.46 -5.45 -4.75
N THR C 245 28.96 -4.72 -3.74
CA THR C 245 29.30 -3.28 -3.93
C THR C 245 30.49 -3.16 -4.88
N ASN C 246 31.50 -4.01 -4.72
CA ASN C 246 32.74 -3.92 -5.52
C ASN C 246 32.41 -4.21 -6.99
N LEU C 247 31.58 -5.22 -7.27
CA LEU C 247 31.25 -5.57 -8.67
C LEU C 247 30.44 -4.40 -9.24
N VAL C 248 29.44 -3.88 -8.53
CA VAL C 248 28.62 -2.77 -9.07
C VAL C 248 29.51 -1.55 -9.30
N HIS C 249 30.52 -1.32 -8.47
CA HIS C 249 31.47 -0.18 -8.62
C HIS C 249 32.29 -0.29 -9.91
N LEU C 250 32.96 -1.42 -10.19
CA LEU C 250 33.67 -1.61 -11.47
C LEU C 250 32.69 -1.45 -12.66
N LEU C 251 31.47 -2.02 -12.58
CA LEU C 251 30.47 -1.98 -13.69
C LEU C 251 30.06 -0.55 -14.05
N LEU C 252 29.82 0.34 -13.08
CA LEU C 252 29.29 1.72 -13.27
C LEU C 252 30.42 2.76 -13.48
N THR C 253 31.66 2.56 -13.01
CA THR C 253 32.71 3.61 -13.22
C THR C 253 33.17 3.61 -14.66
N GLU C 254 33.17 2.45 -15.32
CA GLU C 254 33.31 2.34 -16.79
C GLU C 254 32.03 1.72 -17.34
N ARG C 255 31.01 2.55 -17.51
CA ARG C 255 29.62 2.06 -17.69
C ARG C 255 29.51 1.13 -18.90
N LYS C 256 30.46 1.10 -19.82
CA LYS C 256 30.44 0.18 -21.00
CA LYS C 256 30.37 0.19 -21.00
C LYS C 256 30.39 -1.26 -20.50
N ARG C 257 31.00 -1.53 -19.35
CA ARG C 257 30.98 -2.88 -18.72
C ARG C 257 29.55 -3.25 -18.39
N TYR C 258 28.84 -2.39 -17.66
CA TYR C 258 27.40 -2.55 -17.29
C TYR C 258 26.54 -2.72 -18.57
N GLU C 259 26.72 -1.82 -19.53
CA GLU C 259 26.05 -1.87 -20.87
C GLU C 259 26.30 -3.24 -21.54
N SER C 260 27.49 -3.85 -21.46
CA SER C 260 27.78 -5.10 -22.18
C SER C 260 26.92 -6.23 -21.58
N LEU C 261 26.62 -6.16 -20.28
CA LEU C 261 25.78 -7.14 -19.55
C LEU C 261 24.30 -6.81 -19.72
N VAL C 262 23.91 -5.53 -19.83
CA VAL C 262 22.49 -5.18 -20.14
C VAL C 262 22.11 -5.82 -21.49
N ALA C 263 22.96 -5.69 -22.49
CA ALA C 263 22.78 -6.22 -23.86
C ALA C 263 22.82 -7.75 -23.87
N ASP C 264 23.62 -8.41 -23.04
CA ASP C 264 23.71 -9.91 -22.98
C ASP C 264 23.78 -10.40 -21.52
N PRO C 265 22.63 -10.58 -20.81
CA PRO C 265 22.65 -11.03 -19.42
C PRO C 265 23.26 -12.43 -19.16
N ALA C 266 23.36 -13.25 -20.19
CA ALA C 266 23.99 -14.59 -20.14
C ALA C 266 25.50 -14.51 -19.92
N LEU C 267 26.12 -13.35 -20.18
CA LEU C 267 27.54 -12.98 -19.94
C LEU C 267 27.90 -12.81 -18.45
N VAL C 268 26.91 -12.71 -17.57
CA VAL C 268 27.05 -12.44 -16.12
C VAL C 268 27.91 -13.49 -15.44
N PRO C 269 27.72 -14.81 -15.58
CA PRO C 269 28.61 -15.74 -14.88
C PRO C 269 30.10 -15.50 -15.17
N ALA C 270 30.45 -15.34 -16.44
CA ALA C 270 31.84 -15.03 -16.88
C ALA C 270 32.28 -13.68 -16.29
N ALA C 271 31.40 -12.70 -16.27
CA ALA C 271 31.70 -11.34 -15.77
C ALA C 271 31.99 -11.46 -14.29
N VAL C 272 31.21 -12.25 -13.56
CA VAL C 272 31.41 -12.48 -12.12
C VAL C 272 32.76 -13.15 -11.91
N GLU C 273 33.14 -14.17 -12.68
CA GLU C 273 34.47 -14.78 -12.47
C GLU C 273 35.54 -13.74 -12.74
N GLU C 274 35.38 -12.93 -13.79
CA GLU C 274 36.42 -11.93 -14.14
C GLU C 274 36.47 -10.84 -13.08
N MET C 275 35.33 -10.47 -12.50
CA MET C 275 35.43 -9.40 -11.49
C MET C 275 35.92 -10.00 -10.15
N LEU C 276 35.74 -11.29 -9.89
CA LEU C 276 36.33 -11.93 -8.71
C LEU C 276 37.85 -11.89 -8.82
N ARG C 277 38.40 -12.19 -10.02
CA ARG C 277 39.84 -12.16 -10.30
C ARG C 277 40.35 -10.74 -10.06
N TYR C 278 39.65 -9.74 -10.60
CA TYR C 278 40.13 -8.34 -10.67
C TYR C 278 40.00 -7.56 -9.36
N THR C 279 39.07 -7.92 -8.49
CA THR C 279 38.71 -7.13 -7.29
C THR C 279 39.64 -7.50 -6.12
N PRO C 280 40.44 -6.54 -5.59
CA PRO C 280 41.25 -6.79 -4.42
C PRO C 280 40.41 -6.79 -3.14
N LEU C 281 39.50 -7.74 -3.04
CA LEU C 281 38.57 -7.82 -1.90
C LEU C 281 39.38 -8.00 -0.60
N VAL C 282 40.35 -8.93 -0.57
CA VAL C 282 41.14 -9.14 0.66
C VAL C 282 42.22 -8.05 0.71
N SER C 283 42.22 -7.22 1.75
N SER C 283 42.22 -7.29 1.80
CA SER C 283 43.07 -6.01 1.81
CA SER C 283 43.01 -6.06 1.99
C SER C 283 44.57 -6.37 1.66
C SER C 283 44.52 -6.29 1.80
N ALA C 284 45.09 -7.29 2.48
CA ALA C 284 46.54 -7.56 2.52
C ALA C 284 46.77 -8.93 3.16
N GLY C 285 47.61 -9.70 2.48
CA GLY C 285 48.08 -10.99 3.00
C GLY C 285 46.97 -11.97 3.19
N SER C 286 47.14 -12.91 4.13
CA SER C 286 46.29 -14.12 4.29
C SER C 286 46.54 -14.69 5.69
N PHE C 287 45.72 -15.64 6.14
CA PHE C 287 46.09 -16.47 7.29
C PHE C 287 47.48 -17.00 6.98
N VAL C 288 48.39 -16.93 7.94
CA VAL C 288 49.80 -17.36 7.71
C VAL C 288 49.85 -18.89 7.60
N ARG C 289 50.69 -19.36 6.67
CA ARG C 289 51.09 -20.76 6.47
C ARG C 289 52.53 -20.89 6.98
N VAL C 290 52.77 -21.81 7.91
CA VAL C 290 54.10 -22.12 8.47
C VAL C 290 54.48 -23.46 7.88
N ALA C 291 55.63 -23.53 7.23
CA ALA C 291 56.23 -24.75 6.64
C ALA C 291 56.57 -25.72 7.77
N THR C 292 56.32 -27.02 7.60
CA THR C 292 56.73 -28.07 8.59
C THR C 292 57.88 -28.86 7.99
N GLU C 293 58.27 -28.53 6.76
CA GLU C 293 59.40 -29.09 5.99
C GLU C 293 59.81 -27.99 5.00
N ASP C 294 61.03 -28.06 4.51
CA ASP C 294 61.53 -27.24 3.37
C ASP C 294 60.60 -27.34 2.14
N VAL C 295 60.29 -26.19 1.53
CA VAL C 295 59.43 -26.14 0.31
C VAL C 295 60.13 -25.23 -0.70
N GLU C 296 60.34 -25.69 -1.93
CA GLU C 296 60.92 -24.85 -3.02
C GLU C 296 59.84 -23.93 -3.56
N LEU C 297 60.12 -22.63 -3.59
CA LEU C 297 59.28 -21.64 -4.34
C LEU C 297 60.10 -21.13 -5.53
N SER C 298 59.60 -20.17 -6.31
CA SER C 298 60.29 -19.68 -7.53
C SER C 298 61.74 -19.26 -7.20
N THR C 299 61.92 -18.44 -6.16
CA THR C 299 63.18 -17.70 -5.91
C THR C 299 63.82 -18.09 -4.58
N VAL C 300 63.23 -19.00 -3.80
CA VAL C 300 63.80 -19.30 -2.47
C VAL C 300 63.26 -20.62 -2.00
N THR C 301 64.02 -21.30 -1.15
CA THR C 301 63.56 -22.49 -0.36
C THR C 301 63.16 -22.00 1.03
N VAL C 302 61.88 -22.15 1.34
CA VAL C 302 61.29 -21.82 2.67
C VAL C 302 61.66 -22.96 3.63
N ARG C 303 62.25 -22.63 4.78
CA ARG C 303 62.68 -23.65 5.74
C ARG C 303 61.49 -23.99 6.63
N ALA C 304 61.48 -25.19 7.19
CA ALA C 304 60.53 -25.60 8.24
C ALA C 304 60.53 -24.55 9.34
N GLY C 305 59.37 -24.11 9.79
CA GLY C 305 59.22 -23.10 10.85
C GLY C 305 59.12 -21.67 10.33
N GLU C 306 59.40 -21.41 9.05
CA GLU C 306 59.32 -20.03 8.49
C GLU C 306 57.89 -19.75 7.99
N PRO C 307 57.30 -18.62 8.41
CA PRO C 307 55.95 -18.26 8.01
C PRO C 307 55.88 -17.65 6.60
N CYS C 308 54.75 -17.88 5.92
CA CYS C 308 54.51 -17.36 4.58
C CYS C 308 53.11 -16.79 4.53
N VAL C 309 52.95 -15.84 3.65
CA VAL C 309 51.69 -15.11 3.51
C VAL C 309 51.55 -14.82 2.00
N VAL C 310 50.36 -15.04 1.46
CA VAL C 310 49.96 -14.82 0.06
C VAL C 310 49.11 -13.55 -0.03
N HIS C 311 49.36 -12.67 -1.00
CA HIS C 311 48.40 -11.63 -1.43
C HIS C 311 47.61 -12.11 -2.65
N PHE C 312 46.45 -12.68 -2.41
CA PHE C 312 45.55 -13.29 -3.44
C PHE C 312 45.37 -12.35 -4.65
N ALA C 313 45.06 -11.09 -4.39
CA ALA C 313 44.86 -10.15 -5.51
C ALA C 313 46.12 -10.09 -6.40
N SER C 314 47.35 -10.28 -5.88
CA SER C 314 48.62 -10.14 -6.66
C SER C 314 48.72 -11.32 -7.63
N ALA C 315 48.54 -12.51 -7.10
CA ALA C 315 48.48 -13.77 -7.86
C ALA C 315 47.42 -13.64 -8.97
N ASN C 316 46.31 -13.01 -8.68
CA ASN C 316 45.23 -12.83 -9.69
C ASN C 316 45.59 -11.76 -10.72
N ARG C 317 46.72 -11.05 -10.64
CA ARG C 317 47.15 -10.07 -11.68
C ARG C 317 48.48 -10.52 -12.30
N ASP C 318 48.81 -11.80 -12.18
CA ASP C 318 50.08 -12.42 -12.63
C ASP C 318 50.08 -12.54 -14.14
N GLU C 319 50.97 -11.81 -14.81
CA GLU C 319 51.05 -11.76 -16.29
C GLU C 319 51.50 -13.10 -16.85
N GLU C 320 51.99 -14.04 -16.05
CA GLU C 320 52.39 -15.35 -16.60
C GLU C 320 51.14 -16.20 -16.79
N VAL C 321 50.01 -15.87 -16.16
CA VAL C 321 48.80 -16.74 -16.16
C VAL C 321 47.69 -16.08 -16.99
N PHE C 322 47.54 -14.77 -16.93
CA PHE C 322 46.46 -13.98 -17.54
C PHE C 322 47.05 -12.99 -18.54
N ASP C 323 46.66 -13.14 -19.80
CA ASP C 323 46.94 -12.13 -20.84
C ASP C 323 46.26 -10.84 -20.40
N HIS C 324 46.91 -9.70 -20.57
CA HIS C 324 46.42 -8.32 -20.25
C HIS C 324 45.68 -8.34 -18.91
N ALA C 325 46.37 -8.84 -17.87
CA ALA C 325 45.88 -9.13 -16.52
C ALA C 325 45.41 -7.88 -15.80
N ASP C 326 45.86 -6.71 -16.26
CA ASP C 326 45.45 -5.43 -15.64
C ASP C 326 44.19 -4.91 -16.35
N GLU C 327 43.62 -5.71 -17.23
CA GLU C 327 42.38 -5.28 -17.91
C GLU C 327 41.26 -6.23 -17.51
N LEU C 328 40.06 -5.67 -17.29
CA LEU C 328 38.89 -6.52 -16.95
C LEU C 328 38.24 -7.03 -18.23
N ASP C 329 38.52 -8.27 -18.63
CA ASP C 329 37.96 -8.83 -19.89
C ASP C 329 36.91 -9.89 -19.54
N PHE C 330 35.66 -9.70 -20.01
CA PHE C 330 34.57 -10.66 -19.68
C PHE C 330 34.54 -11.81 -20.69
N HIS C 331 35.47 -11.82 -21.65
CA HIS C 331 35.47 -12.85 -22.73
C HIS C 331 36.78 -13.68 -22.73
N ARG C 332 37.60 -13.64 -21.65
CA ARG C 332 38.75 -14.56 -21.40
C ARG C 332 38.31 -16.01 -21.49
N GLU C 333 39.00 -16.82 -22.30
CA GLU C 333 38.64 -18.25 -22.45
C GLU C 333 39.03 -18.99 -21.17
N ARG C 334 39.95 -18.43 -20.39
CA ARG C 334 40.38 -19.06 -19.11
CA ARG C 334 40.37 -19.06 -19.10
C ARG C 334 40.54 -18.04 -17.94
N ASN C 335 40.00 -18.44 -16.79
CA ASN C 335 40.14 -17.56 -15.59
C ASN C 335 40.40 -18.43 -14.35
N PRO C 336 41.56 -19.12 -14.25
CA PRO C 336 41.88 -19.90 -13.04
C PRO C 336 42.32 -19.03 -11.84
N HIS C 337 41.48 -18.09 -11.42
CA HIS C 337 41.82 -17.11 -10.36
C HIS C 337 41.79 -17.84 -9.01
N ILE C 338 42.33 -17.20 -7.96
CA ILE C 338 42.24 -17.72 -6.58
C ILE C 338 41.56 -16.66 -5.69
N ALA C 339 40.54 -15.97 -6.19
CA ALA C 339 39.71 -15.04 -5.38
C ALA C 339 39.13 -15.79 -4.17
N PHE C 340 38.99 -17.11 -4.28
CA PHE C 340 38.36 -18.03 -3.30
C PHE C 340 39.45 -18.88 -2.64
N GLY C 341 40.68 -18.47 -2.76
CA GLY C 341 41.80 -19.29 -2.30
C GLY C 341 42.03 -20.49 -3.23
N HIS C 342 42.60 -21.52 -2.61
CA HIS C 342 43.24 -22.73 -3.20
C HIS C 342 43.59 -23.73 -2.07
N GLY C 343 43.56 -25.01 -2.42
CA GLY C 343 43.99 -26.09 -1.51
C GLY C 343 42.95 -26.43 -0.48
N ALA C 344 43.39 -26.89 0.67
CA ALA C 344 42.54 -27.46 1.74
C ALA C 344 41.53 -26.42 2.20
N HIS C 345 41.99 -25.21 2.40
CA HIS C 345 41.13 -24.13 2.90
C HIS C 345 40.41 -23.37 1.78
N HIS C 346 40.43 -23.82 0.52
CA HIS C 346 39.59 -23.24 -0.57
C HIS C 346 38.19 -22.93 0.00
N CYS C 347 37.69 -21.76 -0.31
CA CYS C 347 36.45 -21.24 0.28
C CYS C 347 35.38 -22.32 0.23
N ILE C 348 34.79 -22.67 1.38
CA ILE C 348 33.69 -23.68 1.44
C ILE C 348 32.43 -23.10 0.77
N GLY C 349 32.23 -21.78 0.82
CA GLY C 349 31.09 -21.06 0.25
C GLY C 349 31.27 -20.61 -1.20
N ALA C 350 32.30 -21.06 -1.90
CA ALA C 350 32.67 -20.53 -3.22
C ALA C 350 31.47 -20.64 -4.19
N GLN C 351 30.71 -21.74 -4.17
CA GLN C 351 29.56 -21.89 -5.10
C GLN C 351 28.42 -20.95 -4.61
N LEU C 352 28.22 -20.81 -3.30
CA LEU C 352 27.17 -19.91 -2.77
C LEU C 352 27.53 -18.46 -3.08
N GLY C 353 28.77 -18.06 -2.96
CA GLY C 353 29.15 -16.69 -3.34
C GLY C 353 28.94 -16.42 -4.83
N ARG C 354 29.31 -17.38 -5.68
CA ARG C 354 29.10 -17.25 -7.14
C ARG C 354 27.60 -17.19 -7.41
N LEU C 355 26.81 -18.05 -6.76
CA LEU C 355 25.34 -17.97 -6.94
C LEU C 355 24.82 -16.56 -6.60
N GLU C 356 25.26 -15.99 -5.49
CA GLU C 356 24.73 -14.72 -4.94
C GLU C 356 25.11 -13.60 -5.92
N LEU C 357 26.34 -13.61 -6.39
CA LEU C 357 26.78 -12.49 -7.22
C LEU C 357 26.05 -12.60 -8.56
N GLN C 358 25.92 -13.83 -9.06
CA GLN C 358 25.24 -14.15 -10.34
C GLN C 358 23.83 -13.60 -10.26
N GLU C 359 23.07 -13.95 -9.21
CA GLU C 359 21.63 -13.60 -9.11
C GLU C 359 21.44 -12.11 -8.79
N ALA C 360 22.33 -11.50 -8.03
CA ALA C 360 22.20 -10.05 -7.78
C ALA C 360 22.52 -9.29 -9.06
N LEU C 361 23.63 -9.57 -9.72
CA LEU C 361 24.02 -8.79 -10.92
CA LEU C 361 24.01 -8.78 -10.91
C LEU C 361 23.01 -9.08 -12.05
N SER C 362 22.62 -10.34 -12.22
CA SER C 362 21.72 -10.71 -13.32
C SER C 362 20.42 -9.90 -13.14
N ALA C 363 19.86 -9.88 -11.94
CA ALA C 363 18.63 -9.14 -11.62
C ALA C 363 18.83 -7.65 -11.88
N LEU C 364 19.95 -7.03 -11.51
CA LEU C 364 20.16 -5.56 -11.70
C LEU C 364 20.19 -5.22 -13.18
N VAL C 365 20.97 -5.97 -13.92
CA VAL C 365 21.25 -5.83 -15.38
C VAL C 365 19.96 -5.95 -16.20
N ARG C 366 19.04 -6.81 -15.76
CA ARG C 366 17.76 -7.04 -16.47
C ARG C 366 16.67 -6.04 -16.04
N ARG C 367 16.60 -5.65 -14.76
CA ARG C 367 15.48 -4.77 -14.27
C ARG C 367 15.86 -3.28 -14.21
N PHE C 368 17.14 -2.94 -14.35
CA PHE C 368 17.68 -1.57 -14.26
C PHE C 368 18.76 -1.30 -15.31
N PRO C 369 18.41 -1.33 -16.61
CA PRO C 369 19.38 -0.98 -17.64
C PRO C 369 19.85 0.47 -17.48
N THR C 370 19.04 1.36 -16.84
CA THR C 370 19.36 2.80 -16.59
C THR C 370 20.19 3.06 -15.30
N LEU C 371 20.59 2.04 -14.53
CA LEU C 371 21.37 2.16 -13.27
C LEU C 371 22.61 3.03 -13.48
N ASP C 372 22.91 3.93 -12.56
CA ASP C 372 24.18 4.69 -12.56
C ASP C 372 24.46 5.13 -11.12
N LEU C 373 25.71 5.45 -10.82
CA LEU C 373 26.09 5.90 -9.47
C LEU C 373 25.50 7.30 -9.29
N ALA C 374 24.90 7.61 -8.14
CA ALA C 374 24.27 8.93 -7.92
C ALA C 374 24.90 9.64 -6.72
N GLU C 375 26.14 9.33 -6.39
CA GLU C 375 26.98 10.19 -5.51
C GLU C 375 28.34 10.34 -6.19
N PRO C 376 29.06 11.45 -5.96
CA PRO C 376 30.35 11.65 -6.63
C PRO C 376 31.41 10.59 -6.26
N VAL C 377 32.24 10.23 -7.25
CA VAL C 377 33.21 9.11 -7.12
C VAL C 377 34.21 9.42 -6.01
N ALA C 378 34.65 10.68 -5.88
CA ALA C 378 35.73 11.07 -4.94
C ALA C 378 35.21 11.14 -3.49
N GLY C 379 33.89 11.13 -3.28
CA GLY C 379 33.24 11.12 -1.95
C GLY C 379 32.93 9.72 -1.48
N LEU C 380 33.24 8.66 -2.24
CA LEU C 380 32.80 7.29 -1.89
C LEU C 380 33.39 6.88 -0.53
N LYS C 381 32.61 6.22 0.29
CA LYS C 381 32.99 5.83 1.66
C LYS C 381 33.57 4.43 1.58
N TRP C 382 34.82 4.34 1.15
CA TRP C 382 35.60 3.07 1.18
C TRP C 382 35.86 2.68 2.64
N LYS C 383 35.55 1.44 3.01
CA LYS C 383 35.86 0.92 4.36
C LYS C 383 37.35 1.06 4.66
N GLN C 384 37.69 1.71 5.78
CA GLN C 384 39.08 1.79 6.30
C GLN C 384 39.33 0.70 7.33
N GLY C 385 40.56 0.18 7.38
CA GLY C 385 41.08 -0.54 8.54
C GLY C 385 40.44 -1.89 8.76
N MET C 386 40.01 -2.57 7.68
CA MET C 386 39.47 -3.93 7.78
C MET C 386 40.25 -4.86 6.87
N LEU C 387 40.12 -6.14 7.16
CA LEU C 387 40.73 -7.25 6.43
C LEU C 387 40.15 -7.32 5.01
N ILE C 388 39.04 -6.62 4.75
CA ILE C 388 38.42 -6.60 3.39
C ILE C 388 38.14 -5.16 2.97
N ARG C 389 37.95 -4.99 1.67
CA ARG C 389 37.73 -3.70 0.96
C ARG C 389 36.30 -3.68 0.43
N GLY C 390 35.63 -2.54 0.55
CA GLY C 390 34.22 -2.38 0.13
C GLY C 390 33.65 -1.02 0.53
N LEU C 391 32.41 -0.75 0.10
CA LEU C 391 31.75 0.56 0.27
C LEU C 391 30.81 0.50 1.47
N GLU C 392 30.76 1.57 2.23
CA GLU C 392 29.78 1.64 3.35
C GLU C 392 28.47 2.13 2.75
N ARG C 393 28.55 2.77 1.57
CA ARG C 393 27.33 3.35 0.95
C ARG C 393 27.50 3.47 -0.57
N GLN C 394 26.49 3.08 -1.34
CA GLN C 394 26.49 3.21 -2.80
C GLN C 394 25.15 3.78 -3.29
N ILE C 395 25.06 5.08 -3.38
CA ILE C 395 23.78 5.72 -3.76
C ILE C 395 23.67 5.52 -5.27
N VAL C 396 22.63 4.83 -5.75
CA VAL C 396 22.34 4.64 -7.21
C VAL C 396 20.99 5.26 -7.59
N SER C 397 20.89 5.58 -8.86
CA SER C 397 19.71 6.12 -9.54
C SER C 397 19.31 5.16 -10.67
N TRP C 398 18.05 5.24 -11.15
CA TRP C 398 17.56 4.45 -12.31
C TRP C 398 16.37 5.17 -12.92
N ALA D 2 -17.77 30.67 43.99
CA ALA D 2 -17.82 30.65 45.50
C ALA D 2 -19.10 29.93 45.96
N ASP D 3 -20.27 30.47 45.58
CA ASP D 3 -21.54 30.24 46.32
C ASP D 3 -21.63 28.78 46.73
N ALA D 4 -22.05 28.61 47.98
CA ALA D 4 -22.46 27.33 48.58
C ALA D 4 -23.98 27.26 48.48
N VAL D 5 -24.50 27.33 47.27
CA VAL D 5 -25.94 27.04 47.03
C VAL D 5 -26.02 25.67 46.35
N PRO D 6 -27.03 24.85 46.73
CA PRO D 6 -27.20 23.49 46.22
C PRO D 6 -27.35 23.57 44.70
N ALA D 7 -26.88 22.51 44.03
CA ALA D 7 -27.08 22.22 42.60
C ALA D 7 -28.58 22.12 42.38
N TYR D 8 -29.13 22.71 41.32
CA TYR D 8 -30.54 22.44 40.89
C TYR D 8 -30.57 22.05 39.40
N PRO D 9 -31.19 20.90 39.02
CA PRO D 9 -31.91 20.01 39.95
C PRO D 9 -31.09 19.33 41.07
N PHE D 10 -31.78 18.93 42.15
CA PHE D 10 -31.25 18.28 43.38
C PHE D 10 -30.90 16.80 43.14
N SER D 11 -31.78 16.12 42.46
CA SER D 11 -31.66 14.67 42.13
C SER D 11 -32.04 14.50 40.66
N LEU D 12 -31.76 13.30 40.16
CA LEU D 12 -32.22 12.80 38.85
C LEU D 12 -33.64 12.29 39.04
N PRO D 13 -34.55 12.49 38.07
CA PRO D 13 -35.93 12.04 38.24
C PRO D 13 -36.07 10.51 38.19
N HIS D 14 -36.79 9.90 39.12
CA HIS D 14 -37.10 8.44 39.07
C HIS D 14 -38.61 8.20 38.83
N ALA D 15 -39.03 7.96 37.58
CA ALA D 15 -40.36 7.38 37.24
C ALA D 15 -41.49 8.10 37.96
N LEU D 16 -41.78 9.33 37.63
CA LEU D 16 -42.96 10.08 38.21
C LEU D 16 -42.90 10.19 39.74
N ASP D 17 -41.90 9.65 40.45
CA ASP D 17 -41.65 9.97 41.89
C ASP D 17 -41.27 11.43 41.95
N LEU D 18 -41.54 12.07 43.09
CA LEU D 18 -41.16 13.48 43.34
C LEU D 18 -39.94 13.50 44.24
N ASP D 19 -39.08 14.48 44.02
CA ASP D 19 -37.94 14.73 44.89
C ASP D 19 -38.51 15.14 46.25
N PRO D 20 -38.24 14.38 47.34
CA PRO D 20 -38.71 14.75 48.67
C PRO D 20 -38.41 16.19 49.11
N HIS D 21 -37.39 16.80 48.52
CA HIS D 21 -36.84 18.10 48.98
C HIS D 21 -37.88 19.19 48.68
N TYR D 22 -38.74 19.02 47.68
CA TYR D 22 -39.71 20.08 47.30
C TYR D 22 -40.71 20.30 48.47
N ALA D 23 -41.20 19.24 49.13
CA ALA D 23 -42.16 19.35 50.25
C ALA D 23 -41.53 20.13 51.41
N GLU D 24 -40.25 19.89 51.66
CA GLU D 24 -39.51 20.56 52.74
C GLU D 24 -39.31 22.01 52.38
N LEU D 25 -38.93 22.33 51.15
CA LEU D 25 -38.73 23.75 50.78
C LEU D 25 -40.07 24.49 50.95
N ARG D 26 -41.17 23.89 50.48
CA ARG D 26 -42.50 24.56 50.44
C ARG D 26 -42.85 24.96 51.87
N ARG D 27 -42.31 24.27 52.87
CA ARG D 27 -42.66 24.54 54.29
C ARG D 27 -41.61 25.41 54.99
N ASP D 28 -40.32 25.22 54.72
CA ASP D 28 -39.27 25.90 55.52
C ASP D 28 -38.53 26.99 54.74
N GLU D 29 -38.44 26.88 53.41
CA GLU D 29 -37.65 27.83 52.58
C GLU D 29 -38.26 27.84 51.19
N PRO D 30 -39.40 28.51 51.00
CA PRO D 30 -40.18 28.38 49.78
C PRO D 30 -39.51 29.05 48.57
N VAL D 31 -38.63 30.02 48.83
CA VAL D 31 -37.89 30.70 47.71
C VAL D 31 -36.39 30.58 48.00
N SER D 32 -35.81 29.40 47.74
CA SER D 32 -34.37 29.17 48.02
C SER D 32 -33.51 29.62 46.83
N ARG D 33 -32.21 29.80 47.04
CA ARG D 33 -31.28 30.19 45.93
C ARG D 33 -30.58 28.93 45.44
N VAL D 34 -30.36 28.79 44.12
CA VAL D 34 -29.79 27.54 43.57
C VAL D 34 -28.86 27.88 42.41
N ARG D 35 -28.02 26.90 42.05
CA ARG D 35 -27.20 26.97 40.82
C ARG D 35 -27.80 26.05 39.77
N LEU D 36 -28.12 26.65 38.61
CA LEU D 36 -28.84 25.96 37.51
C LEU D 36 -27.78 25.21 36.71
N PRO D 37 -28.14 24.23 35.84
CA PRO D 37 -27.11 23.40 35.19
C PRO D 37 -26.26 24.23 34.22
N TYR D 38 -26.83 25.21 33.56
CA TYR D 38 -26.07 26.06 32.59
C TYR D 38 -26.29 27.52 32.97
N GLY D 39 -25.62 28.41 32.23
CA GLY D 39 -25.42 29.83 32.53
C GLY D 39 -24.49 30.06 33.71
N GLU D 40 -24.27 31.32 34.02
CA GLU D 40 -23.38 31.82 35.11
C GLU D 40 -24.29 32.35 36.21
N GLY D 41 -24.02 31.91 37.42
CA GLY D 41 -24.48 32.54 38.66
C GLY D 41 -25.60 31.75 39.28
N THR D 42 -26.49 32.48 39.88
CA THR D 42 -27.40 31.96 40.89
C THR D 42 -28.82 32.27 40.42
N ALA D 43 -29.84 31.50 40.85
CA ALA D 43 -31.28 31.81 40.61
C ALA D 43 -32.13 31.44 41.82
N TRP D 44 -33.28 32.11 41.96
CA TRP D 44 -34.30 31.81 43.02
C TRP D 44 -35.18 30.69 42.54
N LEU D 45 -35.23 29.57 43.25
CA LEU D 45 -36.16 28.45 42.96
C LEU D 45 -37.46 28.72 43.70
N VAL D 46 -38.56 28.81 42.97
CA VAL D 46 -39.92 29.07 43.49
C VAL D 46 -40.66 27.74 43.50
N THR D 47 -41.12 27.30 44.66
CA THR D 47 -41.70 25.95 44.91
C THR D 47 -43.19 25.99 45.30
N ARG D 48 -43.72 27.18 45.61
CA ARG D 48 -45.12 27.42 46.07
C ARG D 48 -46.00 28.08 44.99
N MET D 49 -47.29 27.75 44.99
CA MET D 49 -48.28 28.30 44.02
C MET D 49 -48.32 29.84 44.06
N SER D 50 -48.43 30.46 45.24
CA SER D 50 -48.61 31.93 45.36
C SER D 50 -47.47 32.64 44.61
N ASP D 51 -46.24 32.28 44.95
CA ASP D 51 -45.01 32.82 44.32
C ASP D 51 -44.95 32.43 42.84
N ALA D 52 -45.34 31.21 42.49
CA ALA D 52 -45.31 30.77 41.09
C ALA D 52 -46.20 31.70 40.26
N ARG D 53 -47.31 32.19 40.84
CA ARG D 53 -48.30 32.97 40.04
C ARG D 53 -47.74 34.38 39.84
N ILE D 54 -47.03 34.91 40.82
CA ILE D 54 -46.36 36.23 40.66
C ILE D 54 -45.24 36.12 39.63
N VAL D 55 -44.34 35.15 39.74
CA VAL D 55 -43.19 35.03 38.80
C VAL D 55 -43.73 34.84 37.37
N LEU D 56 -44.75 34.00 37.18
CA LEU D 56 -45.23 33.72 35.81
C LEU D 56 -46.18 34.82 35.33
N GLY D 57 -46.70 35.68 36.22
CA GLY D 57 -47.94 36.48 36.00
C GLY D 57 -47.75 37.98 35.91
N ASP D 58 -46.55 38.49 35.78
CA ASP D 58 -46.26 39.88 36.18
C ASP D 58 -45.30 40.52 35.19
N SER D 59 -45.58 41.70 34.66
CA SER D 59 -44.65 42.38 33.73
C SER D 59 -43.28 42.68 34.38
N ARG D 60 -43.11 42.61 35.70
CA ARG D 60 -41.79 42.92 36.31
C ARG D 60 -40.86 41.72 36.15
N PHE D 61 -41.43 40.57 35.79
CA PHE D 61 -40.71 39.33 35.42
C PHE D 61 -40.64 39.20 33.90
N SER D 62 -39.42 39.31 33.35
CA SER D 62 -39.12 39.34 31.90
C SER D 62 -38.44 38.03 31.49
N THR D 63 -39.02 37.35 30.51
CA THR D 63 -38.36 36.20 29.81
C THR D 63 -37.40 36.73 28.74
N ALA D 64 -37.65 37.88 28.11
CA ALA D 64 -36.72 38.40 27.08
C ALA D 64 -35.33 38.62 27.72
N ALA D 65 -35.34 39.03 28.99
CA ALA D 65 -34.15 39.51 29.72
C ALA D 65 -33.24 38.31 30.01
N ALA D 66 -33.76 37.10 29.81
CA ALA D 66 -33.09 35.83 30.16
C ALA D 66 -32.46 35.13 28.93
N THR D 67 -32.39 35.81 27.78
CA THR D 67 -31.79 35.28 26.51
C THR D 67 -30.26 35.45 26.47
N ASP D 68 -29.75 36.44 27.18
CA ASP D 68 -28.30 36.61 27.50
C ASP D 68 -27.66 35.25 27.78
N PRO D 69 -26.63 34.87 27.00
CA PRO D 69 -25.86 33.63 27.23
C PRO D 69 -25.35 33.42 28.67
N ALA D 70 -25.11 34.49 29.42
CA ALA D 70 -24.66 34.48 30.83
C ALA D 70 -25.79 34.06 31.78
N THR D 71 -27.04 34.35 31.43
CA THR D 71 -28.21 34.09 32.31
C THR D 71 -28.32 32.59 32.61
N PRO D 72 -28.55 32.21 33.90
CA PRO D 72 -28.86 30.84 34.28
C PRO D 72 -30.00 30.23 33.45
N ARG D 73 -29.98 28.92 33.19
CA ARG D 73 -31.05 28.22 32.44
C ARG D 73 -30.96 26.69 32.68
N MET D 74 -32.02 25.93 32.36
CA MET D 74 -32.14 24.47 32.66
C MET D 74 -31.51 23.64 31.54
N PHE D 75 -31.24 24.26 30.40
CA PHE D 75 -30.98 23.58 29.11
C PHE D 75 -29.71 24.16 28.50
N PRO D 76 -28.92 23.32 27.79
CA PRO D 76 -27.56 23.66 27.37
C PRO D 76 -27.40 24.90 26.51
N THR D 77 -28.21 25.11 25.48
CA THR D 77 -27.96 26.21 24.52
C THR D 77 -28.58 27.47 25.10
N PRO D 78 -28.00 28.66 24.82
CA PRO D 78 -28.65 29.94 25.14
C PRO D 78 -30.04 29.93 24.48
N PRO D 79 -31.08 30.54 25.07
CA PRO D 79 -32.38 30.55 24.43
C PRO D 79 -32.37 31.34 23.11
N GLU D 80 -33.22 30.90 22.20
CA GLU D 80 -33.55 31.56 20.92
C GLU D 80 -34.31 32.85 21.19
N PRO D 81 -33.67 34.05 21.02
CA PRO D 81 -34.36 35.33 21.22
C PRO D 81 -35.64 35.52 20.39
N ASP D 82 -35.81 34.82 19.26
CA ASP D 82 -37.02 34.91 18.39
C ASP D 82 -38.09 33.90 18.83
N GLY D 83 -37.89 33.13 19.89
CA GLY D 83 -38.91 32.17 20.34
C GLY D 83 -40.00 32.86 21.16
N VAL D 84 -41.20 32.28 21.12
CA VAL D 84 -42.41 32.85 21.76
C VAL D 84 -42.15 32.99 23.27
N LEU D 85 -41.51 31.99 23.85
CA LEU D 85 -41.25 31.89 25.32
C LEU D 85 -40.26 32.99 25.73
N ALA D 86 -39.42 33.48 24.82
CA ALA D 86 -38.43 34.57 25.07
C ALA D 86 -38.99 35.96 24.77
N GLN D 87 -40.30 36.09 24.62
CA GLN D 87 -40.92 37.40 24.33
C GLN D 87 -41.75 37.89 25.54
N ASP D 88 -41.71 39.19 25.82
CA ASP D 88 -42.57 39.82 26.86
C ASP D 88 -43.71 40.50 26.12
N PRO D 89 -44.92 40.60 26.72
CA PRO D 89 -45.97 41.45 26.16
C PRO D 89 -45.53 42.90 26.19
N PRO D 90 -45.97 43.75 25.24
CA PRO D 90 -46.96 43.32 24.23
C PRO D 90 -46.49 42.54 22.97
N ASP D 91 -45.19 42.47 22.66
CA ASP D 91 -44.67 41.71 21.47
C ASP D 91 -45.10 40.24 21.54
N HIS D 92 -45.10 39.62 22.71
CA HIS D 92 -45.51 38.21 22.88
C HIS D 92 -46.97 38.12 22.46
N THR D 93 -47.74 39.15 22.86
CA THR D 93 -49.21 39.15 22.68
C THR D 93 -49.47 39.13 21.18
N ARG D 94 -48.74 39.93 20.43
CA ARG D 94 -48.96 40.04 18.97
C ARG D 94 -48.42 38.79 18.25
N LEU D 95 -47.36 38.19 18.78
CA LEU D 95 -46.77 36.96 18.20
C LEU D 95 -47.78 35.81 18.33
N ARG D 96 -48.43 35.69 19.49
CA ARG D 96 -49.48 34.65 19.66
C ARG D 96 -50.58 34.85 18.62
N ARG D 97 -50.97 36.09 18.36
CA ARG D 97 -52.10 36.38 17.43
C ARG D 97 -51.94 35.63 16.12
N LEU D 98 -50.70 35.44 15.64
CA LEU D 98 -50.38 34.59 14.46
C LEU D 98 -51.25 33.32 14.40
N VAL D 99 -51.40 32.57 15.49
CA VAL D 99 -51.94 31.17 15.51
C VAL D 99 -52.98 31.00 16.60
N GLY D 100 -53.18 31.99 17.44
CA GLY D 100 -54.09 31.94 18.61
C GLY D 100 -55.50 31.55 18.17
N LYS D 101 -55.97 32.01 17.02
CA LYS D 101 -57.33 31.63 16.54
C LYS D 101 -57.57 30.10 16.66
N ALA D 102 -56.66 29.25 16.15
CA ALA D 102 -56.84 27.77 16.05
C ALA D 102 -56.80 27.08 17.43
N PHE D 103 -56.42 27.77 18.50
CA PHE D 103 -56.17 27.13 19.81
C PHE D 103 -57.21 27.62 20.84
N THR D 104 -58.19 28.42 20.45
CA THR D 104 -59.30 28.79 21.39
C THR D 104 -60.06 27.53 21.76
N ALA D 105 -60.68 27.52 22.94
CA ALA D 105 -61.40 26.32 23.42
C ALA D 105 -62.28 25.76 22.29
N ARG D 106 -63.20 26.59 21.78
CA ARG D 106 -64.12 26.20 20.67
CA ARG D 106 -64.11 26.09 20.67
C ARG D 106 -63.50 25.63 19.38
N ARG D 107 -62.45 26.30 18.91
CA ARG D 107 -61.67 25.82 17.74
C ARG D 107 -61.13 24.42 18.07
N VAL D 108 -60.87 24.16 19.35
CA VAL D 108 -60.30 22.84 19.75
C VAL D 108 -61.47 21.87 19.96
N GLU D 109 -62.53 22.29 20.62
CA GLU D 109 -63.71 21.42 20.79
C GLU D 109 -64.24 20.94 19.40
N GLU D 110 -64.24 21.76 18.35
CA GLU D 110 -64.73 21.36 16.99
C GLU D 110 -63.86 20.23 16.37
N MET D 111 -62.62 20.01 16.87
CA MET D 111 -61.69 18.93 16.42
C MET D 111 -62.11 17.59 17.01
N ARG D 112 -62.94 17.59 18.04
CA ARG D 112 -63.16 16.34 18.82
C ARG D 112 -63.62 15.23 17.88
N PRO D 113 -64.57 15.44 16.95
CA PRO D 113 -64.98 14.35 16.08
C PRO D 113 -63.85 13.70 15.26
N ARG D 114 -62.97 14.51 14.64
CA ARG D 114 -61.82 14.03 13.79
C ARG D 114 -60.81 13.36 14.72
N VAL D 115 -60.61 13.92 15.90
CA VAL D 115 -59.60 13.41 16.85
C VAL D 115 -60.07 12.05 17.37
N ARG D 116 -61.34 11.92 17.72
CA ARG D 116 -61.97 10.65 18.14
C ARG D 116 -61.80 9.59 17.05
N SER D 117 -62.01 10.00 15.81
CA SER D 117 -61.94 9.09 14.64
C SER D 117 -60.48 8.60 14.42
N LEU D 118 -59.47 9.46 14.59
CA LEU D 118 -58.04 9.11 14.70
C LEU D 118 -57.73 8.04 15.75
N VAL D 119 -58.18 8.25 16.98
CA VAL D 119 -57.91 7.34 18.13
C VAL D 119 -58.51 5.96 17.82
N ASP D 120 -59.79 5.89 17.42
CA ASP D 120 -60.48 4.61 17.05
C ASP D 120 -59.64 3.88 16.01
N SER D 121 -59.18 4.60 15.01
CA SER D 121 -58.37 4.07 13.90
C SER D 121 -57.09 3.44 14.44
N LEU D 122 -56.37 4.14 15.32
CA LEU D 122 -55.08 3.65 15.91
C LEU D 122 -55.35 2.47 16.83
N LEU D 123 -56.41 2.51 17.62
CA LEU D 123 -56.74 1.39 18.53
C LEU D 123 -57.17 0.19 17.68
N ASP D 124 -57.79 0.42 16.52
CA ASP D 124 -58.15 -0.68 15.59
C ASP D 124 -56.87 -1.38 15.13
N ASP D 125 -55.80 -0.64 14.87
CA ASP D 125 -54.48 -1.20 14.46
C ASP D 125 -53.90 -1.97 15.64
N MET D 126 -54.02 -1.43 16.84
CA MET D 126 -53.50 -2.14 18.01
C MET D 126 -54.23 -3.45 18.20
N VAL D 127 -55.57 -3.53 18.06
CA VAL D 127 -56.26 -4.79 18.46
C VAL D 127 -55.93 -5.85 17.41
N ALA D 128 -55.77 -5.42 16.14
CA ALA D 128 -55.43 -6.28 14.96
C ALA D 128 -54.02 -6.86 15.14
N HIS D 129 -53.03 -6.06 15.58
CA HIS D 129 -51.72 -6.58 16.05
C HIS D 129 -51.95 -7.65 17.13
N GLY D 130 -52.91 -7.44 18.06
CA GLY D 130 -53.24 -8.37 19.16
C GLY D 130 -52.34 -8.15 20.37
N SER D 131 -52.74 -8.74 21.52
CA SER D 131 -52.15 -8.54 22.86
C SER D 131 -51.03 -9.53 23.17
N PRO D 132 -49.87 -9.11 23.74
CA PRO D 132 -49.64 -7.72 24.16
C PRO D 132 -49.05 -6.77 23.10
N ALA D 133 -48.92 -5.48 23.44
CA ALA D 133 -48.51 -4.42 22.49
C ALA D 133 -47.89 -3.20 23.19
N ASP D 134 -46.90 -2.61 22.51
CA ASP D 134 -46.32 -1.30 22.90
C ASP D 134 -47.37 -0.20 22.62
N LEU D 135 -47.89 0.37 23.72
CA LEU D 135 -48.86 1.48 23.68
C LEU D 135 -48.17 2.73 23.12
N VAL D 136 -46.86 2.88 23.34
CA VAL D 136 -46.11 4.03 22.79
C VAL D 136 -46.17 3.98 21.28
N GLU D 137 -45.79 2.84 20.70
CA GLU D 137 -45.76 2.61 19.24
C GLU D 137 -47.16 2.79 18.66
N PHE D 138 -48.17 2.24 19.35
CA PHE D 138 -49.52 2.04 18.77
C PHE D 138 -50.40 3.26 19.06
N LEU D 139 -50.16 4.04 20.10
CA LEU D 139 -51.05 5.19 20.47
C LEU D 139 -50.27 6.49 20.77
N ALA D 140 -49.47 6.48 21.85
CA ALA D 140 -48.77 7.65 22.44
C ALA D 140 -48.05 8.49 21.38
N VAL D 141 -47.31 7.89 20.46
CA VAL D 141 -46.56 8.65 19.43
C VAL D 141 -47.47 8.94 18.24
N PRO D 142 -48.05 7.92 17.55
CA PRO D 142 -48.81 8.21 16.33
C PRO D 142 -49.96 9.22 16.52
N PHE D 143 -50.60 9.27 17.68
CA PHE D 143 -51.88 10.04 17.83
C PHE D 143 -51.58 11.53 17.81
N PRO D 144 -50.77 12.02 18.76
CA PRO D 144 -50.39 13.43 18.78
C PRO D 144 -49.59 13.85 17.56
N VAL D 145 -48.81 12.94 17.00
CA VAL D 145 -48.03 13.27 15.77
C VAL D 145 -49.03 13.55 14.63
N ALA D 146 -50.03 12.70 14.43
CA ALA D 146 -51.04 12.89 13.37
C ALA D 146 -51.82 14.20 13.62
N VAL D 147 -52.19 14.49 14.87
CA VAL D 147 -53.01 15.70 15.17
C VAL D 147 -52.22 16.97 14.82
N ILE D 148 -50.94 17.05 15.23
CA ILE D 148 -50.14 18.31 15.02
C ILE D 148 -49.74 18.45 13.54
N CYS D 149 -49.46 17.34 12.86
CA CYS D 149 -49.14 17.39 11.41
C CYS D 149 -50.34 17.91 10.61
N GLU D 150 -51.57 17.47 10.92
CA GLU D 150 -52.81 18.00 10.26
C GLU D 150 -53.00 19.47 10.66
N LEU D 151 -52.92 19.83 11.92
CA LEU D 151 -53.17 21.24 12.30
C LEU D 151 -52.15 22.15 11.61
N LEU D 152 -50.86 21.82 11.71
CA LEU D 152 -49.78 22.69 11.18
C LEU D 152 -49.75 22.55 9.66
N GLY D 153 -49.95 21.34 9.13
CA GLY D 153 -49.75 21.04 7.69
C GLY D 153 -48.33 20.58 7.40
N VAL D 154 -47.79 19.76 8.29
CA VAL D 154 -46.45 19.15 8.22
C VAL D 154 -46.66 17.74 7.70
N PRO D 155 -45.84 17.28 6.74
CA PRO D 155 -46.03 15.95 6.17
C PRO D 155 -45.80 14.90 7.26
N LEU D 156 -46.71 13.95 7.35
CA LEU D 156 -46.69 12.89 8.40
C LEU D 156 -45.51 11.93 8.14
N GLU D 157 -45.00 11.88 6.91
CA GLU D 157 -43.82 11.06 6.57
C GLU D 157 -42.49 11.71 7.02
N ASP D 158 -42.55 12.97 7.45
CA ASP D 158 -41.33 13.66 7.96
C ASP D 158 -41.25 13.49 9.49
N ARG D 159 -42.08 12.61 10.04
CA ARG D 159 -42.15 12.37 11.51
C ARG D 159 -40.79 12.09 12.10
N ASP D 160 -40.12 11.08 11.56
CA ASP D 160 -38.77 10.69 12.04
C ASP D 160 -37.86 11.92 12.01
N LEU D 161 -37.68 12.52 10.82
CA LEU D 161 -36.87 13.75 10.71
C LEU D 161 -37.23 14.73 11.83
N PHE D 162 -38.50 15.08 12.06
CA PHE D 162 -38.77 16.15 13.07
C PHE D 162 -38.73 15.62 14.49
N ARG D 163 -39.08 14.38 14.78
CA ARG D 163 -38.85 13.72 16.11
C ARG D 163 -37.33 13.59 16.45
N THR D 164 -36.41 13.40 15.49
CA THR D 164 -34.96 13.40 15.81
C THR D 164 -34.58 14.80 16.29
N PHE D 165 -35.03 15.84 15.58
CA PHE D 165 -34.76 17.24 15.95
C PHE D 165 -35.34 17.53 17.35
N SER D 166 -36.59 17.16 17.60
CA SER D 166 -37.34 17.47 18.86
C SER D 166 -36.61 16.84 20.06
N ASP D 167 -36.35 15.54 19.95
CA ASP D 167 -35.62 14.81 21.05
CA ASP D 167 -35.61 14.80 21.03
C ASP D 167 -34.28 15.48 21.39
N ALA D 168 -33.55 15.83 20.33
CA ALA D 168 -32.28 16.56 20.58
C ALA D 168 -32.58 17.87 21.34
N MET D 169 -33.61 18.60 20.93
CA MET D 169 -33.85 19.99 21.42
C MET D 169 -34.56 19.99 22.78
N LEU D 170 -35.12 18.88 23.21
CA LEU D 170 -35.67 18.67 24.57
C LEU D 170 -34.59 18.14 25.53
N SER D 171 -33.32 18.20 25.17
CA SER D 171 -32.34 17.54 26.07
C SER D 171 -31.95 18.54 27.18
N SER D 172 -31.78 18.00 28.39
CA SER D 172 -31.28 18.75 29.58
C SER D 172 -29.78 18.50 29.71
N THR D 173 -29.33 17.25 29.90
CA THR D 173 -27.91 16.89 30.16
C THR D 173 -27.31 16.05 29.02
N ARG D 174 -28.15 15.44 28.18
CA ARG D 174 -27.81 14.32 27.24
C ARG D 174 -26.79 14.78 26.16
N LEU D 175 -27.00 15.97 25.56
CA LEU D 175 -26.19 16.52 24.44
C LEU D 175 -25.55 17.83 24.90
N THR D 176 -24.44 18.20 24.26
CA THR D 176 -23.76 19.51 24.45
C THR D 176 -24.52 20.60 23.70
N ALA D 177 -24.27 21.84 24.09
CA ALA D 177 -24.78 23.10 23.47
C ALA D 177 -24.43 23.13 21.95
N ALA D 178 -23.18 22.94 21.55
CA ALA D 178 -22.78 23.00 20.12
C ALA D 178 -23.58 21.98 19.27
N GLU D 179 -23.94 20.85 19.85
CA GLU D 179 -24.67 19.75 19.16
C GLU D 179 -26.14 20.16 18.98
N ILE D 180 -26.77 20.71 20.02
CA ILE D 180 -28.20 21.12 19.97
C ILE D 180 -28.33 22.33 19.02
N GLN D 181 -27.37 23.24 19.12
CA GLN D 181 -27.25 24.44 18.24
C GLN D 181 -27.33 24.00 16.79
N ARG D 182 -26.57 22.99 16.40
CA ARG D 182 -26.59 22.47 15.01
C ARG D 182 -28.02 22.05 14.65
N VAL D 183 -28.70 21.31 15.54
CA VAL D 183 -30.05 20.76 15.26
C VAL D 183 -31.04 21.93 15.18
N GLN D 184 -30.93 22.92 16.09
CA GLN D 184 -31.79 24.13 16.04
C GLN D 184 -31.64 24.80 14.68
N GLN D 185 -30.42 24.99 14.20
CA GLN D 185 -30.20 25.62 12.87
C GLN D 185 -30.81 24.78 11.75
N ASP D 186 -30.70 23.45 11.79
CA ASP D 186 -31.30 22.58 10.74
C ASP D 186 -32.81 22.53 10.91
N PHE D 187 -33.35 22.59 12.12
CA PHE D 187 -34.82 22.68 12.35
C PHE D 187 -35.35 23.99 11.73
N MET D 188 -34.63 25.09 11.91
CA MET D 188 -35.05 26.42 11.38
C MET D 188 -35.15 26.34 9.85
N VAL D 189 -34.15 25.81 9.14
CA VAL D 189 -34.15 25.85 7.63
C VAL D 189 -35.21 24.88 7.09
N TYR D 190 -35.49 23.78 7.80
CA TYR D 190 -36.56 22.83 7.47
C TYR D 190 -37.90 23.58 7.53
N MET D 191 -38.21 24.19 8.69
CA MET D 191 -39.47 24.93 8.91
C MET D 191 -39.53 26.10 7.91
N ASP D 192 -38.47 26.88 7.82
CA ASP D 192 -38.41 27.95 6.79
C ASP D 192 -38.80 27.38 5.41
N GLY D 193 -38.30 26.21 5.04
CA GLY D 193 -38.55 25.62 3.71
C GLY D 193 -39.99 25.17 3.60
N LEU D 194 -40.57 24.62 4.68
CA LEU D 194 -42.01 24.29 4.71
C LEU D 194 -42.83 25.56 4.47
N VAL D 195 -42.64 26.67 5.22
CA VAL D 195 -43.47 27.88 4.97
C VAL D 195 -43.21 28.41 3.57
N ALA D 196 -41.99 28.29 3.03
CA ALA D 196 -41.63 28.72 1.65
C ALA D 196 -42.46 28.00 0.58
N GLN D 197 -42.90 26.76 0.81
CA GLN D 197 -43.80 25.97 -0.09
C GLN D 197 -45.14 26.69 -0.32
N ARG D 198 -45.50 27.66 0.53
CA ARG D 198 -46.81 28.37 0.42
C ARG D 198 -46.72 29.60 -0.52
N ARG D 199 -45.51 29.99 -0.95
CA ARG D 199 -45.30 31.07 -1.97
C ARG D 199 -46.11 30.70 -3.22
N ASP D 200 -45.93 29.47 -3.68
CA ASP D 200 -46.75 28.91 -4.79
C ASP D 200 -48.24 28.80 -4.40
N ALA D 201 -48.55 27.91 -3.43
CA ALA D 201 -49.91 27.47 -3.08
C ALA D 201 -50.17 27.73 -1.60
N PRO D 202 -50.99 28.74 -1.26
CA PRO D 202 -51.46 28.92 0.11
C PRO D 202 -52.16 27.62 0.56
N THR D 203 -52.25 27.38 1.88
CA THR D 203 -52.83 26.15 2.49
C THR D 203 -53.75 26.52 3.66
N GLU D 204 -54.82 25.78 3.87
CA GLU D 204 -55.75 26.08 5.00
CA GLU D 204 -55.80 26.00 4.97
C GLU D 204 -55.26 25.33 6.24
N ASP D 205 -54.13 25.81 6.77
CA ASP D 205 -53.47 25.25 7.99
C ASP D 205 -52.61 26.35 8.62
N LEU D 206 -52.02 26.12 9.80
CA LEU D 206 -51.19 27.16 10.46
C LEU D 206 -49.96 27.55 9.63
N LEU D 207 -49.28 26.63 8.98
CA LEU D 207 -48.13 27.01 8.13
C LEU D 207 -48.59 27.98 7.03
N GLY D 208 -49.83 27.86 6.56
CA GLY D 208 -50.50 28.82 5.65
C GLY D 208 -50.56 30.22 6.24
N ALA D 209 -51.05 30.35 7.46
CA ALA D 209 -51.14 31.63 8.19
C ALA D 209 -49.74 32.23 8.39
N LEU D 210 -48.74 31.36 8.61
CA LEU D 210 -47.36 31.82 8.87
C LEU D 210 -46.72 32.23 7.53
N ALA D 211 -47.02 31.53 6.44
CA ALA D 211 -46.58 32.01 5.11
C ALA D 211 -47.14 33.42 4.91
N LEU D 212 -48.43 33.63 5.25
CA LEU D 212 -49.16 34.90 4.92
C LEU D 212 -48.60 36.05 5.77
N ALA D 213 -48.23 35.77 7.02
CA ALA D 213 -47.56 36.73 7.94
C ALA D 213 -46.20 37.21 7.37
N THR D 214 -45.41 36.33 6.74
CA THR D 214 -44.08 36.71 6.20
C THR D 214 -44.28 37.77 5.12
N ASP D 215 -45.30 37.58 4.28
CA ASP D 215 -45.51 38.48 3.11
C ASP D 215 -46.07 39.82 3.60
N ASN D 216 -47.15 39.79 4.40
CA ASN D 216 -47.83 41.03 4.81
C ASN D 216 -48.01 41.11 6.34
N ASP D 217 -46.92 41.41 7.05
CA ASP D 217 -46.90 41.56 8.53
C ASP D 217 -45.51 42.14 8.74
N ASP D 218 -45.43 43.40 9.16
CA ASP D 218 -44.12 44.07 9.30
C ASP D 218 -43.81 44.19 10.80
N HIS D 219 -44.76 43.80 11.64
CA HIS D 219 -44.49 43.82 13.11
C HIS D 219 -43.62 42.60 13.45
N LEU D 220 -43.81 41.49 12.72
CA LEU D 220 -43.18 40.18 13.04
C LEU D 220 -42.05 39.88 12.05
N THR D 221 -40.86 39.63 12.57
CA THR D 221 -39.68 39.15 11.80
C THR D 221 -40.01 37.75 11.24
N LYS D 222 -39.41 37.43 10.08
CA LYS D 222 -39.39 36.06 9.52
C LYS D 222 -38.91 35.04 10.57
N GLY D 223 -37.85 35.40 11.32
CA GLY D 223 -37.28 34.62 12.45
C GLY D 223 -38.35 34.23 13.44
N GLU D 224 -39.17 35.21 13.82
CA GLU D 224 -40.26 35.07 14.85
C GLU D 224 -41.30 34.09 14.30
N ILE D 225 -41.73 34.26 13.06
CA ILE D 225 -42.77 33.40 12.42
C ILE D 225 -42.20 32.00 12.26
N VAL D 226 -41.05 31.89 11.61
CA VAL D 226 -40.54 30.54 11.30
C VAL D 226 -40.35 29.82 12.63
N ASN D 227 -39.87 30.52 13.64
CA ASN D 227 -39.59 29.87 14.91
C ASN D 227 -40.90 29.41 15.60
N MET D 228 -42.04 29.92 15.19
CA MET D 228 -43.35 29.60 15.79
C MET D 228 -43.75 28.19 15.31
N GLY D 229 -43.53 27.91 14.04
CA GLY D 229 -43.64 26.55 13.50
C GLY D 229 -42.91 25.48 14.31
N VAL D 230 -41.62 25.74 14.63
CA VAL D 230 -40.72 24.80 15.36
C VAL D 230 -41.34 24.56 16.72
N SER D 231 -41.60 25.66 17.44
CA SER D 231 -42.18 25.63 18.82
C SER D 231 -43.44 24.74 18.86
N LEU D 232 -44.35 24.98 17.92
CA LEU D 232 -45.66 24.31 17.91
C LEU D 232 -45.44 22.85 17.53
N LEU D 233 -44.62 22.60 16.54
CA LEU D 233 -44.30 21.21 16.11
C LEU D 233 -43.68 20.40 17.27
N ILE D 234 -42.77 20.97 18.08
CA ILE D 234 -42.07 20.23 19.18
C ILE D 234 -43.01 20.06 20.36
N ALA D 235 -43.48 21.17 20.94
CA ALA D 235 -44.39 21.16 22.13
C ALA D 235 -45.72 20.46 21.79
N GLY D 236 -46.16 20.56 20.55
CA GLY D 236 -47.48 20.05 20.11
C GLY D 236 -47.56 18.54 20.18
N HIS D 237 -46.45 17.82 20.04
CA HIS D 237 -46.53 16.34 20.13
C HIS D 237 -45.75 15.85 21.36
N GLU D 238 -44.59 16.45 21.68
CA GLU D 238 -43.66 15.90 22.70
C GLU D 238 -44.38 15.83 24.06
N THR D 239 -45.03 16.91 24.51
CA THR D 239 -45.78 16.94 25.79
C THR D 239 -46.83 15.82 25.82
N SER D 240 -47.61 15.70 24.75
CA SER D 240 -48.78 14.77 24.69
C SER D 240 -48.33 13.31 24.65
N VAL D 241 -47.30 13.01 23.88
CA VAL D 241 -46.72 11.63 23.79
C VAL D 241 -46.38 11.19 25.21
N ASN D 242 -45.59 11.96 25.95
CA ASN D 242 -45.15 11.56 27.30
C ASN D 242 -46.37 11.52 28.22
N GLN D 243 -47.27 12.49 28.10
CA GLN D 243 -48.38 12.63 29.05
C GLN D 243 -49.36 11.44 28.90
N ILE D 244 -49.61 10.95 27.69
CA ILE D 244 -50.41 9.71 27.51
C ILE D 244 -49.78 8.55 28.31
N THR D 245 -48.46 8.36 28.18
CA THR D 245 -47.76 7.27 28.92
C THR D 245 -47.83 7.55 30.43
N ASN D 246 -47.64 8.79 30.85
CA ASN D 246 -47.61 9.20 32.28
C ASN D 246 -48.97 8.90 32.95
N LEU D 247 -50.07 9.27 32.26
CA LEU D 247 -51.42 9.05 32.76
C LEU D 247 -51.67 7.54 32.82
N VAL D 248 -51.38 6.81 31.74
CA VAL D 248 -51.63 5.34 31.71
C VAL D 248 -50.80 4.67 32.84
N HIS D 249 -49.60 5.17 33.13
CA HIS D 249 -48.74 4.57 34.16
C HIS D 249 -49.43 4.71 35.52
N LEU D 250 -49.89 5.91 35.90
CA LEU D 250 -50.58 6.15 37.20
C LEU D 250 -51.85 5.31 37.28
N LEU D 251 -52.59 5.18 36.19
CA LEU D 251 -53.87 4.41 36.19
C LEU D 251 -53.59 2.93 36.42
N LEU D 252 -52.55 2.33 35.81
CA LEU D 252 -52.30 0.86 35.90
C LEU D 252 -51.43 0.50 37.12
N THR D 253 -50.59 1.39 37.68
CA THR D 253 -49.74 0.97 38.85
C THR D 253 -50.61 0.74 40.08
N GLU D 254 -51.77 1.42 40.15
CA GLU D 254 -52.80 1.23 41.20
C GLU D 254 -54.12 1.06 40.44
N ARG D 255 -54.38 -0.11 39.86
CA ARG D 255 -55.53 -0.37 38.95
C ARG D 255 -56.90 0.05 39.51
N LYS D 256 -57.02 0.27 40.82
CA LYS D 256 -58.35 0.82 41.22
CA LYS D 256 -58.35 0.82 41.22
C LYS D 256 -58.68 2.11 40.44
N ARG D 257 -57.65 2.88 40.18
CA ARG D 257 -57.76 4.15 39.43
C ARG D 257 -58.29 3.90 38.01
N TYR D 258 -57.59 3.09 37.22
CA TYR D 258 -58.09 2.60 35.91
C TYR D 258 -59.54 2.10 36.06
N GLU D 259 -59.85 1.34 37.12
CA GLU D 259 -61.15 0.60 37.24
C GLU D 259 -62.26 1.63 37.47
N SER D 260 -61.98 2.68 38.23
CA SER D 260 -62.97 3.72 38.58
C SER D 260 -63.33 4.49 37.30
N LEU D 261 -62.42 4.58 36.33
CA LEU D 261 -62.74 5.29 35.06
C LEU D 261 -63.53 4.35 34.16
N VAL D 262 -63.23 3.04 34.19
CA VAL D 262 -63.93 1.96 33.44
C VAL D 262 -65.39 1.94 33.89
N ALA D 263 -65.62 2.07 35.20
CA ALA D 263 -66.98 2.05 35.80
C ALA D 263 -67.76 3.29 35.35
N ASP D 264 -67.08 4.45 35.21
CA ASP D 264 -67.69 5.76 34.86
C ASP D 264 -66.81 6.55 33.90
N PRO D 265 -66.86 6.32 32.57
CA PRO D 265 -66.04 7.08 31.64
C PRO D 265 -66.26 8.61 31.68
N ALA D 266 -67.39 9.07 32.24
CA ALA D 266 -67.70 10.51 32.40
C ALA D 266 -66.74 11.15 33.43
N LEU D 267 -66.09 10.34 34.27
CA LEU D 267 -65.06 10.83 35.22
C LEU D 267 -63.75 11.18 34.50
N VAL D 268 -63.58 10.83 33.25
CA VAL D 268 -62.27 11.05 32.54
C VAL D 268 -61.82 12.51 32.50
N PRO D 269 -62.63 13.53 32.10
CA PRO D 269 -62.15 14.91 32.09
C PRO D 269 -61.54 15.36 33.43
N ALA D 270 -62.23 15.11 34.55
CA ALA D 270 -61.80 15.46 35.91
C ALA D 270 -60.52 14.65 36.28
N ALA D 271 -60.46 13.36 35.90
CA ALA D 271 -59.26 12.51 36.13
C ALA D 271 -58.08 13.14 35.38
N VAL D 272 -58.30 13.56 34.13
CA VAL D 272 -57.22 14.19 33.32
C VAL D 272 -56.70 15.42 34.07
N GLU D 273 -57.59 16.32 34.53
CA GLU D 273 -57.17 17.55 35.25
C GLU D 273 -56.35 17.12 36.48
N GLU D 274 -56.80 16.08 37.20
CA GLU D 274 -56.14 15.65 38.44
C GLU D 274 -54.73 15.12 38.11
N MET D 275 -54.62 14.32 37.05
CA MET D 275 -53.32 13.72 36.66
C MET D 275 -52.41 14.77 36.04
N LEU D 276 -52.93 15.80 35.37
CA LEU D 276 -52.09 16.96 34.95
C LEU D 276 -51.48 17.63 36.19
N ARG D 277 -52.28 17.88 37.23
CA ARG D 277 -51.75 18.41 38.52
C ARG D 277 -50.64 17.50 39.09
N TYR D 278 -50.90 16.22 39.29
CA TYR D 278 -50.06 15.27 40.06
C TYR D 278 -48.78 14.86 39.30
N THR D 279 -48.82 14.89 37.98
CA THR D 279 -47.80 14.32 37.09
C THR D 279 -46.63 15.32 36.97
N PRO D 280 -45.44 14.91 37.41
CA PRO D 280 -44.29 15.77 37.28
C PRO D 280 -43.67 15.76 35.86
N LEU D 281 -44.42 16.21 34.88
CA LEU D 281 -44.03 16.07 33.46
C LEU D 281 -42.76 16.86 33.22
N VAL D 282 -42.75 18.14 33.62
CA VAL D 282 -41.56 19.02 33.45
C VAL D 282 -40.52 18.62 34.52
N SER D 283 -39.32 18.24 34.07
CA SER D 283 -38.29 17.55 34.89
C SER D 283 -37.87 18.45 36.04
N ALA D 284 -37.44 19.66 35.71
CA ALA D 284 -36.89 20.63 36.69
C ALA D 284 -37.04 22.05 36.15
N GLY D 285 -37.52 22.92 37.02
CA GLY D 285 -37.60 24.37 36.76
C GLY D 285 -38.48 24.66 35.56
N SER D 286 -38.05 25.71 34.83
CA SER D 286 -38.84 26.46 33.81
C SER D 286 -37.87 27.37 33.06
N PHE D 287 -38.35 27.89 31.93
CA PHE D 287 -37.73 29.09 31.32
C PHE D 287 -37.64 30.12 32.43
N VAL D 288 -36.53 30.87 32.41
CA VAL D 288 -36.12 31.74 33.52
C VAL D 288 -36.85 33.05 33.29
N ARG D 289 -37.23 33.70 34.38
CA ARG D 289 -37.81 35.07 34.45
C ARG D 289 -36.84 35.89 35.30
N VAL D 290 -36.35 37.01 34.75
CA VAL D 290 -35.47 38.02 35.39
C VAL D 290 -36.33 39.20 35.82
N ALA D 291 -36.20 39.64 37.08
CA ALA D 291 -36.91 40.82 37.56
C ALA D 291 -36.34 42.01 36.79
N THR D 292 -37.21 42.95 36.38
CA THR D 292 -36.89 44.28 35.82
C THR D 292 -37.00 45.34 36.89
N GLU D 293 -37.71 45.05 37.99
CA GLU D 293 -37.67 45.87 39.25
C GLU D 293 -37.97 44.96 40.47
N ASP D 294 -37.93 45.51 41.68
CA ASP D 294 -38.06 44.70 42.91
C ASP D 294 -39.45 44.07 42.93
N VAL D 295 -39.58 42.82 43.31
CA VAL D 295 -40.89 42.13 43.44
C VAL D 295 -40.95 41.39 44.75
N GLU D 296 -42.00 41.57 45.54
CA GLU D 296 -42.18 40.91 46.85
C GLU D 296 -42.75 39.52 46.61
N LEU D 297 -42.01 38.49 46.96
CA LEU D 297 -42.57 37.13 47.04
C LEU D 297 -42.82 36.80 48.52
N SER D 298 -43.40 35.66 48.85
CA SER D 298 -43.75 35.29 50.25
C SER D 298 -42.61 35.65 51.21
N THR D 299 -41.39 35.11 51.00
CA THR D 299 -40.27 35.16 51.99
C THR D 299 -39.12 36.09 51.59
N VAL D 300 -39.06 36.58 50.37
CA VAL D 300 -37.91 37.40 49.92
C VAL D 300 -38.41 38.44 48.94
N THR D 301 -37.74 39.57 48.91
CA THR D 301 -37.89 40.53 47.80
C THR D 301 -36.85 40.22 46.72
N VAL D 302 -37.28 39.77 45.56
CA VAL D 302 -36.36 39.57 44.40
C VAL D 302 -35.97 40.95 43.91
N ARG D 303 -34.69 41.21 43.64
CA ARG D 303 -34.20 42.50 43.08
C ARG D 303 -34.19 42.39 41.55
N ALA D 304 -34.29 43.53 40.88
CA ALA D 304 -34.06 43.73 39.43
C ALA D 304 -32.75 43.08 39.03
N GLY D 305 -32.71 42.33 37.96
CA GLY D 305 -31.48 41.64 37.53
C GLY D 305 -31.42 40.22 38.05
N GLU D 306 -32.16 39.87 39.09
CA GLU D 306 -32.00 38.53 39.69
C GLU D 306 -32.95 37.61 38.97
N PRO D 307 -32.43 36.47 38.46
CA PRO D 307 -33.25 35.44 37.84
C PRO D 307 -33.99 34.48 38.80
N CYS D 308 -35.16 34.01 38.34
CA CYS D 308 -36.11 33.13 39.05
C CYS D 308 -36.50 31.93 38.19
N VAL D 309 -36.77 30.84 38.86
CA VAL D 309 -37.25 29.62 38.20
C VAL D 309 -38.37 29.02 39.06
N VAL D 310 -39.40 28.47 38.42
CA VAL D 310 -40.57 27.81 39.04
C VAL D 310 -40.47 26.33 38.79
N HIS D 311 -40.74 25.50 39.80
CA HIS D 311 -41.00 24.06 39.62
C HIS D 311 -42.52 23.82 39.57
N PHE D 312 -43.08 23.78 38.36
CA PHE D 312 -44.53 23.59 38.11
C PHE D 312 -45.05 22.49 39.04
N ALA D 313 -44.45 21.31 39.04
CA ALA D 313 -44.97 20.14 39.77
C ALA D 313 -45.02 20.42 41.26
N SER D 314 -44.10 21.25 41.79
CA SER D 314 -44.05 21.63 43.23
C SER D 314 -45.26 22.52 43.61
N ALA D 315 -45.48 23.58 42.86
CA ALA D 315 -46.69 24.42 42.98
C ALA D 315 -47.91 23.50 42.94
N ASN D 316 -47.91 22.45 42.09
CA ASN D 316 -49.10 21.57 41.93
C ASN D 316 -49.31 20.65 43.16
N ARG D 317 -48.43 20.72 44.16
CA ARG D 317 -48.54 19.86 45.38
C ARG D 317 -48.65 20.75 46.64
N ASP D 318 -48.83 22.06 46.44
CA ASP D 318 -48.88 23.10 47.51
C ASP D 318 -50.06 22.81 48.45
N GLU D 319 -49.78 22.49 49.72
CA GLU D 319 -50.82 21.98 50.68
CA GLU D 319 -50.77 21.99 50.72
C GLU D 319 -51.70 23.15 51.13
N GLU D 320 -51.27 24.38 50.86
CA GLU D 320 -52.05 25.59 51.18
C GLU D 320 -53.11 25.78 50.06
N VAL D 321 -52.98 25.17 48.87
CA VAL D 321 -54.07 25.31 47.85
C VAL D 321 -54.81 23.99 47.62
N PHE D 322 -54.18 22.81 47.72
CA PHE D 322 -54.88 21.52 47.48
C PHE D 322 -54.97 20.74 48.79
N ASP D 323 -56.18 20.37 49.19
CA ASP D 323 -56.39 19.45 50.33
C ASP D 323 -55.77 18.09 49.96
N HIS D 324 -55.27 17.32 50.94
CA HIS D 324 -54.54 16.03 50.75
C HIS D 324 -53.70 16.02 49.45
N ALA D 325 -52.92 17.08 49.25
CA ALA D 325 -52.25 17.41 47.97
C ALA D 325 -51.49 16.22 47.35
N ASP D 326 -51.00 15.28 48.17
CA ASP D 326 -50.13 14.16 47.69
C ASP D 326 -50.95 12.92 47.38
N GLU D 327 -52.29 13.02 47.41
CA GLU D 327 -53.20 11.95 46.91
C GLU D 327 -53.77 12.31 45.53
N LEU D 328 -54.00 11.26 44.75
CA LEU D 328 -54.64 11.39 43.43
C LEU D 328 -56.13 11.23 43.71
N ASP D 329 -56.86 12.33 43.63
CA ASP D 329 -58.31 12.39 43.93
C ASP D 329 -59.06 12.84 42.66
N PHE D 330 -59.69 11.92 41.95
CA PHE D 330 -60.49 12.25 40.75
C PHE D 330 -61.77 13.03 41.08
N HIS D 331 -62.11 13.21 42.37
CA HIS D 331 -63.41 13.76 42.84
C HIS D 331 -63.19 15.11 43.55
N ARG D 332 -62.02 15.68 43.33
CA ARG D 332 -61.53 16.94 43.96
C ARG D 332 -62.42 18.07 43.40
N GLU D 333 -63.01 18.92 44.25
CA GLU D 333 -64.00 19.92 43.75
C GLU D 333 -63.24 21.11 43.13
N ARG D 334 -62.04 21.40 43.64
CA ARG D 334 -61.25 22.62 43.33
C ARG D 334 -59.82 22.19 42.95
N ASN D 335 -59.44 22.46 41.69
CA ASN D 335 -58.14 22.06 41.12
C ASN D 335 -57.57 23.19 40.26
N PRO D 336 -57.11 24.33 40.80
CA PRO D 336 -56.44 25.37 40.02
C PRO D 336 -54.94 25.11 39.83
N HIS D 337 -54.57 23.97 39.23
CA HIS D 337 -53.18 23.55 38.90
C HIS D 337 -52.56 24.50 37.87
N ILE D 338 -51.23 24.50 37.78
CA ILE D 338 -50.43 25.16 36.71
C ILE D 338 -49.60 24.11 35.95
N ALA D 339 -50.18 22.95 35.65
CA ALA D 339 -49.61 21.97 34.68
C ALA D 339 -49.26 22.64 33.35
N PHE D 340 -50.01 23.69 32.96
CA PHE D 340 -49.93 24.41 31.67
C PHE D 340 -49.25 25.76 31.92
N GLY D 341 -48.80 25.96 33.13
CA GLY D 341 -48.25 27.27 33.53
C GLY D 341 -49.33 28.28 33.83
N HIS D 342 -48.99 29.54 33.59
CA HIS D 342 -49.71 30.72 34.09
C HIS D 342 -49.19 31.99 33.44
N GLY D 343 -50.04 32.99 33.35
CA GLY D 343 -49.62 34.29 32.82
C GLY D 343 -49.47 34.24 31.33
N ALA D 344 -48.69 35.15 30.78
CA ALA D 344 -48.60 35.38 29.33
C ALA D 344 -48.24 34.06 28.63
N HIS D 345 -47.29 33.31 29.17
CA HIS D 345 -46.80 32.08 28.50
C HIS D 345 -47.68 30.87 28.87
N HIS D 346 -48.83 31.04 29.55
CA HIS D 346 -49.85 29.95 29.70
C HIS D 346 -49.90 29.17 28.38
N CYS D 347 -49.83 27.83 28.47
CA CYS D 347 -49.69 26.90 27.31
C CYS D 347 -50.70 27.28 26.23
N ILE D 348 -50.25 27.70 25.05
CA ILE D 348 -51.15 27.99 23.90
C ILE D 348 -51.96 26.74 23.47
N GLY D 349 -51.51 25.53 23.73
CA GLY D 349 -52.14 24.28 23.29
C GLY D 349 -52.86 23.66 24.44
N ALA D 350 -53.12 24.40 25.51
CA ALA D 350 -53.68 23.80 26.73
C ALA D 350 -54.96 23.04 26.33
N GLN D 351 -55.83 23.62 25.52
CA GLN D 351 -57.14 23.01 25.21
C GLN D 351 -56.89 21.79 24.33
N LEU D 352 -55.96 21.88 23.40
CA LEU D 352 -55.66 20.75 22.50
C LEU D 352 -55.09 19.60 23.33
N GLY D 353 -54.22 19.88 24.32
CA GLY D 353 -53.60 18.84 25.16
C GLY D 353 -54.66 18.13 25.97
N ARG D 354 -55.59 18.89 26.59
CA ARG D 354 -56.78 18.33 27.29
C ARG D 354 -57.59 17.45 26.30
N LEU D 355 -57.84 17.93 25.10
CA LEU D 355 -58.71 17.16 24.17
C LEU D 355 -58.03 15.81 23.87
N GLU D 356 -56.73 15.82 23.61
CA GLU D 356 -55.95 14.63 23.19
C GLU D 356 -55.96 13.62 24.36
N LEU D 357 -55.73 14.10 25.57
CA LEU D 357 -55.59 13.22 26.75
C LEU D 357 -56.97 12.60 27.02
N GLN D 358 -58.02 13.38 26.88
CA GLN D 358 -59.41 12.96 27.20
C GLN D 358 -59.82 11.84 26.26
N GLU D 359 -59.61 12.07 24.97
CA GLU D 359 -60.01 11.17 23.85
C GLU D 359 -59.16 9.87 23.89
N ALA D 360 -57.87 9.94 24.26
CA ALA D 360 -57.00 8.74 24.45
C ALA D 360 -57.46 7.93 25.67
N LEU D 361 -57.63 8.52 26.85
CA LEU D 361 -57.98 7.70 28.04
C LEU D 361 -59.39 7.18 27.88
N SER D 362 -60.31 8.04 27.46
CA SER D 362 -61.74 7.69 27.38
C SER D 362 -61.86 6.47 26.46
N ALA D 363 -61.13 6.48 25.34
CA ALA D 363 -61.16 5.36 24.37
C ALA D 363 -60.67 4.07 25.07
N LEU D 364 -59.55 4.15 25.80
CA LEU D 364 -58.88 2.97 26.42
C LEU D 364 -59.80 2.35 27.47
N VAL D 365 -60.31 3.19 28.33
CA VAL D 365 -61.15 2.81 29.48
C VAL D 365 -62.48 2.21 29.00
N ARG D 366 -62.96 2.61 27.84
CA ARG D 366 -64.27 2.12 27.29
C ARG D 366 -64.10 0.78 26.57
N ARG D 367 -62.97 0.64 25.86
CA ARG D 367 -62.69 -0.46 24.90
C ARG D 367 -61.84 -1.59 25.52
N PHE D 368 -60.93 -1.27 26.45
CA PHE D 368 -60.03 -2.25 27.12
C PHE D 368 -60.21 -2.16 28.63
N PRO D 369 -61.31 -2.67 29.19
CA PRO D 369 -61.49 -2.67 30.65
C PRO D 369 -60.46 -3.59 31.34
N THR D 370 -59.91 -4.56 30.60
CA THR D 370 -58.96 -5.56 31.15
C THR D 370 -57.50 -5.08 30.97
N LEU D 371 -57.28 -3.80 30.70
CA LEU D 371 -55.93 -3.28 30.32
C LEU D 371 -54.98 -3.48 31.50
N ASP D 372 -53.76 -3.92 31.27
CA ASP D 372 -52.78 -4.01 32.37
C ASP D 372 -51.38 -3.85 31.80
N LEU D 373 -50.47 -3.34 32.63
CA LEU D 373 -49.03 -3.33 32.31
C LEU D 373 -48.57 -4.79 32.10
N ALA D 374 -47.90 -5.05 30.99
CA ALA D 374 -47.45 -6.39 30.54
C ALA D 374 -45.93 -6.47 30.44
N GLU D 375 -45.19 -5.52 31.03
CA GLU D 375 -43.73 -5.63 31.27
C GLU D 375 -43.52 -5.23 32.72
N PRO D 376 -42.49 -5.76 33.42
CA PRO D 376 -42.25 -5.43 34.83
C PRO D 376 -42.01 -3.94 35.00
N VAL D 377 -42.47 -3.42 36.14
CA VAL D 377 -42.34 -2.00 36.60
C VAL D 377 -40.85 -1.64 36.73
N ALA D 378 -40.05 -2.54 37.30
CA ALA D 378 -38.62 -2.30 37.64
C ALA D 378 -37.79 -2.08 36.37
N GLY D 379 -38.26 -2.58 35.22
CA GLY D 379 -37.58 -2.41 33.91
C GLY D 379 -38.25 -1.37 33.01
N LEU D 380 -39.09 -0.48 33.52
CA LEU D 380 -39.72 0.52 32.62
C LEU D 380 -38.61 1.48 32.16
N LYS D 381 -38.60 1.79 30.87
CA LYS D 381 -37.59 2.64 30.22
C LYS D 381 -38.00 4.11 30.33
N TRP D 382 -37.75 4.70 31.49
CA TRP D 382 -37.98 6.14 31.71
C TRP D 382 -36.94 6.89 30.86
N LYS D 383 -37.35 7.87 30.07
CA LYS D 383 -36.42 8.75 29.33
C LYS D 383 -35.53 9.46 30.35
N GLN D 384 -34.23 9.50 30.10
CA GLN D 384 -33.22 10.15 30.98
C GLN D 384 -32.64 11.33 30.19
N GLY D 385 -32.29 12.40 30.89
CA GLY D 385 -31.51 13.52 30.34
C GLY D 385 -32.35 14.46 29.50
N MET D 386 -33.67 14.52 29.75
CA MET D 386 -34.55 15.44 28.99
C MET D 386 -35.33 16.36 29.95
N LEU D 387 -35.70 17.55 29.45
CA LEU D 387 -36.58 18.59 30.04
C LEU D 387 -37.94 18.02 30.48
N ILE D 388 -38.33 16.81 30.02
CA ILE D 388 -39.62 16.17 30.41
C ILE D 388 -39.39 14.71 30.79
N ARG D 389 -40.35 14.15 31.51
CA ARG D 389 -40.43 12.73 31.94
C ARG D 389 -41.46 11.95 31.11
N GLY D 390 -41.16 10.69 30.81
CA GLY D 390 -42.02 9.81 30.02
C GLY D 390 -41.37 8.45 29.82
N LEU D 391 -42.12 7.51 29.28
CA LEU D 391 -41.72 6.13 28.98
C LEU D 391 -41.36 5.98 27.49
N GLU D 392 -40.19 5.39 27.20
CA GLU D 392 -39.71 5.08 25.81
C GLU D 392 -40.58 3.97 25.21
N ARG D 393 -41.21 3.18 26.09
CA ARG D 393 -42.01 1.99 25.75
C ARG D 393 -42.96 1.65 26.89
N GLN D 394 -44.16 1.13 26.60
CA GLN D 394 -45.14 0.73 27.64
C GLN D 394 -45.95 -0.47 27.11
N ILE D 395 -45.46 -1.69 27.31
CA ILE D 395 -46.15 -2.89 26.76
C ILE D 395 -47.35 -3.15 27.67
N VAL D 396 -48.51 -3.42 27.07
CA VAL D 396 -49.79 -3.62 27.81
C VAL D 396 -50.54 -4.85 27.24
N SER D 397 -51.27 -5.54 28.11
CA SER D 397 -52.15 -6.69 27.80
C SER D 397 -53.61 -6.24 27.95
N TRP D 398 -54.52 -6.95 27.30
CA TRP D 398 -55.99 -6.76 27.43
C TRP D 398 -56.66 -8.09 27.06
N VAL E 5 -18.12 43.48 -18.28
CA VAL E 5 -18.33 42.50 -17.12
C VAL E 5 -17.17 41.53 -17.13
N PRO E 6 -16.26 41.62 -16.13
CA PRO E 6 -15.03 40.82 -16.15
C PRO E 6 -15.25 39.32 -15.86
N ALA E 7 -14.41 38.47 -16.46
CA ALA E 7 -14.37 37.02 -16.25
C ALA E 7 -13.99 36.77 -14.79
N TYR E 8 -14.69 35.84 -14.13
CA TYR E 8 -14.36 35.23 -12.81
C TYR E 8 -14.15 33.73 -13.03
N PRO E 9 -13.06 33.10 -12.52
CA PRO E 9 -12.03 33.81 -11.75
C PRO E 9 -11.24 34.87 -12.56
N PHE E 10 -10.65 35.82 -11.84
CA PHE E 10 -10.10 37.11 -12.37
C PHE E 10 -8.71 36.82 -12.95
N SER E 11 -7.95 35.95 -12.25
CA SER E 11 -6.55 35.53 -12.53
C SER E 11 -6.32 34.06 -12.15
N LEU E 12 -5.13 33.54 -12.48
CA LEU E 12 -4.61 32.20 -12.07
C LEU E 12 -4.20 32.30 -10.61
N PRO E 13 -4.61 31.35 -9.73
CA PRO E 13 -4.09 31.30 -8.35
C PRO E 13 -2.56 31.28 -8.26
N HIS E 14 -1.98 31.96 -7.28
CA HIS E 14 -0.55 31.76 -6.90
C HIS E 14 -0.50 31.22 -5.47
N ALA E 15 0.17 30.09 -5.26
CA ALA E 15 0.35 29.46 -3.93
C ALA E 15 -1.00 29.35 -3.21
N LEU E 16 -1.05 29.89 -1.98
CA LEU E 16 -2.25 30.19 -1.18
C LEU E 16 -2.47 31.71 -1.05
N ASP E 17 -1.93 32.53 -1.96
CA ASP E 17 -2.25 33.99 -1.99
C ASP E 17 -3.66 34.19 -2.57
N LEU E 18 -4.36 35.21 -2.08
CA LEU E 18 -5.64 35.67 -2.69
C LEU E 18 -5.32 36.70 -3.79
N ASP E 19 -6.16 36.77 -4.82
CA ASP E 19 -6.16 37.89 -5.80
C ASP E 19 -6.29 39.20 -5.01
N PRO E 20 -5.34 40.14 -5.13
CA PRO E 20 -5.51 41.45 -4.50
C PRO E 20 -6.86 42.10 -4.86
N HIS E 21 -7.47 41.80 -6.01
CA HIS E 21 -8.79 42.37 -6.41
C HIS E 21 -9.82 42.13 -5.29
N TYR E 22 -9.71 41.01 -4.55
CA TYR E 22 -10.76 40.64 -3.57
C TYR E 22 -10.92 41.77 -2.54
N ALA E 23 -9.82 42.18 -1.90
CA ALA E 23 -9.76 43.27 -0.88
C ALA E 23 -10.36 44.57 -1.47
N GLU E 24 -9.93 44.98 -2.67
CA GLU E 24 -10.51 46.17 -3.34
C GLU E 24 -12.03 46.02 -3.36
N LEU E 25 -12.49 44.90 -3.92
CA LEU E 25 -13.94 44.61 -4.12
C LEU E 25 -14.69 44.78 -2.79
N ARG E 26 -14.15 44.24 -1.69
CA ARG E 26 -14.79 44.27 -0.35
C ARG E 26 -15.08 45.72 0.07
N ARG E 27 -14.11 46.62 -0.08
CA ARG E 27 -14.28 48.03 0.39
C ARG E 27 -15.01 48.87 -0.69
N ASP E 28 -14.91 48.49 -1.98
CA ASP E 28 -15.27 49.33 -3.17
C ASP E 28 -16.57 48.89 -3.84
N GLU E 29 -16.73 47.59 -4.09
CA GLU E 29 -17.95 47.02 -4.74
C GLU E 29 -18.07 45.57 -4.29
N PRO E 30 -18.63 45.35 -3.07
CA PRO E 30 -18.71 44.02 -2.46
C PRO E 30 -19.42 42.96 -3.33
N VAL E 31 -20.49 43.41 -4.01
CA VAL E 31 -21.37 42.63 -4.93
C VAL E 31 -21.26 43.23 -6.35
N SER E 32 -20.62 42.52 -7.28
CA SER E 32 -20.41 43.05 -8.64
C SER E 32 -20.77 41.98 -9.69
N ARG E 33 -21.20 42.41 -10.88
CA ARG E 33 -21.52 41.45 -11.96
C ARG E 33 -20.24 40.72 -12.38
N VAL E 34 -20.31 39.39 -12.52
CA VAL E 34 -19.10 38.59 -12.91
C VAL E 34 -19.52 37.57 -13.97
N ARG E 35 -18.62 37.29 -14.92
CA ARG E 35 -18.91 36.27 -15.96
C ARG E 35 -18.32 34.93 -15.53
N LEU E 36 -19.16 33.89 -15.39
CA LEU E 36 -18.66 32.58 -14.89
C LEU E 36 -18.18 31.78 -16.11
N PRO E 37 -17.23 30.82 -15.93
CA PRO E 37 -16.66 30.05 -17.05
C PRO E 37 -17.68 29.28 -17.89
N TYR E 38 -18.77 28.81 -17.31
CA TYR E 38 -19.76 27.97 -18.04
C TYR E 38 -21.16 28.54 -17.79
N GLY E 39 -22.13 28.14 -18.62
CA GLY E 39 -23.51 28.65 -18.62
C GLY E 39 -23.57 30.00 -19.32
N GLU E 40 -24.74 30.65 -19.29
CA GLU E 40 -25.03 31.85 -20.10
C GLU E 40 -25.32 33.05 -19.20
N GLY E 41 -24.95 34.24 -19.66
CA GLY E 41 -25.19 35.51 -18.96
C GLY E 41 -24.13 35.77 -17.92
N THR E 42 -24.58 36.28 -16.77
CA THR E 42 -23.80 37.06 -15.80
C THR E 42 -24.38 36.80 -14.40
N ALA E 43 -23.53 36.67 -13.39
CA ALA E 43 -23.92 36.39 -11.98
C ALA E 43 -23.39 37.50 -11.05
N TRP E 44 -23.95 37.57 -9.83
CA TRP E 44 -23.41 38.43 -8.74
C TRP E 44 -22.31 37.64 -8.02
N LEU E 45 -21.15 38.27 -7.84
CA LEU E 45 -20.06 37.77 -6.96
C LEU E 45 -20.22 38.49 -5.62
N VAL E 46 -20.30 37.73 -4.54
CA VAL E 46 -20.49 38.23 -3.14
C VAL E 46 -19.16 38.08 -2.41
N THR E 47 -18.61 39.16 -1.86
CA THR E 47 -17.23 39.14 -1.29
C THR E 47 -17.17 39.40 0.22
N ARG E 48 -18.20 39.99 0.84
CA ARG E 48 -18.22 40.33 2.29
C ARG E 48 -18.94 39.22 3.06
N MET E 49 -18.64 39.05 4.35
CA MET E 49 -19.23 37.99 5.19
C MET E 49 -20.74 38.20 5.31
N SER E 50 -21.18 39.40 5.67
CA SER E 50 -22.61 39.79 5.81
C SER E 50 -23.44 39.29 4.62
N ASP E 51 -23.09 39.73 3.40
CA ASP E 51 -23.72 39.35 2.09
C ASP E 51 -23.70 37.81 1.93
N ALA E 52 -22.56 37.17 2.20
CA ALA E 52 -22.34 35.70 2.02
C ALA E 52 -23.28 34.93 2.96
N ARG E 53 -23.50 35.39 4.19
CA ARG E 53 -24.40 34.71 5.18
C ARG E 53 -25.84 34.80 4.68
N ILE E 54 -26.20 35.92 4.08
CA ILE E 54 -27.55 36.10 3.50
C ILE E 54 -27.69 35.10 2.36
N VAL E 55 -26.76 35.06 1.41
CA VAL E 55 -26.89 34.26 0.15
C VAL E 55 -26.95 32.75 0.46
N LEU E 56 -26.13 32.28 1.41
CA LEU E 56 -26.06 30.86 1.86
C LEU E 56 -27.16 30.56 2.89
N GLY E 57 -27.86 31.59 3.41
CA GLY E 57 -28.71 31.53 4.62
C GLY E 57 -30.22 31.53 4.37
N ASP E 58 -30.70 32.34 3.44
CA ASP E 58 -32.17 32.49 3.24
C ASP E 58 -32.72 31.50 2.23
N SER E 59 -33.85 30.88 2.56
CA SER E 59 -34.52 30.03 1.54
C SER E 59 -34.78 30.90 0.32
N ARG E 60 -34.91 32.23 0.53
CA ARG E 60 -35.06 33.17 -0.60
C ARG E 60 -34.16 32.68 -1.74
N PHE E 61 -32.96 32.24 -1.47
CA PHE E 61 -32.02 31.64 -2.44
C PHE E 61 -32.19 30.13 -2.56
N SER E 62 -32.26 29.65 -3.81
CA SER E 62 -32.47 28.24 -4.22
C SER E 62 -31.22 27.80 -4.97
N THR E 63 -30.68 26.63 -4.62
CA THR E 63 -29.62 25.92 -5.40
C THR E 63 -30.30 24.99 -6.42
N ALA E 64 -31.53 24.50 -6.15
CA ALA E 64 -32.33 23.73 -7.13
C ALA E 64 -32.57 24.54 -8.44
N ALA E 65 -32.78 25.86 -8.33
CA ALA E 65 -33.00 26.80 -9.46
C ALA E 65 -31.79 26.83 -10.41
N ALA E 66 -30.60 26.43 -9.95
CA ALA E 66 -29.33 26.47 -10.71
C ALA E 66 -29.05 25.17 -11.49
N THR E 67 -29.96 24.20 -11.51
CA THR E 67 -29.78 22.91 -12.25
C THR E 67 -29.85 23.16 -13.77
N ASP E 68 -30.53 24.21 -14.18
CA ASP E 68 -30.58 24.67 -15.59
C ASP E 68 -29.16 24.74 -16.21
N PRO E 69 -28.87 23.93 -17.26
CA PRO E 69 -27.58 24.00 -17.91
C PRO E 69 -27.23 25.36 -18.52
N ALA E 70 -28.20 26.27 -18.70
CA ALA E 70 -27.94 27.67 -19.10
C ALA E 70 -27.53 28.53 -17.89
N THR E 71 -27.75 28.06 -16.66
CA THR E 71 -27.38 28.83 -15.46
C THR E 71 -25.85 28.90 -15.37
N PRO E 72 -25.29 30.13 -15.16
CA PRO E 72 -23.88 30.30 -14.89
C PRO E 72 -23.43 29.29 -13.82
N ARG E 73 -22.15 28.90 -13.83
CA ARG E 73 -21.55 27.88 -12.93
C ARG E 73 -20.03 27.88 -13.10
N MET E 74 -19.31 27.49 -12.06
CA MET E 74 -17.82 27.51 -12.02
C MET E 74 -17.25 26.26 -12.68
N PHE E 75 -18.07 25.24 -12.87
CA PHE E 75 -17.59 23.91 -13.33
C PHE E 75 -18.24 23.50 -14.66
N PRO E 76 -17.52 22.71 -15.49
CA PRO E 76 -17.93 22.45 -16.87
C PRO E 76 -19.26 21.70 -17.07
N THR E 77 -19.55 20.64 -16.31
CA THR E 77 -20.81 19.87 -16.54
C THR E 77 -21.95 20.57 -15.83
N PRO E 78 -23.17 20.51 -16.41
CA PRO E 78 -24.38 20.97 -15.73
C PRO E 78 -24.48 20.31 -14.37
N PRO E 79 -24.94 21.04 -13.32
CA PRO E 79 -25.13 20.43 -12.01
C PRO E 79 -25.98 19.15 -11.98
N GLU E 80 -25.56 18.15 -11.20
CA GLU E 80 -26.34 16.90 -11.00
C GLU E 80 -27.55 17.24 -10.14
N PRO E 81 -28.76 17.17 -10.74
CA PRO E 81 -29.98 17.54 -10.02
C PRO E 81 -30.36 16.58 -8.86
N ASP E 82 -29.78 15.40 -8.78
CA ASP E 82 -29.94 14.50 -7.60
C ASP E 82 -28.91 14.83 -6.52
N GLY E 83 -28.01 15.77 -6.81
CA GLY E 83 -26.96 16.13 -5.84
C GLY E 83 -27.54 16.84 -4.64
N VAL E 84 -26.97 16.60 -3.46
CA VAL E 84 -27.35 17.27 -2.19
C VAL E 84 -27.15 18.79 -2.32
N LEU E 85 -26.13 19.24 -3.02
CA LEU E 85 -25.95 20.70 -3.21
C LEU E 85 -27.17 21.29 -3.98
N ALA E 86 -27.77 20.56 -4.92
CA ALA E 86 -28.83 21.07 -5.81
C ALA E 86 -30.19 20.85 -5.17
N GLN E 87 -30.27 20.52 -3.89
CA GLN E 87 -31.60 20.46 -3.21
C GLN E 87 -31.80 21.72 -2.36
N ASP E 88 -33.02 22.26 -2.36
CA ASP E 88 -33.52 23.21 -1.32
C ASP E 88 -34.26 22.44 -0.24
N PRO E 89 -34.21 22.94 1.02
CA PRO E 89 -35.06 22.41 2.09
C PRO E 89 -36.53 22.54 1.67
N PRO E 90 -37.44 21.61 2.06
CA PRO E 90 -37.14 20.48 2.94
C PRO E 90 -36.57 19.20 2.32
N ASP E 91 -36.50 19.10 0.98
CA ASP E 91 -35.97 17.89 0.28
C ASP E 91 -34.52 17.69 0.68
N HIS E 92 -33.77 18.79 0.69
CA HIS E 92 -32.38 18.86 1.17
C HIS E 92 -32.30 18.21 2.55
N THR E 93 -33.22 18.53 3.44
CA THR E 93 -33.20 18.08 4.83
C THR E 93 -33.47 16.57 4.84
N ARG E 94 -34.45 16.11 4.06
CA ARG E 94 -34.76 14.66 3.97
C ARG E 94 -33.53 13.94 3.41
N LEU E 95 -32.77 14.58 2.53
CA LEU E 95 -31.59 13.93 1.92
C LEU E 95 -30.44 13.94 2.91
N ARG E 96 -30.26 15.07 3.61
CA ARG E 96 -29.20 15.15 4.65
C ARG E 96 -29.44 14.06 5.69
N ARG E 97 -30.70 13.75 5.98
CA ARG E 97 -31.04 12.73 7.00
C ARG E 97 -30.55 11.36 6.53
N LEU E 98 -30.45 11.17 5.20
CA LEU E 98 -29.98 9.89 4.63
C LEU E 98 -28.64 9.52 5.30
N VAL E 99 -27.79 10.51 5.54
CA VAL E 99 -26.47 10.27 6.22
C VAL E 99 -26.33 11.31 7.34
N GLY E 100 -27.17 11.22 8.38
CA GLY E 100 -27.14 12.26 9.43
C GLY E 100 -26.32 11.79 10.61
N LYS E 101 -26.76 10.69 11.24
CA LYS E 101 -26.17 10.14 12.50
C LYS E 101 -24.63 10.12 12.44
N ALA E 102 -24.10 9.64 11.31
CA ALA E 102 -22.70 9.23 11.09
C ALA E 102 -21.71 10.39 11.21
N PHE E 103 -22.17 11.64 11.05
CA PHE E 103 -21.29 12.83 11.03
C PHE E 103 -21.60 13.83 12.14
N THR E 104 -22.46 13.53 13.10
CA THR E 104 -22.64 14.40 14.29
C THR E 104 -21.29 14.43 15.02
N ALA E 105 -21.03 15.46 15.87
CA ALA E 105 -19.79 15.61 16.66
C ALA E 105 -19.52 14.35 17.46
N ARG E 106 -20.55 13.81 18.08
CA ARG E 106 -20.51 12.67 19.02
C ARG E 106 -20.06 11.42 18.26
N ARG E 107 -20.60 11.19 17.07
CA ARG E 107 -20.22 10.04 16.24
C ARG E 107 -18.79 10.24 15.71
N VAL E 108 -18.40 11.47 15.41
CA VAL E 108 -17.05 11.67 14.84
C VAL E 108 -16.03 11.49 15.95
N GLU E 109 -16.34 11.90 17.18
CA GLU E 109 -15.38 11.76 18.29
C GLU E 109 -15.07 10.29 18.52
N GLU E 110 -16.08 9.43 18.41
CA GLU E 110 -15.89 7.98 18.65
C GLU E 110 -14.90 7.38 17.63
N MET E 111 -14.67 8.07 16.52
CA MET E 111 -13.69 7.62 15.49
C MET E 111 -12.26 7.96 15.93
N ARG E 112 -12.05 8.81 16.93
CA ARG E 112 -10.68 9.34 17.21
C ARG E 112 -9.71 8.16 17.41
N PRO E 113 -10.00 7.12 18.21
CA PRO E 113 -9.02 6.04 18.41
C PRO E 113 -8.52 5.55 17.03
N ARG E 114 -9.46 5.17 16.17
CA ARG E 114 -9.21 4.51 14.88
C ARG E 114 -8.44 5.48 13.95
N VAL E 115 -8.88 6.72 13.83
CA VAL E 115 -8.16 7.78 13.07
C VAL E 115 -6.73 7.96 13.60
N ARG E 116 -6.54 7.94 14.92
CA ARG E 116 -5.22 8.19 15.53
C ARG E 116 -4.33 6.99 15.17
N SER E 117 -4.87 5.79 15.29
CA SER E 117 -4.20 4.53 14.84
C SER E 117 -3.68 4.71 13.40
N LEU E 118 -4.50 5.12 12.41
CA LEU E 118 -4.06 5.31 10.98
C LEU E 118 -2.92 6.31 10.86
N VAL E 119 -3.02 7.46 11.51
CA VAL E 119 -2.00 8.52 11.42
C VAL E 119 -0.66 7.92 11.87
N ASP E 120 -0.65 7.27 13.04
CA ASP E 120 0.55 6.67 13.69
C ASP E 120 1.20 5.65 12.73
N SER E 121 0.37 4.79 12.12
CA SER E 121 0.67 3.72 11.15
C SER E 121 1.30 4.32 9.88
N LEU E 122 0.67 5.34 9.28
CA LEU E 122 1.23 6.07 8.12
C LEU E 122 2.49 6.88 8.50
N LEU E 123 2.57 7.46 9.68
CA LEU E 123 3.83 8.17 10.03
C LEU E 123 4.95 7.14 10.30
N ASP E 124 4.65 5.93 10.81
CA ASP E 124 5.65 4.82 10.96
C ASP E 124 6.29 4.53 9.59
N ASP E 125 5.44 4.27 8.59
CA ASP E 125 5.77 4.04 7.16
C ASP E 125 6.75 5.14 6.68
N MET E 126 6.47 6.39 7.01
CA MET E 126 7.30 7.55 6.57
C MET E 126 8.64 7.57 7.30
N VAL E 127 8.72 7.10 8.55
CA VAL E 127 10.01 7.07 9.27
C VAL E 127 10.86 5.90 8.74
N ALA E 128 10.25 4.76 8.38
CA ALA E 128 10.90 3.59 7.70
C ALA E 128 11.58 4.04 6.38
N HIS E 129 10.87 4.82 5.57
CA HIS E 129 11.38 5.44 4.32
C HIS E 129 12.64 6.25 4.64
N GLY E 130 12.53 7.16 5.62
CA GLY E 130 13.61 8.06 6.11
C GLY E 130 13.49 9.44 5.50
N SER E 131 14.15 10.42 6.12
CA SER E 131 14.15 11.85 5.70
C SER E 131 15.16 12.06 4.56
N PRO E 132 14.90 12.90 3.52
CA PRO E 132 13.61 13.56 3.30
C PRO E 132 12.60 12.60 2.63
N ALA E 133 11.31 12.91 2.70
CA ALA E 133 10.18 12.07 2.21
C ALA E 133 8.99 12.96 1.85
N ASP E 134 8.29 12.58 0.78
CA ASP E 134 7.07 13.28 0.29
C ASP E 134 5.89 13.07 1.27
N LEU E 135 5.43 14.16 1.93
CA LEU E 135 4.33 14.17 2.93
C LEU E 135 2.97 13.94 2.28
N VAL E 136 2.81 14.33 1.04
CA VAL E 136 1.61 13.97 0.26
C VAL E 136 1.50 12.45 0.16
N GLU E 137 2.58 11.78 -0.27
CA GLU E 137 2.57 10.32 -0.52
C GLU E 137 2.38 9.56 0.79
N PHE E 138 3.05 9.95 1.87
CA PHE E 138 3.07 9.19 3.14
C PHE E 138 1.87 9.56 4.02
N LEU E 139 1.30 10.75 3.90
CA LEU E 139 0.26 11.20 4.89
C LEU E 139 -0.98 11.79 4.21
N ALA E 140 -0.81 12.84 3.41
CA ALA E 140 -1.93 13.74 3.02
C ALA E 140 -2.90 12.95 2.13
N VAL E 141 -2.39 12.07 1.25
CA VAL E 141 -3.23 11.20 0.40
C VAL E 141 -3.72 9.99 1.18
N PRO E 142 -2.89 9.05 1.66
CA PRO E 142 -3.42 7.78 2.22
C PRO E 142 -4.34 7.91 3.46
N PHE E 143 -4.20 8.97 4.26
CA PHE E 143 -4.88 9.09 5.58
C PHE E 143 -6.37 9.35 5.36
N PRO E 144 -6.79 10.49 4.75
CA PRO E 144 -8.20 10.78 4.52
C PRO E 144 -8.86 9.72 3.66
N VAL E 145 -8.14 9.12 2.71
CA VAL E 145 -8.81 8.20 1.75
C VAL E 145 -9.04 6.92 2.54
N ALA E 146 -8.07 6.49 3.37
CA ALA E 146 -8.30 5.37 4.31
C ALA E 146 -9.50 5.71 5.21
N VAL E 147 -9.61 6.94 5.75
CA VAL E 147 -10.72 7.25 6.70
C VAL E 147 -12.07 7.15 5.97
N ILE E 148 -12.25 7.84 4.83
CA ILE E 148 -13.56 7.89 4.15
C ILE E 148 -13.96 6.51 3.63
N CYS E 149 -13.00 5.64 3.26
CA CYS E 149 -13.27 4.30 2.73
C CYS E 149 -13.71 3.36 3.87
N GLU E 150 -13.12 3.40 5.05
CA GLU E 150 -13.60 2.67 6.27
C GLU E 150 -15.02 3.18 6.59
N LEU E 151 -15.24 4.48 6.45
CA LEU E 151 -16.56 5.08 6.76
C LEU E 151 -17.65 4.54 5.83
N LEU E 152 -17.59 4.87 4.54
CA LEU E 152 -18.62 4.40 3.58
C LEU E 152 -18.50 2.87 3.42
N GLY E 153 -17.27 2.35 3.37
CA GLY E 153 -17.08 0.90 3.15
C GLY E 153 -16.46 0.63 1.79
N VAL E 154 -16.01 1.68 1.10
CA VAL E 154 -15.39 1.52 -0.26
C VAL E 154 -14.12 0.69 -0.13
N PRO E 155 -13.91 -0.35 -0.97
CA PRO E 155 -12.67 -1.14 -0.93
C PRO E 155 -11.46 -0.28 -1.30
N LEU E 156 -10.41 -0.30 -0.45
CA LEU E 156 -9.21 0.54 -0.72
C LEU E 156 -8.55 0.11 -2.07
N GLU E 157 -8.64 -1.16 -2.46
CA GLU E 157 -8.10 -1.70 -3.74
C GLU E 157 -8.76 -1.05 -4.99
N ASP E 158 -9.96 -0.47 -4.87
CA ASP E 158 -10.63 0.31 -5.94
C ASP E 158 -10.22 1.80 -5.96
N ARG E 159 -9.19 2.24 -5.21
CA ARG E 159 -8.55 3.60 -5.31
C ARG E 159 -8.15 3.97 -6.75
N ASP E 160 -7.48 3.05 -7.44
CA ASP E 160 -7.13 3.30 -8.86
C ASP E 160 -8.32 3.95 -9.56
N LEU E 161 -9.53 3.48 -9.27
CA LEU E 161 -10.72 3.97 -10.01
C LEU E 161 -11.33 5.21 -9.36
N PHE E 162 -11.59 5.22 -8.06
CA PHE E 162 -12.33 6.37 -7.45
C PHE E 162 -11.47 7.64 -7.39
N ARG E 163 -10.16 7.53 -7.12
CA ARG E 163 -9.26 8.71 -7.13
C ARG E 163 -9.26 9.34 -8.52
N THR E 164 -8.96 8.58 -9.58
CA THR E 164 -9.08 9.07 -10.97
C THR E 164 -10.43 9.78 -11.14
N PHE E 165 -11.55 9.15 -10.79
CA PHE E 165 -12.90 9.74 -10.97
C PHE E 165 -13.02 11.06 -10.23
N SER E 166 -12.62 11.04 -8.97
CA SER E 166 -12.68 12.20 -8.05
C SER E 166 -11.87 13.36 -8.62
N ASP E 167 -10.63 13.15 -9.04
CA ASP E 167 -9.74 14.22 -9.55
C ASP E 167 -10.41 14.81 -10.80
N ALA E 168 -11.00 13.98 -11.63
CA ALA E 168 -11.67 14.41 -12.88
C ALA E 168 -12.87 15.31 -12.54
N MET E 169 -13.67 14.89 -11.57
CA MET E 169 -14.96 15.57 -11.28
C MET E 169 -14.75 16.88 -10.49
N LEU E 170 -13.55 17.13 -9.99
CA LEU E 170 -13.16 18.42 -9.35
C LEU E 170 -12.52 19.40 -10.34
N SER E 171 -12.45 19.10 -11.64
CA SER E 171 -11.84 19.97 -12.66
C SER E 171 -12.68 21.25 -12.81
N SER E 172 -12.00 22.39 -12.91
CA SER E 172 -12.58 23.67 -13.39
C SER E 172 -12.34 23.78 -14.90
N THR E 173 -11.09 23.70 -15.35
CA THR E 173 -10.71 23.96 -16.76
C THR E 173 -9.92 22.79 -17.37
N ARG E 174 -9.50 21.80 -16.58
CA ARG E 174 -8.53 20.76 -17.03
C ARG E 174 -9.15 19.85 -18.08
N LEU E 175 -10.43 19.50 -17.94
CA LEU E 175 -11.03 18.51 -18.86
C LEU E 175 -12.23 19.09 -19.60
N THR E 176 -12.91 18.26 -20.42
CA THR E 176 -14.10 18.73 -21.17
C THR E 176 -15.35 18.15 -20.51
N ALA E 177 -16.44 18.92 -20.47
CA ALA E 177 -17.72 18.42 -19.93
C ALA E 177 -17.93 16.97 -20.40
N ALA E 178 -17.70 16.66 -21.69
CA ALA E 178 -17.93 15.30 -22.24
C ALA E 178 -17.04 14.30 -21.46
N GLU E 179 -15.78 14.65 -21.18
CA GLU E 179 -14.83 13.76 -20.44
C GLU E 179 -15.33 13.58 -19.01
N ILE E 180 -15.78 14.65 -18.36
CA ILE E 180 -16.26 14.65 -16.95
C ILE E 180 -17.54 13.83 -16.86
N GLN E 181 -18.44 13.98 -17.83
CA GLN E 181 -19.75 13.29 -17.77
C GLN E 181 -19.57 11.76 -17.84
N ARG E 182 -18.63 11.28 -18.65
CA ARG E 182 -18.39 9.82 -18.81
CA ARG E 182 -18.33 9.82 -18.83
C ARG E 182 -17.81 9.27 -17.49
N VAL E 183 -16.94 10.03 -16.84
CA VAL E 183 -16.47 9.74 -15.45
C VAL E 183 -17.66 9.72 -14.48
N GLN E 184 -18.48 10.79 -14.44
CA GLN E 184 -19.69 10.85 -13.56
C GLN E 184 -20.47 9.53 -13.71
N GLN E 185 -20.75 9.15 -14.96
CA GLN E 185 -21.61 8.00 -15.28
C GLN E 185 -20.87 6.72 -14.83
N ASP E 186 -19.55 6.64 -14.95
CA ASP E 186 -18.84 5.41 -14.47
C ASP E 186 -18.91 5.37 -12.94
N PHE E 187 -18.83 6.50 -12.24
CA PHE E 187 -18.84 6.53 -10.75
C PHE E 187 -20.21 6.10 -10.27
N MET E 188 -21.25 6.66 -10.85
CA MET E 188 -22.64 6.25 -10.55
C MET E 188 -22.75 4.73 -10.73
N VAL E 189 -22.29 4.17 -11.84
CA VAL E 189 -22.40 2.70 -12.04
C VAL E 189 -21.60 2.01 -10.93
N TYR E 190 -20.40 2.52 -10.60
CA TYR E 190 -19.53 1.94 -9.55
C TYR E 190 -20.27 1.94 -8.20
N MET E 191 -20.71 3.13 -7.79
CA MET E 191 -21.31 3.34 -6.45
C MET E 191 -22.62 2.57 -6.36
N ASP E 192 -23.35 2.38 -7.47
CA ASP E 192 -24.70 1.74 -7.44
C ASP E 192 -24.47 0.27 -7.10
N GLY E 193 -23.40 -0.32 -7.63
CA GLY E 193 -22.99 -1.70 -7.36
C GLY E 193 -22.51 -1.90 -5.92
N LEU E 194 -21.86 -0.90 -5.35
CA LEU E 194 -21.49 -0.92 -3.91
C LEU E 194 -22.78 -0.91 -3.08
N VAL E 195 -23.77 -0.05 -3.37
CA VAL E 195 -24.96 0.01 -2.46
C VAL E 195 -25.81 -1.26 -2.66
N ALA E 196 -25.95 -1.76 -3.91
CA ALA E 196 -26.89 -2.84 -4.29
C ALA E 196 -26.45 -4.20 -3.72
N GLN E 197 -25.15 -4.36 -3.45
CA GLN E 197 -24.61 -5.60 -2.90
C GLN E 197 -24.91 -5.74 -1.41
N ARG E 198 -25.35 -4.67 -0.75
CA ARG E 198 -25.56 -4.70 0.72
C ARG E 198 -27.04 -4.85 1.05
N ARG E 199 -27.93 -4.58 0.09
CA ARG E 199 -29.39 -4.75 0.29
C ARG E 199 -29.68 -6.19 0.75
N ASP E 200 -28.78 -7.16 0.43
CA ASP E 200 -28.95 -8.63 0.63
C ASP E 200 -27.95 -9.17 1.66
N ALA E 201 -26.70 -8.70 1.65
CA ALA E 201 -25.67 -8.97 2.68
C ALA E 201 -25.35 -7.68 3.43
N PRO E 202 -26.18 -7.29 4.44
CA PRO E 202 -26.03 -6.00 5.14
C PRO E 202 -24.67 -5.84 5.84
N THR E 203 -24.22 -4.57 6.00
CA THR E 203 -22.88 -4.16 6.52
C THR E 203 -23.02 -3.02 7.56
N GLU E 204 -22.11 -2.98 8.53
CA GLU E 204 -22.08 -1.96 9.63
C GLU E 204 -21.21 -0.77 9.16
N ASP E 205 -21.65 -0.10 8.09
CA ASP E 205 -21.02 1.14 7.55
C ASP E 205 -22.09 1.93 6.80
N LEU E 206 -21.70 3.07 6.24
CA LEU E 206 -22.64 4.13 5.78
C LEU E 206 -23.36 3.69 4.50
N LEU E 207 -22.67 2.95 3.63
CA LEU E 207 -23.32 2.46 2.39
C LEU E 207 -24.43 1.47 2.79
N GLY E 208 -24.28 0.72 3.90
CA GLY E 208 -25.34 -0.15 4.44
C GLY E 208 -26.60 0.66 4.73
N ALA E 209 -26.45 1.88 5.25
CA ALA E 209 -27.54 2.84 5.53
C ALA E 209 -28.17 3.29 4.20
N LEU E 210 -27.36 3.55 3.18
CA LEU E 210 -27.84 3.94 1.83
C LEU E 210 -28.66 2.78 1.21
N ALA E 211 -28.25 1.54 1.48
CA ALA E 211 -28.83 0.31 0.92
C ALA E 211 -30.21 0.04 1.55
N LEU E 212 -30.35 0.22 2.87
CA LEU E 212 -31.65 0.13 3.59
C LEU E 212 -32.60 1.20 3.09
N ALA E 213 -32.06 2.40 2.81
CA ALA E 213 -32.81 3.57 2.32
C ALA E 213 -33.44 3.31 0.96
N THR E 214 -32.77 2.56 0.07
CA THR E 214 -33.30 2.21 -1.28
C THR E 214 -34.59 1.36 -1.16
N ASP E 215 -34.62 0.39 -0.23
CA ASP E 215 -35.74 -0.53 0.09
C ASP E 215 -36.99 0.23 0.61
N ASN E 216 -36.80 1.30 1.41
CA ASN E 216 -37.89 2.19 1.93
C ASN E 216 -37.96 3.45 1.05
N ASP E 217 -38.30 3.23 -0.24
CA ASP E 217 -38.75 4.24 -1.24
C ASP E 217 -39.72 5.02 -0.33
N ASP E 218 -39.42 6.30 -0.06
CA ASP E 218 -40.34 7.14 0.75
C ASP E 218 -40.29 8.55 0.15
N HIS E 219 -39.12 9.19 0.11
CA HIS E 219 -39.01 10.49 -0.58
C HIS E 219 -37.72 10.45 -1.38
N LEU E 220 -36.99 9.35 -1.26
CA LEU E 220 -35.62 9.28 -1.87
C LEU E 220 -35.61 8.32 -3.08
N THR E 221 -35.26 8.85 -4.26
CA THR E 221 -34.96 8.07 -5.48
C THR E 221 -33.64 7.32 -5.23
N LYS E 222 -33.45 6.20 -5.94
CA LYS E 222 -32.19 5.42 -6.07
C LYS E 222 -31.07 6.41 -6.40
N GLY E 223 -31.35 7.34 -7.30
CA GLY E 223 -30.37 8.33 -7.80
C GLY E 223 -29.82 9.26 -6.71
N GLU E 224 -30.72 9.88 -5.93
CA GLU E 224 -30.41 10.75 -4.76
C GLU E 224 -29.50 9.98 -3.81
N ILE E 225 -29.88 8.76 -3.47
CA ILE E 225 -29.16 7.91 -2.49
C ILE E 225 -27.77 7.56 -3.00
N VAL E 226 -27.68 7.04 -4.23
CA VAL E 226 -26.38 6.60 -4.82
C VAL E 226 -25.48 7.83 -4.97
N ASN E 227 -26.07 8.94 -5.43
CA ASN E 227 -25.33 10.21 -5.68
C ASN E 227 -24.71 10.75 -4.38
N MET E 228 -25.40 10.60 -3.25
CA MET E 228 -24.88 10.96 -1.91
C MET E 228 -23.62 10.13 -1.61
N GLY E 229 -23.57 8.86 -2.02
CA GLY E 229 -22.39 8.01 -1.81
C GLY E 229 -21.23 8.56 -2.59
N VAL E 230 -21.46 8.95 -3.84
CA VAL E 230 -20.46 9.63 -4.71
C VAL E 230 -19.93 10.90 -4.05
N SER E 231 -20.82 11.82 -3.67
CA SER E 231 -20.59 13.15 -3.06
C SER E 231 -19.68 12.98 -1.86
N LEU E 232 -20.03 12.08 -0.95
CA LEU E 232 -19.29 11.90 0.31
C LEU E 232 -17.91 11.31 0.02
N LEU E 233 -17.84 10.30 -0.88
CA LEU E 233 -16.55 9.70 -1.30
C LEU E 233 -15.64 10.80 -1.84
N ILE E 234 -16.15 11.69 -2.69
CA ILE E 234 -15.28 12.68 -3.37
C ILE E 234 -14.84 13.74 -2.36
N ALA E 235 -15.79 14.46 -1.76
CA ALA E 235 -15.47 15.58 -0.87
C ALA E 235 -14.74 15.07 0.39
N GLY E 236 -15.10 13.85 0.86
CA GLY E 236 -14.56 13.16 2.06
C GLY E 236 -13.05 12.98 2.05
N HIS E 237 -12.42 12.95 0.89
CA HIS E 237 -10.94 12.88 0.82
C HIS E 237 -10.39 14.12 0.10
N GLU E 238 -11.01 14.63 -0.95
CA GLU E 238 -10.30 15.63 -1.78
C GLU E 238 -10.00 16.86 -0.94
N THR E 239 -10.93 17.31 -0.12
CA THR E 239 -10.79 18.52 0.74
C THR E 239 -9.66 18.27 1.77
N SER E 240 -9.73 17.21 2.56
CA SER E 240 -8.76 16.93 3.65
C SER E 240 -7.38 16.60 3.09
N VAL E 241 -7.28 15.91 1.98
CA VAL E 241 -5.99 15.67 1.28
C VAL E 241 -5.31 17.02 0.99
N ASN E 242 -5.98 17.96 0.32
CA ASN E 242 -5.38 19.28 0.00
C ASN E 242 -5.19 20.10 1.28
N GLN E 243 -6.13 20.00 2.22
CA GLN E 243 -6.12 20.88 3.40
C GLN E 243 -4.93 20.52 4.31
N ILE E 244 -4.55 19.23 4.38
CA ILE E 244 -3.35 18.78 5.17
C ILE E 244 -2.09 19.44 4.61
N THR E 245 -1.87 19.38 3.31
CA THR E 245 -0.72 20.01 2.60
C THR E 245 -0.78 21.53 2.85
N ASN E 246 -1.95 22.13 2.76
CA ASN E 246 -2.10 23.60 2.92
C ASN E 246 -1.76 24.03 4.36
N LEU E 247 -2.25 23.31 5.38
CA LEU E 247 -1.97 23.73 6.76
C LEU E 247 -0.47 23.58 6.97
N VAL E 248 0.11 22.48 6.48
CA VAL E 248 1.56 22.25 6.69
C VAL E 248 2.33 23.36 5.97
N HIS E 249 1.91 23.82 4.78
CA HIS E 249 2.62 24.89 4.04
C HIS E 249 2.62 26.15 4.90
N LEU E 250 1.47 26.52 5.46
CA LEU E 250 1.38 27.73 6.30
C LEU E 250 2.33 27.58 7.49
N LEU E 251 2.26 26.48 8.25
CA LEU E 251 3.11 26.22 9.45
C LEU E 251 4.62 26.37 9.16
N LEU E 252 5.09 25.91 8.00
CA LEU E 252 6.52 25.66 7.73
C LEU E 252 7.13 26.84 6.97
N THR E 253 6.39 27.61 6.15
CA THR E 253 6.99 28.72 5.36
C THR E 253 7.30 29.94 6.25
N GLU E 254 6.50 30.17 7.31
CA GLU E 254 6.81 31.07 8.45
C GLU E 254 6.91 30.21 9.72
N ARG E 255 8.09 29.63 9.97
CA ARG E 255 8.28 28.39 10.78
C ARG E 255 8.07 28.68 12.27
N LYS E 256 7.98 29.93 12.69
CA LYS E 256 7.58 30.26 14.08
C LYS E 256 6.14 29.78 14.36
N ARG E 257 5.30 29.62 13.34
CA ARG E 257 3.93 29.06 13.55
C ARG E 257 4.08 27.60 13.97
N TYR E 258 4.88 26.80 13.23
CA TYR E 258 5.14 25.37 13.59
C TYR E 258 5.76 25.36 14.98
N GLU E 259 6.72 26.25 15.26
CA GLU E 259 7.41 26.32 16.58
C GLU E 259 6.35 26.42 17.69
N SER E 260 5.33 27.28 17.57
CA SER E 260 4.40 27.57 18.70
C SER E 260 3.49 26.34 19.00
N LEU E 261 3.22 25.51 17.99
CA LEU E 261 2.42 24.27 18.19
C LEU E 261 3.34 23.21 18.82
N VAL E 262 4.63 23.23 18.48
CA VAL E 262 5.61 22.29 19.08
C VAL E 262 5.59 22.51 20.59
N ALA E 263 5.89 23.75 21.02
CA ALA E 263 5.93 24.19 22.44
C ALA E 263 4.59 23.92 23.12
N ASP E 264 3.47 24.17 22.43
CA ASP E 264 2.08 24.14 22.97
C ASP E 264 1.18 23.31 22.04
N PRO E 265 1.13 21.97 22.17
CA PRO E 265 0.30 21.14 21.29
C PRO E 265 -1.23 21.25 21.47
N ALA E 266 -1.70 21.83 22.58
CA ALA E 266 -3.13 22.08 22.93
C ALA E 266 -3.73 23.17 22.04
N LEU E 267 -2.86 24.04 21.51
CA LEU E 267 -3.14 25.10 20.49
C LEU E 267 -3.51 24.53 19.10
N VAL E 268 -3.33 23.24 18.80
CA VAL E 268 -3.63 22.67 17.44
C VAL E 268 -5.09 22.91 17.06
N PRO E 269 -6.12 22.56 17.87
CA PRO E 269 -7.53 22.82 17.50
C PRO E 269 -7.88 24.24 17.08
N ALA E 270 -7.28 25.25 17.71
CA ALA E 270 -7.48 26.69 17.40
C ALA E 270 -6.61 27.11 16.20
N ALA E 271 -5.39 26.57 16.06
CA ALA E 271 -4.55 26.82 14.87
C ALA E 271 -5.27 26.20 13.66
N VAL E 272 -5.92 25.06 13.82
CA VAL E 272 -6.67 24.44 12.68
C VAL E 272 -7.87 25.34 12.32
N GLU E 273 -8.60 25.87 13.32
CA GLU E 273 -9.73 26.80 13.07
C GLU E 273 -9.27 28.04 12.29
N GLU E 274 -8.08 28.55 12.60
CA GLU E 274 -7.55 29.82 12.04
C GLU E 274 -6.94 29.57 10.66
N MET E 275 -6.42 28.39 10.38
CA MET E 275 -5.82 28.11 9.04
C MET E 275 -6.92 27.73 8.04
N LEU E 276 -8.06 27.23 8.55
CA LEU E 276 -9.32 27.06 7.75
C LEU E 276 -9.84 28.42 7.29
N ARG E 277 -9.93 29.41 8.19
CA ARG E 277 -10.30 30.81 7.86
C ARG E 277 -9.35 31.37 6.78
N TYR E 278 -8.04 31.11 6.93
CA TYR E 278 -6.94 31.81 6.22
C TYR E 278 -6.66 31.16 4.88
N THR E 279 -6.93 29.86 4.70
CA THR E 279 -6.58 29.09 3.47
C THR E 279 -7.70 29.19 2.42
N PRO E 280 -7.43 29.73 1.22
CA PRO E 280 -8.35 29.59 0.09
C PRO E 280 -8.41 28.19 -0.55
N LEU E 281 -8.89 27.18 0.21
CA LEU E 281 -9.07 25.80 -0.27
C LEU E 281 -9.91 25.87 -1.55
N VAL E 282 -11.00 26.63 -1.53
CA VAL E 282 -11.96 26.67 -2.68
C VAL E 282 -11.38 27.67 -3.66
N SER E 283 -11.16 27.28 -4.92
CA SER E 283 -10.41 28.10 -5.92
C SER E 283 -11.13 29.42 -6.16
N ALA E 284 -12.37 29.36 -6.66
CA ALA E 284 -13.19 30.55 -6.96
C ALA E 284 -14.69 30.25 -6.76
N GLY E 285 -15.42 31.16 -6.13
CA GLY E 285 -16.89 31.08 -6.04
C GLY E 285 -17.40 29.83 -5.32
N SER E 286 -18.57 29.40 -5.71
CA SER E 286 -19.45 28.46 -4.98
C SER E 286 -20.43 27.84 -5.96
N PHE E 287 -21.18 26.84 -5.50
CA PHE E 287 -22.44 26.42 -6.13
C PHE E 287 -23.33 27.67 -6.11
N VAL E 288 -24.10 27.84 -7.19
CA VAL E 288 -24.84 29.08 -7.48
C VAL E 288 -26.13 29.08 -6.66
N ARG E 289 -26.41 30.24 -6.06
CA ARG E 289 -27.68 30.45 -5.33
C ARG E 289 -28.49 31.47 -6.15
N VAL E 290 -29.58 31.03 -6.76
CA VAL E 290 -30.51 31.85 -7.57
C VAL E 290 -31.59 32.37 -6.60
N ALA E 291 -31.80 33.69 -6.56
CA ALA E 291 -32.94 34.34 -5.84
C ALA E 291 -34.27 33.89 -6.44
N THR E 292 -35.24 33.60 -5.56
CA THR E 292 -36.64 33.20 -5.90
C THR E 292 -37.54 34.44 -5.78
N GLU E 293 -37.13 35.43 -4.97
CA GLU E 293 -37.72 36.81 -4.93
C GLU E 293 -36.59 37.85 -4.86
N ASP E 294 -36.92 39.13 -5.12
CA ASP E 294 -36.07 40.33 -4.85
C ASP E 294 -35.45 40.19 -3.44
N VAL E 295 -34.13 40.35 -3.32
CA VAL E 295 -33.37 40.28 -2.03
C VAL E 295 -32.40 41.46 -1.94
N GLU E 296 -32.46 42.15 -0.81
CA GLU E 296 -31.63 43.35 -0.52
C GLU E 296 -30.32 42.86 0.09
N LEU E 297 -29.18 43.29 -0.47
CA LEU E 297 -27.79 43.08 0.07
C LEU E 297 -27.13 44.45 0.31
N SER E 298 -25.95 44.43 0.93
CA SER E 298 -25.19 45.58 1.50
C SER E 298 -25.24 46.80 0.60
N THR E 299 -25.03 46.61 -0.71
CA THR E 299 -24.75 47.67 -1.72
C THR E 299 -25.63 47.48 -2.96
N VAL E 300 -26.40 46.39 -3.05
CA VAL E 300 -27.12 46.02 -4.31
C VAL E 300 -28.38 45.24 -3.94
N THR E 301 -29.39 45.27 -4.83
CA THR E 301 -30.61 44.43 -4.75
C THR E 301 -30.57 43.41 -5.90
N VAL E 302 -30.73 42.13 -5.56
CA VAL E 302 -30.70 40.98 -6.51
C VAL E 302 -32.14 40.66 -6.90
N ARG E 303 -32.44 40.71 -8.20
CA ARG E 303 -33.80 40.44 -8.70
C ARG E 303 -34.04 38.91 -8.67
N ALA E 304 -35.28 38.50 -8.53
CA ALA E 304 -35.58 37.06 -8.66
C ALA E 304 -34.86 36.61 -9.94
N GLY E 305 -34.39 35.35 -9.97
CA GLY E 305 -33.84 34.75 -11.19
C GLY E 305 -32.37 35.09 -11.38
N GLU E 306 -31.88 36.04 -10.61
CA GLU E 306 -30.46 36.46 -10.74
C GLU E 306 -29.58 35.50 -9.94
N PRO E 307 -28.56 34.86 -10.57
CA PRO E 307 -27.70 33.89 -9.90
C PRO E 307 -26.54 34.54 -9.12
N CYS E 308 -26.25 33.99 -7.95
CA CYS E 308 -25.15 34.48 -7.08
C CYS E 308 -24.13 33.38 -6.74
N VAL E 309 -22.92 33.85 -6.45
CA VAL E 309 -21.70 33.09 -6.16
C VAL E 309 -20.99 33.81 -5.02
N VAL E 310 -20.63 33.08 -3.98
CA VAL E 310 -19.86 33.58 -2.82
C VAL E 310 -18.43 33.06 -2.95
N HIS E 311 -17.42 33.92 -2.75
CA HIS E 311 -16.02 33.51 -2.58
C HIS E 311 -15.76 33.35 -1.08
N PHE E 312 -15.79 32.11 -0.60
CA PHE E 312 -15.70 31.81 0.85
C PHE E 312 -14.46 32.47 1.44
N ALA E 313 -13.31 32.40 0.76
CA ALA E 313 -12.02 32.84 1.31
C ALA E 313 -11.95 34.38 1.40
N SER E 314 -12.77 35.12 0.65
CA SER E 314 -12.88 36.61 0.72
C SER E 314 -13.72 37.00 1.94
N ALA E 315 -14.87 36.37 2.14
CA ALA E 315 -15.69 36.51 3.37
C ALA E 315 -14.78 36.32 4.57
N ASN E 316 -13.86 35.36 4.49
CA ASN E 316 -12.97 34.96 5.61
C ASN E 316 -11.81 35.96 5.81
N ARG E 317 -11.74 37.03 5.01
CA ARG E 317 -10.71 38.11 5.17
C ARG E 317 -11.40 39.46 5.41
N ASP E 318 -12.72 39.47 5.64
CA ASP E 318 -13.50 40.72 5.88
C ASP E 318 -12.93 41.40 7.14
N GLU E 319 -12.32 42.58 6.98
CA GLU E 319 -11.69 43.38 8.09
C GLU E 319 -12.79 43.86 9.07
N GLU E 320 -14.04 43.96 8.59
CA GLU E 320 -15.23 44.29 9.43
C GLU E 320 -15.46 43.22 10.52
N VAL E 321 -15.24 41.93 10.24
CA VAL E 321 -15.55 40.84 11.22
C VAL E 321 -14.25 40.31 11.86
N PHE E 322 -13.10 40.37 11.19
CA PHE E 322 -11.83 39.81 11.73
C PHE E 322 -10.83 40.96 11.91
N ASP E 323 -10.39 41.17 13.16
CA ASP E 323 -9.26 42.08 13.47
C ASP E 323 -8.04 41.61 12.67
N HIS E 324 -7.30 42.53 12.05
CA HIS E 324 -6.02 42.24 11.34
C HIS E 324 -6.22 40.99 10.46
N ALA E 325 -7.27 40.99 9.63
CA ALA E 325 -7.83 39.83 8.88
C ALA E 325 -6.78 39.12 7.99
N ASP E 326 -5.69 39.82 7.75
CA ASP E 326 -4.65 39.67 6.71
C ASP E 326 -3.54 38.77 7.27
N GLU E 327 -3.65 38.42 8.55
CA GLU E 327 -2.59 37.77 9.35
C GLU E 327 -3.12 36.52 10.02
N LEU E 328 -2.24 35.53 10.17
CA LEU E 328 -2.53 34.23 10.80
C LEU E 328 -2.27 34.30 12.31
N ASP E 329 -3.33 34.27 13.13
CA ASP E 329 -3.26 34.50 14.59
C ASP E 329 -4.02 33.38 15.32
N PHE E 330 -3.27 32.55 16.08
CA PHE E 330 -3.75 31.32 16.77
C PHE E 330 -4.44 31.69 18.10
N HIS E 331 -4.39 32.95 18.52
CA HIS E 331 -4.93 33.39 19.83
C HIS E 331 -6.12 34.36 19.63
N ARG E 332 -6.64 34.46 18.41
CA ARG E 332 -8.00 35.00 18.13
C ARG E 332 -8.98 34.42 19.17
N GLU E 333 -9.69 35.30 19.88
CA GLU E 333 -10.75 34.96 20.87
C GLU E 333 -11.98 34.44 20.12
N ARG E 334 -12.30 35.09 18.98
CA ARG E 334 -13.52 34.94 18.15
C ARG E 334 -13.10 34.60 16.70
N ASN E 335 -13.72 33.57 16.10
CA ASN E 335 -13.39 33.08 14.73
C ASN E 335 -14.64 32.53 14.05
N PRO E 336 -15.61 33.38 13.67
CA PRO E 336 -16.80 32.94 12.95
C PRO E 336 -16.54 32.78 11.45
N HIS E 337 -15.52 32.01 11.06
CA HIS E 337 -15.15 31.74 9.63
C HIS E 337 -16.26 30.95 8.92
N ILE E 338 -16.29 30.95 7.60
CA ILE E 338 -17.21 30.06 6.84
C ILE E 338 -16.36 29.22 5.89
N ALA E 339 -15.21 28.75 6.37
CA ALA E 339 -14.39 27.76 5.64
C ALA E 339 -15.26 26.56 5.24
N PHE E 340 -16.28 26.22 6.04
CA PHE E 340 -17.20 25.05 5.85
C PHE E 340 -18.59 25.48 5.31
N GLY E 341 -18.69 26.71 4.77
CA GLY E 341 -19.94 27.27 4.27
C GLY E 341 -20.78 27.72 5.44
N HIS E 342 -22.11 27.76 5.22
CA HIS E 342 -23.12 28.37 6.12
C HIS E 342 -24.55 28.07 5.64
N GLY E 343 -25.48 27.96 6.59
CA GLY E 343 -26.90 27.75 6.27
C GLY E 343 -27.13 26.31 5.89
N ALA E 344 -28.13 26.05 5.06
CA ALA E 344 -28.59 24.68 4.78
C ALA E 344 -27.39 23.81 4.34
N HIS E 345 -26.51 24.31 3.46
CA HIS E 345 -25.41 23.50 2.85
C HIS E 345 -24.13 23.57 3.68
N HIS E 346 -24.15 24.02 4.93
CA HIS E 346 -22.94 23.95 5.81
C HIS E 346 -22.33 22.55 5.67
N CYS E 347 -21.04 22.44 5.43
CA CYS E 347 -20.36 21.12 5.24
C CYS E 347 -20.90 20.05 6.20
N ILE E 348 -21.48 18.97 5.68
CA ILE E 348 -21.92 17.80 6.46
C ILE E 348 -20.72 17.11 7.12
N GLY E 349 -19.53 17.27 6.55
CA GLY E 349 -18.34 16.54 7.01
C GLY E 349 -17.55 17.36 7.98
N ALA E 350 -18.04 18.51 8.45
CA ALA E 350 -17.15 19.53 9.02
C ALA E 350 -16.46 18.94 10.26
N GLN E 351 -17.16 18.13 11.07
CA GLN E 351 -16.61 17.53 12.33
C GLN E 351 -15.52 16.51 11.98
N LEU E 352 -15.73 15.71 10.93
CA LEU E 352 -14.72 14.74 10.45
C LEU E 352 -13.48 15.48 9.90
N GLY E 353 -13.65 16.54 9.12
CA GLY E 353 -12.51 17.30 8.57
C GLY E 353 -11.66 17.86 9.69
N ARG E 354 -12.30 18.46 10.70
CA ARG E 354 -11.64 18.99 11.92
C ARG E 354 -10.87 17.85 12.57
N LEU E 355 -11.51 16.69 12.80
CA LEU E 355 -10.87 15.59 13.56
C LEU E 355 -9.59 15.15 12.82
N GLU E 356 -9.65 15.05 11.48
CA GLU E 356 -8.54 14.64 10.61
C GLU E 356 -7.41 15.65 10.71
N LEU E 357 -7.69 16.92 10.52
CA LEU E 357 -6.63 17.96 10.52
C LEU E 357 -6.00 18.04 11.89
N GLN E 358 -6.83 17.84 12.91
CA GLN E 358 -6.41 17.88 14.33
C GLN E 358 -5.53 16.68 14.62
N GLU E 359 -5.89 15.45 14.23
CA GLU E 359 -5.07 14.26 14.57
C GLU E 359 -3.79 14.29 13.72
N ALA E 360 -3.85 14.78 12.47
CA ALA E 360 -2.69 14.92 11.55
C ALA E 360 -1.65 15.88 12.13
N LEU E 361 -2.01 17.12 12.44
CA LEU E 361 -1.05 18.12 13.00
C LEU E 361 -0.59 17.70 14.41
N SER E 362 -1.50 17.36 15.32
CA SER E 362 -1.10 16.92 16.68
C SER E 362 0.00 15.86 16.57
N ALA E 363 -0.13 14.84 15.69
CA ALA E 363 0.85 13.73 15.56
C ALA E 363 2.20 14.25 15.05
N LEU E 364 2.19 15.15 14.05
CA LEU E 364 3.44 15.74 13.45
C LEU E 364 4.16 16.58 14.49
N VAL E 365 3.40 17.39 15.21
CA VAL E 365 3.93 18.50 16.02
C VAL E 365 4.56 17.88 17.26
N ARG E 366 4.05 16.70 17.67
CA ARG E 366 4.50 15.85 18.79
C ARG E 366 5.66 14.96 18.36
N ARG E 367 5.60 14.32 17.20
CA ARG E 367 6.57 13.25 16.81
C ARG E 367 7.70 13.85 15.96
N PHE E 368 7.46 14.97 15.28
CA PHE E 368 8.47 15.63 14.41
C PHE E 368 8.62 17.10 14.77
N PRO E 369 9.13 17.45 15.98
CA PRO E 369 9.38 18.85 16.35
C PRO E 369 10.36 19.59 15.42
N THR E 370 11.17 18.85 14.66
CA THR E 370 12.19 19.38 13.69
C THR E 370 11.66 19.33 12.26
N LEU E 371 10.41 18.91 12.02
CA LEU E 371 9.86 18.84 10.65
C LEU E 371 10.20 20.17 9.96
N ASP E 372 10.57 20.16 8.69
CA ASP E 372 10.80 21.39 7.91
C ASP E 372 10.67 21.06 6.42
N LEU E 373 10.32 22.06 5.60
CA LEU E 373 10.21 21.92 4.13
C LEU E 373 11.61 21.66 3.53
N ALA E 374 11.73 20.67 2.63
CA ALA E 374 13.00 20.14 2.07
C ALA E 374 12.99 20.16 0.53
N GLU E 375 12.10 20.96 -0.08
CA GLU E 375 12.20 21.44 -1.49
C GLU E 375 12.04 22.96 -1.45
N PRO E 376 12.55 23.73 -2.43
CA PRO E 376 12.41 25.18 -2.40
C PRO E 376 10.96 25.63 -2.62
N VAL E 377 10.55 26.73 -2.00
CA VAL E 377 9.17 27.30 -2.12
C VAL E 377 8.89 27.53 -3.61
N ALA E 378 9.80 28.25 -4.27
CA ALA E 378 9.70 28.67 -5.67
C ALA E 378 9.36 27.47 -6.58
N GLY E 379 9.79 26.25 -6.21
CA GLY E 379 9.66 25.00 -7.00
C GLY E 379 8.41 24.18 -6.67
N LEU E 380 7.58 24.61 -5.72
CA LEU E 380 6.43 23.80 -5.21
C LEU E 380 5.44 23.51 -6.35
N LYS E 381 4.89 22.28 -6.46
CA LYS E 381 3.94 21.88 -7.54
C LYS E 381 2.48 22.11 -7.06
N TRP E 382 1.96 23.33 -7.19
CA TRP E 382 0.53 23.69 -6.86
C TRP E 382 -0.37 23.12 -7.96
N LYS E 383 -1.48 22.48 -7.59
CA LYS E 383 -2.50 21.94 -8.57
C LYS E 383 -3.16 23.09 -9.35
N GLN E 384 -3.35 22.86 -10.65
CA GLN E 384 -3.83 23.83 -11.66
C GLN E 384 -5.20 23.36 -12.17
N GLY E 385 -6.12 24.30 -12.42
CA GLY E 385 -7.41 24.05 -13.09
C GLY E 385 -8.26 23.04 -12.32
N MET E 386 -8.27 23.16 -10.98
CA MET E 386 -9.20 22.38 -10.15
C MET E 386 -10.08 23.34 -9.35
N LEU E 387 -11.27 22.88 -8.98
CA LEU E 387 -12.20 23.57 -8.08
C LEU E 387 -11.56 23.83 -6.71
N ILE E 388 -10.46 23.16 -6.36
CA ILE E 388 -9.74 23.43 -5.08
C ILE E 388 -8.24 23.62 -5.35
N ARG E 389 -7.52 24.08 -4.34
CA ARG E 389 -6.08 24.41 -4.39
C ARG E 389 -5.33 23.53 -3.40
N GLY E 390 -4.16 23.04 -3.80
CA GLY E 390 -3.31 22.18 -2.97
C GLY E 390 -2.05 21.78 -3.71
N LEU E 391 -1.14 21.18 -2.97
CA LEU E 391 0.17 20.75 -3.48
C LEU E 391 0.06 19.32 -4.01
N GLU E 392 0.70 19.06 -5.17
CA GLU E 392 0.91 17.71 -5.75
C GLU E 392 2.00 17.01 -4.97
N ARG E 393 2.94 17.77 -4.38
CA ARG E 393 3.94 17.13 -3.48
C ARG E 393 4.61 18.13 -2.55
N GLN E 394 5.05 17.60 -1.41
CA GLN E 394 5.55 18.40 -0.27
C GLN E 394 6.63 17.60 0.42
N ILE E 395 7.85 17.64 -0.13
CA ILE E 395 9.04 16.96 0.43
C ILE E 395 9.43 17.70 1.71
N VAL E 396 9.42 16.99 2.83
CA VAL E 396 9.75 17.51 4.18
C VAL E 396 10.98 16.72 4.69
N SER E 397 11.72 17.29 5.63
CA SER E 397 12.84 16.64 6.35
C SER E 397 12.54 16.66 7.86
N TRP E 398 13.15 15.78 8.63
CA TRP E 398 13.06 15.85 10.12
C TRP E 398 14.38 15.35 10.73
N ASP F 3 12.54 -20.61 -82.64
CA ASP F 3 13.15 -20.83 -84.00
C ASP F 3 14.32 -19.85 -84.21
N ALA F 4 14.03 -18.54 -84.33
CA ALA F 4 14.97 -17.46 -84.67
C ALA F 4 15.71 -16.99 -83.40
N VAL F 5 16.58 -17.86 -82.93
CA VAL F 5 17.40 -17.64 -81.70
C VAL F 5 18.82 -18.06 -82.03
N PRO F 6 19.82 -17.61 -81.25
CA PRO F 6 21.19 -18.01 -81.48
C PRO F 6 21.54 -19.45 -81.08
N ALA F 7 22.58 -19.99 -81.71
CA ALA F 7 23.10 -21.32 -81.35
C ALA F 7 23.78 -21.19 -79.99
N TYR F 8 23.68 -22.21 -79.16
CA TYR F 8 24.42 -22.35 -77.88
C TYR F 8 25.12 -23.72 -77.81
N PRO F 9 26.44 -23.77 -77.50
CA PRO F 9 27.24 -22.60 -77.09
C PRO F 9 27.52 -21.54 -78.18
N PHE F 10 27.98 -20.36 -77.75
CA PHE F 10 28.09 -19.16 -78.59
C PHE F 10 29.44 -19.21 -79.31
N SER F 11 30.33 -20.05 -78.82
CA SER F 11 31.75 -20.14 -79.23
C SER F 11 32.36 -21.40 -78.61
N LEU F 12 33.39 -21.97 -79.23
CA LEU F 12 34.15 -23.08 -78.59
C LEU F 12 35.21 -22.43 -77.70
N PRO F 13 35.48 -23.02 -76.52
CA PRO F 13 36.36 -22.38 -75.53
C PRO F 13 37.85 -22.28 -75.95
N HIS F 14 38.65 -21.48 -75.23
CA HIS F 14 40.13 -21.39 -75.39
C HIS F 14 40.76 -21.33 -73.99
N ALA F 15 41.74 -22.19 -73.72
CA ALA F 15 42.43 -22.29 -72.41
C ALA F 15 41.38 -22.45 -71.29
N LEU F 16 41.45 -21.58 -70.25
CA LEU F 16 40.43 -21.41 -69.20
C LEU F 16 39.77 -20.01 -69.35
N ASP F 17 39.74 -19.46 -70.57
CA ASP F 17 39.16 -18.12 -70.86
C ASP F 17 37.63 -18.19 -70.83
N LEU F 18 36.97 -17.34 -70.03
CA LEU F 18 35.49 -17.17 -70.06
C LEU F 18 35.10 -16.48 -71.37
N ASP F 19 34.10 -17.00 -72.08
CA ASP F 19 33.48 -16.24 -73.20
C ASP F 19 32.93 -14.96 -72.58
N PRO F 20 33.34 -13.76 -73.07
CA PRO F 20 32.85 -12.50 -72.49
C PRO F 20 31.33 -12.29 -72.62
N HIS F 21 30.65 -12.99 -73.52
CA HIS F 21 29.18 -12.85 -73.75
C HIS F 21 28.37 -13.24 -72.49
N TYR F 22 28.87 -14.12 -71.62
CA TYR F 22 28.13 -14.50 -70.38
C TYR F 22 27.95 -13.28 -69.45
N ALA F 23 29.00 -12.49 -69.20
CA ALA F 23 28.94 -11.19 -68.46
C ALA F 23 27.83 -10.31 -69.03
N GLU F 24 27.75 -10.19 -70.36
CA GLU F 24 26.75 -9.33 -71.05
C GLU F 24 25.33 -9.82 -70.74
N LEU F 25 25.10 -11.13 -70.81
CA LEU F 25 23.77 -11.74 -70.57
C LEU F 25 23.34 -11.53 -69.11
N ARG F 26 24.25 -11.76 -68.14
CA ARG F 26 24.04 -11.49 -66.68
C ARG F 26 23.46 -10.08 -66.45
N ARG F 27 23.85 -9.10 -67.26
CA ARG F 27 23.40 -7.71 -66.99
C ARG F 27 22.17 -7.34 -67.84
N ASP F 28 22.14 -7.68 -69.12
CA ASP F 28 21.05 -7.15 -70.00
C ASP F 28 20.00 -8.20 -70.39
N GLU F 29 20.30 -9.48 -70.27
CA GLU F 29 19.35 -10.54 -70.76
C GLU F 29 19.65 -11.84 -70.00
N PRO F 30 19.33 -11.97 -68.70
CA PRO F 30 19.81 -13.11 -67.90
C PRO F 30 19.19 -14.47 -68.21
N VAL F 31 17.98 -14.51 -68.74
CA VAL F 31 17.41 -15.77 -69.26
C VAL F 31 17.12 -15.58 -70.75
N SER F 32 17.80 -16.27 -71.65
CA SER F 32 17.65 -16.02 -73.11
C SER F 32 17.24 -17.33 -73.78
N ARG F 33 16.41 -17.26 -74.82
CA ARG F 33 16.07 -18.50 -75.55
C ARG F 33 17.23 -18.82 -76.51
N VAL F 34 17.63 -20.10 -76.58
CA VAL F 34 18.75 -20.58 -77.45
C VAL F 34 18.38 -21.93 -78.07
N ARG F 35 19.14 -22.30 -79.11
CA ARG F 35 19.13 -23.62 -79.78
C ARG F 35 20.41 -24.36 -79.40
N LEU F 36 20.25 -25.43 -78.65
CA LEU F 36 21.30 -26.37 -78.17
C LEU F 36 21.77 -27.19 -79.38
N PRO F 37 22.99 -27.79 -79.31
CA PRO F 37 23.58 -28.51 -80.46
C PRO F 37 22.79 -29.74 -80.98
N TYR F 38 22.13 -30.49 -80.10
CA TYR F 38 21.35 -31.71 -80.46
C TYR F 38 19.95 -31.62 -79.89
N GLY F 39 19.02 -32.35 -80.50
CA GLY F 39 17.59 -32.30 -80.16
C GLY F 39 16.89 -31.31 -81.06
N GLU F 40 15.65 -30.96 -80.75
CA GLU F 40 14.80 -30.05 -81.55
C GLU F 40 14.26 -28.97 -80.63
N GLY F 41 13.83 -27.84 -81.20
CA GLY F 41 13.21 -26.77 -80.40
C GLY F 41 14.24 -25.84 -79.76
N THR F 42 13.79 -24.78 -79.10
CA THR F 42 14.71 -23.82 -78.43
C THR F 42 14.58 -23.98 -76.90
N ALA F 43 15.53 -23.43 -76.14
CA ALA F 43 15.50 -23.62 -74.67
C ALA F 43 15.95 -22.35 -73.94
N TRP F 44 15.74 -22.31 -72.62
CA TRP F 44 16.14 -21.13 -71.80
C TRP F 44 17.57 -21.35 -71.28
N LEU F 45 18.48 -20.47 -71.67
CA LEU F 45 19.83 -20.34 -71.06
C LEU F 45 19.74 -19.46 -69.80
N VAL F 46 20.17 -20.01 -68.68
CA VAL F 46 20.21 -19.31 -67.37
C VAL F 46 21.67 -19.01 -66.99
N THR F 47 22.01 -17.75 -66.68
CA THR F 47 23.41 -17.26 -66.55
C THR F 47 23.69 -16.68 -65.16
N ARG F 48 22.65 -16.42 -64.33
CA ARG F 48 22.81 -15.83 -62.97
C ARG F 48 22.67 -16.90 -61.89
N MET F 49 23.35 -16.70 -60.75
CA MET F 49 23.32 -17.61 -59.57
C MET F 49 21.88 -17.78 -59.10
N SER F 50 21.10 -16.70 -58.96
CA SER F 50 19.73 -16.71 -58.38
C SER F 50 18.84 -17.65 -59.20
N ASP F 51 18.88 -17.51 -60.53
CA ASP F 51 18.14 -18.35 -61.51
C ASP F 51 18.70 -19.79 -61.52
N ALA F 52 20.01 -19.99 -61.44
CA ALA F 52 20.63 -21.34 -61.50
C ALA F 52 20.10 -22.15 -60.31
N ARG F 53 20.13 -21.56 -59.10
CA ARG F 53 19.67 -22.25 -57.86
C ARG F 53 18.19 -22.67 -57.96
N ILE F 54 17.36 -21.91 -58.67
CA ILE F 54 15.94 -22.26 -58.90
C ILE F 54 15.89 -23.44 -59.88
N VAL F 55 16.59 -23.38 -61.02
CA VAL F 55 16.52 -24.41 -62.08
C VAL F 55 17.13 -25.73 -61.56
N LEU F 56 18.16 -25.66 -60.74
CA LEU F 56 18.83 -26.88 -60.23
C LEU F 56 18.17 -27.37 -58.92
N GLY F 57 17.54 -26.45 -58.16
CA GLY F 57 17.16 -26.69 -56.76
C GLY F 57 15.67 -26.78 -56.62
N ASP F 58 14.90 -26.79 -57.70
CA ASP F 58 13.42 -26.68 -57.59
C ASP F 58 12.81 -27.93 -58.22
N SER F 59 11.94 -28.59 -57.47
CA SER F 59 11.33 -29.89 -57.85
C SER F 59 10.24 -29.70 -58.92
N ARG F 60 9.94 -28.46 -59.34
CA ARG F 60 9.06 -28.19 -60.51
C ARG F 60 9.87 -28.41 -61.82
N PHE F 61 11.15 -28.75 -61.70
CA PHE F 61 12.02 -29.13 -62.83
C PHE F 61 12.35 -30.62 -62.74
N SER F 62 12.25 -31.32 -63.88
CA SER F 62 12.44 -32.78 -64.04
C SER F 62 13.57 -32.97 -65.06
N THR F 63 14.53 -33.84 -64.75
CA THR F 63 15.55 -34.33 -65.70
C THR F 63 14.99 -35.52 -66.48
N ALA F 64 14.17 -36.36 -65.85
CA ALA F 64 13.51 -37.53 -66.48
C ALA F 64 12.65 -37.09 -67.68
N ALA F 65 12.08 -35.89 -67.61
CA ALA F 65 11.33 -35.27 -68.72
C ALA F 65 12.25 -35.02 -69.93
N ALA F 66 13.58 -34.92 -69.76
CA ALA F 66 14.51 -34.48 -70.82
C ALA F 66 15.15 -35.66 -71.55
N THR F 67 14.68 -36.89 -71.35
CA THR F 67 15.31 -38.11 -71.94
C THR F 67 14.73 -38.36 -73.34
N ASP F 68 13.50 -37.89 -73.61
CA ASP F 68 12.90 -37.87 -74.97
C ASP F 68 13.94 -37.39 -75.99
N PRO F 69 14.21 -38.16 -77.08
CA PRO F 69 15.21 -37.78 -78.09
C PRO F 69 15.05 -36.40 -78.76
N ALA F 70 13.83 -35.85 -78.86
CA ALA F 70 13.54 -34.49 -79.41
C ALA F 70 13.99 -33.39 -78.44
N THR F 71 14.20 -33.71 -77.16
CA THR F 71 14.55 -32.73 -76.12
C THR F 71 15.94 -32.18 -76.43
N PRO F 72 16.11 -30.85 -76.48
CA PRO F 72 17.44 -30.25 -76.60
C PRO F 72 18.44 -30.86 -75.60
N ARG F 73 19.71 -30.92 -76.01
CA ARG F 73 20.76 -31.45 -75.13
C ARG F 73 22.11 -30.94 -75.61
N MET F 74 23.09 -30.88 -74.73
CA MET F 74 24.47 -30.47 -75.08
C MET F 74 25.28 -31.61 -75.77
N PHE F 75 24.84 -32.86 -75.77
CA PHE F 75 25.61 -34.03 -76.26
C PHE F 75 24.83 -34.82 -77.30
N PRO F 76 25.49 -35.64 -78.17
CA PRO F 76 24.87 -36.12 -79.39
C PRO F 76 23.88 -37.28 -79.21
N THR F 77 24.11 -38.19 -78.28
CA THR F 77 23.16 -39.33 -78.13
C THR F 77 22.02 -38.89 -77.22
N PRO F 78 20.76 -39.32 -77.47
CA PRO F 78 19.73 -39.22 -76.45
C PRO F 78 20.27 -39.66 -75.09
N PRO F 79 19.89 -38.98 -73.99
CA PRO F 79 20.34 -39.34 -72.65
C PRO F 79 19.92 -40.77 -72.26
N GLU F 80 20.73 -41.46 -71.45
CA GLU F 80 20.37 -42.80 -70.90
C GLU F 80 19.34 -42.59 -69.80
N PRO F 81 18.10 -43.04 -69.99
CA PRO F 81 17.04 -42.85 -68.98
C PRO F 81 17.34 -43.56 -67.65
N ASP F 82 18.15 -44.63 -67.70
CA ASP F 82 18.59 -45.42 -66.51
C ASP F 82 19.57 -44.58 -65.68
N GLY F 83 20.14 -43.52 -66.26
CA GLY F 83 21.18 -42.72 -65.55
C GLY F 83 20.67 -41.97 -64.32
N VAL F 84 21.50 -41.86 -63.28
CA VAL F 84 21.19 -41.09 -62.04
C VAL F 84 20.78 -39.63 -62.38
N LEU F 85 21.49 -38.99 -63.32
CA LEU F 85 21.33 -37.56 -63.67
C LEU F 85 19.99 -37.34 -64.38
N ALA F 86 19.49 -38.38 -65.06
CA ALA F 86 18.19 -38.38 -65.76
C ALA F 86 17.05 -38.82 -64.83
N GLN F 87 17.30 -39.01 -63.54
CA GLN F 87 16.30 -39.57 -62.58
C GLN F 87 15.70 -38.45 -61.71
N ASP F 88 14.40 -38.51 -61.46
CA ASP F 88 13.71 -37.60 -60.51
C ASP F 88 13.49 -38.32 -59.18
N PRO F 89 13.30 -37.58 -58.06
CA PRO F 89 12.88 -38.18 -56.79
C PRO F 89 11.51 -38.77 -57.00
N PRO F 90 11.13 -39.90 -56.35
CA PRO F 90 12.00 -40.58 -55.37
C PRO F 90 13.00 -41.66 -55.84
N ASP F 91 12.94 -42.12 -57.11
CA ASP F 91 13.90 -43.14 -57.60
C ASP F 91 15.29 -42.51 -57.54
N HIS F 92 15.45 -41.24 -57.84
CA HIS F 92 16.75 -40.57 -57.73
C HIS F 92 17.31 -40.78 -56.33
N THR F 93 16.49 -40.51 -55.34
CA THR F 93 16.84 -40.58 -53.90
C THR F 93 17.26 -42.02 -53.56
N ARG F 94 16.52 -43.02 -54.04
CA ARG F 94 16.87 -44.46 -53.84
C ARG F 94 18.25 -44.78 -54.48
N LEU F 95 18.58 -44.26 -55.67
CA LEU F 95 19.89 -44.55 -56.33
C LEU F 95 21.03 -43.88 -55.56
N ARG F 96 20.83 -42.64 -55.18
CA ARG F 96 21.73 -41.91 -54.27
C ARG F 96 22.03 -42.72 -53.01
N ARG F 97 20.98 -43.13 -52.28
CA ARG F 97 21.18 -43.88 -51.00
CA ARG F 97 21.15 -43.90 -51.03
C ARG F 97 21.95 -45.22 -51.15
N LEU F 98 21.87 -45.79 -52.36
CA LEU F 98 22.64 -47.05 -52.63
C LEU F 98 24.12 -46.87 -52.28
N VAL F 99 24.72 -45.72 -52.60
CA VAL F 99 26.20 -45.49 -52.52
C VAL F 99 26.54 -44.31 -51.61
N GLY F 100 25.56 -43.54 -51.17
CA GLY F 100 25.83 -42.26 -50.46
C GLY F 100 26.71 -42.39 -49.22
N LYS F 101 26.69 -43.54 -48.53
CA LYS F 101 27.35 -43.63 -47.19
C LYS F 101 28.85 -43.48 -47.38
N ALA F 102 29.39 -43.96 -48.53
CA ALA F 102 30.81 -43.95 -48.96
C ALA F 102 31.30 -42.55 -49.40
N PHE F 103 30.42 -41.56 -49.53
CA PHE F 103 30.77 -40.19 -50.00
C PHE F 103 30.43 -39.10 -48.98
N THR F 104 30.07 -39.45 -47.75
CA THR F 104 29.80 -38.46 -46.66
C THR F 104 31.12 -37.79 -46.27
N ALA F 105 31.08 -36.57 -45.72
CA ALA F 105 32.29 -35.82 -45.34
C ALA F 105 33.14 -36.73 -44.45
N ARG F 106 32.50 -37.46 -43.54
CA ARG F 106 33.18 -38.28 -42.49
C ARG F 106 33.81 -39.52 -43.14
N ARG F 107 33.15 -40.21 -44.07
CA ARG F 107 33.79 -41.33 -44.82
C ARG F 107 34.99 -40.86 -45.66
N VAL F 108 34.85 -39.73 -46.35
CA VAL F 108 35.91 -39.25 -47.28
C VAL F 108 37.10 -38.79 -46.44
N GLU F 109 36.86 -38.16 -45.27
CA GLU F 109 37.93 -37.73 -44.33
C GLU F 109 38.77 -38.94 -43.91
N GLU F 110 38.14 -40.07 -43.63
CA GLU F 110 38.80 -41.36 -43.25
C GLU F 110 39.84 -41.78 -44.30
N MET F 111 39.74 -41.34 -45.55
CA MET F 111 40.56 -41.94 -46.64
C MET F 111 41.69 -40.99 -47.08
N ARG F 112 41.86 -39.82 -46.42
CA ARG F 112 42.99 -38.86 -46.62
C ARG F 112 44.35 -39.53 -46.36
N PRO F 113 44.54 -40.30 -45.26
CA PRO F 113 45.83 -40.94 -45.01
C PRO F 113 46.29 -41.82 -46.18
N ARG F 114 45.41 -42.63 -46.78
CA ARG F 114 45.79 -43.46 -47.96
C ARG F 114 45.95 -42.58 -49.19
N VAL F 115 45.04 -41.63 -49.36
CA VAL F 115 45.13 -40.69 -50.52
C VAL F 115 46.49 -39.98 -50.43
N ARG F 116 46.90 -39.52 -49.25
CA ARG F 116 48.18 -38.78 -49.05
C ARG F 116 49.37 -39.66 -49.47
N SER F 117 49.45 -40.85 -48.90
CA SER F 117 50.48 -41.89 -49.17
C SER F 117 50.54 -42.23 -50.69
N LEU F 118 49.40 -42.44 -51.35
CA LEU F 118 49.25 -42.71 -52.82
C LEU F 118 49.86 -41.59 -53.65
N VAL F 119 49.52 -40.34 -53.31
CA VAL F 119 50.04 -39.10 -53.98
C VAL F 119 51.57 -39.06 -53.87
N ASP F 120 52.11 -39.25 -52.66
CA ASP F 120 53.58 -39.23 -52.37
C ASP F 120 54.28 -40.33 -53.18
N SER F 121 53.68 -41.51 -53.28
CA SER F 121 54.21 -42.67 -54.06
C SER F 121 54.24 -42.33 -55.57
N LEU F 122 53.20 -41.71 -56.12
CA LEU F 122 53.11 -41.37 -57.58
C LEU F 122 54.09 -40.25 -57.93
N LEU F 123 54.45 -39.42 -56.94
CA LEU F 123 55.35 -38.27 -57.16
C LEU F 123 56.80 -38.77 -57.11
N ASP F 124 57.07 -39.78 -56.26
CA ASP F 124 58.36 -40.53 -56.27
C ASP F 124 58.61 -41.00 -57.71
N ASP F 125 57.60 -41.57 -58.36
CA ASP F 125 57.64 -41.99 -59.79
C ASP F 125 58.16 -40.81 -60.65
N MET F 126 57.62 -39.61 -60.41
CA MET F 126 58.02 -38.35 -61.11
C MET F 126 59.48 -37.96 -60.76
N VAL F 127 59.89 -38.10 -59.49
CA VAL F 127 61.27 -37.76 -59.01
C VAL F 127 62.28 -38.68 -59.70
N ALA F 128 61.97 -39.98 -59.81
CA ALA F 128 62.74 -41.01 -60.54
C ALA F 128 62.90 -40.67 -62.05
N HIS F 129 61.88 -40.09 -62.70
CA HIS F 129 61.93 -39.68 -64.14
C HIS F 129 62.78 -38.41 -64.27
N GLY F 130 62.83 -37.59 -63.21
CA GLY F 130 63.56 -36.30 -63.16
C GLY F 130 62.80 -35.23 -63.92
N SER F 131 63.28 -33.98 -63.82
CA SER F 131 62.69 -32.72 -64.39
C SER F 131 63.37 -32.38 -65.71
N PRO F 132 62.67 -32.05 -66.81
CA PRO F 132 61.22 -31.79 -66.82
C PRO F 132 60.35 -33.06 -66.95
N ALA F 133 59.17 -33.09 -66.32
CA ALA F 133 58.21 -34.22 -66.37
C ALA F 133 56.78 -33.73 -66.61
N ASP F 134 56.00 -34.55 -67.35
CA ASP F 134 54.54 -34.37 -67.65
C ASP F 134 53.68 -34.72 -66.42
N LEU F 135 53.02 -33.71 -65.83
CA LEU F 135 52.15 -33.83 -64.62
C LEU F 135 50.86 -34.65 -64.90
N VAL F 136 50.39 -34.70 -66.15
CA VAL F 136 49.25 -35.57 -66.56
C VAL F 136 49.64 -37.07 -66.45
N GLU F 137 50.77 -37.53 -67.01
CA GLU F 137 51.16 -38.96 -66.98
C GLU F 137 51.45 -39.43 -65.53
N PHE F 138 52.10 -38.60 -64.71
CA PHE F 138 52.63 -38.98 -63.38
C PHE F 138 51.62 -38.72 -62.25
N LEU F 139 50.70 -37.74 -62.40
CA LEU F 139 49.74 -37.34 -61.31
C LEU F 139 48.28 -37.22 -61.80
N ALA F 140 47.99 -36.27 -62.70
CA ALA F 140 46.60 -35.99 -63.14
C ALA F 140 45.81 -37.27 -63.41
N VAL F 141 46.38 -38.25 -64.11
CA VAL F 141 45.59 -39.46 -64.48
C VAL F 141 45.79 -40.71 -63.62
N PRO F 142 46.99 -41.00 -63.09
CA PRO F 142 47.19 -42.18 -62.22
C PRO F 142 46.65 -41.93 -60.81
N PHE F 143 46.25 -40.70 -60.48
CA PHE F 143 45.84 -40.45 -59.07
C PHE F 143 44.33 -40.51 -58.84
N PRO F 144 43.50 -39.85 -59.68
CA PRO F 144 42.05 -40.05 -59.67
C PRO F 144 41.62 -41.49 -60.03
N VAL F 145 42.27 -42.06 -61.05
CA VAL F 145 42.00 -43.41 -61.62
C VAL F 145 42.16 -44.49 -60.54
N ALA F 146 43.28 -44.47 -59.82
CA ALA F 146 43.59 -45.47 -58.77
C ALA F 146 42.57 -45.35 -57.62
N VAL F 147 42.11 -44.14 -57.30
CA VAL F 147 41.12 -43.87 -56.22
C VAL F 147 39.74 -44.39 -56.63
N ILE F 148 39.25 -43.99 -57.80
CA ILE F 148 37.93 -44.49 -58.29
C ILE F 148 38.00 -46.02 -58.42
N CYS F 149 39.09 -46.57 -59.01
CA CYS F 149 39.26 -48.03 -59.15
C CYS F 149 39.20 -48.74 -57.78
N GLU F 150 39.83 -48.20 -56.74
CA GLU F 150 39.84 -48.86 -55.42
C GLU F 150 38.46 -48.68 -54.77
N LEU F 151 37.84 -47.53 -54.94
CA LEU F 151 36.55 -47.23 -54.32
C LEU F 151 35.49 -48.14 -54.95
N LEU F 152 35.43 -48.19 -56.28
CA LEU F 152 34.40 -48.98 -57.02
C LEU F 152 34.69 -50.48 -57.00
N GLY F 153 35.96 -50.92 -57.10
CA GLY F 153 36.37 -52.33 -57.31
C GLY F 153 36.47 -52.71 -58.80
N VAL F 154 37.00 -51.77 -59.59
CA VAL F 154 37.26 -51.88 -61.04
C VAL F 154 38.74 -52.24 -61.17
N PRO F 155 39.08 -53.14 -62.11
CA PRO F 155 40.49 -53.51 -62.31
C PRO F 155 41.29 -52.32 -62.85
N LEU F 156 42.35 -51.92 -62.13
CA LEU F 156 43.42 -51.01 -62.63
C LEU F 156 43.90 -51.43 -64.03
N GLU F 157 43.88 -52.73 -64.32
CA GLU F 157 44.32 -53.25 -65.63
C GLU F 157 43.39 -52.77 -66.73
N ASP F 158 42.20 -52.30 -66.37
CA ASP F 158 41.20 -51.94 -67.41
C ASP F 158 41.23 -50.44 -67.72
N ARG F 159 42.24 -49.68 -67.27
CA ARG F 159 42.33 -48.20 -67.46
C ARG F 159 42.05 -47.81 -68.91
N ASP F 160 42.85 -48.31 -69.86
CA ASP F 160 42.74 -48.05 -71.31
C ASP F 160 41.33 -48.42 -71.83
N LEU F 161 40.77 -49.55 -71.43
CA LEU F 161 39.43 -50.01 -71.89
C LEU F 161 38.43 -48.96 -71.41
N PHE F 162 38.31 -48.68 -70.12
CA PHE F 162 37.27 -47.76 -69.60
C PHE F 162 37.57 -46.29 -69.94
N ARG F 163 38.82 -45.84 -70.05
CA ARG F 163 39.10 -44.40 -70.38
C ARG F 163 38.80 -44.11 -71.85
N THR F 164 38.85 -45.12 -72.71
CA THR F 164 38.40 -45.09 -74.13
C THR F 164 36.88 -44.94 -74.17
N PHE F 165 36.15 -45.68 -73.33
CA PHE F 165 34.68 -45.54 -73.25
C PHE F 165 34.40 -44.13 -72.71
N SER F 166 35.02 -43.76 -71.59
CA SER F 166 34.84 -42.46 -70.91
C SER F 166 34.97 -41.31 -71.92
N ASP F 167 36.12 -41.27 -72.57
CA ASP F 167 36.53 -40.24 -73.56
C ASP F 167 35.39 -40.09 -74.56
N ALA F 168 35.02 -41.18 -75.23
CA ALA F 168 33.96 -41.20 -76.27
C ALA F 168 32.69 -40.55 -75.69
N MET F 169 32.35 -40.91 -74.44
CA MET F 169 31.00 -40.66 -73.91
C MET F 169 30.94 -39.24 -73.33
N LEU F 170 32.10 -38.59 -73.12
CA LEU F 170 32.24 -37.15 -72.75
C LEU F 170 32.41 -36.26 -74.00
N SER F 171 32.14 -36.76 -75.21
CA SER F 171 32.17 -35.99 -76.49
C SER F 171 31.00 -35.02 -76.54
N SER F 172 31.23 -33.80 -77.02
CA SER F 172 30.19 -32.79 -77.33
C SER F 172 30.00 -32.75 -78.85
N THR F 173 31.05 -32.43 -79.58
CA THR F 173 30.99 -32.20 -81.05
C THR F 173 32.15 -32.99 -81.69
N ARG F 174 32.39 -34.21 -81.23
CA ARG F 174 33.52 -35.04 -81.75
C ARG F 174 32.77 -36.24 -82.33
N LEU F 175 32.68 -37.34 -81.59
CA LEU F 175 32.04 -38.58 -82.11
C LEU F 175 30.56 -38.32 -82.42
N THR F 176 29.96 -39.18 -83.25
CA THR F 176 28.54 -39.01 -83.64
C THR F 176 27.63 -39.76 -82.66
N ALA F 177 26.32 -39.53 -82.74
CA ALA F 177 25.37 -40.21 -81.81
C ALA F 177 25.54 -41.72 -81.91
N ALA F 178 25.54 -42.28 -83.13
CA ALA F 178 25.62 -43.74 -83.32
C ALA F 178 26.92 -44.28 -82.71
N GLU F 179 28.07 -43.67 -83.02
CA GLU F 179 29.37 -44.14 -82.48
C GLU F 179 29.30 -44.15 -80.96
N ILE F 180 28.84 -43.04 -80.36
CA ILE F 180 28.80 -42.93 -78.87
C ILE F 180 27.83 -43.99 -78.37
N GLN F 181 26.71 -44.18 -79.09
CA GLN F 181 25.61 -45.14 -78.78
C GLN F 181 26.21 -46.55 -78.54
N ARG F 182 26.97 -47.04 -79.50
CA ARG F 182 27.72 -48.32 -79.51
C ARG F 182 28.62 -48.39 -78.27
N VAL F 183 29.42 -47.34 -78.01
CA VAL F 183 30.27 -47.22 -76.79
C VAL F 183 29.42 -47.25 -75.50
N GLN F 184 28.31 -46.54 -75.44
CA GLN F 184 27.42 -46.65 -74.24
C GLN F 184 26.99 -48.10 -74.04
N GLN F 185 26.52 -48.82 -75.07
CA GLN F 185 26.04 -50.21 -74.89
C GLN F 185 27.19 -51.11 -74.41
N ASP F 186 28.37 -50.97 -75.01
CA ASP F 186 29.61 -51.68 -74.60
C ASP F 186 29.95 -51.38 -73.12
N PHE F 187 29.91 -50.12 -72.66
CA PHE F 187 30.26 -49.76 -71.27
C PHE F 187 29.27 -50.45 -70.32
N MET F 188 27.98 -50.51 -70.68
CA MET F 188 26.93 -51.10 -69.81
C MET F 188 27.16 -52.62 -69.72
N VAL F 189 27.36 -53.25 -70.86
CA VAL F 189 27.58 -54.73 -70.96
C VAL F 189 28.85 -55.06 -70.14
N TYR F 190 29.85 -54.18 -70.20
CA TYR F 190 31.14 -54.30 -69.47
C TYR F 190 30.89 -54.19 -67.96
N MET F 191 30.22 -53.11 -67.53
CA MET F 191 29.89 -52.88 -66.10
C MET F 191 28.95 -54.00 -65.58
N ASP F 192 28.00 -54.45 -66.40
CA ASP F 192 27.07 -55.56 -66.06
C ASP F 192 27.93 -56.78 -65.74
N GLY F 193 28.94 -57.05 -66.56
CA GLY F 193 29.92 -58.13 -66.37
C GLY F 193 30.70 -57.98 -65.06
N LEU F 194 31.09 -56.76 -64.65
CA LEU F 194 31.89 -56.56 -63.39
C LEU F 194 30.98 -56.79 -62.17
N VAL F 195 29.70 -56.40 -62.19
CA VAL F 195 28.84 -56.62 -60.99
C VAL F 195 28.36 -58.09 -60.96
N ALA F 196 28.31 -58.78 -62.11
CA ALA F 196 28.03 -60.25 -62.21
C ALA F 196 29.11 -61.09 -61.51
N GLN F 197 30.33 -60.58 -61.40
CA GLN F 197 31.45 -61.29 -60.76
C GLN F 197 31.25 -61.34 -59.26
N ARG F 198 30.39 -60.49 -58.69
CA ARG F 198 30.08 -60.55 -57.23
C ARG F 198 29.06 -61.67 -56.94
N ARG F 199 28.50 -62.30 -57.98
CA ARG F 199 27.38 -63.29 -57.89
C ARG F 199 27.53 -64.19 -56.66
N ASP F 200 28.69 -64.87 -56.46
CA ASP F 200 28.94 -65.72 -55.26
C ASP F 200 30.34 -65.43 -54.69
N ALA F 201 30.69 -64.15 -54.67
CA ALA F 201 32.05 -63.63 -54.39
C ALA F 201 31.88 -62.13 -54.11
N PRO F 202 31.13 -61.78 -53.01
CA PRO F 202 30.89 -60.40 -52.59
C PRO F 202 32.20 -59.65 -52.29
N THR F 203 32.25 -58.36 -52.56
CA THR F 203 33.47 -57.52 -52.33
C THR F 203 33.07 -56.32 -51.44
N GLU F 204 34.03 -55.77 -50.66
CA GLU F 204 33.85 -54.58 -49.78
C GLU F 204 34.18 -53.32 -50.57
N ASP F 205 33.27 -52.93 -51.46
CA ASP F 205 33.49 -51.82 -52.43
C ASP F 205 32.12 -51.47 -53.03
N LEU F 206 32.00 -50.32 -53.69
CA LEU F 206 30.69 -49.87 -54.25
C LEU F 206 30.12 -50.93 -55.19
N LEU F 207 30.96 -51.53 -56.05
CA LEU F 207 30.46 -52.52 -57.04
C LEU F 207 29.76 -53.67 -56.31
N GLY F 208 30.36 -54.15 -55.21
CA GLY F 208 29.76 -55.24 -54.42
C GLY F 208 28.39 -54.85 -53.90
N ALA F 209 28.25 -53.61 -53.41
CA ALA F 209 26.96 -53.13 -52.88
C ALA F 209 25.91 -53.13 -54.00
N LEU F 210 26.28 -52.58 -55.17
CA LEU F 210 25.35 -52.58 -56.33
C LEU F 210 24.93 -54.01 -56.63
N ALA F 211 25.88 -54.95 -56.57
CA ALA F 211 25.58 -56.36 -56.86
C ALA F 211 24.49 -56.82 -55.88
N LEU F 212 24.63 -56.46 -54.60
CA LEU F 212 23.65 -56.85 -53.53
C LEU F 212 22.29 -56.25 -53.85
N ALA F 213 22.27 -55.01 -54.35
CA ALA F 213 21.03 -54.25 -54.66
C ALA F 213 20.30 -54.88 -55.86
N THR F 214 21.01 -55.34 -56.90
CA THR F 214 20.38 -56.14 -58.01
C THR F 214 19.80 -57.44 -57.44
N ASP F 215 20.33 -58.00 -56.32
CA ASP F 215 19.82 -59.26 -55.69
C ASP F 215 18.33 -59.13 -55.34
N ASN F 216 17.95 -58.22 -54.44
CA ASN F 216 16.49 -57.97 -54.21
C ASN F 216 16.26 -56.52 -53.75
N ASP F 217 16.47 -55.54 -54.62
CA ASP F 217 15.76 -54.25 -54.54
C ASP F 217 14.44 -54.44 -55.30
N ASP F 218 13.33 -53.94 -54.74
CA ASP F 218 11.97 -54.09 -55.31
C ASP F 218 11.56 -52.84 -56.07
N HIS F 219 12.36 -51.76 -56.11
CA HIS F 219 11.92 -50.44 -56.70
C HIS F 219 12.78 -50.03 -57.90
N LEU F 220 14.08 -50.30 -57.85
CA LEU F 220 15.03 -49.97 -58.94
C LEU F 220 15.11 -51.17 -59.89
N THR F 221 15.27 -50.90 -61.18
CA THR F 221 15.61 -51.93 -62.18
C THR F 221 17.12 -52.23 -62.10
N LYS F 222 17.50 -53.43 -62.56
CA LYS F 222 18.92 -53.85 -62.72
C LYS F 222 19.66 -52.76 -63.55
N GLY F 223 19.04 -52.28 -64.62
CA GLY F 223 19.67 -51.28 -65.51
C GLY F 223 20.01 -49.98 -64.79
N GLU F 224 19.11 -49.47 -63.91
CA GLU F 224 19.34 -48.26 -63.08
C GLU F 224 20.47 -48.53 -62.09
N ILE F 225 20.47 -49.70 -61.43
CA ILE F 225 21.51 -50.00 -60.41
C ILE F 225 22.87 -50.11 -61.10
N VAL F 226 22.92 -50.85 -62.20
CA VAL F 226 24.23 -51.16 -62.84
C VAL F 226 24.77 -49.86 -63.43
N ASN F 227 23.89 -49.05 -64.03
CA ASN F 227 24.29 -47.77 -64.71
C ASN F 227 25.01 -46.86 -63.69
N MET F 228 24.75 -47.06 -62.40
CA MET F 228 25.40 -46.31 -61.31
C MET F 228 26.91 -46.55 -61.34
N GLY F 229 27.36 -47.78 -61.64
CA GLY F 229 28.79 -48.10 -61.87
C GLY F 229 29.40 -47.24 -62.97
N VAL F 230 28.66 -47.05 -64.07
CA VAL F 230 29.16 -46.31 -65.27
C VAL F 230 29.30 -44.84 -64.86
N SER F 231 28.24 -44.20 -64.34
CA SER F 231 28.18 -42.80 -63.80
C SER F 231 29.38 -42.50 -62.89
N LEU F 232 29.52 -43.31 -61.85
CA LEU F 232 30.59 -43.16 -60.82
C LEU F 232 31.96 -43.35 -61.47
N LEU F 233 32.11 -44.26 -62.44
CA LEU F 233 33.45 -44.59 -63.04
C LEU F 233 33.88 -43.40 -63.89
N ILE F 234 33.03 -42.93 -64.78
CA ILE F 234 33.32 -41.75 -65.66
C ILE F 234 33.50 -40.49 -64.80
N ALA F 235 32.43 -40.04 -64.15
CA ALA F 235 32.43 -38.75 -63.42
C ALA F 235 33.51 -38.82 -62.34
N GLY F 236 33.74 -40.02 -61.78
CA GLY F 236 34.59 -40.27 -60.60
C GLY F 236 36.08 -40.12 -60.85
N HIS F 237 36.52 -40.04 -62.10
CA HIS F 237 37.93 -39.77 -62.40
C HIS F 237 38.03 -38.65 -63.46
N GLU F 238 37.09 -38.53 -64.40
CA GLU F 238 37.29 -37.63 -65.57
C GLU F 238 37.34 -36.18 -65.09
N THR F 239 36.40 -35.74 -64.26
CA THR F 239 36.36 -34.38 -63.65
C THR F 239 37.67 -34.13 -62.88
N SER F 240 38.03 -34.97 -61.91
CA SER F 240 39.25 -34.83 -61.07
C SER F 240 40.53 -34.73 -61.93
N VAL F 241 40.69 -35.61 -62.93
CA VAL F 241 41.83 -35.57 -63.89
C VAL F 241 42.01 -34.12 -64.37
N ASN F 242 40.96 -33.48 -64.89
CA ASN F 242 41.12 -32.19 -65.62
C ASN F 242 41.23 -31.02 -64.62
N GLN F 243 40.53 -31.11 -63.50
CA GLN F 243 40.54 -30.13 -62.39
C GLN F 243 41.94 -30.08 -61.76
N ILE F 244 42.66 -31.20 -61.73
CA ILE F 244 44.09 -31.19 -61.31
C ILE F 244 44.85 -30.31 -62.31
N THR F 245 44.65 -30.48 -63.61
CA THR F 245 45.41 -29.71 -64.64
C THR F 245 44.94 -28.25 -64.56
N ASN F 246 43.63 -28.03 -64.40
CA ASN F 246 43.08 -26.65 -64.40
C ASN F 246 43.68 -25.85 -63.25
N LEU F 247 43.57 -26.36 -62.02
CA LEU F 247 44.07 -25.61 -60.83
C LEU F 247 45.57 -25.35 -60.99
N VAL F 248 46.36 -26.41 -61.25
CA VAL F 248 47.82 -26.24 -61.45
C VAL F 248 48.06 -25.16 -62.49
N HIS F 249 47.22 -25.11 -63.53
CA HIS F 249 47.38 -24.13 -64.62
C HIS F 249 47.30 -22.71 -64.05
N LEU F 250 46.28 -22.43 -63.23
CA LEU F 250 46.07 -21.06 -62.68
C LEU F 250 47.22 -20.71 -61.73
N LEU F 251 47.63 -21.64 -60.88
CA LEU F 251 48.72 -21.49 -59.87
C LEU F 251 50.08 -21.11 -60.50
N LEU F 252 50.33 -21.54 -61.75
CA LEU F 252 51.66 -21.49 -62.42
C LEU F 252 51.68 -20.46 -63.56
N THR F 253 50.56 -20.08 -64.16
CA THR F 253 50.48 -18.98 -65.16
C THR F 253 50.88 -17.65 -64.50
N GLU F 254 50.15 -17.25 -63.45
CA GLU F 254 50.52 -16.13 -62.54
C GLU F 254 51.10 -16.74 -61.26
N ARG F 255 52.42 -16.84 -61.19
CA ARG F 255 53.14 -17.78 -60.27
C ARG F 255 53.04 -17.32 -58.81
N LYS F 256 52.60 -16.07 -58.54
CA LYS F 256 52.44 -15.50 -57.16
C LYS F 256 51.29 -16.20 -56.42
N ARG F 257 50.33 -16.80 -57.14
CA ARG F 257 49.24 -17.66 -56.58
C ARG F 257 49.86 -18.88 -55.90
N TYR F 258 50.80 -19.54 -56.58
CA TYR F 258 51.56 -20.72 -56.08
C TYR F 258 52.40 -20.26 -54.89
N GLU F 259 53.14 -19.16 -55.04
CA GLU F 259 54.06 -18.59 -54.01
C GLU F 259 53.32 -18.50 -52.66
N SER F 260 52.12 -17.90 -52.65
CA SER F 260 51.35 -17.52 -51.43
C SER F 260 50.78 -18.78 -50.74
N LEU F 261 50.71 -19.93 -51.43
CA LEU F 261 50.36 -21.27 -50.86
C LEU F 261 51.60 -21.97 -50.25
N VAL F 262 52.80 -21.73 -50.77
CA VAL F 262 54.09 -22.25 -50.20
C VAL F 262 54.39 -21.48 -48.90
N ALA F 263 54.28 -20.14 -48.95
CA ALA F 263 54.29 -19.21 -47.80
C ALA F 263 53.23 -19.60 -46.75
N ASP F 264 51.95 -19.82 -47.17
CA ASP F 264 50.77 -20.20 -46.31
C ASP F 264 50.26 -21.60 -46.72
N PRO F 265 50.87 -22.73 -46.28
CA PRO F 265 50.36 -24.05 -46.67
C PRO F 265 48.89 -24.30 -46.25
N ALA F 266 48.45 -23.69 -45.14
CA ALA F 266 47.12 -23.80 -44.48
C ALA F 266 46.00 -23.40 -45.43
N LEU F 267 46.24 -22.38 -46.28
CA LEU F 267 45.31 -21.81 -47.29
C LEU F 267 44.67 -22.88 -48.17
N VAL F 268 45.42 -23.96 -48.46
CA VAL F 268 45.15 -24.92 -49.57
C VAL F 268 43.64 -25.21 -49.72
N PRO F 269 42.90 -25.66 -48.67
CA PRO F 269 41.43 -25.79 -48.74
C PRO F 269 40.62 -24.59 -49.29
N ALA F 270 40.90 -23.37 -48.82
CA ALA F 270 40.28 -22.10 -49.30
C ALA F 270 40.51 -21.92 -50.80
N ALA F 271 41.73 -22.26 -51.25
CA ALA F 271 42.28 -21.98 -52.60
C ALA F 271 41.71 -23.00 -53.58
N VAL F 272 41.48 -24.22 -53.10
CA VAL F 272 40.72 -25.26 -53.86
C VAL F 272 39.27 -24.77 -54.05
N GLU F 273 38.61 -24.31 -52.99
CA GLU F 273 37.21 -23.79 -53.09
C GLU F 273 37.19 -22.64 -54.11
N GLU F 274 38.19 -21.75 -54.11
CA GLU F 274 38.21 -20.55 -55.01
C GLU F 274 38.48 -20.93 -56.49
N MET F 275 39.34 -21.91 -56.73
CA MET F 275 39.71 -22.28 -58.11
C MET F 275 38.59 -23.16 -58.69
N LEU F 276 37.79 -23.84 -57.85
CA LEU F 276 36.59 -24.59 -58.31
C LEU F 276 35.57 -23.57 -58.88
N ARG F 277 35.42 -22.43 -58.20
CA ARG F 277 34.48 -21.35 -58.60
C ARG F 277 34.96 -20.77 -59.93
N TYR F 278 36.24 -20.43 -59.98
CA TYR F 278 36.91 -19.69 -61.07
C TYR F 278 37.00 -20.56 -62.34
N THR F 279 37.28 -21.85 -62.20
CA THR F 279 37.68 -22.71 -63.33
C THR F 279 36.43 -23.13 -64.11
N PRO F 280 36.32 -22.77 -65.40
CA PRO F 280 35.16 -23.13 -66.21
C PRO F 280 35.28 -24.57 -66.71
N LEU F 281 35.20 -25.53 -65.78
CA LEU F 281 35.46 -26.97 -66.06
C LEU F 281 34.46 -27.45 -67.11
N VAL F 282 33.16 -27.24 -66.84
CA VAL F 282 32.07 -27.67 -67.75
C VAL F 282 32.06 -26.68 -68.90
N SER F 283 32.06 -27.19 -70.14
CA SER F 283 32.33 -26.40 -71.35
C SER F 283 31.16 -25.47 -71.60
N ALA F 284 29.94 -25.99 -71.48
CA ALA F 284 28.70 -25.32 -71.96
C ALA F 284 27.51 -26.07 -71.38
N GLY F 285 26.58 -25.33 -70.76
CA GLY F 285 25.27 -25.85 -70.37
C GLY F 285 25.34 -26.94 -69.32
N SER F 286 24.28 -27.73 -69.25
CA SER F 286 24.06 -28.74 -68.21
C SER F 286 23.18 -29.79 -68.84
N PHE F 287 23.01 -30.89 -68.14
CA PHE F 287 21.81 -31.72 -68.36
C PHE F 287 20.60 -30.78 -68.27
N VAL F 288 19.63 -31.03 -69.14
CA VAL F 288 18.39 -30.22 -69.28
C VAL F 288 17.39 -30.52 -68.15
N ARG F 289 16.83 -29.46 -67.58
CA ARG F 289 15.66 -29.50 -66.68
C ARG F 289 14.45 -29.02 -67.50
N VAL F 290 13.43 -29.85 -67.61
CA VAL F 290 12.14 -29.48 -68.23
C VAL F 290 11.22 -29.05 -67.09
N ALA F 291 10.61 -27.88 -67.15
CA ALA F 291 9.56 -27.51 -66.18
C ALA F 291 8.38 -28.47 -66.31
N THR F 292 7.85 -28.97 -65.19
CA THR F 292 6.61 -29.81 -65.12
C THR F 292 5.44 -28.92 -64.68
N GLU F 293 5.77 -27.69 -64.29
CA GLU F 293 4.90 -26.63 -63.74
C GLU F 293 5.53 -25.28 -64.10
N ASP F 294 4.73 -24.21 -64.17
CA ASP F 294 5.21 -22.81 -64.38
C ASP F 294 6.19 -22.42 -63.26
N VAL F 295 7.30 -21.76 -63.60
CA VAL F 295 8.37 -21.39 -62.63
C VAL F 295 8.88 -19.98 -62.93
N GLU F 296 9.00 -19.17 -61.89
CA GLU F 296 9.40 -17.76 -62.10
C GLU F 296 10.90 -17.57 -61.92
N LEU F 297 11.57 -17.12 -62.97
CA LEU F 297 13.02 -16.76 -62.95
C LEU F 297 13.10 -15.23 -63.02
N SER F 298 14.28 -14.65 -62.85
CA SER F 298 14.47 -13.19 -62.84
C SER F 298 13.60 -12.47 -63.87
N THR F 299 13.62 -12.89 -65.14
CA THR F 299 12.95 -12.12 -66.21
C THR F 299 11.87 -12.89 -66.97
N VAL F 300 11.57 -14.13 -66.58
CA VAL F 300 10.63 -14.98 -67.34
C VAL F 300 9.92 -15.95 -66.42
N THR F 301 8.67 -16.23 -66.76
CA THR F 301 7.93 -17.41 -66.34
C THR F 301 8.19 -18.50 -67.39
N VAL F 302 9.04 -19.44 -67.04
CA VAL F 302 9.18 -20.74 -67.73
C VAL F 302 7.83 -21.46 -67.64
N ARG F 303 7.28 -21.88 -68.77
CA ARG F 303 6.04 -22.69 -68.88
C ARG F 303 6.38 -24.16 -68.65
N ALA F 304 5.45 -24.89 -68.07
CA ALA F 304 5.44 -26.36 -68.06
C ALA F 304 5.78 -26.80 -69.47
N GLY F 305 6.78 -27.66 -69.62
CA GLY F 305 7.19 -28.28 -70.88
C GLY F 305 8.39 -27.58 -71.51
N GLU F 306 8.76 -26.41 -71.02
CA GLU F 306 9.91 -25.66 -71.56
C GLU F 306 11.23 -26.16 -70.94
N PRO F 307 12.16 -26.62 -71.79
CA PRO F 307 13.48 -27.01 -71.33
C PRO F 307 14.36 -25.84 -70.89
N CYS F 308 15.19 -26.05 -69.88
CA CYS F 308 16.20 -25.06 -69.40
C CYS F 308 17.58 -25.70 -69.22
N VAL F 309 18.58 -24.83 -69.31
CA VAL F 309 20.02 -25.19 -69.24
C VAL F 309 20.75 -24.13 -68.41
N VAL F 310 21.64 -24.58 -67.53
CA VAL F 310 22.42 -23.69 -66.62
C VAL F 310 23.86 -23.69 -67.09
N HIS F 311 24.51 -22.52 -67.14
CA HIS F 311 25.97 -22.47 -67.31
C HIS F 311 26.63 -22.21 -65.95
N PHE F 312 27.16 -23.27 -65.33
CA PHE F 312 27.70 -23.23 -63.96
C PHE F 312 28.80 -22.15 -63.90
N ALA F 313 29.73 -22.11 -64.86
CA ALA F 313 30.86 -21.14 -64.86
C ALA F 313 30.29 -19.72 -64.75
N SER F 314 29.20 -19.44 -65.46
CA SER F 314 28.60 -18.08 -65.53
C SER F 314 28.08 -17.66 -64.16
N ALA F 315 27.32 -18.54 -63.51
CA ALA F 315 26.73 -18.32 -62.18
C ALA F 315 27.84 -18.13 -61.14
N ASN F 316 28.93 -18.88 -61.27
CA ASN F 316 30.15 -18.75 -60.44
C ASN F 316 30.91 -17.45 -60.71
N ARG F 317 30.54 -16.67 -61.73
CA ARG F 317 31.16 -15.33 -61.97
C ARG F 317 30.14 -14.23 -61.70
N ASP F 318 29.06 -14.50 -60.94
CA ASP F 318 27.90 -13.58 -60.79
C ASP F 318 28.27 -12.42 -59.84
N GLU F 319 28.33 -11.17 -60.35
CA GLU F 319 28.87 -9.97 -59.61
C GLU F 319 27.95 -9.67 -58.42
N GLU F 320 26.65 -9.99 -58.55
CA GLU F 320 25.59 -9.88 -57.51
C GLU F 320 25.88 -10.83 -56.32
N VAL F 321 26.79 -11.83 -56.43
CA VAL F 321 27.03 -12.88 -55.39
C VAL F 321 28.45 -12.77 -54.81
N PHE F 322 29.45 -12.39 -55.65
CA PHE F 322 30.83 -12.19 -55.16
C PHE F 322 31.45 -10.93 -55.81
N ASP F 323 32.28 -10.23 -55.03
CA ASP F 323 32.87 -8.96 -55.50
C ASP F 323 34.20 -9.33 -56.16
N HIS F 324 34.72 -8.47 -57.03
CA HIS F 324 35.95 -8.86 -57.76
C HIS F 324 35.75 -10.31 -58.18
N ALA F 325 34.59 -10.61 -58.75
CA ALA F 325 34.26 -11.99 -59.11
C ALA F 325 35.11 -12.43 -60.30
N ASP F 326 35.64 -11.48 -61.08
CA ASP F 326 36.54 -11.88 -62.18
C ASP F 326 38.02 -11.96 -61.73
N GLU F 327 38.24 -11.98 -60.41
CA GLU F 327 39.59 -12.14 -59.77
C GLU F 327 39.63 -13.43 -58.94
N LEU F 328 40.80 -14.06 -58.94
CA LEU F 328 41.13 -15.20 -58.07
C LEU F 328 41.62 -14.67 -56.72
N ASP F 329 40.87 -14.94 -55.66
CA ASP F 329 41.11 -14.41 -54.29
C ASP F 329 40.99 -15.57 -53.30
N PHE F 330 42.11 -15.97 -52.68
CA PHE F 330 42.24 -17.12 -51.75
C PHE F 330 41.80 -16.74 -50.32
N HIS F 331 41.49 -15.47 -50.07
CA HIS F 331 41.08 -14.97 -48.73
C HIS F 331 39.61 -14.50 -48.77
N ARG F 332 38.81 -15.07 -49.67
CA ARG F 332 37.37 -14.75 -49.75
C ARG F 332 36.65 -15.22 -48.49
N GLU F 333 35.84 -14.34 -47.91
CA GLU F 333 35.05 -14.64 -46.69
C GLU F 333 34.00 -15.70 -47.08
N ARG F 334 33.04 -15.33 -47.94
CA ARG F 334 31.93 -16.21 -48.41
C ARG F 334 32.22 -16.65 -49.87
N ASN F 335 31.96 -17.93 -50.19
CA ASN F 335 32.23 -18.59 -51.50
C ASN F 335 31.21 -19.69 -51.78
N PRO F 336 29.91 -19.36 -51.91
CA PRO F 336 28.88 -20.37 -52.17
C PRO F 336 28.77 -20.62 -53.68
N HIS F 337 29.85 -21.17 -54.27
CA HIS F 337 29.97 -21.50 -55.72
C HIS F 337 29.06 -22.70 -56.00
N ILE F 338 28.83 -22.98 -57.27
CA ILE F 338 28.09 -24.21 -57.69
C ILE F 338 28.91 -24.98 -58.73
N ALA F 339 30.24 -25.00 -58.59
CA ALA F 339 31.15 -25.86 -59.40
C ALA F 339 30.71 -27.34 -59.27
N PHE F 340 30.12 -27.74 -58.14
CA PHE F 340 29.57 -29.10 -57.91
C PHE F 340 28.04 -29.18 -58.15
N GLY F 341 27.45 -28.16 -58.78
CA GLY F 341 26.00 -28.04 -58.98
C GLY F 341 25.28 -27.62 -57.69
N HIS F 342 24.01 -28.03 -57.58
CA HIS F 342 22.98 -27.55 -56.62
C HIS F 342 21.74 -28.45 -56.64
N GLY F 343 20.99 -28.49 -55.54
CA GLY F 343 19.79 -29.34 -55.41
C GLY F 343 20.11 -30.82 -55.45
N ALA F 344 19.18 -31.61 -55.94
CA ALA F 344 19.15 -33.08 -55.79
C ALA F 344 20.33 -33.72 -56.51
N HIS F 345 20.78 -33.18 -57.66
CA HIS F 345 21.86 -33.75 -58.49
C HIS F 345 23.22 -33.14 -58.13
N HIS F 346 23.30 -32.37 -57.04
CA HIS F 346 24.59 -31.90 -56.48
C HIS F 346 25.60 -33.04 -56.43
N CYS F 347 26.81 -32.85 -56.99
CA CYS F 347 27.84 -33.92 -57.06
C CYS F 347 27.86 -34.82 -55.82
N ILE F 348 27.70 -36.13 -56.03
CA ILE F 348 27.75 -37.11 -54.91
C ILE F 348 29.19 -37.24 -54.41
N GLY F 349 30.16 -36.90 -55.26
CA GLY F 349 31.57 -37.06 -54.88
C GLY F 349 32.22 -35.73 -54.58
N ALA F 350 31.42 -34.73 -54.20
CA ALA F 350 31.97 -33.36 -53.99
C ALA F 350 33.06 -33.42 -52.91
N GLN F 351 32.81 -34.13 -51.82
CA GLN F 351 33.80 -34.26 -50.72
C GLN F 351 35.06 -34.94 -51.27
N LEU F 352 34.93 -35.91 -52.19
CA LEU F 352 36.09 -36.72 -52.66
C LEU F 352 36.89 -35.92 -53.70
N GLY F 353 36.24 -35.28 -54.66
CA GLY F 353 36.85 -34.23 -55.50
C GLY F 353 37.65 -33.24 -54.65
N ARG F 354 37.10 -32.75 -53.54
CA ARG F 354 37.79 -31.79 -52.64
C ARG F 354 39.02 -32.49 -52.02
N LEU F 355 38.86 -33.72 -51.48
CA LEU F 355 39.97 -34.49 -50.83
C LEU F 355 41.13 -34.66 -51.81
N GLU F 356 40.80 -34.99 -53.08
CA GLU F 356 41.73 -35.28 -54.20
C GLU F 356 42.46 -33.99 -54.56
N LEU F 357 41.75 -32.87 -54.80
CA LEU F 357 42.41 -31.61 -55.23
C LEU F 357 43.29 -31.06 -54.10
N GLN F 358 42.87 -31.21 -52.84
CA GLN F 358 43.58 -30.66 -51.64
C GLN F 358 44.93 -31.38 -51.46
N GLU F 359 44.97 -32.68 -51.76
CA GLU F 359 46.11 -33.56 -51.39
C GLU F 359 47.13 -33.56 -52.53
N ALA F 360 46.67 -33.40 -53.77
CA ALA F 360 47.56 -33.11 -54.92
C ALA F 360 48.30 -31.79 -54.63
N LEU F 361 47.58 -30.76 -54.20
CA LEU F 361 48.13 -29.38 -54.03
C LEU F 361 49.04 -29.35 -52.79
N SER F 362 48.66 -30.01 -51.69
CA SER F 362 49.44 -30.01 -50.42
C SER F 362 50.78 -30.74 -50.62
N ALA F 363 50.74 -31.85 -51.40
CA ALA F 363 51.90 -32.68 -51.82
C ALA F 363 52.79 -31.88 -52.79
N LEU F 364 52.22 -31.14 -53.74
CA LEU F 364 53.02 -30.31 -54.69
C LEU F 364 53.68 -29.11 -53.98
N VAL F 365 53.03 -28.52 -52.97
CA VAL F 365 53.52 -27.24 -52.34
C VAL F 365 54.69 -27.56 -51.39
N ARG F 366 54.55 -28.56 -50.53
CA ARG F 366 55.60 -28.98 -49.56
C ARG F 366 56.80 -29.52 -50.35
N ARG F 367 56.54 -30.32 -51.38
CA ARG F 367 57.55 -31.20 -52.05
C ARG F 367 58.16 -30.53 -53.28
N PHE F 368 57.50 -29.53 -53.85
CA PHE F 368 57.95 -28.89 -55.12
C PHE F 368 57.65 -27.39 -55.05
N PRO F 369 58.22 -26.65 -54.08
CA PRO F 369 58.06 -25.20 -54.01
C PRO F 369 58.55 -24.49 -55.29
N THR F 370 59.54 -25.07 -55.97
CA THR F 370 60.17 -24.51 -57.21
C THR F 370 59.39 -24.94 -58.47
N LEU F 371 58.22 -25.55 -58.28
CA LEU F 371 57.36 -26.14 -59.34
C LEU F 371 56.96 -25.05 -60.34
N ASP F 372 57.35 -25.17 -61.62
CA ASP F 372 56.99 -24.21 -62.73
C ASP F 372 56.59 -24.96 -64.00
N LEU F 373 55.94 -24.26 -64.96
CA LEU F 373 55.63 -24.77 -66.32
C LEU F 373 56.94 -24.86 -67.09
N ALA F 374 57.19 -26.00 -67.74
CA ALA F 374 58.40 -26.27 -68.56
C ALA F 374 58.03 -26.44 -70.04
N GLU F 375 56.93 -25.80 -70.47
CA GLU F 375 56.51 -25.70 -71.89
C GLU F 375 55.75 -24.40 -72.05
N PRO F 376 55.73 -23.81 -73.26
CA PRO F 376 55.24 -22.44 -73.45
C PRO F 376 53.71 -22.48 -73.34
N VAL F 377 53.08 -21.33 -72.99
CA VAL F 377 51.62 -21.19 -72.67
C VAL F 377 50.81 -21.37 -73.96
N ALA F 378 51.27 -20.79 -75.09
CA ALA F 378 50.60 -20.80 -76.41
C ALA F 378 50.51 -22.23 -76.98
N GLY F 379 51.40 -23.13 -76.53
CA GLY F 379 51.53 -24.53 -77.01
C GLY F 379 50.64 -25.51 -76.27
N LEU F 380 50.09 -25.12 -75.11
CA LEU F 380 49.32 -26.01 -74.21
C LEU F 380 48.28 -26.76 -75.04
N LYS F 381 48.22 -28.09 -74.93
CA LYS F 381 47.23 -28.98 -75.59
C LYS F 381 45.94 -29.04 -74.76
N TRP F 382 45.03 -28.08 -74.93
CA TRP F 382 43.70 -28.03 -74.25
C TRP F 382 42.78 -29.05 -74.94
N LYS F 383 42.20 -29.97 -74.16
CA LYS F 383 41.20 -30.93 -74.67
C LYS F 383 40.10 -30.14 -75.41
N GLN F 384 39.79 -30.57 -76.63
CA GLN F 384 38.78 -29.98 -77.53
C GLN F 384 37.66 -31.00 -77.78
N GLY F 385 36.40 -30.54 -77.79
CA GLY F 385 35.25 -31.31 -78.31
C GLY F 385 34.64 -32.18 -77.23
N MET F 386 34.96 -31.90 -75.97
CA MET F 386 34.37 -32.61 -74.81
C MET F 386 33.48 -31.62 -74.00
N LEU F 387 32.64 -32.20 -73.14
CA LEU F 387 31.70 -31.51 -72.22
C LEU F 387 32.51 -30.84 -71.11
N ILE F 388 33.82 -31.10 -71.06
CA ILE F 388 34.72 -30.53 -70.03
C ILE F 388 36.01 -30.03 -70.66
N ARG F 389 36.71 -29.20 -69.88
CA ARG F 389 37.96 -28.53 -70.28
C ARG F 389 39.11 -29.09 -69.43
N GLY F 390 40.28 -29.21 -70.03
CA GLY F 390 41.44 -29.83 -69.38
C GLY F 390 42.63 -29.96 -70.32
N LEU F 391 43.78 -30.32 -69.76
CA LEU F 391 45.05 -30.49 -70.53
C LEU F 391 45.31 -31.98 -70.81
N GLU F 392 45.65 -32.27 -72.07
CA GLU F 392 46.20 -33.57 -72.55
C GLU F 392 47.54 -33.77 -71.85
N ARG F 393 48.40 -32.74 -71.83
CA ARG F 393 49.63 -32.78 -71.00
C ARG F 393 50.01 -31.37 -70.51
N GLN F 394 50.94 -31.37 -69.56
CA GLN F 394 51.36 -30.23 -68.71
C GLN F 394 52.77 -30.55 -68.17
N ILE F 395 53.77 -30.54 -69.05
CA ILE F 395 55.20 -30.82 -68.71
C ILE F 395 55.67 -29.73 -67.72
N VAL F 396 56.32 -30.14 -66.63
CA VAL F 396 56.56 -29.30 -65.41
C VAL F 396 57.98 -29.55 -64.88
N SER F 397 58.73 -28.48 -64.59
CA SER F 397 60.09 -28.52 -64.01
C SER F 397 60.02 -28.22 -62.52
N TRP F 398 61.09 -28.52 -61.78
CA TRP F 398 61.30 -28.12 -60.36
C TRP F 398 62.80 -28.17 -60.05
CHA HEM G . -11.36 36.55 63.37
CHB HEM G . -11.95 40.28 60.30
CHC HEM G . -16.70 39.72 60.68
CHD HEM G . -16.04 36.97 64.51
C1A HEM G . -11.13 37.55 62.42
C2A HEM G . -9.83 37.90 61.94
C3A HEM G . -9.99 38.95 61.13
C4A HEM G . -11.36 39.27 61.07
CMA HEM G . -8.89 39.64 60.40
CAA HEM G . -8.51 37.18 62.30
CBA HEM G . -7.85 37.59 63.61
CGA HEM G . -6.54 36.86 63.84
O1A HEM G . -6.31 35.79 63.26
O2A HEM G . -5.68 37.27 64.68
C1B HEM G . -13.33 40.45 60.15
C2B HEM G . -13.94 41.34 59.18
C3B HEM G . -15.28 41.16 59.29
C4B HEM G . -15.46 40.14 60.31
CMB HEM G . -13.20 42.27 58.27
CAB HEM G . -16.45 41.74 58.65
CBB HEM G . -16.40 42.64 57.70
C1C HEM G . -16.95 38.91 61.76
C2C HEM G . -18.23 38.47 62.13
C3C HEM G . -18.03 37.69 63.26
C4C HEM G . -16.64 37.68 63.53
CMC HEM G . -19.53 38.87 61.42
CAC HEM G . -19.01 36.95 64.07
CBC HEM G . -20.27 36.73 63.67
C1D HEM G . -14.69 36.67 64.47
C2D HEM G . -14.14 35.75 65.45
C3D HEM G . -12.84 35.62 65.18
C4D HEM G . -12.60 36.44 63.97
CMD HEM G . -14.90 35.14 66.61
CAD HEM G . -11.86 34.78 65.94
CBD HEM G . -11.97 33.34 65.36
CGD HEM G . -10.92 32.37 65.82
O1D HEM G . -10.01 32.70 66.63
O2D HEM G . -11.03 31.17 65.42
NA HEM G . -12.03 38.39 61.86
NB HEM G . -14.28 39.74 60.75
NC HEM G . -16.01 38.43 62.57
ND HEM G . -13.75 37.06 63.59
FE HEM G . -14.00 38.22 62.11
C1 4OA H . -9.68 43.64 65.57
C10 4OA H . -10.71 42.50 65.51
C11 4OA H . -11.20 42.67 68.04
C12 4OA H . -11.28 41.95 69.37
C13 4OA H . -12.23 40.74 69.32
C14 4OA H . -11.75 39.84 68.16
C15 4OA H . -12.53 38.55 68.32
C16 4OA H . -12.63 38.40 69.86
C17 4OA H . -12.13 39.73 70.48
C18 4OA H . -13.68 41.20 69.12
C19 4OA H . -12.07 43.11 65.11
O1B 4OA H . -6.49 41.74 64.91
C2 4OA H . -8.24 43.18 65.75
C20 4OA H . -12.78 40.02 71.84
C21 4OA H . -12.59 41.44 72.33
C22 4OA H . -12.23 39.03 72.88
C23 4OA H . -13.24 38.60 73.94
C24 4OA H . -12.68 37.51 74.82
C3 4OA H . -7.83 42.21 64.67
C4 4OA H . -8.80 41.05 64.62
O4 4OA H . -12.69 37.68 76.05
O4A 4OA H . -12.25 36.48 74.27
C5 4OA H . -10.24 41.49 64.43
C6 4OA H . -11.17 40.28 64.35
C7 4OA H . -11.27 39.57 65.69
C8 4OA H . -11.73 40.53 66.79
C9 4OA H . -10.82 41.76 66.87
C FMT I . -6.53 57.41 72.15
O1 FMT I . -6.59 58.33 71.37
O2 FMT I . -5.44 57.00 72.76
C FMT J . -1.32 28.37 80.94
O1 FMT J . -0.31 28.79 80.43
O2 FMT J . -2.01 27.37 80.48
C FMT K . 4.16 46.02 47.49
O1 FMT K . 4.64 47.12 47.27
O2 FMT K . 4.80 44.95 47.90
C FMT L . -5.46 16.95 72.52
O1 FMT L . -5.82 17.44 73.56
O2 FMT L . -5.91 15.85 71.98
C FMT M . -20.65 10.03 63.62
O1 FMT M . -20.49 11.16 63.20
O2 FMT M . -19.72 9.29 64.15
C FMT N . 1.92 33.06 49.22
O1 FMT N . 1.90 31.97 49.76
O2 FMT N . 0.87 33.80 48.91
C FMT O . -38.10 22.48 78.19
O1 FMT O . -37.19 21.92 78.78
O2 FMT O . -38.35 22.39 76.91
C FMT P . 1.71 50.05 92.24
O1 FMT P . 2.03 50.88 93.07
O2 FMT P . 1.96 48.78 92.33
C FMT Q . -40.50 49.14 60.45
O1 FMT Q . -39.93 49.70 59.52
O2 FMT Q . -40.08 49.16 61.67
C FMT R . -31.23 24.41 76.95
O1 FMT R . -31.17 25.20 76.02
O2 FMT R . -30.85 24.63 78.19
C FMT S . 19.03 36.92 54.66
O1 FMT S . 18.13 37.31 55.38
O2 FMT S . 19.67 35.75 54.73
C FMT T . -13.38 50.55 40.35
O1 FMT T . -12.68 51.40 40.89
O2 FMT T . -13.10 49.28 40.27
C FMT U . -8.74 36.72 73.24
O1 FMT U . -8.31 37.75 73.72
O2 FMT U . -8.76 35.58 73.90
C FMT V . -22.75 34.16 51.62
O1 FMT V . -22.51 32.97 51.65
O2 FMT V . -21.90 35.12 51.33
C FMT W . -8.46 45.33 75.62
O1 FMT W . -7.43 45.08 76.24
O2 FMT W . -8.68 46.26 74.69
C FMT X . -1.81 51.96 59.44
O1 FMT X . -1.65 53.11 59.08
O2 FMT X . -1.26 51.35 60.49
C FMT Y . -0.68 24.25 53.21
O1 FMT Y . -0.71 25.26 53.87
O2 FMT Y . -0.90 24.21 51.93
C FMT Z . -12.09 51.62 86.07
O1 FMT Z . -11.16 51.32 86.79
O2 FMT Z . -13.36 51.29 86.21
C FMT AA . -13.09 40.70 43.47
O1 FMT AA . -12.36 41.65 43.71
O2 FMT AA . -13.03 39.54 44.04
C FMT BA . -8.32 40.56 72.00
O1 FMT BA . -8.41 40.23 73.16
O2 FMT BA . -8.04 39.76 71.01
C FMT CA . -7.11 29.94 54.70
O1 FMT CA . -7.99 30.74 54.44
O2 FMT CA . -7.05 29.15 55.75
C FMT DA . -1.10 26.04 66.68
O1 FMT DA . -1.31 27.24 66.57
O2 FMT DA . -0.33 25.44 67.56
NA NA EA . -2.16 39.27 71.48
CHA HEM FA . 2.39 -32.12 -31.44
CHB HEM FA . 1.55 -36.13 -29.01
CHC HEM FA . -0.58 -38.02 -32.91
CHD HEM FA . 1.11 -34.33 -35.51
C1A HEM FA . 2.26 -33.02 -30.44
C2A HEM FA . 2.70 -32.75 -29.12
C3A HEM FA . 2.47 -33.88 -28.45
C4A HEM FA . 1.92 -34.84 -29.33
CMA HEM FA . 2.75 -34.12 -27.02
CAA HEM FA . 3.22 -31.43 -28.60
CBA HEM FA . 4.75 -31.30 -28.55
CGA HEM FA . 5.16 -29.96 -27.96
O1A HEM FA . 4.29 -29.10 -27.72
O2A HEM FA . 6.37 -29.68 -27.73
C1B HEM FA . 0.88 -37.01 -29.88
C2B HEM FA . 0.37 -38.25 -29.45
C3B HEM FA . -0.24 -38.81 -30.50
C4B HEM FA . -0.09 -37.86 -31.63
CMB HEM FA . 0.46 -38.92 -28.10
CAB HEM FA . -0.85 -40.13 -30.36
CBB HEM FA . -1.48 -40.74 -31.35
C1C HEM FA . -0.33 -37.18 -33.98
C2C HEM FA . -0.87 -37.31 -35.27
C3C HEM FA . -0.36 -36.28 -36.02
C4C HEM FA . 0.45 -35.49 -35.15
CMC HEM FA . -1.78 -38.43 -35.69
CAC HEM FA . -0.61 -35.91 -37.43
CBC HEM FA . -1.50 -36.51 -38.22
C1D HEM FA . 1.60 -33.46 -34.55
C2D HEM FA . 2.19 -32.16 -34.92
C3D HEM FA . 2.52 -31.55 -33.81
C4D HEM FA . 2.16 -32.46 -32.73
CMD HEM FA . 2.43 -31.57 -36.27
CAD HEM FA . 3.14 -30.18 -33.73
CBD HEM FA . 1.98 -29.16 -33.64
CGD HEM FA . 2.39 -27.72 -33.60
O1D HEM FA . 3.56 -27.39 -33.39
O2D HEM FA . 1.57 -26.81 -33.75
NA HEM FA . 1.77 -34.30 -30.54
NB HEM FA . 0.59 -36.81 -31.18
NC HEM FA . 0.42 -36.08 -33.91
ND HEM FA . 1.61 -33.59 -33.21
FE HEM FA . 0.98 -35.05 -32.21
C1 4OA GA . 8.26 -36.70 -29.99
C10 4OA GA . 7.20 -36.22 -31.01
C11 4OA GA . 8.98 -35.95 -32.88
C12 4OA GA . 9.59 -35.03 -33.93
C13 4OA GA . 8.51 -34.51 -34.89
C14 4OA GA . 7.45 -33.79 -34.03
C15 4OA GA . 6.64 -32.98 -35.02
C16 4OA GA . 7.64 -32.59 -36.12
C17 4OA GA . 8.95 -33.38 -35.86
C18 4OA GA . 7.90 -35.69 -35.67
C19 4OA GA . 6.56 -37.48 -31.64
O1B 4OA GA . 8.46 -33.71 -27.73
C2 4OA GA . 8.90 -35.59 -29.17
C20 4OA GA . 9.69 -33.79 -37.14
C21 4OA GA . 11.11 -34.28 -36.89
C22 4OA GA . 9.70 -32.66 -38.16
C23 4OA GA . 10.73 -31.59 -37.94
C24 4OA GA . 10.50 -30.49 -38.97
C3 4OA GA . 7.85 -34.82 -28.40
C4 4OA GA . 6.77 -34.32 -29.35
O4 4OA GA . 9.39 -29.93 -38.99
O4A 4OA GA . 11.42 -30.25 -39.76
C5 4OA GA . 6.14 -35.41 -30.23
C6 4OA GA . 5.07 -34.82 -31.15
C7 4OA GA . 5.67 -33.96 -32.25
C8 4OA GA . 6.75 -34.70 -33.04
C9 4OA GA . 7.82 -35.30 -32.10
C FMT HA . 16.10 -29.43 -44.80
O1 FMT HA . 15.96 -30.36 -44.03
O2 FMT HA . 16.35 -29.53 -46.09
C FMT IA . 7.36 -16.27 -41.49
O1 FMT IA . 7.38 -15.11 -41.14
O2 FMT IA . 6.96 -16.69 -42.66
C FMT JA . 8.84 -17.88 -7.24
O1 FMT JA . 9.60 -17.14 -6.64
O2 FMT JA . 8.18 -17.57 -8.33
C FMT KA . -4.77 -28.08 -14.21
O1 FMT KA . -3.60 -27.87 -13.91
O2 FMT KA . -5.37 -29.26 -14.32
C FMT LA . 25.97 -32.85 -17.24
O1 FMT LA . 25.77 -31.70 -16.94
O2 FMT LA . 26.15 -33.30 -18.46
C FMT MA . 12.01 -42.75 -18.07
O1 FMT MA . 11.17 -42.15 -17.45
O2 FMT MA . 13.26 -42.38 -18.26
C FMT NA . -11.09 -65.45 -33.72
O1 FMT NA . -10.89 -64.89 -32.67
O2 FMT NA . -11.27 -64.85 -34.86
C FMT OA . -1.17 -57.00 -43.50
O1 FMT OA . -1.98 -57.20 -42.62
O2 FMT OA . -1.39 -56.33 -44.61
C FMT PA . 28.23 -35.09 -36.87
O1 FMT PA . 27.88 -33.93 -36.79
O2 FMT PA . 27.67 -36.09 -36.23
C FMT QA . -14.64 -47.30 -30.57
O1 FMT QA . -14.96 -46.63 -29.61
O2 FMT QA . -15.35 -47.53 -31.68
C FMT RA . 7.24 -36.26 -22.31
O1 FMT RA . 8.21 -35.51 -22.09
O2 FMT RA . 6.80 -37.42 -21.73
C FMT SA . 10.95 -28.55 -35.53
O1 FMT SA . 11.98 -29.16 -35.36
O2 FMT SA . 10.89 -27.37 -36.13
C FMT TA . -9.57 -35.44 -9.95
O1 FMT TA . -10.49 -34.90 -9.35
O2 FMT TA . -9.11 -36.65 -9.73
C FMT UA . 19.76 -17.10 -19.88
O1 FMT UA . 20.06 -18.00 -20.64
O2 FMT UA . 19.74 -15.81 -20.16
C FMT VA . 12.10 -31.11 -33.58
O1 FMT VA . 11.04 -31.44 -33.09
O2 FMT VA . 12.75 -31.67 -34.56
C FMT WA . 14.13 -17.84 -35.16
O1 FMT WA . 14.63 -17.67 -34.06
O2 FMT WA . 13.76 -19.00 -35.67
C FMT XA . -10.81 -32.16 -20.30
O1 FMT XA . -10.73 -32.80 -19.27
O2 FMT XA . -11.04 -32.68 -21.46
C FMT YA . -11.18 -29.06 -33.71
O1 FMT YA . -10.13 -29.64 -33.46
O2 FMT YA . -12.40 -29.46 -33.39
C FMT ZA . 25.39 -38.87 -43.66
O1 FMT ZA . 26.05 -38.17 -42.90
O2 FMT ZA . 25.11 -40.15 -43.48
C FMT AB . 22.25 -42.08 -43.29
O1 FMT AB . 21.98 -42.74 -42.31
O2 FMT AB . 21.85 -40.86 -43.56
C FMT BB . 3.69 -50.25 -43.36
O1 FMT BB . 4.86 -49.97 -43.57
O2 FMT BB . 2.87 -50.89 -44.15
C FMT CB . 19.12 -44.96 -42.29
O1 FMT CB . 19.77 -44.68 -41.31
O2 FMT CB . 19.09 -44.25 -43.37
NA NA DB . 14.15 -27.71 -29.10
CHA HEM EB . 37.73 -19.12 3.00
CHB HEM EB . 36.92 -15.67 -0.31
CHC HEM EB . 32.13 -16.40 0.31
CHD HEM EB . 33.04 -19.19 4.10
C1A HEM EB . 37.87 -18.21 2.00
C2A HEM EB . 39.13 -17.82 1.54
C3A HEM EB . 38.93 -16.84 0.61
C4A HEM EB . 37.54 -16.60 0.53
CMA HEM EB . 40.01 -16.17 -0.21
CAA HEM EB . 40.47 -18.46 1.90
CBA HEM EB . 41.29 -17.79 3.00
CGA HEM EB . 42.62 -18.49 3.17
O1A HEM EB . 42.88 -19.61 2.67
O2A HEM EB . 43.51 -17.90 3.83
C1B HEM EB . 35.53 -15.57 -0.42
C2B HEM EB . 34.87 -14.73 -1.36
C3B HEM EB . 33.51 -14.92 -1.19
C4B HEM EB . 33.38 -15.94 -0.14
CMB HEM EB . 35.53 -13.81 -2.33
CAB HEM EB . 32.31 -14.40 -1.85
CBB HEM EB . 32.34 -13.68 -2.95
C1C HEM EB . 31.91 -17.25 1.39
C2C HEM EB . 30.67 -17.76 1.82
C3C HEM EB . 30.97 -18.55 2.92
C4C HEM EB . 32.38 -18.53 3.11
CMC HEM EB . 29.31 -17.44 1.20
CAC HEM EB . 30.10 -19.36 3.77
CBC HEM EB . 28.82 -19.57 3.51
C1D HEM EB . 34.41 -19.33 4.09
C2D HEM EB . 35.07 -20.15 5.12
C3D HEM EB . 36.36 -20.16 4.80
C4D HEM EB . 36.50 -19.34 3.59
CMD HEM EB . 34.45 -20.89 6.26
CAD HEM EB . 37.40 -20.91 5.58
CBD HEM EB . 37.41 -22.34 5.07
CGD HEM EB . 38.52 -23.21 5.60
O1D HEM EB . 39.50 -22.76 6.27
O2D HEM EB . 38.48 -24.45 5.36
NA HEM EB . 36.88 -17.46 1.40
NB HEM EB . 34.61 -16.27 0.26
NC HEM EB . 32.92 -17.73 2.15
ND HEM EB . 35.29 -18.87 3.18
FE HEM EB . 34.93 -17.73 1.71
C1 4OA FB . 39.33 -11.94 5.20
C10 4OA FB . 38.40 -13.17 5.15
C11 4OA FB . 38.09 -13.07 7.70
C12 4OA FB . 38.09 -13.85 9.03
C13 4OA FB . 37.20 -15.10 8.95
C14 4OA FB . 37.73 -15.94 7.78
C15 4OA FB . 37.14 -17.32 7.98
C16 4OA FB . 36.96 -17.44 9.49
C17 4OA FB . 37.34 -16.08 10.13
C18 4OA FB . 35.72 -14.71 8.76
C19 4OA FB . 36.99 -12.64 4.83
O1B 4OA FB . 42.65 -13.37 4.24
C2 4OA FB . 40.79 -12.30 5.33
C20 4OA FB . 36.56 -15.73 11.42
C21 4OA FB . 37.12 -14.50 12.14
C22 4OA FB . 36.45 -16.92 12.38
C23 4OA FB . 37.70 -17.24 13.16
C24 4OA FB . 37.32 -17.95 14.44
C3 4OA FB . 41.23 -13.13 4.16
C4 4OA FB . 40.43 -14.41 4.14
O4 4OA FB . 36.96 -17.25 15.40
O4A 4OA FB . 37.34 -19.19 14.45
C5 4OA FB . 38.92 -14.13 4.05
C6 4OA FB . 38.10 -15.41 3.97
C7 4OA FB . 38.07 -16.13 5.31
C8 4OA FB . 37.59 -15.25 6.44
C9 4OA FB . 38.42 -13.95 6.50
C FMT GB . 9.31 -9.42 -9.09
O1 FMT GB . 9.38 -8.21 -9.19
O2 FMT GB . 8.31 -10.10 -8.59
C FMT HB . 46.69 -2.06 -1.68
O1 FMT HB . 47.34 -1.12 -1.27
O2 FMT HB . 46.71 -2.53 -2.90
C FMT IB . 41.30 -14.83 11.17
O1 FMT IB . 41.20 -15.21 12.32
O2 FMT IB . 41.61 -15.56 10.15
C FMT JB . 31.33 -16.07 -21.72
O1 FMT JB . 31.99 -15.05 -21.68
O2 FMT JB . 30.05 -16.21 -21.39
C FMT KB . 16.59 -17.52 19.70
O1 FMT KB . 16.01 -17.35 20.76
O2 FMT KB . 16.29 -16.91 18.62
C FMT LB . 34.29 -6.09 -20.52
O1 FMT LB . 35.02 -5.26 -20.00
O2 FMT LB . 34.70 -7.13 -21.16
C FMT MB . 67.92 -23.87 -5.20
O1 FMT MB . 67.74 -24.22 -4.05
O2 FMT MB . 67.74 -22.66 -5.68
C FMT NB . 37.69 4.64 -8.78
O1 FMT NB . 38.01 5.43 -7.93
O2 FMT NB . 37.71 3.35 -8.64
C FMT OB . 50.87 -18.19 -20.32
O1 FMT OB . 51.73 -17.48 -20.83
O2 FMT OB . 49.77 -17.75 -19.81
C FMT PB . 37.76 -21.75 -7.43
O1 FMT PB . 36.79 -21.56 -6.73
O2 FMT PB . 37.76 -21.68 -8.71
C FMT QB . 36.64 -26.84 -2.03
O1 FMT QB . 36.19 -25.80 -1.58
O2 FMT QB . 37.65 -27.54 -1.57
C FMT RB . 19.65 -0.32 9.88
O1 FMT RB . 20.14 0.61 9.27
O2 FMT RB . 20.11 -0.82 10.99
C FMT SB . 41.22 -18.23 12.74
O1 FMT SB . 40.91 -18.96 13.66
O2 FMT SB . 40.71 -18.29 11.53
C FMT TB . 35.87 -15.47 29.96
O1 FMT TB . 35.11 -14.63 30.42
O2 FMT TB . 35.62 -16.24 28.94
C FMT UB . 57.60 -19.10 -11.47
O1 FMT UB . 57.07 -18.10 -11.04
O2 FMT UB . 57.85 -20.19 -10.78
C FMT VB . 64.74 -11.83 -6.11
O1 FMT VB . 64.82 -12.67 -5.23
O2 FMT VB . 64.32 -12.04 -7.33
C FMT WB . 42.58 3.01 10.31
O1 FMT WB . 41.58 2.51 10.79
O2 FMT WB . 42.84 3.05 9.04
C FMT XB . 13.91 -13.94 4.90
O1 FMT XB . 14.24 -12.78 4.78
O2 FMT XB . 14.71 -14.98 4.91
C FMT YB . 49.02 -21.19 -12.81
O1 FMT YB . 47.82 -21.38 -12.78
O2 FMT YB . 49.88 -21.34 -11.81
C FMT ZB . 45.54 -16.61 -21.15
O1 FMT ZB . 46.60 -17.15 -21.39
O2 FMT ZB . 45.41 -15.45 -20.55
C FMT AC . 66.41 -3.69 -5.10
O1 FMT AC . 65.81 -2.64 -5.19
O2 FMT AC . 65.85 -4.86 -5.07
C FMT BC . 28.10 -1.68 4.80
O1 FMT BC . 27.53 -2.21 5.72
O2 FMT BC . 28.63 -2.30 3.75
C FMT CC . 31.38 -33.02 1.97
O1 FMT CC . 31.06 -33.69 2.94
O2 FMT CC . 30.88 -33.14 0.76
C FMT DC . 32.50 -28.08 -9.14
O1 FMT DC . 32.27 -26.92 -8.88
O2 FMT DC . 33.55 -28.75 -8.74
NA NA EC . 47.38 -15.90 10.58
CHA HEM FC . -46.01 26.33 27.15
CHB HEM FC . -47.26 22.41 29.43
CHC HEM FC . -49.34 20.67 25.34
CHD HEM FC . -47.33 24.34 23.01
C1A HEM FC . -46.25 25.44 28.10
C2A HEM FC . -45.86 25.65 29.44
C3A HEM FC . -46.21 24.52 30.09
C4A HEM FC . -46.76 23.62 29.15
CMA HEM FC . -46.01 24.29 31.56
CAA HEM FC . -45.26 26.91 30.04
CBA HEM FC . -43.74 27.06 29.92
CGA HEM FC . -43.27 28.26 30.73
O1A HEM FC . -44.07 29.21 31.01
O2A HEM FC . -42.07 28.32 31.08
C1B HEM FC . -47.91 21.63 28.45
C2B HEM FC . -48.52 20.41 28.82
C3B HEM FC . -49.08 19.87 27.71
C4B HEM FC . -48.87 20.86 26.63
CMB HEM FC . -48.51 19.72 30.15
CAB HEM FC . -49.80 18.59 27.79
CBB HEM FC . -50.46 18.04 26.80
C1C HEM FC . -49.02 21.54 24.34
C2C HEM FC . -49.50 21.50 23.04
C3C HEM FC . -48.90 22.56 22.36
C4C HEM FC . -48.08 23.22 23.29
CMC HEM FC . -50.49 20.46 22.50
CAC HEM FC . -49.07 23.05 20.98
CBC HEM FC . -50.04 22.59 20.20
C1D HEM FC . -46.81 25.14 23.99
C2D HEM FC . -46.12 26.37 23.62
C3D HEM FC . -45.75 26.92 24.77
C4D HEM FC . -46.23 26.02 25.82
CMD HEM FC . -45.84 26.99 22.27
CAD HEM FC . -45.05 28.24 24.89
CBD HEM FC . -46.14 29.32 24.80
CGD HEM FC . -45.64 30.72 25.06
O1D HEM FC . -44.48 30.99 25.39
O2D HEM FC . -46.43 31.67 24.93
NA HEM FC . -46.83 24.21 27.92
NB HEM FC . -48.17 21.88 27.16
NC HEM FC . -48.18 22.59 24.48
ND HEM FC . -46.87 24.96 25.30
FE HEM FC . -47.63 23.57 26.19
C1 4OA GC . -40.47 21.35 28.81
C10 4OA GC . -41.46 21.94 27.78
C11 4OA GC . -39.64 22.25 25.97
C12 4OA GC . -38.97 23.24 25.01
C13 4OA GC . -39.98 23.88 24.07
C14 4OA GC . -41.04 24.57 24.96
C15 4OA GC . -41.83 25.42 23.97
C16 4OA GC . -40.75 25.97 23.04
C17 4OA GC . -39.49 25.10 23.25
C18 4OA GC . -40.62 22.82 23.15
C19 4OA GC . -42.13 20.77 27.02
O1B 4OA GC . -40.30 24.30 31.20
C2 4OA GC . -39.85 22.39 29.75
C20 4OA GC . -38.73 24.88 21.93
C21 4OA GC . -37.44 24.07 22.10
C22 4OA GC . -38.45 26.25 21.33
C23 4OA GC . -37.17 26.41 20.56
C24 4OA GC . -37.26 27.71 19.79
C3 4OA GC . -40.90 23.21 30.48
C4 4OA GC . -41.89 23.79 29.49
O4 4OA GC . -36.54 27.87 18.79
O4A 4OA GC . -38.07 28.58 20.19
C5 4OA GC . -42.52 22.75 28.57
C6 4OA GC . -43.54 23.41 27.66
C7 4OA GC . -42.87 24.36 26.66
C8 4OA GC . -41.79 23.62 25.88
C9 4OA GC . -40.76 22.91 26.78
C FMT HC . -37.35 24.33 31.67
O1 FMT HC . -36.39 24.85 31.12
O2 FMT HC . -37.45 23.18 32.35
C FMT IC . -41.10 34.81 56.81
O1 FMT IC . -41.35 35.38 55.77
O2 FMT IC . -40.64 33.59 56.90
C FMT JC . -46.64 20.48 51.59
O1 FMT JC . -46.99 21.52 51.05
O2 FMT JC . -45.48 20.27 52.14
C FMT KC . -36.00 27.01 25.35
O1 FMT KC . -36.97 26.59 25.96
O2 FMT KC . -35.36 26.38 24.39
C FMT LC . -36.78 29.47 23.57
O1 FMT LC . -37.23 30.56 23.29
O2 FMT LC . -35.52 29.10 23.40
C FMT MC . -53.73 29.72 44.66
O1 FMT MC . -54.21 29.29 43.63
O2 FMT MC . -52.72 30.57 44.76
C FMT NC . -58.00 7.92 42.54
O1 FMT NC . -58.97 8.61 42.28
O2 FMT NC . -58.01 6.76 43.13
C FMT OC . -31.00 31.73 50.18
O1 FMT OC . -30.50 32.67 49.61
O2 FMT OC . -31.43 30.62 49.63
C FMT PC . -40.39 7.87 15.64
O1 FMT PC . -39.41 8.41 15.16
O2 FMT PC . -41.17 8.38 16.53
C FMT QC . -38.34 10.14 33.84
O1 FMT QC . -38.70 9.73 34.93
O2 FMT QC . -38.86 9.84 32.65
C FMT RC . -23.25 24.20 43.17
O1 FMT RC . -23.60 23.29 43.90
O2 FMT RC . -22.97 24.08 41.89
C FMT SC . -42.06 21.34 36.50
O1 FMT SC . -41.04 21.99 36.70
O2 FMT SC . -42.51 20.25 37.13
C FMT TC . -61.59 17.95 47.83
O1 FMT TC . -61.60 18.98 47.19
O2 FMT TC . -61.97 16.76 47.39
NA NA UC . -34.25 29.90 30.51
CHA HEM VC . -20.08 21.26 1.65
CHB HEM VC . -15.61 22.75 2.79
CHC HEM VC . -14.66 18.31 4.46
CHD HEM VC . -18.60 16.69 2.21
C1A HEM VC . -18.98 22.03 1.90
C2A HEM VC . -18.93 23.42 1.61
C3A HEM VC . -17.68 23.84 1.92
C4A HEM VC . -16.95 22.72 2.39
CMA HEM VC . -17.17 25.25 1.80
CAA HEM VC . -20.09 24.28 1.12
CBA HEM VC . -20.22 24.44 -0.40
CGA HEM VC . -21.41 25.31 -0.79
O1A HEM VC . -22.33 25.62 0.00
O2A HEM VC . -21.47 25.75 -1.94
C1B HEM VC . -14.97 21.65 3.33
C2B HEM VC . -13.65 21.72 3.90
C3B HEM VC . -13.38 20.46 4.37
C4B HEM VC . -14.58 19.65 4.13
CMB HEM VC . -12.80 22.96 3.95
CAB HEM VC . -12.25 19.89 5.10
CBB HEM VC . -11.31 20.63 5.60
C1C HEM VC . -15.65 17.43 4.00
C2C HEM VC . -15.74 16.06 4.30
C3C HEM VC . -16.85 15.61 3.62
C4C HEM VC . -17.42 16.72 2.94
CMC HEM VC . -14.76 15.30 5.17
CAC HEM VC . -17.47 14.26 3.61
CBC HEM VC . -17.14 13.29 4.46
C1D HEM VC . -19.32 17.83 1.89
C2D HEM VC . -20.60 17.72 1.24
C3D HEM VC . -21.02 18.98 1.07
C4D HEM VC . -19.99 19.86 1.64
CMD HEM VC . -21.32 16.42 0.83
CAD HEM VC . -22.34 19.40 0.46
CBD HEM VC . -23.28 19.67 1.65
CGD HEM VC . -24.74 19.94 1.29
O1D HEM VC . -25.05 20.41 0.15
O2D HEM VC . -25.62 19.73 2.19
NA HEM VC . -17.75 21.60 2.38
NB HEM VC . -15.48 20.42 3.49
NC HEM VC . -16.68 17.82 3.21
ND HEM VC . -18.99 19.11 2.12
FE HEM VC . -17.39 19.74 2.93
C1 4OA WC . -15.11 22.58 -4.00
C10 4OA WC . -15.81 21.59 -3.05
C11 4OA WC . -16.47 20.13 -5.07
C12 4OA WC . -17.57 19.35 -5.78
C13 4OA WC . -18.23 18.34 -4.84
C14 4OA WC . -18.78 19.13 -3.64
C15 4OA WC . -19.74 18.17 -2.94
C16 4OA WC . -20.28 17.28 -4.08
C17 4OA WC . -19.54 17.70 -5.37
C18 4OA WC . -17.24 17.23 -4.42
C19 4OA WC . -14.73 20.63 -2.49
O1B 4OA WC . -17.55 25.40 -3.97
C2 4OA WC . -16.05 23.63 -4.56
C20 4OA WC . -19.45 16.57 -6.41
C21 4OA WC . -18.42 16.80 -7.51
C22 4OA WC . -20.84 16.38 -7.04
C23 4OA WC . -21.18 14.93 -7.31
C24 4OA WC . -22.67 14.81 -7.54
C3 4OA WC . -16.63 24.45 -3.43
C4 4OA WC . -17.32 23.56 -2.43
O4 4OA WC . -23.43 15.38 -6.73
O4A 4OA WC . -23.06 14.14 -8.51
C5 4OA WC . -16.45 22.41 -1.92
C6 4OA WC . -17.22 21.50 -0.95
C7 4OA WC . -18.28 20.65 -1.66
C8 4OA WC . -17.71 19.86 -2.84
C9 4OA WC . -16.95 20.82 -3.79
C FMT XC . -24.61 18.85 -7.86
O1 FMT XC . -23.78 19.20 -8.68
O2 FMT XC . -24.35 18.51 -6.63
C FMT YC . -18.94 24.15 -6.95
O1 FMT YC . -19.06 25.21 -7.55
O2 FMT YC . -19.88 23.34 -6.42
C FMT ZC . -12.69 27.30 1.68
O1 FMT ZC . -11.85 28.05 1.21
O2 FMT ZC . -12.59 26.49 2.76
C FMT AD . -17.26 19.04 -12.95
O1 FMT AD . -16.16 19.48 -12.66
O2 FMT AD . -18.10 19.56 -13.84
C FMT BD . -21.09 20.36 -8.49
O1 FMT BD . -21.16 20.76 -7.34
O2 FMT BD . -20.09 19.72 -9.00
C FMT CD . -16.54 -4.50 -5.26
O1 FMT CD . -15.65 -3.68 -5.43
O2 FMT CD . -17.41 -4.50 -4.27
C FMT DD . 1.31 32.77 14.70
O1 FMT DD . 1.50 33.05 13.53
O2 FMT DD . 0.13 32.51 15.22
C FMT ED . 14.06 0.47 8.04
O1 FMT ED . 14.29 1.63 7.79
O2 FMT ED . 12.95 -0.15 7.78
C FMT FD . -13.36 8.36 21.63
O1 FMT FD . -12.93 9.49 21.48
O2 FMT FD . -14.22 7.93 22.55
C FMT GD . -17.03 3.57 -22.33
O1 FMT GD . -17.50 3.14 -21.29
O2 FMT GD . -16.25 2.92 -23.13
NA NA HD . -23.70 25.86 -9.79
CHA HEM ID . 27.28 -34.44 -60.64
CHB HEM ID . 31.13 -31.51 -60.89
CHC HEM ID . 33.88 -34.98 -58.82
CHD HEM ID . 30.31 -38.16 -59.57
C1A HEM ID . 28.08 -33.33 -60.78
C2A HEM ID . 27.60 -32.08 -61.24
C3A HEM ID . 28.67 -31.26 -61.33
C4A HEM ID . 29.83 -31.99 -60.96
CMA HEM ID . 28.61 -29.80 -61.75
CAA HEM ID . 26.16 -31.69 -61.49
CBA HEM ID . 25.61 -32.00 -62.87
CGA HEM ID . 24.18 -31.51 -63.03
O1A HEM ID . 23.49 -31.15 -62.06
O2A HEM ID . 23.68 -31.46 -64.16
C1B HEM ID . 32.22 -32.21 -60.33
C2B HEM ID . 33.55 -31.65 -60.10
C3B HEM ID . 34.32 -32.64 -59.52
C4B HEM ID . 33.42 -33.79 -59.37
CMB HEM ID . 34.01 -30.25 -60.44
CAB HEM ID . 35.71 -32.63 -59.05
CBB HEM ID . 36.46 -31.54 -59.01
C1C HEM ID . 33.15 -36.14 -58.84
C2C HEM ID . 33.58 -37.30 -58.22
C3C HEM ID . 32.59 -38.25 -58.41
C4C HEM ID . 31.53 -37.62 -59.17
CMC HEM ID . 34.88 -37.54 -57.48
CAC HEM ID . 32.83 -39.58 -57.83
CBC HEM ID . 31.91 -40.52 -57.83
C1D HEM ID . 29.21 -37.37 -59.93
C2D HEM ID . 27.90 -37.96 -60.16
C3D HEM ID . 27.06 -36.96 -60.49
C4D HEM ID . 27.84 -35.71 -60.38
CMD HEM ID . 27.53 -39.41 -60.14
CAD HEM ID . 25.60 -37.10 -60.81
CBD HEM ID . 24.81 -36.65 -59.58
CGD HEM ID . 23.34 -36.97 -59.65
O1D HEM ID . 22.71 -37.02 -60.73
O2D HEM ID . 22.75 -37.15 -58.56
NA HEM ID . 29.45 -33.28 -60.62
NB HEM ID . 32.21 -33.48 -59.88
NC HEM ID . 31.92 -36.30 -59.41
ND HEM ID . 29.14 -36.01 -60.04
FE HEM ID . 30.56 -34.77 -59.88
C1 4OA JD . 30.17 -32.81 -67.70
C10 4OA JD . 30.03 -33.73 -66.46
C11 4OA JD . 29.47 -35.72 -68.02
C12 4OA JD . 28.58 -36.93 -68.30
C13 4OA JD . 28.47 -37.82 -67.07
C14 4OA JD . 27.90 -36.94 -65.94
C15 4OA JD . 27.42 -37.93 -64.88
C16 4OA JD . 27.02 -39.18 -65.66
C17 4OA JD . 27.38 -38.92 -67.16
C18 4OA JD . 29.84 -38.40 -66.70
C19 4OA JD . 31.44 -34.22 -66.06
O1B 4OA JD . 26.99 -30.81 -67.43
C2 4OA JD . 28.85 -32.17 -68.14
C20 4OA JD . 27.75 -40.19 -67.95
C21 4OA JD . 27.65 -40.02 -69.47
C22 4OA JD . 26.90 -41.40 -67.48
C23 4OA JD . 25.55 -41.53 -68.13
C24 4OA JD . 24.99 -42.88 -67.73
C3 4OA JD . 28.27 -31.33 -67.02
C4 4OA JD . 28.13 -32.13 -65.75
O4 4OA JD . 24.72 -43.69 -68.63
O4A 4OA JD . 24.90 -43.10 -66.50
C5 4OA JD . 29.40 -32.89 -65.32
C6 4OA JD . 29.14 -33.75 -64.08
C7 4OA JD . 28.26 -34.97 -64.39
C8 4OA JD . 28.83 -35.80 -65.53
C9 4OA JD . 29.08 -34.92 -66.77
C FMT KD . 25.49 -37.92 -51.01
O1 FMT KD . 26.29 -38.58 -50.38
O2 FMT KD . 24.24 -38.24 -51.22
C FMT LD . 25.09 -37.22 -70.30
O1 FMT LD . 24.96 -36.68 -69.22
O2 FMT LD . 24.33 -38.18 -70.76
C FMT MD . 29.34 -28.56 -75.46
O1 FMT MD . 29.81 -28.57 -74.33
O2 FMT MD . 28.17 -29.05 -75.85
C FMT ND . 29.01 -27.39 -52.70
O1 FMT ND . 28.95 -26.48 -51.91
O2 FMT ND . 29.69 -28.47 -52.48
C FMT OD . 18.36 -11.85 -59.66
O1 FMT OD . 19.47 -11.45 -59.97
O2 FMT OD . 17.41 -12.19 -60.49
C FMT PD . 12.08 -47.16 -64.75
O1 FMT PD . 12.00 -48.38 -64.86
O2 FMT PD . 11.94 -46.51 -63.62
C FMT QD . 22.55 -39.25 -68.48
O1 FMT QD . 23.30 -38.67 -67.70
O2 FMT QD . 21.77 -40.23 -68.18
C FMT RD . 55.69 -49.83 -56.85
O1 FMT RD . 55.10 -50.89 -56.72
O2 FMT RD . 56.20 -49.39 -57.96
C FMT SD . 27.42 -35.55 -45.65
O1 FMT SD . 28.54 -35.09 -45.48
O2 FMT SD . 26.72 -36.20 -44.76
C FMT TD . 27.88 -41.50 -42.27
O1 FMT TD . 28.31 -40.44 -41.85
O2 FMT TD . 28.57 -42.40 -42.93
C FMT UD . 23.23 -41.05 -47.43
O1 FMT UD . 24.04 -40.61 -46.62
O2 FMT UD . 22.82 -42.29 -47.50
NA NA VD . 20.11 -33.30 -71.27
#